data_7KXR
#
_entry.id   7KXR
#
loop_
_entity.id
_entity.type
_entity.pdbx_description
1 polymer 'Lethal factor'
2 polymer 'Protective antigen'
3 non-polymer 'CALCIUM ION'
#
loop_
_entity_poly.entity_id
_entity_poly.type
_entity_poly.pdbx_seq_one_letter_code
_entity_poly.pdbx_strand_id
1 'polypeptide(L)'
;AGGHGDVGMHVKEKEKNKDENKRKDEERNKTQEEHLKEIMKHIVKIEVKGEEAVKKEAAEKLLEKVPSDVLEMYKAIGGK
IYIVDGDITKHISLEALSEDKKKIKDIYGKDALLHEHYVYAKEGYCPVLVIQSSEDYVENTEKALNVYYEIGKILSRDIL
SKINQPYQKFLDVLNTIKNASDSDGQDLLFTNQLKEHPTDFSVEFLEQNSNEVQEVFAKAFAYYIEPQHRDVLQLYAPEA
FNYMDKFNEQEINLSLEELKDQR
;
L
2 'polypeptide(L)'
;TVPDRDNDGIPDSLEVEGYTVDVKNKRTFLSPWISNIHEKKGLTKYKSSPEKWSTASDPYSDFEKVTGRIDKNVSPEARH
PLVAAYPIVHVDMENIILSKNEDQSTQNTDSQTRTISKNTSTSRTHTSEVHGNAEVHASFFDIGGSVSAGFSNSNSSTVA
IDHSLSLAGERTWAETMGLNTADTARLNANIRYVNTGTAPIYNVLPTTSLVLGKNQTLATIKAKENQLSQILAPNNYYPS
KNLAPIALNAQDDFSSTPITMNYNQFLELEKTKQLRLDTDQVYGNIATYNFENGRVRVDTGSNWSEVLPQIQETTARIIF
NGKDLNLVERRIAAVNPSDPLETTKPDMTLKEALKIAFGFNEPNGNLQYQGKDITEFDFNFDQQTSQNIKNQLAELNATN
IYTVLDKIKLNAKMNILIRDKRFHYDRNNIAVGADESVVKEAHREVINSSTEGLLLNIDKDIRKILSGYIVEIEDTEGLK
EVINDRYDMLNISSLRQDGKTFIDFKKYNDKLPLYISNPNYKVNVYAVTKENTIINPSENGDTSTNGIKKILIFSKKGYE
IG
;
A,B,C,D,E,F,G
#
# COMPACT_ATOMS: atom_id res chain seq x y z
N THR A 31 -96.22 77.18 -67.86
CA THR A 31 -95.50 76.01 -67.32
C THR A 31 -94.27 75.72 -68.19
N GLN A 32 -94.08 76.49 -69.26
CA GLN A 32 -92.93 76.31 -70.18
C GLN A 32 -91.64 76.56 -69.40
N GLU A 33 -91.62 77.60 -68.54
CA GLU A 33 -90.43 77.93 -67.73
C GLU A 33 -90.13 76.76 -66.79
N GLU A 34 -91.17 76.18 -66.18
CA GLU A 34 -91.01 75.03 -65.25
C GLU A 34 -90.42 73.85 -66.02
N HIS A 35 -90.91 73.61 -67.25
CA HIS A 35 -90.41 72.50 -68.09
C HIS A 35 -88.92 72.73 -68.40
N LEU A 36 -88.56 73.98 -68.70
CA LEU A 36 -87.14 74.33 -69.02
C LEU A 36 -86.29 74.06 -67.78
N LYS A 37 -86.79 74.43 -66.60
CA LYS A 37 -86.05 74.19 -65.34
C LYS A 37 -85.86 72.69 -65.15
N GLU A 38 -86.91 71.90 -65.43
CA GLU A 38 -86.83 70.42 -65.28
C GLU A 38 -85.77 69.86 -66.24
N ILE A 39 -85.75 70.33 -67.50
CA ILE A 39 -84.74 69.83 -68.47
C ILE A 39 -83.33 70.21 -68.00
N MET A 40 -83.19 71.42 -67.44
CA MET A 40 -81.86 71.89 -66.94
C MET A 40 -81.42 70.97 -65.80
N LYS A 41 -82.36 70.61 -64.92
CA LYS A 41 -82.07 69.70 -63.77
C LYS A 41 -81.65 68.33 -64.31
N HIS A 42 -82.33 67.85 -65.35
CA HIS A 42 -82.00 66.54 -65.98
C HIS A 42 -80.58 66.59 -66.54
N ILE A 43 -80.22 67.71 -67.16
CA ILE A 43 -78.87 67.96 -67.75
C ILE A 43 -77.73 67.61 -66.77
N VAL A 44 -78.03 67.15 -65.56
CA VAL A 44 -76.90 66.92 -64.61
C VAL A 44 -77.09 65.63 -63.77
N LYS A 45 -76.08 65.33 -62.94
CA LYS A 45 -75.88 64.12 -62.10
C LYS A 45 -76.23 64.42 -60.64
N ILE A 46 -76.91 63.49 -59.97
CA ILE A 46 -77.32 63.64 -58.55
C ILE A 46 -76.13 63.27 -57.64
N GLU A 47 -74.93 63.18 -58.24
CA GLU A 47 -73.62 62.87 -57.60
C GLU A 47 -73.54 61.39 -57.19
N VAL A 48 -72.55 61.03 -56.35
CA VAL A 48 -72.42 59.62 -55.92
C VAL A 48 -72.39 59.57 -54.38
N LYS A 49 -72.69 58.40 -53.81
CA LYS A 49 -72.63 58.19 -52.33
C LYS A 49 -71.35 57.42 -52.01
N GLY A 50 -70.34 58.11 -51.47
CA GLY A 50 -69.04 57.47 -51.16
C GLY A 50 -68.71 57.50 -49.68
N GLU A 51 -68.28 56.36 -49.12
CA GLU A 51 -67.90 56.27 -47.69
C GLU A 51 -66.39 56.07 -47.58
N GLU A 52 -65.72 56.91 -46.79
CA GLU A 52 -64.24 56.85 -46.60
C GLU A 52 -63.92 56.46 -45.15
N ALA A 53 -64.80 55.66 -44.52
CA ALA A 53 -64.62 55.23 -43.12
C ALA A 53 -63.33 54.41 -42.99
N VAL A 54 -63.05 53.56 -43.99
CA VAL A 54 -61.86 52.65 -44.16
C VAL A 54 -61.95 51.39 -43.28
N LYS A 55 -61.05 50.43 -43.55
CA LYS A 55 -60.99 49.12 -42.86
C LYS A 55 -59.78 49.10 -41.91
N LYS A 56 -60.00 48.69 -40.66
CA LYS A 56 -58.91 48.63 -39.63
C LYS A 56 -57.94 47.49 -39.97
N GLU A 57 -56.67 47.63 -39.58
CA GLU A 57 -55.62 46.61 -39.83
C GLU A 57 -55.97 45.30 -39.11
N ALA A 58 -56.36 45.50 -37.84
CA ALA A 58 -56.71 44.56 -36.73
C ALA A 58 -55.44 44.27 -35.90
N ALA A 59 -54.36 43.88 -36.60
CA ALA A 59 -53.01 43.53 -36.07
C ALA A 59 -53.08 42.33 -35.15
N GLU A 60 -52.81 41.14 -35.70
CA GLU A 60 -52.81 39.88 -34.90
C GLU A 60 -51.37 39.52 -34.51
N LYS A 61 -50.40 40.19 -35.18
CA LYS A 61 -48.92 40.10 -35.01
C LYS A 61 -48.33 38.95 -35.85
N LEU A 62 -47.04 39.06 -36.21
CA LEU A 62 -46.35 38.03 -37.03
C LEU A 62 -45.47 37.15 -36.13
N LEU A 63 -44.83 37.76 -35.11
CA LEU A 63 -43.92 37.04 -34.19
C LEU A 63 -44.70 35.97 -33.41
N GLU A 64 -44.13 34.76 -33.30
CA GLU A 64 -44.78 33.64 -32.57
C GLU A 64 -43.85 33.14 -31.45
N LYS A 65 -44.40 33.10 -30.23
CA LYS A 65 -43.68 32.67 -29.00
C LYS A 65 -42.46 33.58 -28.77
N VAL A 66 -41.35 33.01 -28.30
CA VAL A 66 -40.11 33.80 -28.06
C VAL A 66 -38.91 32.86 -28.21
N PRO A 67 -37.68 33.39 -28.45
CA PRO A 67 -36.48 32.56 -28.54
C PRO A 67 -36.20 31.90 -27.18
N SER A 68 -36.45 32.66 -26.10
CA SER A 68 -36.27 32.27 -24.68
C SER A 68 -36.48 30.76 -24.44
N ASP A 69 -37.33 30.09 -25.23
CA ASP A 69 -37.45 28.63 -24.96
C ASP A 69 -36.22 27.93 -25.54
N VAL A 70 -35.81 28.31 -26.77
CA VAL A 70 -34.60 27.77 -27.44
C VAL A 70 -33.38 28.21 -26.63
N LEU A 71 -33.42 29.45 -26.12
CA LEU A 71 -32.30 30.01 -25.32
C LEU A 71 -32.13 29.13 -24.07
N GLU A 72 -33.24 28.75 -23.43
CA GLU A 72 -33.30 27.89 -22.20
C GLU A 72 -32.80 26.48 -22.53
N MET A 73 -33.11 25.99 -23.75
CA MET A 73 -32.69 24.63 -24.17
C MET A 73 -31.17 24.51 -24.04
N TYR A 74 -30.43 25.34 -24.78
CA TYR A 74 -28.95 25.34 -24.74
C TYR A 74 -28.46 25.74 -23.34
N LYS A 75 -29.17 26.69 -22.70
CA LYS A 75 -28.83 27.17 -21.34
C LYS A 75 -28.58 25.98 -20.41
N ALA A 76 -28.89 24.76 -20.86
CA ALA A 76 -28.67 23.54 -20.05
C ALA A 76 -27.20 23.51 -19.58
N ILE A 77 -26.98 23.25 -18.29
CA ILE A 77 -25.59 23.21 -17.73
C ILE A 77 -25.16 21.74 -17.57
N GLY A 78 -25.99 20.91 -16.94
CA GLY A 78 -25.68 19.47 -16.78
C GLY A 78 -24.66 19.21 -15.68
N GLY A 79 -24.10 18.00 -15.67
CA GLY A 79 -23.10 17.56 -14.67
C GLY A 79 -21.72 17.39 -15.28
N LYS A 80 -20.69 17.94 -14.63
CA LYS A 80 -19.29 17.89 -15.13
C LYS A 80 -18.35 17.40 -14.02
N ILE A 81 -17.13 16.99 -14.41
CA ILE A 81 -15.97 16.50 -13.60
C ILE A 81 -16.11 15.00 -13.28
N TYR A 82 -14.98 14.37 -12.94
CA TYR A 82 -14.87 12.92 -12.61
C TYR A 82 -14.14 12.71 -11.28
N ILE A 83 -14.39 11.57 -10.63
CA ILE A 83 -13.78 11.20 -9.32
C ILE A 83 -12.27 10.99 -9.50
N VAL A 84 -11.47 11.47 -8.54
CA VAL A 84 -9.98 11.34 -8.59
C VAL A 84 -9.40 11.53 -7.18
N ASP A 85 -8.08 11.30 -7.04
CA ASP A 85 -7.25 11.49 -5.81
C ASP A 85 -7.25 10.29 -4.85
N GLY A 86 -8.16 10.29 -3.86
CA GLY A 86 -8.17 9.26 -2.79
C GLY A 86 -8.31 7.82 -3.28
N ASP A 87 -9.19 7.57 -4.26
CA ASP A 87 -9.39 6.19 -4.80
C ASP A 87 -9.64 5.23 -3.62
N ILE A 88 -8.70 4.32 -3.34
CA ILE A 88 -8.88 3.32 -2.24
C ILE A 88 -7.75 3.49 -1.21
N THR A 89 -6.51 3.19 -1.63
CA THR A 89 -5.26 3.27 -0.83
C THR A 89 -5.16 2.17 0.25
N LYS A 90 -4.29 1.18 0.01
CA LYS A 90 -4.02 0.06 0.97
C LYS A 90 -2.56 0.20 1.44
N HIS A 91 -1.67 -0.56 0.78
CA HIS A 91 -0.19 -0.59 0.89
C HIS A 91 0.36 -1.29 2.16
N ILE A 92 1.32 -2.22 1.97
CA ILE A 92 1.99 -3.00 3.08
C ILE A 92 3.18 -3.82 2.55
N SER A 93 4.38 -3.58 3.10
CA SER A 93 5.69 -4.24 2.81
C SER A 93 6.81 -3.59 3.65
N LEU A 94 8.02 -4.18 3.67
CA LEU A 94 9.11 -3.61 4.52
C LEU A 94 10.30 -3.19 3.66
N GLU A 95 10.08 -2.34 2.65
CA GLU A 95 11.22 -1.82 1.85
C GLU A 95 11.75 -0.53 2.51
N ALA A 96 10.99 0.01 3.48
CA ALA A 96 11.37 1.27 4.17
C ALA A 96 12.59 1.03 5.09
N LEU A 97 12.43 0.17 6.10
CA LEU A 97 13.54 -0.09 7.07
C LEU A 97 13.74 -1.60 7.23
N SER A 98 14.93 -2.02 7.69
CA SER A 98 15.26 -3.45 7.88
C SER A 98 15.56 -3.74 9.36
N GLU A 99 15.91 -5.00 9.65
CA GLU A 99 16.23 -5.48 11.02
C GLU A 99 16.93 -6.84 10.93
N ASP A 100 18.24 -6.86 11.18
CA ASP A 100 19.05 -8.11 11.12
C ASP A 100 20.35 -7.88 11.91
N LYS A 101 20.76 -8.86 12.72
CA LYS A 101 21.99 -8.72 13.56
C LYS A 101 23.22 -8.42 12.69
N LYS A 102 23.78 -7.21 12.83
CA LYS A 102 24.98 -6.78 12.05
C LYS A 102 26.00 -6.10 12.96
N LYS A 103 26.68 -6.88 13.81
CA LYS A 103 27.71 -6.34 14.74
C LYS A 103 29.11 -6.65 14.19
N ILE A 104 30.14 -6.30 14.96
CA ILE A 104 31.55 -6.56 14.53
C ILE A 104 32.25 -7.33 15.67
N LYS A 105 33.25 -8.15 15.32
CA LYS A 105 33.98 -8.95 16.33
C LYS A 105 35.38 -9.30 15.82
N ASP A 106 36.12 -10.12 16.59
CA ASP A 106 37.49 -10.55 16.19
C ASP A 106 37.49 -12.06 15.94
N ILE A 107 37.09 -12.84 16.96
CA ILE A 107 36.95 -14.33 17.02
C ILE A 107 38.32 -15.00 17.30
N TYR A 108 39.38 -14.21 17.47
CA TYR A 108 40.72 -14.80 17.73
C TYR A 108 41.68 -13.72 18.25
N GLY A 109 42.89 -14.16 18.59
CA GLY A 109 43.98 -13.28 19.09
C GLY A 109 44.70 -12.61 17.93
N LYS A 110 44.99 -11.31 18.05
CA LYS A 110 45.67 -10.57 16.96
C LYS A 110 47.16 -10.48 17.28
N ASP A 111 48.03 -10.98 16.37
CA ASP A 111 49.50 -10.94 16.52
C ASP A 111 49.93 -11.65 17.82
N ALA A 112 49.95 -12.99 17.79
CA ALA A 112 50.31 -13.81 18.97
C ALA A 112 51.83 -14.02 19.07
N LEU A 113 52.60 -13.48 18.13
CA LEU A 113 54.07 -13.64 18.14
C LEU A 113 54.65 -13.03 19.42
N LEU A 114 54.15 -11.85 19.81
CA LEU A 114 54.59 -11.16 21.06
C LEU A 114 56.12 -11.00 21.07
N HIS A 115 56.69 -10.56 19.95
CA HIS A 115 58.16 -10.36 19.84
C HIS A 115 58.53 -8.91 20.19
N GLU A 116 57.54 -8.12 20.59
CA GLU A 116 57.72 -6.68 20.94
C GLU A 116 58.68 -6.53 22.14
N HIS A 117 58.56 -7.41 23.14
CA HIS A 117 59.41 -7.33 24.36
C HIS A 117 60.90 -7.35 23.99
N TYR A 118 61.26 -8.00 22.89
CA TYR A 118 62.67 -8.10 22.44
C TYR A 118 63.12 -6.74 21.92
N VAL A 119 64.33 -6.31 22.32
CA VAL A 119 64.89 -4.99 21.91
C VAL A 119 66.04 -5.22 20.91
N TYR A 120 66.11 -4.39 19.86
CA TYR A 120 67.17 -4.51 18.84
C TYR A 120 68.15 -3.34 18.97
N ALA A 121 69.44 -3.63 19.07
CA ALA A 121 70.49 -2.59 19.21
C ALA A 121 71.19 -2.36 17.87
N LYS A 122 72.48 -2.72 17.80
CA LYS A 122 73.33 -2.61 16.59
C LYS A 122 73.35 -1.16 16.08
N GLU A 123 73.45 -0.19 16.99
CA GLU A 123 73.48 1.26 16.63
C GLU A 123 74.74 1.56 15.81
N GLY A 124 74.57 2.23 14.66
CA GLY A 124 75.69 2.58 13.77
C GLY A 124 75.37 2.30 12.31
N TYR A 125 76.31 2.63 11.42
CA TYR A 125 76.12 2.43 9.95
C TYR A 125 76.08 0.93 9.61
N CYS A 126 75.34 0.58 8.56
CA CYS A 126 75.21 -0.83 8.09
C CYS A 126 74.75 -1.74 9.24
N PRO A 127 73.72 -1.36 10.04
CA PRO A 127 73.28 -2.18 11.16
C PRO A 127 72.62 -3.50 10.70
N VAL A 128 72.96 -4.60 11.36
CA VAL A 128 72.39 -5.94 11.00
C VAL A 128 71.75 -6.56 12.25
N LEU A 129 70.45 -6.89 12.18
CA LEU A 129 69.72 -7.46 13.35
C LEU A 129 69.36 -8.92 13.06
N VAL A 130 69.68 -9.82 13.99
CA VAL A 130 69.37 -11.28 13.85
C VAL A 130 68.65 -11.74 15.13
N ILE A 131 67.40 -12.20 15.00
CA ILE A 131 66.58 -12.66 16.16
C ILE A 131 66.01 -14.05 15.82
N GLN A 132 65.72 -14.85 16.85
CA GLN A 132 65.15 -16.21 16.66
C GLN A 132 63.93 -16.13 15.75
N SER A 133 63.21 -15.00 15.79
CA SER A 133 61.99 -14.80 14.97
C SER A 133 62.34 -14.83 13.47
N SER A 134 63.51 -14.27 13.11
CA SER A 134 64.09 -14.19 11.74
C SER A 134 63.38 -13.12 10.90
N GLU A 135 64.06 -11.99 10.67
CA GLU A 135 63.51 -10.87 9.86
C GLU A 135 64.64 -10.25 9.04
N ASP A 136 64.30 -9.27 8.19
CA ASP A 136 65.30 -8.58 7.33
C ASP A 136 66.09 -9.58 6.50
N TYR A 137 67.42 -9.53 6.59
CA TYR A 137 68.33 -10.42 5.81
C TYR A 137 68.17 -11.89 6.24
N VAL A 138 67.37 -12.15 7.27
CA VAL A 138 67.16 -13.53 7.80
C VAL A 138 66.30 -14.35 6.83
N GLU A 139 65.04 -13.93 6.61
CA GLU A 139 64.11 -14.67 5.72
C GLU A 139 63.77 -13.82 4.49
N ASN A 140 63.91 -14.42 3.29
CA ASN A 140 63.59 -13.72 2.02
C ASN A 140 63.51 -14.76 0.89
N THR A 141 62.91 -14.38 -0.25
CA THR A 141 62.78 -15.29 -1.42
C THR A 141 64.17 -15.60 -1.99
N GLU A 142 65.04 -14.59 -2.05
CA GLU A 142 66.42 -14.77 -2.59
C GLU A 142 67.16 -15.81 -1.74
N LYS A 143 67.00 -15.75 -0.41
CA LYS A 143 67.67 -16.72 0.49
C LYS A 143 67.15 -18.13 0.16
N ALA A 144 65.83 -18.25 -0.05
CA ALA A 144 65.21 -19.55 -0.40
C ALA A 144 65.77 -20.02 -1.75
N LEU A 145 65.90 -19.10 -2.71
CA LEU A 145 66.44 -19.42 -4.06
C LEU A 145 67.89 -19.90 -3.90
N ASN A 146 68.66 -19.21 -3.05
CA ASN A 146 70.08 -19.58 -2.79
C ASN A 146 70.11 -20.98 -2.15
N VAL A 147 69.18 -21.23 -1.23
CA VAL A 147 69.10 -22.55 -0.53
C VAL A 147 68.79 -23.63 -1.59
N TYR A 148 67.92 -23.34 -2.55
CA TYR A 148 67.56 -24.32 -3.61
C TYR A 148 68.82 -24.69 -4.40
N TYR A 149 69.64 -23.68 -4.73
CA TYR A 149 70.92 -23.97 -5.44
C TYR A 149 71.80 -24.81 -4.52
N GLU A 150 71.84 -24.44 -3.23
CA GLU A 150 72.67 -25.14 -2.21
C GLU A 150 72.22 -26.59 -2.03
N ILE A 151 70.91 -26.84 -1.91
CA ILE A 151 70.41 -28.24 -1.72
C ILE A 151 70.70 -29.10 -2.96
N GLY A 152 70.53 -28.54 -4.16
CA GLY A 152 70.71 -29.29 -5.41
C GLY A 152 72.12 -29.81 -5.64
N LYS A 153 73.15 -28.99 -5.41
CA LYS A 153 74.55 -29.42 -5.66
C LYS A 153 75.42 -29.19 -4.41
N ILE A 154 76.18 -30.20 -4.00
CA ILE A 154 77.11 -30.15 -2.82
C ILE A 154 76.36 -29.62 -1.59
N LEU A 155 75.19 -30.20 -1.30
CA LEU A 155 74.35 -29.79 -0.14
C LEU A 155 75.12 -30.02 1.17
N SER A 156 74.98 -29.06 2.10
CA SER A 156 75.60 -28.99 3.45
C SER A 156 77.08 -28.63 3.36
N ARG A 157 77.42 -27.40 3.78
CA ARG A 157 78.83 -26.90 3.75
C ARG A 157 79.49 -27.18 5.11
N ASP A 158 78.75 -27.81 6.03
CA ASP A 158 79.27 -28.12 7.39
C ASP A 158 80.36 -29.19 7.30
N ILE A 159 81.31 -29.15 8.24
CA ILE A 159 82.46 -30.11 8.30
C ILE A 159 81.94 -31.54 8.12
N LEU A 160 80.96 -31.96 8.91
CA LEU A 160 80.38 -33.33 8.80
C LEU A 160 78.86 -33.27 8.84
N SER A 161 78.22 -34.22 8.15
CA SER A 161 76.75 -34.25 7.99
C SER A 161 76.15 -35.49 8.67
N LYS A 162 75.33 -36.21 7.92
CA LYS A 162 74.59 -37.41 8.40
C LYS A 162 75.46 -38.68 8.40
N ILE A 163 74.87 -39.80 8.85
CA ILE A 163 75.59 -41.10 8.99
C ILE A 163 75.86 -41.71 7.60
N ASN A 164 75.40 -41.12 6.50
CA ASN A 164 75.58 -41.92 5.24
C ASN A 164 75.88 -41.12 3.97
N GLN A 165 77.08 -41.36 3.43
CA GLN A 165 77.55 -40.85 2.11
C GLN A 165 78.03 -42.04 1.26
N PRO A 166 78.21 -43.26 1.82
CA PRO A 166 78.67 -44.44 1.07
C PRO A 166 77.57 -45.23 0.34
N TYR A 167 77.99 -46.02 -0.65
CA TYR A 167 77.04 -46.88 -1.42
C TYR A 167 77.00 -48.29 -0.83
N GLN A 168 77.79 -48.56 0.22
CA GLN A 168 77.79 -49.92 0.82
C GLN A 168 76.40 -50.24 1.35
N LYS A 169 75.78 -49.30 2.07
CA LYS A 169 74.40 -49.49 2.58
C LYS A 169 73.46 -48.55 1.84
N PHE A 170 74.00 -47.53 1.18
CA PHE A 170 73.07 -46.65 0.43
C PHE A 170 73.40 -46.58 -1.06
N LEU A 171 72.93 -47.62 -1.75
CA LEU A 171 72.90 -47.76 -3.24
C LEU A 171 71.81 -48.77 -3.62
N ASP A 172 71.73 -49.88 -2.89
CA ASP A 172 70.70 -50.92 -3.18
C ASP A 172 69.31 -50.33 -2.94
N VAL A 173 69.14 -49.58 -1.84
CA VAL A 173 67.84 -48.95 -1.49
C VAL A 173 67.47 -47.93 -2.57
N LEU A 174 68.44 -47.14 -3.03
CA LEU A 174 68.17 -46.09 -4.06
C LEU A 174 67.69 -46.76 -5.35
N ASN A 175 68.33 -47.86 -5.75
CA ASN A 175 67.93 -48.59 -6.98
C ASN A 175 66.52 -49.16 -6.80
N THR A 176 66.24 -49.75 -5.63
CA THR A 176 64.91 -50.34 -5.34
C THR A 176 63.84 -49.23 -5.41
N ILE A 177 64.13 -48.08 -4.79
CA ILE A 177 63.21 -46.90 -4.74
C ILE A 177 63.03 -46.25 -6.12
N LYS A 178 63.99 -46.44 -7.03
CA LYS A 178 63.93 -45.82 -8.38
C LYS A 178 62.88 -46.50 -9.27
N ASN A 179 61.59 -46.39 -8.92
CA ASN A 179 60.52 -46.96 -9.77
C ASN A 179 59.34 -45.97 -9.77
N ALA A 180 58.74 -45.70 -10.93
CA ALA A 180 57.60 -44.76 -10.97
C ALA A 180 56.33 -45.47 -11.46
N SER A 181 55.29 -45.48 -10.62
CA SER A 181 53.98 -46.09 -10.97
C SER A 181 53.37 -45.32 -12.15
N ASP A 182 53.49 -43.99 -12.10
CA ASP A 182 52.95 -43.06 -13.14
C ASP A 182 53.89 -43.02 -14.36
N SER A 183 55.11 -43.56 -14.23
CA SER A 183 56.12 -43.57 -15.33
C SER A 183 56.40 -42.16 -15.82
N ASP A 184 56.53 -41.20 -14.89
CA ASP A 184 56.81 -39.78 -15.24
C ASP A 184 58.12 -39.37 -14.56
N GLY A 185 58.10 -38.33 -13.73
CA GLY A 185 59.30 -37.87 -13.03
C GLY A 185 60.44 -37.58 -14.00
N GLN A 186 60.14 -36.86 -15.08
CA GLN A 186 61.16 -36.51 -16.11
C GLN A 186 61.72 -35.12 -15.81
N ASP A 187 63.06 -35.02 -15.74
CA ASP A 187 63.77 -33.77 -15.34
C ASP A 187 63.37 -33.43 -13.90
N LEU A 188 62.22 -33.93 -13.46
CA LEU A 188 61.69 -33.67 -12.09
C LEU A 188 62.66 -34.31 -11.10
N LEU A 189 63.29 -35.41 -11.52
CA LEU A 189 64.25 -36.14 -10.67
C LEU A 189 65.68 -35.66 -10.96
N PHE A 190 66.44 -36.51 -11.66
CA PHE A 190 67.88 -36.36 -11.99
C PHE A 190 68.10 -35.18 -12.94
N THR A 191 67.91 -33.95 -12.42
CA THR A 191 68.07 -32.71 -13.20
C THR A 191 69.57 -32.48 -13.48
N ASN A 192 69.89 -32.00 -14.69
CA ASN A 192 71.29 -31.71 -15.11
C ASN A 192 72.13 -32.99 -14.98
N GLN A 193 71.64 -34.09 -15.57
CA GLN A 193 72.36 -35.40 -15.54
C GLN A 193 72.79 -35.79 -16.96
N LEU A 194 73.25 -34.83 -17.78
CA LEU A 194 73.63 -35.11 -19.20
C LEU A 194 72.44 -35.88 -19.82
N LYS A 195 71.25 -35.53 -19.35
CA LYS A 195 69.88 -35.99 -19.75
C LYS A 195 69.49 -37.28 -19.01
N GLU A 196 68.20 -37.45 -18.70
CA GLU A 196 67.72 -38.67 -17.98
C GLU A 196 68.09 -39.90 -18.82
N HIS A 197 68.65 -40.94 -18.17
CA HIS A 197 69.04 -42.16 -18.93
C HIS A 197 67.79 -42.97 -19.27
N PRO A 198 67.58 -43.42 -20.53
CA PRO A 198 66.42 -44.24 -20.89
C PRO A 198 66.41 -45.60 -20.15
N THR A 199 67.61 -46.16 -19.98
CA THR A 199 67.83 -47.45 -19.25
C THR A 199 68.90 -47.20 -18.18
N ASP A 200 70.16 -46.97 -18.56
CA ASP A 200 71.32 -46.89 -17.62
C ASP A 200 71.54 -48.27 -16.99
N PHE A 201 70.91 -49.28 -17.57
CA PHE A 201 71.03 -50.69 -17.08
C PHE A 201 70.68 -50.81 -15.60
N SER A 202 69.55 -50.22 -15.19
CA SER A 202 68.99 -50.37 -13.82
C SER A 202 69.89 -49.88 -12.68
N VAL A 203 70.54 -48.72 -12.81
CA VAL A 203 71.33 -47.98 -11.77
C VAL A 203 72.43 -48.78 -11.07
N GLU A 204 73.23 -49.58 -11.79
CA GLU A 204 74.31 -50.33 -11.08
C GLU A 204 75.69 -49.99 -11.64
N PHE A 205 75.83 -49.01 -12.53
CA PHE A 205 77.19 -48.73 -13.07
C PHE A 205 77.74 -47.39 -12.54
N LEU A 206 79.03 -47.40 -12.19
CA LEU A 206 79.69 -46.23 -11.55
C LEU A 206 80.49 -45.35 -12.52
N GLU A 207 81.35 -45.96 -13.35
CA GLU A 207 82.21 -45.27 -14.34
C GLU A 207 81.32 -44.56 -15.35
N GLN A 208 81.60 -43.27 -15.61
CA GLN A 208 80.78 -42.41 -16.51
C GLN A 208 79.33 -42.38 -16.01
N ASN A 209 79.16 -42.25 -14.68
CA ASN A 209 77.82 -42.22 -14.03
C ASN A 209 77.98 -41.59 -12.64
N SER A 210 79.15 -41.74 -12.01
CA SER A 210 79.32 -41.07 -10.69
C SER A 210 79.16 -39.56 -10.84
N ASN A 211 78.93 -39.09 -12.07
CA ASN A 211 78.78 -37.62 -12.31
C ASN A 211 77.54 -37.12 -11.56
N GLU A 212 76.43 -37.87 -11.61
CA GLU A 212 75.17 -37.43 -10.95
C GLU A 212 74.91 -38.15 -9.63
N VAL A 213 75.76 -39.10 -9.22
CA VAL A 213 75.49 -39.81 -7.93
C VAL A 213 75.52 -38.82 -6.76
N GLN A 214 76.49 -37.89 -6.76
CA GLN A 214 76.60 -36.89 -5.68
C GLN A 214 75.35 -36.00 -5.68
N GLU A 215 74.89 -35.61 -6.88
CA GLU A 215 73.68 -34.75 -7.00
C GLU A 215 72.46 -35.49 -6.47
N VAL A 216 72.34 -36.79 -6.80
CA VAL A 216 71.17 -37.61 -6.37
C VAL A 216 71.12 -37.72 -4.84
N PHE A 217 72.26 -38.01 -4.19
CA PHE A 217 72.25 -38.14 -2.71
C PHE A 217 71.91 -36.80 -2.06
N ALA A 218 72.43 -35.70 -2.62
CA ALA A 218 72.16 -34.34 -2.08
C ALA A 218 70.67 -34.02 -2.28
N LYS A 219 70.14 -34.40 -3.45
CA LYS A 219 68.72 -34.15 -3.81
C LYS A 219 67.80 -34.86 -2.82
N ALA A 220 68.19 -36.06 -2.37
CA ALA A 220 67.35 -36.86 -1.44
C ALA A 220 67.11 -36.07 -0.14
N PHE A 221 68.15 -35.39 0.37
CA PHE A 221 68.00 -34.58 1.61
C PHE A 221 66.98 -33.46 1.34
N ALA A 222 67.08 -32.84 0.15
CA ALA A 222 66.19 -31.74 -0.29
C ALA A 222 64.73 -32.21 -0.40
N TYR A 223 64.52 -33.47 -0.78
CA TYR A 223 63.16 -34.03 -0.99
C TYR A 223 62.33 -33.96 0.30
N TYR A 224 62.93 -34.25 1.46
CA TYR A 224 62.13 -34.24 2.71
C TYR A 224 62.79 -33.41 3.81
N ILE A 225 62.79 -32.08 3.64
CA ILE A 225 63.36 -31.13 4.64
C ILE A 225 62.30 -30.09 4.99
N GLU A 226 61.75 -30.19 6.22
CA GLU A 226 60.72 -29.31 6.86
C GLU A 226 59.30 -29.66 6.38
N PRO A 227 58.25 -29.05 6.96
CA PRO A 227 56.85 -29.31 6.57
C PRO A 227 56.50 -28.92 5.13
N GLN A 228 56.97 -27.75 4.69
CA GLN A 228 56.67 -27.25 3.32
C GLN A 228 57.00 -28.32 2.28
N HIS A 229 58.28 -28.69 2.17
CA HIS A 229 58.76 -29.72 1.21
C HIS A 229 57.85 -30.96 1.25
N ARG A 230 57.34 -31.30 2.43
CA ARG A 230 56.43 -32.49 2.59
C ARG A 230 55.18 -32.29 1.73
N ASP A 231 54.63 -31.07 1.70
CA ASP A 231 53.43 -30.77 0.87
C ASP A 231 53.78 -31.02 -0.60
N VAL A 232 54.98 -30.59 -1.03
CA VAL A 232 55.49 -30.80 -2.41
C VAL A 232 55.66 -32.32 -2.63
N LEU A 233 56.37 -32.93 -1.68
CA LEU A 233 56.69 -34.39 -1.64
C LEU A 233 55.39 -35.16 -1.34
N GLN A 234 54.32 -34.45 -1.01
CA GLN A 234 53.02 -35.11 -0.73
C GLN A 234 52.41 -35.60 -2.05
N LEU A 235 52.74 -34.89 -3.14
CA LEU A 235 52.25 -35.26 -4.51
C LEU A 235 52.85 -36.63 -4.88
N TYR A 236 54.13 -36.84 -4.56
CA TYR A 236 54.81 -38.13 -4.87
C TYR A 236 54.04 -39.29 -4.23
N ALA A 237 53.26 -38.98 -3.18
CA ALA A 237 52.44 -39.99 -2.48
C ALA A 237 53.26 -41.24 -2.11
N PRO A 238 52.82 -42.47 -2.50
CA PRO A 238 53.49 -43.72 -2.12
C PRO A 238 54.93 -43.96 -2.59
N GLU A 239 55.28 -43.55 -3.81
CA GLU A 239 56.65 -43.82 -4.34
C GLU A 239 57.71 -43.13 -3.46
N ALA A 240 57.43 -41.90 -2.99
CA ALA A 240 58.39 -41.16 -2.15
C ALA A 240 58.25 -41.56 -0.68
N PHE A 241 57.00 -41.74 -0.22
CA PHE A 241 56.69 -42.10 1.19
C PHE A 241 57.58 -43.26 1.65
N ASN A 242 57.67 -44.32 0.85
CA ASN A 242 58.49 -45.52 1.17
C ASN A 242 59.91 -45.08 1.58
N TYR A 243 60.50 -44.16 0.79
CA TYR A 243 61.86 -43.63 1.05
C TYR A 243 61.83 -42.79 2.33
N MET A 244 60.79 -41.97 2.48
CA MET A 244 60.61 -41.08 3.66
C MET A 244 60.46 -41.91 4.94
N ASP A 245 59.71 -43.02 4.86
CA ASP A 245 59.47 -43.89 6.04
C ASP A 245 60.81 -44.44 6.55
N LYS A 246 61.68 -44.88 5.63
CA LYS A 246 63.01 -45.44 6.02
C LYS A 246 63.81 -44.34 6.73
N PHE A 247 63.77 -43.11 6.20
CA PHE A 247 64.50 -41.96 6.80
C PHE A 247 63.92 -41.67 8.20
N ASN A 248 62.60 -41.73 8.32
CA ASN A 248 61.91 -41.45 9.61
C ASN A 248 62.33 -42.49 10.66
N GLU A 249 62.43 -43.75 10.25
CA GLU A 249 62.83 -44.84 11.19
C GLU A 249 64.26 -44.57 11.67
N GLN A 250 65.14 -44.14 10.76
CA GLN A 250 66.57 -43.83 11.04
C GLN A 250 67.17 -44.90 11.96
N THR B 1 52.43 -26.38 12.56
CA THR B 1 51.35 -25.57 12.00
C THR B 1 51.89 -24.42 11.17
N VAL B 2 51.63 -24.45 9.87
CA VAL B 2 52.13 -23.44 8.95
C VAL B 2 51.21 -22.21 9.03
N PRO B 3 51.77 -21.00 9.04
CA PRO B 3 50.91 -19.81 9.14
C PRO B 3 50.25 -19.42 7.83
N ASP B 4 49.03 -18.87 7.97
CA ASP B 4 48.28 -18.22 6.88
C ASP B 4 47.54 -17.06 7.54
N ARG B 5 48.18 -15.90 7.55
CA ARG B 5 47.61 -14.73 8.22
C ARG B 5 46.36 -14.25 7.52
N ASP B 6 46.36 -14.33 6.19
CA ASP B 6 45.22 -13.96 5.39
C ASP B 6 44.06 -14.93 5.50
N ASN B 7 44.27 -16.10 6.12
CA ASN B 7 43.24 -17.06 6.51
C ASN B 7 42.50 -17.61 5.30
N ASP B 8 43.13 -17.53 4.13
CA ASP B 8 42.52 -17.96 2.89
C ASP B 8 42.89 -19.38 2.52
N GLY B 9 43.33 -20.17 3.50
CA GLY B 9 43.60 -21.57 3.26
C GLY B 9 44.88 -21.85 2.56
N ILE B 10 45.71 -20.83 2.34
CA ILE B 10 46.97 -20.97 1.61
C ILE B 10 48.04 -20.21 2.35
N PRO B 11 49.16 -20.86 2.66
CA PRO B 11 50.16 -20.25 3.55
C PRO B 11 50.87 -19.08 2.90
N ASP B 12 51.57 -18.35 3.76
CA ASP B 12 52.01 -17.02 3.42
C ASP B 12 53.26 -17.05 2.56
N SER B 13 54.19 -17.94 2.87
CA SER B 13 55.43 -18.06 2.11
C SER B 13 55.17 -18.51 0.69
N LEU B 14 54.13 -19.32 0.46
CA LEU B 14 53.82 -19.74 -0.89
C LEU B 14 53.28 -18.57 -1.72
N GLU B 15 52.41 -17.76 -1.11
CA GLU B 15 51.88 -16.58 -1.78
C GLU B 15 52.96 -15.57 -2.07
N VAL B 16 53.97 -15.50 -1.21
CA VAL B 16 55.08 -14.60 -1.46
C VAL B 16 55.97 -15.13 -2.57
N GLU B 17 56.52 -16.34 -2.35
CA GLU B 17 57.57 -16.95 -3.20
C GLU B 17 57.08 -17.58 -4.50
N GLY B 18 55.77 -17.76 -4.70
CA GLY B 18 55.35 -18.40 -5.92
C GLY B 18 54.82 -19.79 -5.67
N TYR B 19 53.76 -20.14 -6.39
CA TYR B 19 53.11 -21.42 -6.20
C TYR B 19 52.32 -21.74 -7.46
N THR B 20 51.64 -22.88 -7.43
CA THR B 20 50.79 -23.34 -8.52
C THR B 20 49.85 -24.40 -7.98
N VAL B 21 48.85 -24.72 -8.81
CA VAL B 21 47.89 -25.76 -8.53
C VAL B 21 48.01 -26.80 -9.64
N ASP B 22 48.11 -28.08 -9.26
CA ASP B 22 48.28 -29.11 -10.27
C ASP B 22 47.49 -30.35 -9.90
N VAL B 23 46.77 -30.90 -10.85
CA VAL B 23 46.12 -32.18 -10.65
C VAL B 23 47.12 -33.29 -10.93
N LYS B 24 46.99 -34.38 -10.16
CA LYS B 24 47.88 -35.56 -10.32
C LYS B 24 47.11 -36.68 -10.99
N ASN B 25 46.07 -37.20 -10.31
CA ASN B 25 45.26 -38.26 -10.89
C ASN B 25 43.85 -37.75 -11.15
N LYS B 26 43.15 -37.33 -10.10
CA LYS B 26 41.92 -36.55 -10.21
C LYS B 26 41.86 -35.52 -9.10
N ARG B 27 43.01 -35.12 -8.57
CA ARG B 27 43.04 -34.38 -7.32
C ARG B 27 43.97 -33.18 -7.41
N THR B 28 43.44 -32.02 -7.03
CA THR B 28 44.18 -30.77 -7.09
C THR B 28 45.13 -30.67 -5.91
N PHE B 29 46.38 -30.37 -6.20
CA PHE B 29 47.45 -30.28 -5.21
C PHE B 29 48.08 -28.91 -5.31
N LEU B 30 48.10 -28.21 -4.18
CA LEU B 30 48.66 -26.83 -4.12
C LEU B 30 50.17 -26.93 -3.90
N SER B 31 50.94 -26.93 -4.99
CA SER B 31 52.38 -27.01 -4.86
C SER B 31 53.00 -25.61 -4.78
N PRO B 32 54.13 -25.47 -4.11
CA PRO B 32 54.97 -24.30 -4.34
C PRO B 32 55.63 -24.41 -5.70
N TRP B 33 56.14 -23.28 -6.18
CA TRP B 33 56.65 -23.21 -7.54
C TRP B 33 57.98 -23.94 -7.66
N ILE B 34 58.06 -24.88 -8.60
CA ILE B 34 59.29 -25.52 -9.00
C ILE B 34 59.41 -25.38 -10.52
N SER B 35 60.51 -24.77 -10.97
CA SER B 35 60.66 -24.46 -12.38
C SER B 35 61.03 -25.68 -13.22
N ASN B 36 61.39 -26.79 -12.55
CA ASN B 36 61.79 -28.01 -13.29
C ASN B 36 60.68 -29.07 -13.19
N ILE B 37 59.59 -28.76 -12.50
CA ILE B 37 58.47 -29.74 -12.33
C ILE B 37 57.13 -29.10 -12.72
N HIS B 38 57.16 -27.86 -13.23
CA HIS B 38 55.91 -27.14 -13.59
C HIS B 38 56.03 -26.45 -14.96
N GLU B 39 57.00 -25.52 -15.08
CA GLU B 39 57.27 -24.72 -16.30
C GLU B 39 57.14 -25.60 -17.55
N LYS B 40 57.58 -26.85 -17.45
CA LYS B 40 57.48 -27.82 -18.57
C LYS B 40 56.00 -28.09 -18.86
N LYS B 41 55.16 -28.10 -17.80
CA LYS B 41 53.75 -28.38 -17.98
C LYS B 41 52.97 -27.17 -18.46
N GLY B 42 53.57 -25.98 -18.40
CA GLY B 42 52.87 -24.78 -18.78
C GLY B 42 52.06 -24.17 -17.67
N LEU B 43 52.30 -24.55 -16.43
CA LEU B 43 51.55 -24.03 -15.31
C LEU B 43 52.01 -22.62 -15.01
N THR B 44 51.08 -21.77 -14.60
CA THR B 44 51.37 -20.36 -14.39
C THR B 44 51.75 -20.14 -12.93
N LYS B 45 52.92 -19.52 -12.72
CA LYS B 45 53.37 -19.21 -11.38
C LYS B 45 52.53 -18.10 -10.78
N TYR B 46 52.09 -18.29 -9.55
CA TYR B 46 51.14 -17.40 -8.89
C TYR B 46 51.78 -16.75 -7.68
N LYS B 47 51.57 -15.45 -7.54
CA LYS B 47 51.96 -14.73 -6.34
C LYS B 47 50.80 -13.87 -5.88
N SER B 48 50.65 -13.75 -4.56
CA SER B 48 49.55 -12.98 -4.01
C SER B 48 49.92 -12.51 -2.61
N SER B 49 49.00 -11.84 -1.97
CA SER B 49 49.33 -11.26 -0.69
C SER B 49 49.25 -12.30 0.42
N PRO B 50 50.22 -12.29 1.33
CA PRO B 50 50.13 -13.13 2.53
C PRO B 50 49.15 -12.60 3.55
N GLU B 51 48.68 -11.38 3.40
CA GLU B 51 47.79 -10.81 4.39
C GLU B 51 46.44 -10.42 3.79
N LYS B 52 46.23 -10.58 2.50
CA LYS B 52 44.92 -10.35 1.92
C LYS B 52 44.28 -11.69 1.62
N TRP B 53 43.12 -11.92 2.24
CA TRP B 53 42.26 -13.04 1.90
C TRP B 53 41.86 -12.99 0.43
N SER B 54 41.64 -11.79 -0.08
CA SER B 54 41.45 -11.54 -1.50
C SER B 54 42.42 -10.44 -1.88
N THR B 55 43.45 -10.80 -2.63
CA THR B 55 44.50 -9.86 -2.97
C THR B 55 43.98 -8.77 -3.92
N ALA B 56 43.03 -9.12 -4.77
CA ALA B 56 42.41 -8.13 -5.64
C ALA B 56 41.21 -7.45 -4.99
N SER B 57 40.90 -7.80 -3.73
CA SER B 57 39.82 -7.27 -2.90
C SER B 57 38.42 -7.55 -3.44
N ASP B 58 38.30 -8.28 -4.56
CA ASP B 58 37.03 -8.77 -5.03
C ASP B 58 36.49 -9.82 -4.06
N PRO B 59 35.17 -10.07 -4.05
CA PRO B 59 34.60 -11.00 -3.06
C PRO B 59 34.88 -12.48 -3.35
N TYR B 60 36.12 -12.80 -3.66
CA TYR B 60 36.55 -14.15 -3.96
C TYR B 60 37.96 -14.31 -3.44
N SER B 61 38.23 -15.40 -2.74
CA SER B 61 39.54 -15.57 -2.14
C SER B 61 40.57 -15.86 -3.23
N ASP B 62 41.83 -15.82 -2.80
CA ASP B 62 42.92 -16.23 -3.68
C ASP B 62 42.82 -17.71 -3.98
N PHE B 63 42.49 -18.50 -2.96
CA PHE B 63 42.46 -19.95 -3.09
C PHE B 63 41.29 -20.41 -3.95
N GLU B 64 40.13 -19.78 -3.79
CA GLU B 64 38.99 -20.09 -4.64
C GLU B 64 39.28 -19.76 -6.09
N LYS B 65 40.04 -18.70 -6.31
CA LYS B 65 40.31 -18.26 -7.66
C LYS B 65 41.34 -19.14 -8.34
N VAL B 66 42.30 -19.67 -7.59
CA VAL B 66 43.27 -20.56 -8.22
C VAL B 66 42.76 -21.99 -8.24
N THR B 67 41.84 -22.34 -7.35
CA THR B 67 41.37 -23.71 -7.28
C THR B 67 40.29 -23.96 -8.33
N GLY B 68 39.43 -22.98 -8.54
CA GLY B 68 38.28 -23.12 -9.40
C GLY B 68 36.98 -23.27 -8.66
N ARG B 69 37.00 -23.23 -7.33
CA ARG B 69 35.77 -23.31 -6.54
C ARG B 69 35.14 -21.92 -6.44
N ILE B 70 34.57 -21.53 -7.58
CA ILE B 70 34.14 -20.16 -7.81
C ILE B 70 32.91 -20.22 -8.69
N ASP B 71 32.18 -19.11 -8.75
CA ASP B 71 31.20 -18.90 -9.79
C ASP B 71 31.87 -19.00 -11.14
N LYS B 72 31.43 -19.95 -11.96
CA LYS B 72 32.09 -20.22 -13.22
C LYS B 72 31.82 -19.17 -14.28
N ASN B 73 30.88 -18.26 -14.03
CA ASN B 73 30.64 -17.16 -14.95
C ASN B 73 31.75 -16.11 -14.91
N VAL B 74 32.64 -16.19 -13.93
CA VAL B 74 33.86 -15.39 -13.93
C VAL B 74 34.68 -15.75 -15.16
N SER B 75 35.13 -14.73 -15.88
CA SER B 75 35.93 -14.90 -17.08
C SER B 75 37.25 -15.58 -16.73
N PRO B 76 37.81 -16.36 -17.67
CA PRO B 76 39.05 -17.10 -17.37
C PRO B 76 40.24 -16.20 -17.13
N GLU B 77 40.33 -15.06 -17.81
CA GLU B 77 41.42 -14.15 -17.54
C GLU B 77 41.29 -13.47 -16.18
N ALA B 78 40.11 -13.51 -15.57
CA ALA B 78 39.95 -13.05 -14.21
C ALA B 78 40.25 -14.13 -13.20
N ARG B 79 40.68 -15.31 -13.65
CA ARG B 79 41.03 -16.34 -12.68
C ARG B 79 42.42 -16.14 -12.09
N HIS B 80 43.16 -15.15 -12.54
CA HIS B 80 44.42 -14.83 -11.89
C HIS B 80 44.16 -13.94 -10.68
N PRO B 81 44.89 -14.16 -9.58
CA PRO B 81 44.60 -13.42 -8.34
C PRO B 81 44.87 -11.94 -8.42
N LEU B 82 45.80 -11.54 -9.26
CA LEU B 82 46.08 -10.12 -9.40
C LEU B 82 45.14 -9.45 -10.39
N VAL B 83 44.22 -10.20 -10.97
CA VAL B 83 43.22 -9.66 -11.89
C VAL B 83 41.90 -9.56 -11.14
N ALA B 84 41.33 -8.36 -11.14
CA ALA B 84 40.06 -8.13 -10.47
C ALA B 84 38.91 -8.73 -11.25
N ALA B 85 37.84 -9.07 -10.53
CA ALA B 85 36.63 -9.62 -11.14
C ALA B 85 35.45 -8.80 -10.65
N TYR B 86 34.80 -8.09 -11.56
CA TYR B 86 33.72 -7.21 -11.15
C TYR B 86 32.80 -6.97 -12.34
N PRO B 87 31.51 -6.75 -12.10
CA PRO B 87 30.60 -6.43 -13.19
C PRO B 87 30.67 -4.96 -13.58
N ILE B 88 30.39 -4.72 -14.85
CA ILE B 88 30.22 -3.38 -15.40
C ILE B 88 28.87 -3.38 -16.09
N VAL B 89 27.92 -2.66 -15.53
CA VAL B 89 26.55 -2.67 -16.01
C VAL B 89 26.17 -1.25 -16.40
N HIS B 90 25.65 -1.10 -17.61
CA HIS B 90 25.04 0.15 -18.02
C HIS B 90 23.84 -0.17 -18.89
N VAL B 91 22.86 0.74 -18.85
CA VAL B 91 21.57 0.52 -19.47
C VAL B 91 21.49 1.34 -20.74
N ASP B 92 21.02 0.72 -21.81
CA ASP B 92 20.69 1.44 -23.04
C ASP B 92 19.19 1.53 -23.20
N MET B 93 18.75 2.49 -23.99
CA MET B 93 17.33 2.78 -24.19
C MET B 93 17.01 2.61 -25.66
N GLU B 94 16.19 1.61 -25.98
CA GLU B 94 15.93 1.37 -27.39
C GLU B 94 14.77 2.19 -27.90
N ASN B 95 13.76 2.44 -27.07
CA ASN B 95 12.56 3.04 -27.62
C ASN B 95 11.81 3.81 -26.55
N ILE B 96 11.13 4.86 -27.00
CA ILE B 96 10.25 5.67 -26.18
C ILE B 96 8.82 5.34 -26.56
N ILE B 97 7.91 5.44 -25.59
CA ILE B 97 6.48 5.38 -25.84
C ILE B 97 5.86 6.49 -25.00
N LEU B 98 5.33 7.50 -25.66
CA LEU B 98 4.59 8.55 -24.98
C LEU B 98 3.12 8.41 -25.32
N SER B 99 2.27 8.59 -24.32
CA SER B 99 0.83 8.54 -24.50
C SER B 99 0.22 9.83 -23.98
N LYS B 100 -0.56 10.49 -24.83
CA LYS B 100 -1.19 11.74 -24.43
C LYS B 100 -2.42 11.42 -23.60
N ASN B 101 -2.40 11.82 -22.34
CA ASN B 101 -3.53 11.60 -21.44
C ASN B 101 -4.56 12.68 -21.71
N GLU B 102 -5.31 12.48 -22.80
CA GLU B 102 -6.36 13.38 -23.21
C GLU B 102 -7.64 12.58 -23.32
N ASP B 103 -8.71 13.06 -22.71
CA ASP B 103 -9.96 12.31 -22.78
C ASP B 103 -10.97 13.04 -23.65
N GLN B 104 -11.42 12.38 -24.71
CA GLN B 104 -12.33 12.98 -25.66
C GLN B 104 -13.65 12.24 -25.65
N SER B 105 -14.71 12.95 -26.02
CA SER B 105 -16.04 12.39 -26.03
C SER B 105 -16.85 12.99 -27.16
N THR B 106 -17.71 12.18 -27.74
CA THR B 106 -18.64 12.62 -28.77
C THR B 106 -20.05 12.32 -28.32
N GLN B 107 -20.96 13.26 -28.58
CA GLN B 107 -22.35 13.13 -28.20
C GLN B 107 -23.23 13.34 -29.42
N ASN B 108 -24.19 12.44 -29.60
CA ASN B 108 -25.20 12.57 -30.65
C ASN B 108 -26.56 12.68 -29.96
N THR B 109 -27.40 13.57 -30.46
CA THR B 109 -28.68 13.85 -29.81
C THR B 109 -29.76 14.05 -30.86
N ASP B 110 -30.92 13.41 -30.67
CA ASP B 110 -32.09 13.63 -31.51
C ASP B 110 -33.24 14.14 -30.67
N SER B 111 -34.03 15.06 -31.22
CA SER B 111 -35.09 15.71 -30.47
C SER B 111 -36.29 15.99 -31.37
N GLN B 112 -37.45 15.47 -31.00
CA GLN B 112 -38.68 15.70 -31.74
C GLN B 112 -39.69 16.40 -30.84
N THR B 113 -40.12 17.59 -31.23
CA THR B 113 -40.95 18.45 -30.41
C THR B 113 -42.28 18.71 -31.11
N ARG B 114 -43.38 18.47 -30.40
CA ARG B 114 -44.70 18.73 -30.94
C ARG B 114 -45.35 19.84 -30.11
N THR B 115 -45.51 21.01 -30.71
CA THR B 115 -46.02 22.18 -30.01
C THR B 115 -47.39 22.53 -30.57
N ILE B 116 -48.41 22.41 -29.72
CA ILE B 116 -49.79 22.67 -30.11
C ILE B 116 -50.23 23.93 -29.41
N SER B 117 -50.60 24.95 -30.18
CA SER B 117 -50.75 26.30 -29.66
C SER B 117 -52.16 26.82 -29.95
N LYS B 118 -52.71 27.56 -29.01
CA LYS B 118 -54.01 28.21 -29.15
C LYS B 118 -53.81 29.72 -29.06
N ASN B 119 -54.71 30.48 -29.68
CA ASN B 119 -54.69 31.93 -29.59
C ASN B 119 -56.12 32.43 -29.79
N THR B 120 -56.47 33.54 -29.15
CA THR B 120 -57.73 34.22 -29.47
C THR B 120 -57.51 35.72 -29.37
N SER B 121 -58.50 36.49 -29.82
CA SER B 121 -58.36 37.93 -29.97
C SER B 121 -59.72 38.62 -30.02
N THR B 122 -59.76 39.86 -29.53
CA THR B 122 -60.79 40.84 -29.89
C THR B 122 -60.10 42.16 -30.20
N SER B 123 -60.87 43.10 -30.74
CA SER B 123 -60.39 44.41 -31.17
C SER B 123 -61.58 45.36 -31.25
N ARG B 124 -61.38 46.63 -30.88
CA ARG B 124 -62.45 47.62 -30.96
C ARG B 124 -61.92 48.94 -31.48
N THR B 125 -62.46 49.38 -32.61
CA THR B 125 -61.96 50.52 -33.37
C THR B 125 -62.98 51.63 -33.30
N HIS B 126 -62.53 52.88 -33.11
CA HIS B 126 -63.43 54.02 -33.10
C HIS B 126 -62.88 55.10 -34.03
N THR B 127 -63.62 55.36 -35.11
CA THR B 127 -63.11 56.14 -36.24
C THR B 127 -63.93 57.42 -36.41
N SER B 128 -63.25 58.56 -36.44
CA SER B 128 -63.85 59.84 -36.80
C SER B 128 -63.25 60.30 -38.13
N GLU B 129 -63.91 61.28 -38.75
CA GLU B 129 -63.64 61.68 -40.12
C GLU B 129 -64.30 63.03 -40.42
N VAL B 130 -63.53 63.96 -41.00
CA VAL B 130 -64.06 65.28 -41.37
C VAL B 130 -63.66 65.56 -42.82
N HIS B 131 -64.63 65.52 -43.73
CA HIS B 131 -64.44 65.69 -45.17
C HIS B 131 -64.68 67.15 -45.59
N GLY B 132 -63.97 67.57 -46.64
CA GLY B 132 -64.21 68.85 -47.26
C GLY B 132 -64.35 68.72 -48.76
N ASN B 133 -64.89 69.77 -49.38
CA ASN B 133 -65.17 69.78 -50.81
C ASN B 133 -65.43 71.22 -51.26
N ALA B 134 -64.94 71.56 -52.45
CA ALA B 134 -65.32 72.76 -53.18
C ALA B 134 -65.46 72.38 -54.65
N GLU B 135 -66.25 73.13 -55.40
CA GLU B 135 -66.55 72.75 -56.77
C GLU B 135 -66.88 73.98 -57.61
N VAL B 136 -66.31 74.06 -58.80
CA VAL B 136 -66.58 75.17 -59.73
C VAL B 136 -67.02 74.56 -61.07
N HIS B 137 -68.27 74.79 -61.44
CA HIS B 137 -68.85 74.28 -62.67
C HIS B 137 -69.02 75.40 -63.67
N ALA B 138 -68.79 75.11 -64.95
CA ALA B 138 -68.88 76.14 -65.98
C ALA B 138 -69.43 75.53 -67.27
N SER B 139 -70.35 76.27 -67.90
CA SER B 139 -70.99 75.83 -69.14
C SER B 139 -70.88 76.91 -70.21
N PHE B 140 -71.68 76.78 -71.28
CA PHE B 140 -71.82 77.85 -72.25
C PHE B 140 -72.29 79.13 -71.61
N PHE B 141 -73.31 79.05 -70.74
CA PHE B 141 -73.84 80.24 -70.07
C PHE B 141 -74.17 79.99 -68.60
N ASP B 142 -73.77 78.84 -68.04
CA ASP B 142 -74.12 78.48 -66.68
C ASP B 142 -72.85 78.21 -65.90
N ILE B 143 -72.65 78.96 -64.82
CA ILE B 143 -71.50 78.82 -63.93
C ILE B 143 -72.01 78.64 -62.52
N GLY B 144 -71.50 77.63 -61.81
CA GLY B 144 -71.90 77.38 -60.44
C GLY B 144 -70.68 77.13 -59.56
N GLY B 145 -70.91 77.22 -58.26
CA GLY B 145 -69.91 76.83 -57.28
C GLY B 145 -70.56 76.23 -56.05
N SER B 146 -69.84 75.32 -55.41
CA SER B 146 -70.39 74.49 -54.35
C SER B 146 -69.34 74.25 -53.26
N VAL B 147 -69.76 74.25 -52.00
CA VAL B 147 -68.89 74.02 -50.86
C VAL B 147 -69.53 72.96 -49.97
N SER B 148 -68.78 71.92 -49.61
CA SER B 148 -69.32 70.81 -48.85
C SER B 148 -68.37 70.40 -47.74
N ALA B 149 -68.94 69.83 -46.67
CA ALA B 149 -68.18 69.33 -45.54
C ALA B 149 -68.92 68.17 -44.88
N GLY B 150 -68.16 67.17 -44.42
CA GLY B 150 -68.72 65.91 -43.96
C GLY B 150 -68.20 65.45 -42.62
N PHE B 151 -69.06 64.88 -41.79
CA PHE B 151 -68.69 64.44 -40.44
C PHE B 151 -69.03 62.98 -40.17
N SER B 152 -68.06 62.09 -40.34
CA SER B 152 -68.29 60.65 -40.28
C SER B 152 -67.71 60.08 -38.99
N ASN B 153 -68.58 59.45 -38.19
CA ASN B 153 -68.15 58.63 -37.06
C ASN B 153 -68.19 57.17 -37.48
N SER B 154 -67.37 56.34 -36.81
CA SER B 154 -67.38 54.91 -37.07
C SER B 154 -66.81 54.14 -35.87
N ASN B 155 -67.18 52.86 -35.79
CA ASN B 155 -66.89 51.99 -34.65
C ASN B 155 -66.96 50.53 -35.09
N SER B 156 -65.85 49.82 -34.94
CA SER B 156 -65.65 48.44 -35.38
C SER B 156 -65.31 47.57 -34.18
N SER B 157 -65.45 46.24 -34.34
CA SER B 157 -65.04 45.29 -33.31
C SER B 157 -64.75 43.94 -33.93
N THR B 158 -63.48 43.54 -33.91
CA THR B 158 -62.95 42.37 -34.61
C THR B 158 -62.66 41.25 -33.59
N VAL B 159 -63.32 40.11 -33.75
CA VAL B 159 -63.17 38.99 -32.83
C VAL B 159 -62.57 37.81 -33.58
N ALA B 160 -61.44 37.30 -33.06
CA ALA B 160 -60.58 36.38 -33.79
C ALA B 160 -60.18 35.20 -32.93
N ILE B 161 -59.73 34.11 -33.57
CA ILE B 161 -59.27 32.91 -32.88
C ILE B 161 -58.33 32.15 -33.82
N ASP B 162 -57.32 31.48 -33.23
CA ASP B 162 -56.24 30.79 -33.93
C ASP B 162 -55.98 29.45 -33.28
N HIS B 163 -55.69 28.43 -34.09
CA HIS B 163 -55.10 27.18 -33.64
C HIS B 163 -53.78 26.97 -34.38
N SER B 164 -52.85 26.18 -33.80
CA SER B 164 -51.52 26.06 -34.36
C SER B 164 -50.88 24.71 -34.01
N LEU B 165 -50.11 24.15 -34.94
CA LEU B 165 -49.24 23.01 -34.68
C LEU B 165 -47.79 23.42 -34.96
N SER B 166 -46.83 22.62 -34.45
CA SER B 166 -45.41 22.80 -34.73
C SER B 166 -44.69 21.47 -34.53
N LEU B 167 -43.95 21.03 -35.54
CA LEU B 167 -43.19 19.79 -35.47
C LEU B 167 -41.71 20.10 -35.66
N ALA B 168 -40.93 20.01 -34.58
CA ALA B 168 -39.54 20.43 -34.57
C ALA B 168 -38.63 19.22 -34.40
N GLY B 169 -37.89 18.88 -35.46
CA GLY B 169 -36.94 17.77 -35.42
C GLY B 169 -35.53 18.29 -35.45
N GLU B 170 -34.70 17.79 -34.54
CA GLU B 170 -33.36 18.31 -34.32
C GLU B 170 -32.35 17.19 -34.18
N ARG B 171 -31.22 17.33 -34.85
CA ARG B 171 -30.10 16.40 -34.72
C ARG B 171 -28.87 17.20 -34.32
N THR B 172 -28.28 16.83 -33.20
CA THR B 172 -27.20 17.56 -32.56
C THR B 172 -25.94 16.70 -32.51
N TRP B 173 -24.85 17.23 -33.03
CA TRP B 173 -23.55 16.60 -32.94
C TRP B 173 -22.65 17.42 -32.03
N ALA B 174 -21.89 16.73 -31.17
CA ALA B 174 -21.07 17.42 -30.20
C ALA B 174 -19.77 16.66 -29.98
N GLU B 175 -18.70 17.39 -29.70
CA GLU B 175 -17.38 16.82 -29.49
C GLU B 175 -16.64 17.62 -28.44
N THR B 176 -15.93 16.92 -27.55
CA THR B 176 -15.28 17.54 -26.41
C THR B 176 -13.92 16.89 -26.20
N MET B 177 -12.91 17.71 -25.91
CA MET B 177 -11.56 17.21 -25.65
C MET B 177 -11.06 17.82 -24.35
N GLY B 178 -11.10 17.03 -23.28
CA GLY B 178 -10.57 17.45 -22.00
C GLY B 178 -9.11 17.08 -21.82
N LEU B 179 -8.43 17.90 -21.03
CA LEU B 179 -6.99 17.82 -20.82
C LEU B 179 -6.68 18.36 -19.44
N ASN B 180 -5.61 17.85 -18.83
CA ASN B 180 -5.06 18.41 -17.60
C ASN B 180 -3.61 18.72 -17.87
N THR B 181 -3.21 19.98 -17.63
CA THR B 181 -1.88 20.45 -17.98
C THR B 181 -0.78 19.82 -17.15
N ALA B 182 -1.12 19.31 -15.97
CA ALA B 182 -0.12 18.67 -15.14
C ALA B 182 0.10 17.22 -15.50
N ASP B 183 -0.85 16.58 -16.17
CA ASP B 183 -0.82 15.16 -16.46
C ASP B 183 -1.10 14.93 -17.93
N THR B 184 -0.34 15.61 -18.78
CA THR B 184 -0.60 15.50 -20.22
C THR B 184 -0.14 14.17 -20.78
N ALA B 185 1.02 13.69 -20.35
CA ALA B 185 1.61 12.54 -21.02
C ALA B 185 2.06 11.49 -20.00
N ARG B 186 2.09 10.25 -20.48
CA ARG B 186 2.61 9.12 -19.72
C ARG B 186 3.72 8.46 -20.53
N LEU B 187 4.76 8.05 -19.84
CA LEU B 187 5.95 7.54 -20.49
C LEU B 187 6.11 6.05 -20.34
N ASN B 188 6.89 5.47 -21.26
CA ASN B 188 7.24 4.06 -21.17
C ASN B 188 8.55 3.85 -21.92
N ALA B 189 9.54 3.28 -21.23
CA ALA B 189 10.86 3.06 -21.80
C ALA B 189 11.03 1.61 -22.19
N ASN B 190 11.75 1.37 -23.29
CA ASN B 190 12.16 0.03 -23.68
C ASN B 190 13.67 -0.06 -23.56
N ILE B 191 14.14 -0.85 -22.61
CA ILE B 191 15.53 -0.82 -22.19
C ILE B 191 16.08 -2.22 -22.07
N ARG B 192 17.41 -2.32 -22.18
CA ARG B 192 18.13 -3.56 -21.95
C ARG B 192 19.24 -3.34 -20.94
N TYR B 193 19.73 -4.45 -20.43
CA TYR B 193 20.81 -4.48 -19.46
C TYR B 193 22.01 -5.13 -20.12
N VAL B 194 23.18 -4.52 -19.96
CA VAL B 194 24.40 -4.98 -20.62
C VAL B 194 25.45 -5.20 -19.54
N ASN B 195 26.11 -6.37 -19.57
CA ASN B 195 27.25 -6.58 -18.69
C ASN B 195 28.50 -6.63 -19.54
N THR B 196 29.33 -5.61 -19.42
CA THR B 196 30.64 -5.61 -20.02
C THR B 196 31.73 -5.95 -19.02
N GLY B 197 31.37 -6.29 -17.80
CA GLY B 197 32.35 -6.58 -16.76
C GLY B 197 32.94 -7.96 -16.85
N THR B 198 33.36 -8.47 -15.71
CA THR B 198 34.02 -9.76 -15.61
C THR B 198 33.37 -10.70 -14.60
N ALA B 199 32.80 -10.17 -13.55
CA ALA B 199 32.04 -11.01 -12.64
C ALA B 199 30.56 -10.83 -12.91
N PRO B 200 29.75 -11.87 -12.73
CA PRO B 200 28.30 -11.70 -12.82
C PRO B 200 27.75 -11.01 -11.59
N ILE B 201 26.58 -10.42 -11.76
CA ILE B 201 25.90 -9.69 -10.71
C ILE B 201 24.47 -10.21 -10.62
N TYR B 202 23.99 -10.39 -9.39
CA TYR B 202 22.69 -11.03 -9.16
C TYR B 202 21.70 -10.07 -8.53
N ASN B 203 20.44 -10.24 -8.91
CA ASN B 203 19.31 -9.41 -8.49
C ASN B 203 19.56 -7.95 -8.88
N VAL B 204 19.67 -7.73 -10.18
CA VAL B 204 20.09 -6.44 -10.69
C VAL B 204 18.92 -5.47 -10.64
N LEU B 205 19.12 -4.34 -9.96
CA LEU B 205 18.14 -3.25 -9.92
C LEU B 205 18.88 -1.95 -10.20
N PRO B 206 18.89 -1.50 -11.45
CA PRO B 206 19.51 -0.22 -11.75
C PRO B 206 18.63 0.93 -11.30
N THR B 207 19.29 2.03 -10.97
CA THR B 207 18.62 3.29 -10.70
C THR B 207 18.90 4.19 -11.89
N THR B 208 17.86 4.55 -12.64
CA THR B 208 18.02 5.32 -13.86
C THR B 208 17.26 6.63 -13.78
N SER B 209 17.40 7.43 -14.84
CA SER B 209 16.85 8.77 -14.86
C SER B 209 16.45 9.18 -16.27
N LEU B 210 15.18 9.58 -16.42
CA LEU B 210 14.68 10.23 -17.62
C LEU B 210 14.98 11.72 -17.58
N VAL B 211 15.64 12.21 -18.63
CA VAL B 211 16.14 13.60 -18.69
C VAL B 211 15.73 14.22 -20.03
N LEU B 212 15.15 15.41 -19.98
CA LEU B 212 14.96 16.24 -21.16
C LEU B 212 16.08 17.25 -21.31
N GLY B 213 16.26 17.68 -22.56
CA GLY B 213 17.03 18.89 -22.86
C GLY B 213 18.50 18.74 -22.53
N LYS B 214 19.06 19.79 -21.97
CA LYS B 214 20.45 19.75 -21.52
C LYS B 214 20.56 18.93 -20.24
N ASN B 215 19.89 19.38 -19.19
CA ASN B 215 19.93 18.66 -17.93
C ASN B 215 18.59 18.70 -17.21
N GLN B 216 17.49 18.84 -17.93
CA GLN B 216 16.18 18.91 -17.31
C GLN B 216 15.72 17.49 -17.05
N THR B 217 15.87 17.04 -15.80
CA THR B 217 15.53 15.68 -15.43
C THR B 217 14.03 15.56 -15.28
N LEU B 218 13.43 14.66 -16.06
CA LEU B 218 12.03 14.34 -15.85
C LEU B 218 11.86 13.57 -14.55
N ALA B 219 12.55 12.45 -14.42
CA ALA B 219 12.26 11.57 -13.31
C ALA B 219 13.47 10.70 -13.02
N THR B 220 13.54 10.24 -11.76
CA THR B 220 14.61 9.32 -11.27
C THR B 220 13.89 8.05 -10.79
N ILE B 221 14.08 6.93 -11.48
CA ILE B 221 13.30 5.70 -11.13
C ILE B 221 14.20 4.50 -10.81
N LYS B 222 14.04 3.94 -9.60
CA LYS B 222 14.69 2.70 -9.26
C LYS B 222 13.91 1.54 -9.87
N ALA B 223 14.65 0.54 -10.36
CA ALA B 223 14.03 -0.62 -11.00
C ALA B 223 13.21 -1.41 -9.99
N LYS B 224 11.96 -1.68 -10.39
CA LYS B 224 10.99 -2.40 -9.52
C LYS B 224 11.09 -3.91 -9.74
N GLU B 225 10.17 -4.66 -9.13
CA GLU B 225 10.19 -6.12 -9.20
C GLU B 225 9.77 -6.65 -10.56
N ASN B 226 9.05 -5.85 -11.34
CA ASN B 226 8.86 -6.21 -12.74
C ASN B 226 10.15 -6.08 -13.52
N GLN B 227 11.05 -5.23 -13.06
CA GLN B 227 12.27 -4.92 -13.79
C GLN B 227 13.48 -5.63 -13.21
N LEU B 228 13.27 -6.67 -12.42
CA LEU B 228 14.40 -7.35 -11.80
C LEU B 228 15.07 -8.27 -12.80
N SER B 229 16.39 -8.30 -12.75
CA SER B 229 17.17 -9.27 -13.50
C SER B 229 17.88 -10.18 -12.51
N GLN B 230 17.58 -11.47 -12.58
CA GLN B 230 18.15 -12.41 -11.64
C GLN B 230 19.63 -12.63 -11.90
N ILE B 231 19.99 -12.85 -13.16
CA ILE B 231 21.37 -13.10 -13.55
C ILE B 231 21.75 -12.09 -14.62
N LEU B 232 22.92 -11.48 -14.47
CA LEU B 232 23.53 -10.78 -15.57
C LEU B 232 24.98 -11.23 -15.64
N ALA B 233 25.22 -12.31 -16.37
CA ALA B 233 26.57 -12.78 -16.63
C ALA B 233 27.29 -11.81 -17.55
N PRO B 234 28.62 -11.74 -17.47
CA PRO B 234 29.36 -10.83 -18.35
C PRO B 234 29.28 -11.23 -19.81
N ASN B 235 29.40 -10.20 -20.66
CA ASN B 235 29.18 -10.27 -22.10
C ASN B 235 27.80 -10.82 -22.43
N ASN B 236 26.80 -10.32 -21.71
CA ASN B 236 25.43 -10.73 -21.94
C ASN B 236 24.48 -9.56 -21.77
N TYR B 237 23.26 -9.78 -22.23
CA TYR B 237 22.18 -8.82 -22.18
C TYR B 237 21.04 -9.40 -21.36
N TYR B 238 20.30 -8.51 -20.73
CA TYR B 238 19.02 -8.87 -20.12
C TYR B 238 17.97 -7.93 -20.69
N PRO B 239 17.00 -8.45 -21.43
CA PRO B 239 16.88 -9.84 -21.85
C PRO B 239 17.78 -10.10 -23.03
N SER B 240 17.78 -11.34 -23.52
CA SER B 240 18.66 -11.72 -24.61
C SER B 240 18.32 -10.96 -25.88
N LYS B 241 19.31 -10.94 -26.79
CA LYS B 241 19.26 -10.07 -27.94
C LYS B 241 18.17 -10.46 -28.92
N ASN B 242 17.81 -11.74 -28.97
CA ASN B 242 16.69 -12.15 -29.81
C ASN B 242 15.36 -11.65 -29.27
N LEU B 243 15.26 -11.49 -27.96
CA LEU B 243 14.01 -11.04 -27.38
C LEU B 243 13.94 -9.53 -27.37
N ALA B 244 12.76 -9.01 -27.09
CA ALA B 244 12.51 -7.58 -27.10
C ALA B 244 12.87 -6.98 -25.73
N PRO B 245 13.31 -5.72 -25.69
CA PRO B 245 13.70 -5.10 -24.42
C PRO B 245 12.52 -4.91 -23.50
N ILE B 246 12.83 -4.64 -22.24
CA ILE B 246 11.80 -4.62 -21.22
C ILE B 246 11.21 -3.21 -21.13
N ALA B 247 10.06 -3.13 -20.48
CA ALA B 247 9.27 -1.90 -20.41
C ALA B 247 9.29 -1.36 -18.99
N LEU B 248 9.68 -0.10 -18.86
CA LEU B 248 9.63 0.62 -17.60
C LEU B 248 8.62 1.75 -17.72
N ASN B 249 7.58 1.69 -16.90
CA ASN B 249 6.53 2.70 -17.01
C ASN B 249 5.94 3.11 -15.66
N ALA B 250 6.63 2.80 -14.56
CA ALA B 250 6.06 3.12 -13.23
C ALA B 250 7.14 3.52 -12.22
N GLN B 251 7.15 4.81 -11.83
CA GLN B 251 8.10 5.38 -10.85
C GLN B 251 7.87 4.78 -9.45
N ASP B 252 6.60 4.62 -9.06
CA ASP B 252 6.21 4.15 -7.70
C ASP B 252 6.67 2.72 -7.40
N ASP B 253 6.83 2.43 -6.10
CA ASP B 253 7.22 1.10 -5.55
C ASP B 253 6.23 0.01 -5.97
N PHE B 254 5.03 -0.01 -5.38
CA PHE B 254 4.03 -1.02 -5.81
C PHE B 254 3.67 -0.80 -7.27
N SER B 255 4.34 0.12 -7.92
CA SER B 255 4.22 0.32 -9.39
C SER B 255 2.78 0.58 -9.82
N SER B 256 2.07 1.48 -9.12
CA SER B 256 0.66 1.78 -9.46
C SER B 256 0.49 3.22 -10.00
N THR B 257 1.58 3.84 -10.47
CA THR B 257 1.51 5.20 -10.98
C THR B 257 2.35 5.31 -12.25
N PRO B 258 1.77 5.76 -13.35
CA PRO B 258 2.56 5.97 -14.56
C PRO B 258 3.47 7.17 -14.44
N ILE B 259 4.43 7.22 -15.35
CA ILE B 259 5.43 8.28 -15.36
C ILE B 259 4.84 9.49 -16.08
N THR B 260 4.68 10.58 -15.34
CA THR B 260 3.85 11.72 -15.72
C THR B 260 4.70 12.82 -16.35
N MET B 261 4.15 13.47 -17.38
CA MET B 261 4.76 14.62 -18.02
C MET B 261 3.72 15.72 -18.16
N ASN B 262 4.11 16.94 -17.83
CA ASN B 262 3.21 18.08 -17.92
C ASN B 262 3.21 18.65 -19.34
N TYR B 263 2.69 19.86 -19.49
CA TYR B 263 2.35 20.37 -20.81
C TYR B 263 3.56 20.93 -21.54
N ASN B 264 4.34 21.76 -20.87
CA ASN B 264 5.45 22.44 -21.53
C ASN B 264 6.54 21.46 -21.92
N GLN B 265 6.79 20.48 -21.05
CA GLN B 265 7.74 19.42 -21.37
C GLN B 265 7.24 18.56 -22.52
N PHE B 266 5.93 18.38 -22.63
CA PHE B 266 5.36 17.63 -23.73
C PHE B 266 5.56 18.35 -25.06
N LEU B 267 5.35 19.67 -25.05
CA LEU B 267 5.58 20.46 -26.24
C LEU B 267 7.05 20.46 -26.63
N GLU B 268 7.94 20.60 -25.64
CA GLU B 268 9.36 20.63 -25.91
C GLU B 268 9.86 19.28 -26.40
N LEU B 269 9.25 18.20 -25.92
CA LEU B 269 9.64 16.88 -26.40
C LEU B 269 9.18 16.66 -27.82
N GLU B 270 7.95 17.03 -28.14
CA GLU B 270 7.51 16.87 -29.51
C GLU B 270 8.16 17.85 -30.48
N LYS B 271 8.78 18.92 -29.98
CA LYS B 271 9.57 19.77 -30.86
C LYS B 271 10.97 19.21 -31.04
N THR B 272 11.67 18.94 -29.95
CA THR B 272 13.11 18.71 -30.00
C THR B 272 13.47 17.24 -30.13
N LYS B 273 12.60 16.34 -29.67
CA LYS B 273 12.79 14.88 -29.70
C LYS B 273 14.06 14.44 -28.96
N GLN B 274 14.46 15.20 -27.95
CA GLN B 274 15.67 14.91 -27.20
C GLN B 274 15.26 14.39 -25.82
N LEU B 275 15.34 13.09 -25.64
CA LEU B 275 14.97 12.45 -24.39
C LEU B 275 16.05 11.43 -24.08
N ARG B 276 16.89 11.74 -23.11
CA ARG B 276 18.03 10.90 -22.81
C ARG B 276 17.83 10.18 -21.48
N LEU B 277 18.65 9.16 -21.28
CA LEU B 277 18.49 8.22 -20.19
C LEU B 277 19.83 8.05 -19.50
N ASP B 278 19.86 8.27 -18.20
CA ASP B 278 21.09 8.14 -17.44
C ASP B 278 21.02 6.97 -16.47
N THR B 279 22.15 6.32 -16.28
CA THR B 279 22.29 5.19 -15.36
C THR B 279 23.08 5.68 -14.16
N ASP B 280 22.38 5.96 -13.07
CA ASP B 280 23.02 6.59 -11.93
C ASP B 280 23.77 5.57 -11.08
N GLN B 281 23.08 4.53 -10.63
CA GLN B 281 23.72 3.49 -9.84
C GLN B 281 22.92 2.21 -10.01
N VAL B 282 23.59 1.09 -9.74
CA VAL B 282 23.03 -0.22 -10.00
C VAL B 282 23.10 -1.02 -8.72
N TYR B 283 21.96 -1.53 -8.27
CA TYR B 283 21.95 -2.45 -7.15
C TYR B 283 22.12 -3.87 -7.65
N GLY B 284 22.81 -4.68 -6.85
CA GLY B 284 23.03 -6.07 -7.20
C GLY B 284 23.92 -6.82 -6.22
N ASN B 285 23.67 -8.12 -6.08
CA ASN B 285 24.28 -8.90 -5.03
C ASN B 285 25.39 -9.81 -5.55
N ILE B 286 26.17 -10.34 -4.60
CA ILE B 286 27.20 -11.34 -4.88
C ILE B 286 26.69 -12.68 -4.40
N ALA B 287 26.92 -13.72 -5.20
CA ALA B 287 26.81 -15.09 -4.74
C ALA B 287 28.21 -15.63 -4.46
N THR B 288 28.39 -16.22 -3.30
CA THR B 288 29.68 -16.74 -2.87
C THR B 288 29.68 -18.25 -2.83
N TYR B 289 30.87 -18.81 -2.96
CA TYR B 289 31.04 -20.25 -2.88
C TYR B 289 30.86 -20.73 -1.45
N ASN B 290 30.27 -21.91 -1.29
CA ASN B 290 30.16 -22.56 0.00
C ASN B 290 31.11 -23.75 0.02
N PHE B 291 31.98 -23.80 1.02
CA PHE B 291 32.86 -24.93 1.18
C PHE B 291 32.14 -26.15 1.72
N GLU B 292 30.92 -25.97 2.22
CA GLU B 292 30.16 -27.08 2.76
C GLU B 292 29.75 -28.07 1.67
N ASN B 293 28.98 -27.60 0.70
CA ASN B 293 28.43 -28.50 -0.31
C ASN B 293 28.79 -28.06 -1.73
N GLY B 294 29.71 -27.13 -1.88
CA GLY B 294 30.05 -26.63 -3.18
C GLY B 294 29.06 -25.68 -3.81
N ARG B 295 27.91 -25.45 -3.19
CA ARG B 295 26.87 -24.67 -3.85
C ARG B 295 27.13 -23.19 -3.65
N VAL B 296 27.16 -22.46 -4.76
CA VAL B 296 27.35 -21.02 -4.70
C VAL B 296 26.01 -20.39 -4.37
N ARG B 297 25.96 -19.65 -3.27
CA ARG B 297 24.72 -19.13 -2.73
C ARG B 297 24.75 -17.62 -2.68
N VAL B 298 23.60 -17.00 -2.89
CA VAL B 298 23.50 -15.56 -2.86
C VAL B 298 23.38 -15.10 -1.42
N ASP B 299 24.26 -14.19 -1.01
CA ASP B 299 24.03 -13.38 0.18
C ASP B 299 23.21 -12.18 -0.26
N THR B 300 21.97 -12.11 0.20
CA THR B 300 21.14 -10.94 -0.08
C THR B 300 21.60 -9.73 0.71
N GLY B 301 22.37 -9.91 1.77
CA GLY B 301 22.82 -8.78 2.55
C GLY B 301 23.89 -7.98 1.83
N SER B 302 24.92 -8.66 1.32
CA SER B 302 26.01 -7.98 0.68
C SER B 302 25.64 -7.56 -0.74
N ASN B 303 26.23 -6.45 -1.19
CA ASN B 303 26.05 -5.96 -2.54
C ASN B 303 27.37 -5.45 -3.08
N TRP B 304 27.43 -5.27 -4.39
CA TRP B 304 28.62 -4.75 -5.04
C TRP B 304 28.91 -3.31 -4.70
N SER B 305 27.93 -2.61 -4.11
CA SER B 305 28.13 -1.27 -3.59
C SER B 305 29.22 -1.23 -2.53
N GLU B 306 29.36 -2.31 -1.78
CA GLU B 306 30.43 -2.39 -0.79
C GLU B 306 31.79 -2.57 -1.44
N VAL B 307 31.83 -3.13 -2.64
CA VAL B 307 33.03 -3.74 -3.16
C VAL B 307 33.68 -2.89 -4.24
N LEU B 308 32.87 -2.29 -5.11
CA LEU B 308 33.42 -1.55 -6.25
C LEU B 308 34.32 -0.37 -5.89
N PRO B 309 34.03 0.49 -4.90
CA PRO B 309 35.04 1.50 -4.56
C PRO B 309 36.28 0.93 -3.91
N GLN B 310 36.17 -0.24 -3.28
CA GLN B 310 37.36 -0.89 -2.76
C GLN B 310 38.27 -1.33 -3.89
N ILE B 311 37.68 -1.78 -4.99
CA ILE B 311 38.47 -2.18 -6.15
C ILE B 311 39.06 -0.98 -6.84
N GLN B 312 38.27 0.09 -6.95
CA GLN B 312 38.71 1.28 -7.69
C GLN B 312 39.84 1.99 -7.00
N GLU B 313 39.90 1.95 -5.68
CA GLU B 313 40.92 2.69 -4.97
C GLU B 313 42.20 1.90 -4.74
N THR B 314 42.26 0.66 -5.22
CA THR B 314 43.41 -0.18 -4.95
C THR B 314 44.08 -0.72 -6.21
N THR B 315 43.53 -0.46 -7.38
CA THR B 315 44.01 -1.07 -8.60
C THR B 315 44.39 0.00 -9.61
N ALA B 316 45.12 -0.44 -10.63
CA ALA B 316 45.35 0.35 -11.83
C ALA B 316 44.36 -0.12 -12.90
N ARG B 317 43.77 0.84 -13.60
CA ARG B 317 42.78 0.55 -14.64
C ARG B 317 43.42 0.70 -16.01
N ILE B 318 43.19 -0.28 -16.88
CA ILE B 318 43.72 -0.28 -18.23
C ILE B 318 42.59 -0.55 -19.20
N ILE B 319 42.39 0.34 -20.16
CA ILE B 319 41.39 0.19 -21.19
C ILE B 319 42.10 -0.02 -22.51
N PHE B 320 41.61 -0.99 -23.28
CA PHE B 320 42.26 -1.43 -24.50
C PHE B 320 41.21 -1.83 -25.52
N ASN B 321 41.43 -1.45 -26.78
CA ASN B 321 40.41 -1.62 -27.80
C ASN B 321 40.97 -2.30 -29.04
N GLY B 322 41.95 -3.18 -28.87
CA GLY B 322 42.45 -3.89 -30.03
C GLY B 322 41.65 -5.09 -30.43
N LYS B 323 40.72 -5.53 -29.57
CA LYS B 323 39.82 -6.63 -29.90
C LYS B 323 38.55 -6.01 -30.47
N ASP B 324 38.55 -5.86 -31.79
CA ASP B 324 37.38 -5.45 -32.59
C ASP B 324 36.87 -4.08 -32.17
N LEU B 325 37.81 -3.18 -31.85
CA LEU B 325 37.57 -1.76 -31.62
C LEU B 325 36.61 -1.53 -30.46
N ASN B 326 36.64 -2.43 -29.47
CA ASN B 326 35.72 -2.40 -28.36
C ASN B 326 36.49 -2.13 -27.09
N LEU B 327 36.03 -1.16 -26.31
CA LEU B 327 36.74 -0.74 -25.12
C LEU B 327 36.63 -1.81 -24.05
N VAL B 328 37.76 -2.43 -23.73
CA VAL B 328 37.83 -3.49 -22.75
C VAL B 328 38.61 -2.96 -21.56
N GLU B 329 37.98 -2.99 -20.39
CA GLU B 329 38.52 -2.43 -19.16
C GLU B 329 38.93 -3.55 -18.23
N ARG B 330 40.15 -3.47 -17.70
CA ARG B 330 40.63 -4.42 -16.71
C ARG B 330 41.32 -3.68 -15.59
N ARG B 331 41.03 -4.06 -14.36
CA ARG B 331 41.68 -3.49 -13.19
C ARG B 331 42.62 -4.52 -12.59
N ILE B 332 43.85 -4.10 -12.33
CA ILE B 332 44.92 -4.97 -11.88
C ILE B 332 45.44 -4.42 -10.58
N ALA B 333 45.58 -5.28 -9.58
CA ALA B 333 46.01 -4.85 -8.26
C ALA B 333 47.46 -4.37 -8.31
N ALA B 334 47.69 -3.15 -7.85
CA ALA B 334 49.03 -2.58 -7.83
C ALA B 334 49.22 -1.80 -6.53
N VAL B 335 50.48 -1.58 -6.18
CA VAL B 335 50.85 -1.17 -4.84
C VAL B 335 50.68 0.33 -4.68
N ASN B 336 49.99 0.74 -3.62
CA ASN B 336 50.05 2.11 -3.13
C ASN B 336 51.12 2.17 -2.06
N PRO B 337 52.17 2.97 -2.25
CA PRO B 337 53.29 2.97 -1.29
C PRO B 337 52.93 3.56 0.06
N SER B 338 51.97 4.47 0.11
CA SER B 338 51.63 5.13 1.37
C SER B 338 50.68 4.31 2.23
N ASP B 339 50.28 3.13 1.77
CA ASP B 339 49.37 2.27 2.52
C ASP B 339 50.11 0.98 2.87
N PRO B 340 50.31 0.69 4.15
CA PRO B 340 51.16 -0.45 4.53
C PRO B 340 50.55 -1.79 4.17
N LEU B 341 49.24 -1.94 4.30
CA LEU B 341 48.61 -3.19 3.90
C LEU B 341 48.66 -3.37 2.40
N GLU B 342 48.56 -2.27 1.65
CA GLU B 342 48.58 -2.35 0.20
C GLU B 342 49.96 -2.71 -0.33
N THR B 343 51.00 -2.41 0.44
CA THR B 343 52.37 -2.75 0.04
C THR B 343 52.69 -4.23 0.21
N THR B 344 51.79 -5.02 0.76
CA THR B 344 52.03 -6.44 0.98
C THR B 344 51.85 -7.27 -0.29
N LYS B 345 51.45 -6.64 -1.38
CA LYS B 345 51.25 -7.33 -2.64
C LYS B 345 52.57 -7.50 -3.38
N PRO B 346 52.69 -8.52 -4.22
CA PRO B 346 53.85 -8.61 -5.11
C PRO B 346 53.83 -7.51 -6.15
N ASP B 347 55.02 -7.17 -6.63
CA ASP B 347 55.18 -6.06 -7.55
C ASP B 347 54.65 -6.43 -8.93
N MET B 348 54.12 -5.44 -9.63
CA MET B 348 53.56 -5.64 -10.96
C MET B 348 54.26 -4.74 -11.96
N THR B 349 54.99 -5.34 -12.89
CA THR B 349 55.47 -4.60 -14.04
C THR B 349 54.34 -4.45 -15.04
N LEU B 350 54.55 -3.53 -15.98
CA LEU B 350 53.53 -3.28 -16.99
C LEU B 350 53.41 -4.43 -17.96
N LYS B 351 54.54 -5.03 -18.35
CA LYS B 351 54.52 -6.09 -19.35
C LYS B 351 53.87 -7.35 -18.80
N GLU B 352 54.14 -7.68 -17.54
CA GLU B 352 53.48 -8.80 -16.88
C GLU B 352 51.98 -8.57 -16.79
N ALA B 353 51.59 -7.33 -16.51
CA ALA B 353 50.17 -6.98 -16.41
C ALA B 353 49.48 -7.14 -17.76
N LEU B 354 50.13 -6.67 -18.82
CA LEU B 354 49.57 -6.79 -20.16
C LEU B 354 49.54 -8.25 -20.62
N LYS B 355 50.46 -9.05 -20.11
CA LYS B 355 50.47 -10.46 -20.45
C LYS B 355 49.31 -11.19 -19.79
N ILE B 356 49.10 -10.95 -18.49
CA ILE B 356 48.10 -11.72 -17.78
C ILE B 356 46.69 -11.16 -18.00
N ALA B 357 46.58 -9.89 -18.36
CA ALA B 357 45.27 -9.26 -18.42
C ALA B 357 44.64 -9.40 -19.79
N PHE B 358 45.43 -9.35 -20.84
CA PHE B 358 44.91 -9.29 -22.19
C PHE B 358 45.30 -10.51 -22.99
N GLY B 359 45.94 -11.50 -22.37
CA GLY B 359 46.38 -12.67 -23.09
C GLY B 359 47.56 -12.40 -24.00
N PHE B 360 48.38 -11.41 -23.67
CA PHE B 360 49.52 -11.11 -24.52
C PHE B 360 50.60 -12.16 -24.36
N ASN B 361 51.51 -12.19 -25.32
CA ASN B 361 52.60 -13.14 -25.28
C ASN B 361 53.84 -12.54 -25.93
N GLU B 362 54.97 -13.16 -25.64
CA GLU B 362 56.21 -12.93 -26.38
C GLU B 362 56.60 -14.23 -27.04
N PRO B 363 56.02 -14.53 -28.21
CA PRO B 363 56.35 -15.78 -28.89
C PRO B 363 57.74 -15.79 -29.48
N ASN B 364 58.32 -14.60 -29.72
CA ASN B 364 59.69 -14.47 -30.18
C ASN B 364 60.39 -13.40 -29.38
N GLY B 365 60.13 -13.36 -28.08
CA GLY B 365 60.69 -12.32 -27.24
C GLY B 365 60.09 -10.95 -27.45
N ASN B 366 58.95 -10.85 -28.14
CA ASN B 366 58.34 -9.57 -28.46
C ASN B 366 56.87 -9.61 -28.09
N LEU B 367 56.45 -8.60 -27.33
CA LEU B 367 55.12 -8.59 -26.74
C LEU B 367 54.07 -8.41 -27.82
N GLN B 368 53.13 -9.34 -27.91
CA GLN B 368 52.20 -9.34 -29.02
C GLN B 368 50.79 -9.65 -28.54
N TYR B 369 49.84 -8.97 -29.17
CA TYR B 369 48.43 -9.21 -28.97
C TYR B 369 48.10 -9.87 -30.30
N GLN B 370 47.66 -11.13 -30.24
CA GLN B 370 47.38 -11.93 -31.44
C GLN B 370 48.67 -11.91 -32.27
N GLY B 371 48.57 -11.57 -33.55
CA GLY B 371 49.73 -11.51 -34.41
C GLY B 371 50.28 -10.09 -34.60
N LYS B 372 49.75 -9.15 -33.82
CA LYS B 372 50.12 -7.75 -33.93
C LYS B 372 51.15 -7.37 -32.87
N ASP B 373 52.12 -6.56 -33.27
CA ASP B 373 53.13 -6.08 -32.34
C ASP B 373 52.52 -5.02 -31.42
N ILE B 374 53.12 -4.91 -30.24
CA ILE B 374 52.74 -3.89 -29.27
C ILE B 374 53.14 -2.51 -29.75
N THR B 375 54.14 -2.42 -30.62
CA THR B 375 54.63 -1.13 -31.08
C THR B 375 53.68 -0.42 -32.01
N GLU B 376 52.67 -1.12 -32.53
CA GLU B 376 51.62 -0.49 -33.30
C GLU B 376 50.49 0.05 -32.43
N PHE B 377 50.65 0.01 -31.11
CA PHE B 377 49.69 0.57 -30.18
C PHE B 377 50.30 1.77 -29.47
N ASP B 378 49.47 2.77 -29.22
CA ASP B 378 49.91 3.98 -28.53
C ASP B 378 49.28 4.07 -27.15
N PHE B 379 49.99 4.78 -26.27
CA PHE B 379 49.67 4.85 -24.86
C PHE B 379 49.15 6.23 -24.51
N ASN B 380 48.24 6.27 -23.56
CA ASN B 380 47.63 7.51 -23.11
C ASN B 380 47.43 7.43 -21.61
N PHE B 381 47.68 8.55 -20.95
CA PHE B 381 47.68 8.59 -19.49
C PHE B 381 47.02 9.89 -19.06
N ASP B 382 46.31 9.82 -17.95
CA ASP B 382 45.92 11.06 -17.30
C ASP B 382 47.14 11.65 -16.58
N GLN B 383 46.95 12.88 -16.09
CA GLN B 383 48.04 13.77 -15.73
C GLN B 383 48.87 13.22 -14.59
N GLN B 384 48.22 12.59 -13.61
CA GLN B 384 48.93 11.99 -12.50
C GLN B 384 49.74 10.79 -12.95
N THR B 385 49.12 9.89 -13.71
CA THR B 385 49.81 8.71 -14.20
C THR B 385 50.89 9.08 -15.21
N SER B 386 50.61 10.08 -16.06
CA SER B 386 51.62 10.53 -17.01
C SER B 386 52.80 11.16 -16.31
N GLN B 387 52.55 11.89 -15.22
CA GLN B 387 53.63 12.44 -14.41
C GLN B 387 54.47 11.34 -13.77
N ASN B 388 53.80 10.30 -13.27
CA ASN B 388 54.53 9.22 -12.62
C ASN B 388 55.35 8.42 -13.63
N ILE B 389 54.80 8.22 -14.82
CA ILE B 389 55.56 7.55 -15.89
C ILE B 389 56.72 8.42 -16.34
N LYS B 390 56.54 9.73 -16.35
CA LYS B 390 57.62 10.65 -16.66
C LYS B 390 58.74 10.54 -15.64
N ASN B 391 58.38 10.43 -14.36
CA ASN B 391 59.37 10.30 -13.31
C ASN B 391 60.10 8.96 -13.40
N GLN B 392 59.36 7.89 -13.71
CA GLN B 392 59.99 6.58 -13.83
C GLN B 392 60.92 6.50 -15.03
N LEU B 393 60.55 7.14 -16.14
CA LEU B 393 61.43 7.17 -17.30
C LEU B 393 62.62 8.07 -17.07
N ALA B 394 62.46 9.11 -16.24
CA ALA B 394 63.59 9.94 -15.87
C ALA B 394 64.58 9.15 -15.02
N GLU B 395 64.07 8.30 -14.14
CA GLU B 395 64.96 7.52 -13.31
C GLU B 395 65.61 6.38 -14.09
N LEU B 396 64.91 5.83 -15.09
CA LEU B 396 65.48 4.74 -15.86
C LEU B 396 66.37 5.23 -16.99
N ASN B 397 66.41 6.54 -17.23
CA ASN B 397 67.23 7.18 -18.27
C ASN B 397 66.91 6.64 -19.66
N ALA B 398 65.67 6.24 -19.88
CA ALA B 398 65.24 5.72 -21.17
C ALA B 398 64.27 6.67 -21.82
N THR B 399 64.12 6.53 -23.13
CA THR B 399 63.22 7.36 -23.92
C THR B 399 62.04 6.59 -24.48
N ASN B 400 62.29 5.49 -25.19
CA ASN B 400 61.21 4.67 -25.68
C ASN B 400 60.62 3.88 -24.51
N ILE B 401 59.32 4.03 -24.30
CA ILE B 401 58.65 3.22 -23.30
C ILE B 401 58.57 1.77 -23.75
N TYR B 402 58.55 1.53 -25.08
CA TYR B 402 58.34 0.20 -25.62
C TYR B 402 59.51 -0.72 -25.36
N THR B 403 60.66 -0.16 -25.01
CA THR B 403 61.83 -0.94 -24.66
C THR B 403 61.83 -1.37 -23.19
N VAL B 404 61.10 -0.66 -22.33
CA VAL B 404 61.28 -0.83 -20.90
C VAL B 404 60.01 -1.28 -20.22
N LEU B 405 59.16 -1.99 -20.97
CA LEU B 405 57.85 -2.40 -20.48
C LEU B 405 57.93 -3.41 -19.34
N ASP B 406 59.03 -4.13 -19.25
CA ASP B 406 59.30 -5.04 -18.15
C ASP B 406 59.81 -4.34 -16.90
N LYS B 407 59.98 -3.03 -16.94
CA LYS B 407 60.54 -2.30 -15.82
C LYS B 407 59.59 -1.24 -15.29
N ILE B 408 58.44 -1.04 -15.91
CA ILE B 408 57.52 0.01 -15.51
C ILE B 408 56.75 -0.47 -14.29
N LYS B 409 57.05 0.13 -13.14
CA LYS B 409 56.34 -0.22 -11.91
C LYS B 409 54.99 0.46 -11.89
N LEU B 410 53.95 -0.33 -11.66
CA LEU B 410 52.60 0.19 -11.62
C LEU B 410 52.19 0.50 -10.19
N ASN B 411 51.17 1.34 -10.05
CA ASN B 411 50.69 1.76 -8.75
C ASN B 411 49.18 1.79 -8.76
N ALA B 412 48.61 2.03 -7.59
CA ALA B 412 47.16 2.10 -7.49
C ALA B 412 46.65 3.37 -8.15
N LYS B 413 45.40 3.30 -8.60
CA LYS B 413 44.64 4.42 -9.19
C LYS B 413 45.24 4.92 -10.49
N MET B 414 46.06 4.12 -11.16
CA MET B 414 46.55 4.50 -12.46
C MET B 414 45.49 4.28 -13.53
N ASN B 415 45.64 4.97 -14.65
CA ASN B 415 44.72 4.87 -15.77
C ASN B 415 45.52 4.84 -17.06
N ILE B 416 45.39 3.75 -17.81
CA ILE B 416 46.22 3.50 -18.99
C ILE B 416 45.31 3.18 -20.16
N LEU B 417 45.28 4.06 -21.15
CA LEU B 417 44.52 3.84 -22.37
C LEU B 417 45.46 3.39 -23.47
N ILE B 418 45.18 2.24 -24.08
CA ILE B 418 46.04 1.71 -25.12
C ILE B 418 45.20 1.56 -26.38
N ARG B 419 45.53 2.32 -27.41
CA ARG B 419 44.77 2.31 -28.64
C ARG B 419 45.64 1.86 -29.81
N ASP B 420 45.00 1.68 -30.96
CA ASP B 420 45.72 1.38 -32.18
C ASP B 420 46.25 2.68 -32.77
N LYS B 421 47.47 2.62 -33.29
CA LYS B 421 48.06 3.78 -33.94
C LYS B 421 47.48 4.06 -35.31
N ARG B 422 46.83 3.05 -35.91
CA ARG B 422 46.33 3.15 -37.31
C ARG B 422 45.07 4.02 -37.45
N PHE B 423 44.11 3.90 -36.53
CA PHE B 423 42.84 4.60 -36.70
C PHE B 423 42.88 5.96 -36.02
N HIS B 424 41.92 6.79 -36.43
CA HIS B 424 41.70 8.15 -35.85
C HIS B 424 40.63 8.01 -34.77
N TYR B 425 40.76 8.74 -33.67
CA TYR B 425 39.82 8.62 -32.57
C TYR B 425 39.18 9.98 -32.29
N ASP B 426 37.96 9.91 -31.77
CA ASP B 426 37.15 11.07 -31.43
C ASP B 426 37.32 11.42 -29.94
N ARG B 427 36.45 12.30 -29.45
CA ARG B 427 36.42 12.65 -28.02
C ARG B 427 36.15 11.41 -27.16
N ASN B 428 35.20 10.58 -27.58
CA ASN B 428 34.81 9.39 -26.83
C ASN B 428 35.69 8.17 -27.12
N ASN B 429 36.83 8.37 -27.80
CA ASN B 429 37.83 7.34 -28.08
C ASN B 429 37.24 6.15 -28.84
N ILE B 430 36.35 6.45 -29.77
CA ILE B 430 35.80 5.45 -30.68
C ILE B 430 36.67 5.52 -31.94
N ALA B 431 36.74 4.39 -32.66
CA ALA B 431 37.50 4.33 -33.93
C ALA B 431 36.61 4.89 -35.05
N VAL B 432 36.54 6.21 -35.17
CA VAL B 432 35.69 6.91 -36.19
C VAL B 432 36.03 6.40 -37.59
N GLY B 433 37.22 6.74 -38.09
CA GLY B 433 37.68 6.34 -39.44
C GLY B 433 39.19 6.25 -39.54
N ALA B 434 39.69 5.24 -40.26
CA ALA B 434 41.14 5.02 -40.45
C ALA B 434 41.75 6.05 -41.41
N ASP B 435 43.06 6.26 -41.32
CA ASP B 435 43.81 7.22 -42.17
C ASP B 435 43.64 6.85 -43.65
N GLU B 436 43.55 7.85 -44.53
CA GLU B 436 43.36 7.65 -45.99
C GLU B 436 44.35 6.61 -46.54
N SER B 437 45.60 6.62 -46.10
CA SER B 437 46.58 5.60 -46.58
C SER B 437 46.10 4.19 -46.19
N VAL B 438 45.70 4.03 -44.93
CA VAL B 438 45.22 2.73 -44.34
C VAL B 438 44.05 2.17 -45.14
N VAL B 439 43.10 3.02 -45.53
CA VAL B 439 41.92 2.57 -46.33
C VAL B 439 42.45 1.79 -47.55
N LYS B 440 43.42 2.36 -48.26
CA LYS B 440 44.02 1.72 -49.46
C LYS B 440 44.73 0.43 -49.05
N GLU B 441 45.47 0.47 -47.93
CA GLU B 441 46.23 -0.71 -47.43
C GLU B 441 45.37 -1.98 -47.44
N ALA B 442 44.15 -1.92 -46.89
CA ALA B 442 43.29 -3.12 -46.75
C ALA B 442 42.49 -3.46 -48.01
N HIS B 443 42.55 -2.62 -49.05
CA HIS B 443 41.77 -2.92 -50.29
C HIS B 443 42.66 -3.56 -51.36
N ARG B 444 43.88 -3.93 -50.99
CA ARG B 444 44.87 -4.55 -51.92
C ARG B 444 44.25 -5.76 -52.64
N GLU B 445 43.39 -6.53 -51.97
CA GLU B 445 42.80 -7.77 -52.58
C GLU B 445 41.85 -7.44 -53.74
N VAL B 446 41.74 -8.37 -54.70
CA VAL B 446 40.84 -8.23 -55.88
C VAL B 446 39.95 -9.50 -55.96
N ILE B 447 38.62 -9.31 -56.04
CA ILE B 447 37.64 -10.43 -56.12
C ILE B 447 36.69 -10.15 -57.30
N ASN B 448 35.99 -11.18 -57.79
CA ASN B 448 35.05 -11.10 -58.95
C ASN B 448 33.93 -10.06 -58.73
N SER B 449 33.44 -9.49 -59.84
CA SER B 449 32.41 -8.43 -59.83
C SER B 449 31.20 -8.76 -60.71
N SER B 450 30.21 -7.85 -60.65
CA SER B 450 28.95 -7.85 -61.37
C SER B 450 28.46 -6.42 -61.50
N THR B 451 27.48 -6.20 -62.38
CA THR B 451 26.82 -4.92 -62.49
C THR B 451 25.73 -4.75 -61.45
N GLU B 452 25.59 -5.78 -60.62
CA GLU B 452 24.59 -5.90 -59.55
C GLU B 452 25.23 -5.41 -58.25
N GLY B 453 26.40 -5.95 -57.94
CA GLY B 453 27.11 -5.58 -56.73
C GLY B 453 28.56 -5.99 -56.79
N LEU B 454 29.22 -5.84 -55.64
CA LEU B 454 30.61 -6.26 -55.46
C LEU B 454 30.72 -7.08 -54.19
N LEU B 455 31.61 -8.08 -54.31
CA LEU B 455 31.97 -9.15 -53.34
C LEU B 455 33.49 -9.27 -53.12
N LEU B 456 33.95 -8.88 -51.91
CA LEU B 456 35.39 -8.95 -51.50
C LEU B 456 35.43 -9.22 -50.00
N ASN B 457 36.50 -9.84 -49.49
CA ASN B 457 36.63 -10.17 -48.05
C ASN B 457 37.20 -8.97 -47.28
N ILE B 458 36.43 -7.89 -47.16
CA ILE B 458 36.88 -6.67 -46.41
C ILE B 458 37.10 -7.06 -44.94
N ASP B 459 38.23 -6.64 -44.36
CA ASP B 459 38.60 -6.95 -42.99
C ASP B 459 37.60 -6.36 -42.00
N LYS B 460 37.13 -7.21 -41.08
CA LYS B 460 36.09 -6.91 -40.10
C LYS B 460 36.35 -5.67 -39.25
N ASP B 461 37.61 -5.46 -38.84
CA ASP B 461 38.01 -4.26 -38.12
C ASP B 461 37.81 -3.02 -38.98
N ILE B 462 38.41 -3.03 -40.17
CA ILE B 462 38.41 -1.94 -41.14
C ILE B 462 37.02 -1.42 -41.47
N ARG B 463 36.12 -2.32 -41.89
CA ARG B 463 34.74 -1.96 -42.30
C ARG B 463 33.94 -1.21 -41.23
N LYS B 464 34.29 -1.38 -39.96
CA LYS B 464 33.56 -0.75 -38.87
C LYS B 464 33.80 0.76 -38.75
N ILE B 465 34.70 1.31 -39.56
CA ILE B 465 35.03 2.76 -39.51
C ILE B 465 34.58 3.44 -40.82
N LEU B 466 33.78 2.74 -41.62
CA LEU B 466 33.30 3.29 -42.89
C LEU B 466 31.79 3.45 -42.82
N SER B 467 31.32 4.69 -43.01
CA SER B 467 29.88 4.95 -42.97
C SER B 467 29.17 4.35 -44.17
N GLY B 468 29.70 4.56 -45.37
CA GLY B 468 29.01 4.10 -46.55
C GLY B 468 29.91 4.20 -47.77
N TYR B 469 29.30 4.06 -48.94
CA TYR B 469 30.03 4.00 -50.21
C TYR B 469 29.46 4.96 -51.24
N ILE B 470 30.33 5.41 -52.14
CA ILE B 470 29.97 6.36 -53.23
C ILE B 470 30.31 5.69 -54.56
N VAL B 471 29.29 5.42 -55.39
CA VAL B 471 29.51 4.77 -56.71
C VAL B 471 29.25 5.81 -57.80
N GLU B 472 30.18 5.94 -58.76
CA GLU B 472 30.02 6.91 -59.87
C GLU B 472 30.68 6.34 -61.12
N ILE B 473 30.50 6.99 -62.28
CA ILE B 473 31.17 6.53 -63.53
C ILE B 473 31.94 7.73 -64.11
N GLU B 474 33.27 7.75 -63.94
CA GLU B 474 34.12 8.88 -64.42
C GLU B 474 35.35 8.32 -65.15
N ASP B 475 35.97 9.14 -66.00
CA ASP B 475 37.17 8.73 -66.79
C ASP B 475 38.40 9.49 -66.28
N THR B 476 39.57 9.19 -66.86
CA THR B 476 40.87 9.82 -66.51
C THR B 476 40.73 11.32 -66.82
N GLU B 477 40.28 11.67 -68.03
CA GLU B 477 40.06 13.11 -68.37
C GLU B 477 38.91 13.60 -67.48
N GLY B 478 37.90 12.74 -67.35
CA GLY B 478 36.73 12.94 -66.48
C GLY B 478 35.38 13.11 -67.16
N LEU B 479 34.34 12.51 -66.55
CA LEU B 479 32.94 12.57 -67.02
C LEU B 479 32.04 12.36 -65.78
N LYS B 480 32.27 13.19 -64.75
CA LYS B 480 31.60 13.14 -63.44
C LYS B 480 30.10 12.80 -63.54
N GLU B 481 29.72 11.66 -62.94
CA GLU B 481 28.31 11.20 -62.82
C GLU B 481 28.27 10.11 -61.75
N VAL B 482 27.43 10.32 -60.74
CA VAL B 482 27.33 9.53 -59.52
C VAL B 482 25.95 8.90 -59.47
N ILE B 483 25.86 7.58 -59.35
CA ILE B 483 24.51 6.93 -59.29
C ILE B 483 23.85 7.31 -57.95
N ASN B 484 24.45 6.90 -56.83
CA ASN B 484 23.93 7.23 -55.47
C ASN B 484 24.47 8.60 -55.08
N ASP B 485 23.93 9.66 -55.68
CA ASP B 485 24.41 11.03 -55.45
C ASP B 485 23.52 11.74 -54.44
N ARG B 486 23.51 11.21 -53.21
CA ARG B 486 22.90 11.86 -52.05
C ARG B 486 23.69 11.46 -50.82
N TYR B 487 23.60 12.33 -49.80
CA TYR B 487 24.24 12.07 -48.52
C TYR B 487 23.70 10.82 -47.84
N ASP B 488 22.42 10.50 -48.05
CA ASP B 488 21.79 9.34 -47.46
C ASP B 488 21.60 8.17 -48.44
N MET B 489 22.36 8.16 -49.53
CA MET B 489 22.38 7.02 -50.45
C MET B 489 23.72 6.29 -50.35
N LEU B 490 24.35 6.34 -49.17
CA LEU B 490 25.66 5.74 -48.98
C LEU B 490 25.58 4.30 -48.49
N ASN B 491 24.56 3.96 -47.71
CA ASN B 491 24.45 2.64 -47.11
C ASN B 491 24.05 1.62 -48.17
N ILE B 492 25.04 0.91 -48.72
CA ILE B 492 24.80 -0.18 -49.67
C ILE B 492 25.53 -1.41 -49.19
N SER B 493 26.52 -1.22 -48.32
CA SER B 493 27.41 -2.29 -47.88
C SER B 493 26.69 -3.22 -46.91
N SER B 494 26.38 -4.43 -47.38
CA SER B 494 25.83 -5.48 -46.54
C SER B 494 26.93 -6.49 -46.19
N LEU B 495 26.63 -7.29 -45.15
CA LEU B 495 27.52 -8.40 -44.70
C LEU B 495 26.76 -9.72 -44.94
N ARG B 496 27.16 -10.49 -45.95
CA ARG B 496 26.47 -11.76 -46.30
C ARG B 496 26.91 -12.92 -45.38
N GLN B 497 26.25 -14.07 -45.52
CA GLN B 497 26.50 -15.30 -44.73
C GLN B 497 27.93 -15.79 -44.95
N ASP B 498 28.41 -15.68 -46.20
CA ASP B 498 29.77 -16.14 -46.59
C ASP B 498 30.84 -15.39 -45.79
N GLY B 499 30.63 -14.10 -45.51
CA GLY B 499 31.60 -13.27 -44.79
C GLY B 499 32.34 -12.35 -45.73
N LYS B 500 32.09 -12.50 -47.04
CA LYS B 500 32.67 -11.60 -48.06
C LYS B 500 31.77 -10.37 -48.12
N THR B 501 32.33 -9.18 -47.91
CA THR B 501 31.52 -7.93 -47.88
C THR B 501 30.71 -7.85 -49.17
N PHE B 502 29.41 -7.53 -49.05
CA PHE B 502 28.52 -7.51 -50.24
C PHE B 502 28.01 -6.10 -50.55
N ILE B 503 28.72 -5.40 -51.44
CA ILE B 503 28.29 -4.10 -51.94
C ILE B 503 27.15 -4.36 -52.92
N ASP B 504 26.23 -3.37 -53.10
CA ASP B 504 25.18 -3.40 -54.17
C ASP B 504 24.83 -1.98 -54.65
N PHE B 505 25.39 -1.53 -55.79
CA PHE B 505 25.20 -0.14 -56.34
C PHE B 505 23.76 0.13 -56.82
N LYS B 506 23.03 -0.93 -57.18
CA LYS B 506 21.64 -0.74 -57.67
C LYS B 506 20.70 -0.76 -56.46
N LYS B 507 21.25 -0.65 -55.25
CA LYS B 507 20.42 -0.74 -54.02
C LYS B 507 19.37 0.38 -53.97
N TYR B 508 19.73 1.61 -54.33
CA TYR B 508 18.71 2.68 -54.28
C TYR B 508 18.54 3.31 -55.66
N ASN B 509 17.59 2.74 -56.40
CA ASN B 509 17.17 3.15 -57.77
C ASN B 509 15.82 2.47 -58.06
N ASP B 510 15.11 2.85 -59.12
CA ASP B 510 13.80 2.18 -59.28
C ASP B 510 13.90 0.88 -60.13
N LYS B 511 14.39 -0.20 -59.51
CA LYS B 511 14.43 -1.56 -60.13
C LYS B 511 15.02 -1.52 -61.54
N LEU B 512 16.22 -0.93 -61.66
CA LEU B 512 16.99 -0.84 -62.94
C LEU B 512 18.49 -1.00 -62.63
N PRO B 513 19.36 -1.26 -63.63
CA PRO B 513 20.80 -1.43 -63.39
C PRO B 513 21.61 -0.15 -63.68
N LEU B 514 22.96 -0.26 -63.69
CA LEU B 514 23.81 0.94 -63.95
C LEU B 514 23.92 1.29 -65.45
N TYR B 515 23.92 2.60 -65.73
CA TYR B 515 24.01 3.22 -67.09
C TYR B 515 25.46 3.19 -67.58
N ILE B 516 25.65 3.05 -68.90
CA ILE B 516 27.03 3.01 -69.48
C ILE B 516 27.20 4.07 -70.58
N SER B 517 28.16 4.97 -70.43
CA SER B 517 28.43 5.97 -71.50
C SER B 517 29.08 5.22 -72.66
N ASN B 518 30.31 4.74 -72.45
CA ASN B 518 31.07 3.92 -73.44
C ASN B 518 32.13 3.11 -72.68
N PRO B 519 32.74 2.06 -73.28
CA PRO B 519 33.73 1.25 -72.58
C PRO B 519 34.98 2.03 -72.14
N ASN B 520 35.50 2.92 -73.00
CA ASN B 520 36.73 3.65 -72.61
C ASN B 520 36.55 4.40 -71.29
N TYR B 521 35.34 4.37 -70.71
CA TYR B 521 35.10 5.08 -69.42
C TYR B 521 35.06 4.05 -68.28
N LYS B 522 35.90 4.22 -67.26
CA LYS B 522 35.98 3.23 -66.14
C LYS B 522 34.85 3.43 -65.13
N VAL B 523 34.71 2.46 -64.21
CA VAL B 523 33.69 2.44 -63.11
C VAL B 523 34.44 2.70 -61.80
N ASN B 524 33.82 3.40 -60.83
CA ASN B 524 34.49 3.76 -59.60
C ASN B 524 33.57 3.53 -58.40
N VAL B 525 34.12 2.93 -57.35
CA VAL B 525 33.44 2.79 -56.08
C VAL B 525 34.35 3.36 -54.99
N TYR B 526 33.85 4.38 -54.31
CA TYR B 526 34.62 5.06 -53.23
C TYR B 526 33.98 4.71 -51.88
N ALA B 527 34.68 5.04 -50.80
CA ALA B 527 34.17 4.84 -49.45
C ALA B 527 34.32 6.10 -48.60
N VAL B 528 33.51 6.19 -47.56
CA VAL B 528 33.39 7.38 -46.71
C VAL B 528 33.62 6.97 -45.27
N THR B 529 34.65 7.53 -44.63
CA THR B 529 34.87 7.30 -43.21
C THR B 529 33.84 8.05 -42.37
N LYS B 530 33.71 7.64 -41.10
CA LYS B 530 32.74 8.29 -40.17
C LYS B 530 33.22 9.70 -39.81
N GLU B 531 34.53 9.95 -39.97
CA GLU B 531 35.11 11.29 -39.65
C GLU B 531 34.87 12.25 -40.83
N ASN B 532 34.46 11.71 -41.98
CA ASN B 532 34.20 12.51 -43.16
C ASN B 532 32.74 12.54 -43.59
N THR B 533 31.91 11.65 -43.05
CA THR B 533 30.53 11.57 -43.49
C THR B 533 29.71 12.75 -42.99
N ILE B 534 28.63 13.03 -43.71
CA ILE B 534 27.65 14.02 -43.29
C ILE B 534 26.32 13.30 -43.06
N ILE B 535 25.46 13.93 -42.27
CA ILE B 535 24.21 13.32 -41.82
C ILE B 535 23.03 14.23 -42.09
N ASN B 536 23.31 15.41 -42.63
CA ASN B 536 22.30 16.38 -43.03
C ASN B 536 22.83 17.14 -44.24
N PRO B 537 21.95 17.73 -45.05
CA PRO B 537 22.41 18.57 -46.16
C PRO B 537 23.15 19.81 -45.68
N SER B 538 23.85 20.46 -46.61
CA SER B 538 24.57 21.70 -46.34
C SER B 538 23.63 22.87 -46.05
N GLU B 539 24.24 24.06 -45.90
CA GLU B 539 23.52 25.31 -45.61
C GLU B 539 22.35 25.58 -46.55
N ASN B 540 22.60 25.68 -47.86
CA ASN B 540 21.53 26.05 -48.77
C ASN B 540 20.56 24.91 -49.09
N GLY B 541 20.98 23.90 -49.85
CA GLY B 541 20.14 22.75 -50.10
C GLY B 541 20.85 21.47 -50.45
N ASP B 542 22.16 21.37 -50.17
CA ASP B 542 23.01 20.42 -50.86
C ASP B 542 22.84 18.97 -50.40
N THR B 543 21.97 18.25 -51.10
CA THR B 543 21.74 16.82 -50.89
C THR B 543 22.60 15.97 -51.83
N SER B 544 23.85 16.37 -52.09
CA SER B 544 24.70 15.67 -53.04
C SER B 544 25.98 15.18 -52.37
N THR B 545 26.70 14.31 -53.09
CA THR B 545 27.98 13.75 -52.66
C THR B 545 29.15 14.64 -53.04
N ASN B 546 28.90 15.92 -53.28
CA ASN B 546 29.90 16.85 -53.77
C ASN B 546 30.98 17.12 -52.72
N GLY B 547 30.59 17.64 -51.57
CA GLY B 547 31.54 17.94 -50.52
C GLY B 547 31.76 16.81 -49.54
N ILE B 548 32.33 15.69 -50.00
CA ILE B 548 32.63 14.53 -49.16
C ILE B 548 34.04 14.05 -49.50
N LYS B 549 34.84 13.77 -48.46
CA LYS B 549 36.22 13.33 -48.62
C LYS B 549 36.22 11.84 -48.93
N LYS B 550 36.08 11.55 -50.21
CA LYS B 550 36.02 10.18 -50.71
C LYS B 550 37.42 9.60 -50.88
N ILE B 551 37.48 8.26 -50.87
CA ILE B 551 38.74 7.47 -51.07
C ILE B 551 38.43 6.42 -52.14
N LEU B 552 39.19 6.41 -53.24
CA LEU B 552 38.95 5.44 -54.33
C LEU B 552 39.71 4.14 -54.06
N ILE B 553 38.99 3.07 -53.72
CA ILE B 553 39.61 1.74 -53.45
C ILE B 553 39.11 0.76 -54.51
N PHE B 554 38.34 1.26 -55.49
CA PHE B 554 37.79 0.39 -56.56
C PHE B 554 37.70 1.18 -57.87
N SER B 555 38.46 0.71 -58.89
CA SER B 555 38.48 1.32 -60.21
C SER B 555 38.85 0.29 -61.26
N LYS B 556 37.85 -0.31 -61.90
CA LYS B 556 38.08 -1.29 -62.96
C LYS B 556 37.27 -0.90 -64.19
N LYS B 557 37.70 -1.44 -65.33
CA LYS B 557 37.02 -1.18 -66.61
C LYS B 557 35.69 -1.91 -66.67
N GLY B 558 34.96 -1.65 -67.76
CA GLY B 558 33.62 -2.21 -67.92
C GLY B 558 33.61 -3.57 -68.57
N TYR B 559 34.68 -3.91 -69.30
CA TYR B 559 34.80 -5.22 -69.90
C TYR B 559 35.45 -6.24 -68.95
N GLU B 560 35.80 -5.81 -67.74
CA GLU B 560 36.44 -6.68 -66.75
C GLU B 560 35.52 -6.98 -65.58
N ILE B 561 34.21 -6.79 -65.77
CA ILE B 561 33.23 -6.99 -64.71
C ILE B 561 32.24 -8.04 -65.17
N GLY B 562 31.60 -7.81 -66.30
CA GLY B 562 30.67 -8.75 -66.87
C GLY B 562 29.63 -8.11 -67.77
N THR C 1 51.93 -12.28 28.80
CA THR C 1 50.81 -11.63 28.13
C THR C 1 50.87 -10.12 28.29
N VAL C 2 51.09 -9.41 27.20
CA VAL C 2 51.20 -7.96 27.23
C VAL C 2 49.79 -7.35 27.27
N PRO C 3 49.57 -6.32 28.07
CA PRO C 3 48.22 -5.73 28.16
C PRO C 3 47.88 -4.80 27.00
N ASP C 4 46.60 -4.80 26.64
CA ASP C 4 45.99 -3.86 25.69
C ASP C 4 44.58 -3.62 26.23
N ARG C 5 44.45 -2.59 27.07
CA ARG C 5 43.17 -2.29 27.71
C ARG C 5 42.15 -1.85 26.69
N ASP C 6 42.59 -1.07 25.70
CA ASP C 6 41.73 -0.60 24.63
C ASP C 6 41.32 -1.70 23.67
N ASN C 7 41.93 -2.88 23.77
CA ASN C 7 41.53 -4.11 23.08
C ASN C 7 41.62 -3.96 21.57
N ASP C 8 42.41 -3.01 21.11
CA ASP C 8 42.54 -2.71 19.70
C ASP C 8 43.72 -3.43 19.07
N GLY C 9 44.19 -4.50 19.69
CA GLY C 9 45.23 -5.32 19.10
C GLY C 9 46.61 -4.74 19.19
N ILE C 10 46.77 -3.64 19.92
CA ILE C 10 48.05 -2.95 20.04
C ILE C 10 48.26 -2.57 21.50
N PRO C 11 49.39 -2.94 22.08
CA PRO C 11 49.58 -2.78 23.52
C PRO C 11 49.71 -1.32 23.93
N ASP C 12 49.59 -1.13 25.24
CA ASP C 12 49.31 0.18 25.79
C ASP C 12 50.57 1.03 25.85
N SER C 13 51.70 0.41 26.23
CA SER C 13 52.95 1.13 26.33
C SER C 13 53.44 1.62 24.97
N LEU C 14 53.12 0.89 23.91
CA LEU C 14 53.52 1.34 22.58
C LEU C 14 52.72 2.57 22.16
N GLU C 15 51.41 2.55 22.44
CA GLU C 15 50.56 3.70 22.13
C GLU C 15 50.95 4.91 22.94
N VAL C 16 51.44 4.70 24.16
CA VAL C 16 51.90 5.82 24.97
C VAL C 16 53.23 6.34 24.44
N GLU C 17 54.20 5.47 24.27
CA GLU C 17 55.59 5.88 24.10
C GLU C 17 55.99 6.04 22.66
N GLY C 18 55.14 5.69 21.73
CA GLY C 18 55.52 5.87 20.34
C GLY C 18 55.79 4.54 19.68
N TYR C 19 55.33 4.43 18.43
CA TYR C 19 55.52 3.17 17.66
C TYR C 19 55.44 3.46 16.16
N THR C 20 55.73 2.46 15.32
CA THR C 20 55.67 2.63 13.85
C THR C 20 55.46 1.27 13.18
N VAL C 21 54.79 1.28 12.02
CA VAL C 21 54.54 0.03 11.24
C VAL C 21 55.51 0.01 10.05
N ASP C 22 56.62 -0.73 10.18
CA ASP C 22 57.63 -0.85 9.11
C ASP C 22 57.66 -2.30 8.63
N VAL C 23 57.56 -2.52 7.31
CA VAL C 23 57.54 -3.92 6.78
C VAL C 23 58.93 -4.28 6.25
N LYS C 24 59.62 -5.22 6.93
CA LYS C 24 60.97 -5.66 6.47
C LYS C 24 60.79 -6.56 5.25
N ASN C 25 59.67 -7.27 5.20
CA ASN C 25 59.27 -8.15 4.07
C ASN C 25 57.86 -7.74 3.60
N LYS C 26 57.23 -8.58 2.78
CA LYS C 26 55.85 -8.32 2.26
C LYS C 26 54.87 -8.20 3.42
N ARG C 27 55.01 -9.05 4.44
CA ARG C 27 54.12 -9.03 5.64
C ARG C 27 54.30 -7.73 6.43
N THR C 28 53.24 -7.25 7.08
CA THR C 28 53.27 -5.97 7.84
C THR C 28 53.51 -6.22 9.33
N PHE C 29 54.50 -5.54 9.90
CA PHE C 29 54.86 -5.66 11.34
C PHE C 29 54.78 -4.29 12.03
N LEU C 30 54.09 -4.23 13.18
CA LEU C 30 53.98 -2.99 13.99
C LEU C 30 54.96 -3.11 15.16
N SER C 31 55.68 -2.05 15.51
CA SER C 31 56.69 -2.18 16.60
C SER C 31 57.02 -0.84 17.25
N PRO C 32 57.66 -0.83 18.44
CA PRO C 32 58.02 0.42 19.15
C PRO C 32 58.95 1.34 18.35
N TRP C 33 58.86 2.64 18.62
CA TRP C 33 59.64 3.67 17.96
C TRP C 33 61.12 3.57 18.33
N ILE C 34 61.97 3.48 17.30
CA ILE C 34 63.41 3.60 17.44
C ILE C 34 63.88 4.66 16.48
N SER C 35 64.56 5.68 17.02
CA SER C 35 64.92 6.83 16.20
C SER C 35 66.13 6.56 15.32
N ASN C 36 66.86 5.46 15.55
CA ASN C 36 68.05 5.21 14.74
C ASN C 36 67.70 4.68 13.37
N ILE C 37 66.56 4.02 13.24
CA ILE C 37 66.21 3.27 12.05
C ILE C 37 65.01 3.88 11.36
N HIS C 38 63.94 4.10 12.10
CA HIS C 38 62.67 4.48 11.52
C HIS C 38 62.64 5.93 11.10
N GLU C 39 63.45 6.75 11.77
CA GLU C 39 63.60 8.15 11.38
C GLU C 39 64.35 8.28 10.08
N LYS C 40 65.34 7.40 9.85
CA LYS C 40 66.06 7.43 8.59
C LYS C 40 65.20 6.95 7.44
N LYS C 41 64.24 6.06 7.73
CA LYS C 41 63.34 5.58 6.70
C LYS C 41 62.22 6.57 6.41
N GLY C 42 62.03 7.56 7.27
CA GLY C 42 60.94 8.49 7.09
C GLY C 42 59.64 8.04 7.69
N LEU C 43 59.66 7.05 8.56
CA LEU C 43 58.45 6.54 9.16
C LEU C 43 57.96 7.52 10.21
N THR C 44 56.64 7.64 10.32
CA THR C 44 56.05 8.62 11.22
C THR C 44 55.78 7.99 12.57
N LYS C 45 56.29 8.62 13.63
CA LYS C 45 56.08 8.14 14.98
C LYS C 45 54.63 8.35 15.39
N TYR C 46 54.02 7.33 15.96
CA TYR C 46 52.60 7.32 16.25
C TYR C 46 52.37 7.23 17.75
N LYS C 47 51.46 8.03 18.26
CA LYS C 47 51.01 7.92 19.64
C LYS C 47 49.49 7.95 19.68
N SER C 48 48.91 7.18 20.59
CA SER C 48 47.46 7.12 20.68
C SER C 48 47.08 6.69 22.09
N SER C 49 45.80 6.53 22.30
CA SER C 49 45.35 6.25 23.65
C SER C 49 45.51 4.78 23.99
N PRO C 50 45.98 4.48 25.20
CA PRO C 50 46.01 3.10 25.66
C PRO C 50 44.65 2.58 26.07
N GLU C 51 43.66 3.45 26.18
CA GLU C 51 42.35 3.02 26.63
C GLU C 51 41.27 3.31 25.61
N LYS C 52 41.59 3.95 24.50
CA LYS C 52 40.60 4.12 23.43
C LYS C 52 40.92 3.15 22.31
N TRP C 53 39.94 2.30 22.02
CA TRP C 53 39.98 1.44 20.83
C TRP C 53 40.09 2.29 19.58
N SER C 54 39.42 3.44 19.58
CA SER C 54 39.58 4.45 18.54
C SER C 54 39.85 5.76 19.26
N THR C 55 41.08 6.23 19.15
CA THR C 55 41.50 7.43 19.88
C THR C 55 40.79 8.67 19.34
N ALA C 56 40.49 8.69 18.05
CA ALA C 56 39.73 9.78 17.47
C ALA C 56 38.23 9.57 17.55
N SER C 57 37.80 8.45 18.14
CA SER C 57 36.41 8.03 18.35
C SER C 57 35.63 7.79 17.06
N ASP C 58 36.26 7.91 15.90
CA ASP C 58 35.69 7.52 14.64
C ASP C 58 35.53 6.00 14.60
N PRO C 59 34.63 5.44 13.76
CA PRO C 59 34.39 4.00 13.80
C PRO C 59 35.48 3.16 13.13
N TYR C 60 36.73 3.45 13.48
CA TYR C 60 37.90 2.76 12.95
C TYR C 60 38.92 2.70 14.06
N SER C 61 39.51 1.52 14.27
CA SER C 61 40.46 1.38 15.35
C SER C 61 41.74 2.11 15.04
N ASP C 62 42.58 2.21 16.07
CA ASP C 62 43.92 2.75 15.89
C ASP C 62 44.74 1.82 15.00
N PHE C 63 44.60 0.51 15.24
CA PHE C 63 45.39 -0.49 14.54
C PHE C 63 44.99 -0.60 13.08
N GLU C 64 43.69 -0.54 12.80
CA GLU C 64 43.22 -0.55 11.41
C GLU C 64 43.72 0.67 10.67
N LYS C 65 43.81 1.79 11.37
CA LYS C 65 44.19 3.03 10.72
C LYS C 65 45.67 3.09 10.45
N VAL C 66 46.48 2.49 11.31
CA VAL C 66 47.91 2.48 11.05
C VAL C 66 48.31 1.30 10.16
N THR C 67 47.50 0.24 10.14
CA THR C 67 47.85 -0.93 9.36
C THR C 67 47.47 -0.74 7.92
N GLY C 68 46.33 -0.13 7.68
CA GLY C 68 45.76 -0.01 6.35
C GLY C 68 44.59 -0.92 6.10
N ARG C 69 44.18 -1.72 7.08
CA ARG C 69 43.02 -2.59 6.94
C ARG C 69 41.74 -1.79 7.21
N ILE C 70 41.44 -0.94 6.24
CA ILE C 70 40.42 0.09 6.39
C ILE C 70 39.75 0.25 5.03
N ASP C 71 38.61 0.91 5.04
CA ASP C 71 38.04 1.45 3.81
C ASP C 71 39.04 2.41 3.18
N LYS C 72 39.44 2.09 1.95
CA LYS C 72 40.51 2.86 1.31
C LYS C 72 40.04 4.22 0.82
N ASN C 73 38.73 4.49 0.84
CA ASN C 73 38.24 5.80 0.49
C ASN C 73 38.52 6.84 1.56
N VAL C 74 38.97 6.41 2.73
CA VAL C 74 39.49 7.32 3.75
C VAL C 74 40.70 8.04 3.18
N SER C 75 40.71 9.37 3.32
CA SER C 75 41.80 10.19 2.84
C SER C 75 43.10 9.84 3.55
N PRO C 76 44.25 9.99 2.87
CA PRO C 76 45.52 9.59 3.48
C PRO C 76 45.91 10.42 4.68
N GLU C 77 45.56 11.70 4.71
CA GLU C 77 45.84 12.50 5.90
C GLU C 77 44.96 12.12 7.07
N ALA C 78 43.87 11.40 6.84
CA ALA C 78 43.08 10.85 7.91
C ALA C 78 43.59 9.50 8.37
N ARG C 79 44.71 9.03 7.82
CA ARG C 79 45.24 7.76 8.29
C ARG C 79 46.05 7.91 9.57
N HIS C 80 46.22 9.12 10.06
CA HIS C 80 46.84 9.29 11.36
C HIS C 80 45.79 9.12 12.46
N PRO C 81 46.15 8.46 13.57
CA PRO C 81 45.13 8.15 14.60
C PRO C 81 44.58 9.37 15.30
N LEU C 82 45.35 10.45 15.39
CA LEU C 82 44.84 11.65 16.01
C LEU C 82 44.04 12.51 15.04
N VAL C 83 43.89 12.07 13.80
CA VAL C 83 43.10 12.76 12.80
C VAL C 83 41.79 12.03 12.64
N ALA C 84 40.68 12.76 12.81
CA ALA C 84 39.36 12.17 12.68
C ALA C 84 39.03 11.90 11.21
N ALA C 85 38.15 10.93 11.00
CA ALA C 85 37.69 10.58 9.67
C ALA C 85 36.17 10.56 9.68
N TYR C 86 35.55 11.47 8.95
CA TYR C 86 34.10 11.59 9.00
C TYR C 86 33.61 12.26 7.73
N PRO C 87 32.41 11.93 7.27
CA PRO C 87 31.85 12.60 6.10
C PRO C 87 31.24 13.94 6.45
N ILE C 88 31.28 14.84 5.48
CA ILE C 88 30.58 16.11 5.54
C ILE C 88 29.74 16.18 4.27
N VAL C 89 28.43 16.11 4.44
CA VAL C 89 27.51 16.04 3.32
C VAL C 89 26.57 17.23 3.40
N HIS C 90 26.44 17.94 2.30
CA HIS C 90 25.41 18.96 2.17
C HIS C 90 24.90 18.94 0.74
N VAL C 91 23.64 19.32 0.58
CA VAL C 91 22.93 19.21 -0.68
C VAL C 91 22.80 20.58 -1.30
N ASP C 92 23.10 20.67 -2.59
CA ASP C 92 22.84 21.87 -3.37
C ASP C 92 21.65 21.63 -4.29
N MET C 93 21.02 22.72 -4.71
CA MET C 93 19.82 22.67 -5.53
C MET C 93 20.11 23.38 -6.85
N GLU C 94 20.10 22.62 -7.94
CA GLU C 94 20.46 23.26 -9.20
C GLU C 94 19.26 23.87 -9.89
N ASN C 95 18.09 23.27 -9.75
CA ASN C 95 16.98 23.72 -10.58
C ASN C 95 15.65 23.44 -9.91
N ILE C 96 14.69 24.30 -10.19
CA ILE C 96 13.31 24.15 -9.76
C ILE C 96 12.49 23.76 -10.97
N ILE C 97 11.43 22.98 -10.74
CA ILE C 97 10.40 22.73 -11.75
C ILE C 97 9.07 22.85 -11.04
N LEU C 98 8.30 23.86 -11.40
CA LEU C 98 6.95 24.01 -10.90
C LEU C 98 5.97 23.73 -12.03
N SER C 99 4.90 23.02 -11.71
CA SER C 99 3.85 22.70 -12.67
C SER C 99 2.53 23.18 -12.11
N LYS C 100 1.82 23.98 -12.89
CA LYS C 100 0.53 24.48 -12.45
C LYS C 100 -0.52 23.40 -12.68
N ASN C 101 -1.10 22.92 -11.58
CA ASN C 101 -2.14 21.89 -11.65
C ASN C 101 -3.46 22.58 -12.00
N GLU C 102 -3.60 22.91 -13.27
CA GLU C 102 -4.79 23.56 -13.80
C GLU C 102 -5.32 22.69 -14.91
N ASP C 103 -6.61 22.38 -14.90
CA ASP C 103 -7.16 21.53 -15.94
C ASP C 103 -8.09 22.35 -16.84
N GLN C 104 -7.76 22.39 -18.13
CA GLN C 104 -8.50 23.19 -19.08
C GLN C 104 -9.15 22.28 -20.11
N SER C 105 -10.24 22.77 -20.67
CA SER C 105 -10.97 21.98 -21.67
C SER C 105 -11.60 22.92 -22.68
N THR C 106 -11.66 22.45 -23.92
CA THR C 106 -12.31 23.17 -25.01
C THR C 106 -13.39 22.29 -25.59
N GLN C 107 -14.53 22.91 -25.91
CA GLN C 107 -15.67 22.20 -26.47
C GLN C 107 -16.11 22.88 -27.75
N ASN C 108 -16.31 22.09 -28.79
CA ASN C 108 -16.85 22.56 -30.06
C ASN C 108 -18.19 21.85 -30.28
N THR C 109 -19.19 22.59 -30.75
CA THR C 109 -20.53 22.05 -30.89
C THR C 109 -21.17 22.56 -32.17
N ASP C 110 -21.78 21.66 -32.94
CA ASP C 110 -22.56 22.03 -34.12
C ASP C 110 -24.00 21.58 -33.94
N SER C 111 -24.95 22.39 -34.41
CA SER C 111 -26.37 22.12 -34.20
C SER C 111 -27.18 22.57 -35.40
N GLN C 112 -27.92 21.65 -36.00
CA GLN C 112 -28.79 21.94 -37.14
C GLN C 112 -30.23 21.63 -36.76
N THR C 113 -31.09 22.63 -36.81
CA THR C 113 -32.46 22.54 -36.32
C THR C 113 -33.42 22.80 -37.47
N ARG C 114 -34.37 21.90 -37.68
CA ARG C 114 -35.40 22.07 -38.70
C ARG C 114 -36.75 22.20 -38.01
N THR C 115 -37.32 23.39 -38.05
CA THR C 115 -38.57 23.69 -37.36
C THR C 115 -39.67 23.92 -38.39
N ILE C 116 -40.66 23.03 -38.41
CA ILE C 116 -41.77 23.09 -39.36
C ILE C 116 -43.01 23.48 -38.57
N SER C 117 -43.61 24.60 -38.93
CA SER C 117 -44.61 25.24 -38.09
C SER C 117 -45.91 25.43 -38.88
N LYS C 118 -47.04 25.24 -38.20
CA LYS C 118 -48.35 25.45 -38.76
C LYS C 118 -49.05 26.56 -37.98
N ASN C 119 -49.98 27.27 -38.62
CA ASN C 119 -50.78 28.29 -37.96
C ASN C 119 -52.10 28.40 -38.70
N THR C 120 -53.17 28.72 -37.98
CA THR C 120 -54.43 29.09 -38.64
C THR C 120 -55.10 30.19 -37.84
N SER C 121 -56.17 30.76 -38.42
CA SER C 121 -56.78 31.96 -37.86
C SER C 121 -58.20 32.14 -38.37
N THR C 122 -59.06 32.73 -37.54
CA THR C 122 -60.29 33.40 -37.97
C THR C 122 -60.36 34.75 -37.27
N SER C 123 -61.31 35.58 -37.71
CA SER C 123 -61.51 36.93 -37.22
C SER C 123 -62.94 37.37 -37.56
N ARG C 124 -63.58 38.12 -36.66
CA ARG C 124 -64.93 38.61 -36.91
C ARG C 124 -65.08 40.06 -36.46
N THR C 125 -65.23 40.96 -37.43
CA THR C 125 -65.32 42.43 -37.19
C THR C 125 -66.77 42.92 -37.30
N HIS C 126 -67.18 43.80 -36.38
CA HIS C 126 -68.50 44.40 -36.41
C HIS C 126 -68.38 45.91 -36.35
N THR C 127 -68.84 46.52 -37.44
CA THR C 127 -68.83 47.94 -37.70
C THR C 127 -70.10 48.82 -37.77
N SER C 128 -70.15 49.81 -36.87
CA SER C 128 -71.25 50.81 -36.80
C SER C 128 -70.67 52.17 -37.21
N GLU C 129 -71.15 52.75 -38.33
CA GLU C 129 -70.61 54.03 -38.83
C GLU C 129 -71.70 55.12 -38.86
N VAL C 130 -71.42 56.34 -38.38
CA VAL C 130 -72.47 57.43 -38.39
C VAL C 130 -71.89 58.70 -39.03
N HIS C 131 -72.35 59.05 -40.24
CA HIS C 131 -71.80 60.22 -41.00
C HIS C 131 -72.73 61.44 -41.01
N GLY C 132 -72.14 62.65 -40.98
CA GLY C 132 -72.84 63.92 -41.04
C GLY C 132 -72.42 64.71 -42.25
N ASN C 133 -73.22 65.73 -42.58
CA ASN C 133 -73.02 66.56 -43.76
C ASN C 133 -73.86 67.82 -43.64
N ALA C 134 -73.30 68.94 -44.09
CA ALA C 134 -74.03 70.18 -44.34
C ALA C 134 -73.48 70.78 -45.64
N GLU C 135 -74.28 71.59 -46.31
CA GLU C 135 -73.90 72.08 -47.63
C GLU C 135 -74.56 73.42 -47.92
N VAL C 136 -73.79 74.38 -48.43
CA VAL C 136 -74.31 75.69 -48.80
C VAL C 136 -73.93 75.96 -50.26
N HIS C 137 -74.92 76.03 -51.13
CA HIS C 137 -74.72 76.26 -52.55
C HIS C 137 -75.16 77.67 -52.91
N ALA C 138 -74.44 78.31 -53.82
CA ALA C 138 -74.74 79.69 -54.21
C ALA C 138 -74.46 79.88 -55.69
N SER C 139 -75.39 80.58 -56.36
CA SER C 139 -75.27 80.86 -57.79
C SER C 139 -75.44 82.35 -58.06
N PHE C 140 -75.68 82.70 -59.33
CA PHE C 140 -76.06 84.07 -59.68
C PHE C 140 -77.34 84.48 -58.95
N PHE C 141 -78.34 83.61 -58.93
CA PHE C 141 -79.60 83.92 -58.26
C PHE C 141 -80.17 82.74 -57.49
N ASP C 142 -79.41 81.66 -57.34
CA ASP C 142 -79.90 80.45 -56.69
C ASP C 142 -79.00 80.09 -55.52
N ILE C 143 -79.58 80.03 -54.33
CA ILE C 143 -78.87 79.68 -53.10
C ILE C 143 -79.61 78.53 -52.44
N GLY C 144 -78.87 77.48 -52.05
CA GLY C 144 -79.47 76.34 -51.39
C GLY C 144 -78.65 75.93 -50.18
N GLY C 145 -79.27 75.13 -49.32
CA GLY C 145 -78.57 74.51 -48.22
C GLY C 145 -79.13 73.13 -47.94
N SER C 146 -78.27 72.25 -47.44
CA SER C 146 -78.58 70.83 -47.32
C SER C 146 -77.96 70.26 -46.05
N VAL C 147 -78.67 69.36 -45.37
CA VAL C 147 -78.20 68.71 -44.15
C VAL C 147 -78.41 67.21 -44.30
N SER C 148 -77.36 66.43 -44.05
CA SER C 148 -77.41 64.99 -44.25
C SER C 148 -76.79 64.24 -43.08
N ALA C 149 -77.25 63.01 -42.86
CA ALA C 149 -76.72 62.14 -41.83
C ALA C 149 -76.88 60.68 -42.24
N GLY C 150 -75.89 59.86 -41.89
CA GLY C 150 -75.79 58.50 -42.38
C GLY C 150 -75.54 57.46 -41.31
N PHE C 151 -76.13 56.29 -41.48
CA PHE C 151 -75.97 55.17 -40.57
C PHE C 151 -75.48 53.98 -41.38
N SER C 152 -74.21 53.61 -41.19
CA SER C 152 -73.59 52.51 -41.96
C SER C 152 -73.29 51.31 -41.05
N ASN C 153 -73.74 50.11 -41.46
CA ASN C 153 -73.51 48.89 -40.70
C ASN C 153 -72.61 47.92 -41.47
N SER C 154 -71.53 47.47 -40.83
CA SER C 154 -70.58 46.58 -41.54
C SER C 154 -70.09 45.42 -40.65
N ASN C 155 -70.21 44.19 -41.16
CA ASN C 155 -69.73 42.97 -40.46
C ASN C 155 -68.75 42.22 -41.36
N SER C 156 -67.57 41.86 -40.83
CA SER C 156 -66.54 41.14 -41.63
C SER C 156 -66.03 39.91 -40.87
N SER C 157 -65.51 38.92 -41.60
CA SER C 157 -64.99 37.68 -41.02
C SER C 157 -63.84 37.14 -41.85
N THR C 158 -62.62 37.18 -41.28
CA THR C 158 -61.37 36.88 -41.97
C THR C 158 -60.84 35.52 -41.53
N VAL C 159 -60.70 34.58 -42.47
CA VAL C 159 -60.25 33.24 -42.17
C VAL C 159 -58.91 33.00 -42.85
N ALA C 160 -57.91 32.60 -42.07
CA ALA C 160 -56.52 32.61 -42.48
C ALA C 160 -55.83 31.30 -42.12
N ILE C 161 -54.70 31.02 -42.78
CA ILE C 161 -53.89 29.84 -42.50
C ILE C 161 -52.45 30.10 -42.95
N ASP C 162 -51.49 29.52 -42.24
CA ASP C 162 -50.06 29.74 -42.42
C ASP C 162 -49.31 28.40 -42.35
N HIS C 163 -48.29 28.24 -43.18
CA HIS C 163 -47.28 27.19 -43.04
C HIS C 163 -45.91 27.85 -42.92
N SER C 164 -44.94 27.17 -42.31
CA SER C 164 -43.66 27.77 -42.01
C SER C 164 -42.54 26.74 -41.95
N LEU C 165 -41.35 27.10 -42.42
CA LEU C 165 -40.12 26.34 -42.19
C LEU C 165 -39.12 27.20 -41.43
N SER C 166 -38.10 26.55 -40.84
CA SER C 166 -37.00 27.23 -40.17
C SER C 166 -35.77 26.33 -40.17
N LEU C 167 -34.64 26.83 -40.66
CA LEU C 167 -33.40 26.08 -40.69
C LEU C 167 -32.34 26.81 -39.87
N ALA C 168 -32.02 26.28 -38.69
CA ALA C 168 -31.15 26.96 -37.72
C ALA C 168 -29.84 26.21 -37.60
N GLY C 169 -28.76 26.81 -38.09
CA GLY C 169 -27.43 26.22 -37.97
C GLY C 169 -26.58 27.00 -36.98
N GLU C 170 -25.94 26.28 -36.07
CA GLU C 170 -25.25 26.89 -34.95
C GLU C 170 -23.89 26.24 -34.73
N ARG C 171 -22.87 27.07 -34.54
CA ARG C 171 -21.53 26.61 -34.19
C ARG C 171 -21.12 27.27 -32.89
N THR C 172 -20.79 26.45 -31.89
CA THR C 172 -20.54 26.89 -30.53
C THR C 172 -19.11 26.55 -30.14
N TRP C 173 -18.38 27.56 -29.68
CA TRP C 173 -17.04 27.38 -29.15
C TRP C 173 -17.05 27.66 -27.65
N ALA C 174 -16.36 26.83 -26.89
CA ALA C 174 -16.37 26.94 -25.44
C ALA C 174 -15.01 26.60 -24.87
N GLU C 175 -14.66 27.25 -23.77
CA GLU C 175 -13.38 27.05 -23.11
C GLU C 175 -13.56 27.19 -21.61
N THR C 176 -12.89 26.32 -20.86
CA THR C 176 -13.06 26.22 -19.42
C THR C 176 -11.71 25.97 -18.77
N MET C 177 -11.43 26.67 -17.67
CA MET C 177 -10.19 26.51 -16.93
C MET C 177 -10.53 26.27 -15.46
N GLY C 178 -10.45 25.02 -15.02
CA GLY C 178 -10.65 24.67 -13.63
C GLY C 178 -9.36 24.69 -12.84
N LEU C 179 -9.52 24.97 -11.55
CA LEU C 179 -8.42 25.16 -10.62
C LEU C 179 -8.88 24.78 -9.23
N ASN C 180 -7.96 24.31 -8.40
CA ASN C 180 -8.19 24.11 -6.98
C ASN C 180 -7.14 24.89 -6.23
N THR C 181 -7.59 25.78 -5.34
CA THR C 181 -6.70 26.70 -4.64
C THR C 181 -5.75 26.00 -3.68
N ALA C 182 -6.09 24.81 -3.23
CA ALA C 182 -5.20 24.09 -2.32
C ALA C 182 -4.14 23.30 -3.05
N ASP C 183 -4.35 23.00 -4.33
CA ASP C 183 -3.46 22.14 -5.11
C ASP C 183 -3.11 22.82 -6.41
N THR C 184 -2.62 24.05 -6.33
CA THR C 184 -2.33 24.79 -7.54
C THR C 184 -1.08 24.28 -8.24
N ALA C 185 -0.03 23.97 -7.47
CA ALA C 185 1.25 23.69 -8.08
C ALA C 185 1.85 22.41 -7.53
N ARG C 186 2.70 21.80 -8.36
CA ARG C 186 3.49 20.64 -7.99
C ARG C 186 4.96 20.95 -8.22
N LEU C 187 5.79 20.49 -7.30
CA LEU C 187 7.19 20.85 -7.31
C LEU C 187 8.09 19.69 -7.73
N ASN C 188 9.29 20.04 -8.18
CA ASN C 188 10.31 19.05 -8.49
C ASN C 188 11.67 19.71 -8.39
N ALA C 189 12.53 19.13 -7.57
CA ALA C 189 13.87 19.66 -7.32
C ALA C 189 14.91 18.88 -8.10
N ASN C 190 15.93 19.59 -8.59
CA ASN C 190 17.09 18.96 -9.18
C ASN C 190 18.30 19.22 -8.29
N ILE C 191 18.80 18.17 -7.66
CA ILE C 191 19.75 18.30 -6.57
C ILE C 191 20.91 17.34 -6.74
N ARG C 192 22.03 17.69 -6.11
CA ARG C 192 23.20 16.82 -6.05
C ARG C 192 23.64 16.66 -4.60
N TYR C 193 24.47 15.64 -4.41
CA TYR C 193 25.04 15.32 -3.12
C TYR C 193 26.53 15.57 -3.19
N VAL C 194 27.07 16.23 -2.17
CA VAL C 194 28.48 16.62 -2.14
C VAL C 194 29.10 16.07 -0.88
N ASN C 195 30.24 15.41 -1.00
CA ASN C 195 30.98 15.01 0.20
C ASN C 195 32.25 15.84 0.26
N THR C 196 32.31 16.73 1.22
CA THR C 196 33.53 17.45 1.52
C THR C 196 34.26 16.88 2.72
N GLY C 197 33.79 15.77 3.26
CA GLY C 197 34.39 15.17 4.44
C GLY C 197 35.63 14.38 4.15
N THR C 198 35.89 13.39 5.00
CA THR C 198 37.07 12.55 4.91
C THR C 198 36.77 11.07 4.90
N ALA C 199 35.71 10.65 5.55
CA ALA C 199 35.29 9.27 5.45
C ALA C 199 34.12 9.17 4.48
N PRO C 200 33.99 8.07 3.75
CA PRO C 200 32.80 7.87 2.94
C PRO C 200 31.62 7.47 3.80
N ILE C 201 30.43 7.69 3.25
CA ILE C 201 29.18 7.40 3.93
C ILE C 201 28.31 6.57 2.98
N TYR C 202 27.67 5.55 3.52
CA TYR C 202 26.93 4.60 2.70
C TYR C 202 25.44 4.64 2.99
N ASN C 203 24.65 4.41 1.94
CA ASN C 203 23.19 4.48 1.94
C ASN C 203 22.72 5.85 2.40
N VAL C 204 23.08 6.84 1.62
CA VAL C 204 22.85 8.23 2.01
C VAL C 204 21.40 8.59 1.78
N LEU C 205 20.74 9.06 2.84
CA LEU C 205 19.38 9.58 2.77
C LEU C 205 19.34 10.90 3.50
N PRO C 206 19.48 12.01 2.79
CA PRO C 206 19.36 13.31 3.45
C PRO C 206 17.92 13.65 3.74
N THR C 207 17.73 14.42 4.80
CA THR C 207 16.44 15.01 5.12
C THR C 207 16.54 16.49 4.79
N THR C 208 15.76 16.93 3.81
CA THR C 208 15.84 18.30 3.34
C THR C 208 14.51 19.02 3.51
N SER C 209 14.51 20.30 3.15
CA SER C 209 13.35 21.16 3.36
C SER C 209 13.25 22.22 2.28
N LEU C 210 12.09 22.28 1.63
CA LEU C 210 11.71 23.36 0.74
C LEU C 210 11.13 24.52 1.55
N VAL C 211 11.69 25.72 1.37
CA VAL C 211 11.36 26.90 2.16
C VAL C 211 11.11 28.08 1.22
N LEU C 212 10.00 28.77 1.42
CA LEU C 212 9.76 30.06 0.79
C LEU C 212 10.12 31.20 1.72
N GLY C 213 10.43 32.35 1.10
CA GLY C 213 10.46 33.61 1.81
C GLY C 213 11.60 33.70 2.80
N LYS C 214 11.30 34.28 3.96
CA LYS C 214 12.26 34.35 5.04
C LYS C 214 12.40 32.98 5.68
N ASN C 215 11.32 32.47 6.26
CA ASN C 215 11.36 31.17 6.89
C ASN C 215 10.06 30.39 6.68
N GLN C 216 9.35 30.65 5.60
CA GLN C 216 8.10 29.96 5.34
C GLN C 216 8.43 28.62 4.70
N THR C 217 8.40 27.58 5.49
CA THR C 217 8.76 26.25 5.02
C THR C 217 7.61 25.66 4.23
N LEU C 218 7.86 25.33 2.97
CA LEU C 218 6.86 24.57 2.21
C LEU C 218 6.75 23.17 2.73
N ALA C 219 7.87 22.45 2.76
CA ALA C 219 7.78 21.02 3.05
C ALA C 219 9.10 20.52 3.58
N THR C 220 9.04 19.42 4.30
CA THR C 220 10.22 18.72 4.77
C THR C 220 10.14 17.29 4.27
N ILE C 221 11.14 16.87 3.50
CA ILE C 221 11.11 15.60 2.80
C ILE C 221 12.37 14.81 3.16
N LYS C 222 12.17 13.58 3.62
CA LYS C 222 13.25 12.62 3.72
C LYS C 222 13.46 11.94 2.38
N ALA C 223 14.72 11.70 2.03
CA ALA C 223 15.05 11.10 0.75
C ALA C 223 14.54 9.66 0.69
N LYS C 224 13.87 9.33 -0.40
CA LYS C 224 13.26 8.03 -0.55
C LYS C 224 14.17 7.10 -1.35
N GLU C 225 13.65 5.92 -1.71
CA GLU C 225 14.48 4.91 -2.33
C GLU C 225 14.84 5.24 -3.77
N ASN C 226 14.13 6.22 -4.33
CA ASN C 226 14.45 6.75 -5.68
C ASN C 226 15.52 7.82 -5.53
N GLN C 227 15.85 8.19 -4.29
CA GLN C 227 16.86 9.19 -4.00
C GLN C 227 18.01 8.63 -3.19
N LEU C 228 18.17 7.32 -3.16
CA LEU C 228 19.22 6.73 -2.35
C LEU C 228 20.56 6.85 -3.07
N SER C 229 21.59 7.15 -2.31
CA SER C 229 22.96 7.12 -2.80
C SER C 229 23.71 6.02 -2.07
N GLN C 230 24.19 5.04 -2.82
CA GLN C 230 24.86 3.91 -2.19
C GLN C 230 26.22 4.31 -1.65
N ILE C 231 27.01 5.03 -2.43
CA ILE C 231 28.34 5.44 -2.05
C ILE C 231 28.42 6.95 -2.20
N LEU C 232 28.96 7.62 -1.18
CA LEU C 232 29.40 9.00 -1.36
C LEU C 232 30.80 9.09 -0.76
N ALA C 233 31.78 8.82 -1.61
CA ALA C 233 33.17 8.98 -1.23
C ALA C 233 33.49 10.47 -1.08
N PRO C 234 34.48 10.81 -0.26
CA PRO C 234 34.84 12.23 -0.10
C PRO C 234 35.43 12.82 -1.37
N ASN C 235 35.22 14.14 -1.50
CA ASN C 235 35.53 14.93 -2.68
C ASN C 235 34.84 14.36 -3.92
N ASN C 236 33.57 14.01 -3.76
CA ASN C 236 32.80 13.49 -4.87
C ASN C 236 31.37 14.00 -4.80
N TYR C 237 30.67 13.79 -5.91
CA TYR C 237 29.29 14.18 -6.09
C TYR C 237 28.45 12.94 -6.37
N TYR C 238 27.19 13.01 -5.96
CA TYR C 238 26.21 12.02 -6.38
C TYR C 238 25.06 12.77 -7.00
N PRO C 239 24.80 12.61 -8.30
CA PRO C 239 25.58 11.81 -9.23
C PRO C 239 26.79 12.59 -9.68
N SER C 240 27.61 11.99 -10.53
CA SER C 240 28.84 12.61 -10.99
C SER C 240 28.55 13.88 -11.77
N LYS C 241 29.57 14.72 -11.87
CA LYS C 241 29.42 16.07 -12.37
C LYS C 241 29.07 16.10 -13.86
N ASN C 242 29.50 15.09 -14.62
CA ASN C 242 29.11 15.02 -16.01
C ASN C 242 27.63 14.69 -16.17
N LEU C 243 27.07 13.97 -15.21
CA LEU C 243 25.67 13.59 -15.31
C LEU C 243 24.79 14.70 -14.73
N ALA C 244 23.50 14.58 -14.98
CA ALA C 244 22.54 15.57 -14.54
C ALA C 244 22.07 15.27 -13.12
N PRO C 245 21.72 16.29 -12.33
CA PRO C 245 21.31 16.05 -10.93
C PRO C 245 19.99 15.31 -10.86
N ILE C 246 19.72 14.80 -9.67
CA ILE C 246 18.58 13.91 -9.50
C ILE C 246 17.34 14.73 -9.19
N ALA C 247 16.18 14.08 -9.33
CA ALA C 247 14.88 14.72 -9.23
C ALA C 247 14.18 14.25 -7.97
N LEU C 248 13.76 15.20 -7.16
CA LEU C 248 12.95 14.94 -5.97
C LEU C 248 11.58 15.57 -6.17
N ASN C 249 10.54 14.74 -6.19
CA ASN C 249 9.21 15.27 -6.44
C ASN C 249 8.12 14.58 -5.63
N ALA C 250 8.46 13.90 -4.54
CA ALA C 250 7.51 13.04 -3.88
C ALA C 250 7.43 13.36 -2.40
N GLN C 251 6.34 12.93 -1.76
CA GLN C 251 6.15 13.21 -0.31
C GLN C 251 5.49 12.04 0.43
N ASP C 252 5.33 10.87 -0.21
CA ASP C 252 4.70 9.70 0.45
C ASP C 252 5.77 8.68 0.86
N ASP C 253 5.41 7.67 1.67
CA ASP C 253 6.38 6.66 2.07
C ASP C 253 6.81 5.83 0.88
N PHE C 254 6.00 5.81 -0.19
CA PHE C 254 6.34 5.06 -1.42
C PHE C 254 6.45 6.05 -2.58
N SER C 255 6.56 7.34 -2.26
CA SER C 255 6.65 8.43 -3.27
C SER C 255 5.44 8.36 -4.22
N SER C 256 4.25 8.17 -3.65
CA SER C 256 3.00 8.02 -4.44
C SER C 256 2.36 9.38 -4.75
N THR C 257 2.89 10.44 -4.14
CA THR C 257 2.31 11.81 -4.28
C THR C 257 3.39 12.88 -4.49
N PRO C 258 3.23 13.80 -5.47
CA PRO C 258 4.19 14.90 -5.69
C PRO C 258 3.95 16.05 -4.72
N ILE C 259 4.97 16.91 -4.53
CA ILE C 259 4.89 18.09 -3.62
C ILE C 259 3.72 18.98 -4.04
N THR C 260 2.98 19.55 -3.07
CA THR C 260 1.85 20.39 -3.35
C THR C 260 2.10 21.83 -2.88
N MET C 261 1.64 22.79 -3.67
CA MET C 261 1.69 24.19 -3.31
C MET C 261 0.32 24.82 -3.55
N ASN C 262 -0.15 25.62 -2.61
CA ASN C 262 -1.44 26.28 -2.71
C ASN C 262 -1.32 27.58 -3.51
N TYR C 263 -2.33 28.43 -3.40
CA TYR C 263 -2.47 29.52 -4.34
C TYR C 263 -1.60 30.71 -3.97
N ASN C 264 -1.64 31.12 -2.71
CA ASN C 264 -0.95 32.33 -2.28
C ASN C 264 0.56 32.14 -2.36
N GLN C 265 1.03 30.95 -1.99
CA GLN C 265 2.43 30.62 -2.12
C GLN C 265 2.86 30.57 -3.57
N PHE C 266 1.96 30.15 -4.45
CA PHE C 266 2.25 30.13 -5.88
C PHE C 266 2.43 31.54 -6.43
N LEU C 267 1.55 32.44 -6.00
CA LEU C 267 1.66 33.84 -6.42
C LEU C 267 2.94 34.46 -5.86
N GLU C 268 3.24 34.20 -4.60
CA GLU C 268 4.44 34.75 -3.99
C GLU C 268 5.71 34.20 -4.61
N LEU C 269 5.67 32.94 -5.04
CA LEU C 269 6.83 32.37 -5.71
C LEU C 269 7.03 32.98 -7.08
N GLU C 270 5.95 33.12 -7.86
CA GLU C 270 6.11 33.74 -9.15
C GLU C 270 6.38 35.24 -9.08
N LYS C 271 6.15 35.86 -7.94
CA LYS C 271 6.57 37.25 -7.79
C LYS C 271 8.03 37.34 -7.36
N THR C 272 8.39 36.64 -6.29
CA THR C 272 9.66 36.89 -5.62
C THR C 272 10.78 35.98 -6.10
N LYS C 273 10.42 34.81 -6.64
CA LYS C 273 11.41 33.83 -7.15
C LYS C 273 12.44 33.48 -6.07
N GLN C 274 12.00 33.40 -4.81
CA GLN C 274 12.87 33.03 -3.70
C GLN C 274 12.41 31.69 -3.15
N LEU C 275 13.13 30.64 -3.51
CA LEU C 275 12.79 29.29 -3.07
C LEU C 275 14.10 28.63 -2.66
N ARG C 276 14.30 28.49 -1.36
CA ARG C 276 15.55 27.98 -0.85
C ARG C 276 15.38 26.58 -0.29
N LEU C 277 16.51 25.92 -0.11
CA LEU C 277 16.57 24.50 0.21
C LEU C 277 17.50 24.31 1.39
N ASP C 278 17.00 23.67 2.44
CA ASP C 278 17.82 23.43 3.62
C ASP C 278 18.08 21.95 3.81
N THR C 279 19.27 21.64 4.32
CA THR C 279 19.72 20.28 4.60
C THR C 279 19.70 20.10 6.11
N ASP C 280 18.67 19.45 6.62
CA ASP C 280 18.48 19.37 8.06
C ASP C 280 19.36 18.29 8.66
N GLN C 281 19.24 17.06 8.18
CA GLN C 281 20.08 15.98 8.69
C GLN C 281 20.20 14.93 7.61
N VAL C 282 21.24 14.11 7.71
CA VAL C 282 21.60 13.16 6.68
C VAL C 282 21.69 11.79 7.32
N TYR C 283 20.93 10.84 6.80
CA TYR C 283 21.08 9.46 7.24
C TYR C 283 22.13 8.76 6.38
N GLY C 284 22.87 7.86 7.01
CA GLY C 284 23.90 7.12 6.33
C GLY C 284 24.71 6.19 7.22
N ASN C 285 25.17 5.09 6.66
CA ASN C 285 25.76 4.01 7.44
C ASN C 285 27.27 3.96 7.32
N ILE C 286 27.89 3.19 8.21
CA ILE C 286 29.32 2.91 8.19
C ILE C 286 29.51 1.48 7.70
N ALA C 287 30.49 1.27 6.83
CA ALA C 287 31.00 -0.06 6.55
C ALA C 287 32.30 -0.24 7.32
N THR C 288 32.42 -1.36 8.02
CA THR C 288 33.57 -1.65 8.85
C THR C 288 34.38 -2.80 8.25
N TYR C 289 35.66 -2.81 8.59
CA TYR C 289 36.54 -3.87 8.17
C TYR C 289 36.22 -5.17 8.91
N ASN C 290 36.35 -6.28 8.21
CA ASN C 290 36.23 -7.60 8.82
C ASN C 290 37.61 -8.24 8.87
N PHE C 291 38.01 -8.66 10.07
CA PHE C 291 39.27 -9.37 10.22
C PHE C 291 39.20 -10.79 9.71
N GLU C 292 37.99 -11.29 9.45
CA GLU C 292 37.83 -12.65 8.97
C GLU C 292 38.38 -12.80 7.55
N ASN C 293 37.81 -12.06 6.60
CA ASN C 293 38.17 -12.23 5.20
C ASN C 293 38.66 -10.95 4.55
N GLY C 294 38.91 -9.91 5.36
CA GLY C 294 39.32 -8.65 4.80
C GLY C 294 38.22 -7.82 4.19
N ARG C 295 37.00 -8.33 4.07
CA ARG C 295 35.96 -7.64 3.35
C ARG C 295 35.30 -6.60 4.22
N VAL C 296 35.28 -5.37 3.73
CA VAL C 296 34.62 -4.30 4.47
C VAL C 296 33.13 -4.39 4.21
N ARG C 297 32.36 -4.55 5.28
CA ARG C 297 30.93 -4.83 5.19
C ARG C 297 30.13 -3.73 5.86
N VAL C 298 28.97 -3.46 5.31
CA VAL C 298 28.09 -2.44 5.86
C VAL C 298 27.30 -3.03 7.03
N ASP C 299 27.38 -2.39 8.18
CA ASP C 299 26.40 -2.59 9.24
C ASP C 299 25.24 -1.65 8.94
N THR C 300 24.09 -2.22 8.61
CA THR C 300 22.91 -1.41 8.42
C THR C 300 22.36 -0.87 9.73
N GLY C 301 22.74 -1.47 10.86
CA GLY C 301 22.24 -1.00 12.14
C GLY C 301 22.87 0.32 12.55
N SER C 302 24.19 0.41 12.47
CA SER C 302 24.89 1.61 12.90
C SER C 302 24.79 2.70 11.84
N ASN C 303 24.79 3.95 12.30
CA ASN C 303 24.79 5.10 11.42
C ASN C 303 25.71 6.17 11.99
N TRP C 304 26.07 7.13 11.14
CA TRP C 304 26.92 8.24 11.55
C TRP C 304 26.25 9.16 12.55
N SER C 305 24.93 9.04 12.70
CA SER C 305 24.20 9.77 13.74
C SER C 305 24.73 9.42 15.12
N GLU C 306 25.19 8.19 15.31
CA GLU C 306 25.76 7.81 16.59
C GLU C 306 27.12 8.45 16.81
N VAL C 307 27.82 8.79 15.74
CA VAL C 307 29.25 8.99 15.79
C VAL C 307 29.64 10.45 15.72
N LEU C 308 28.95 11.22 14.88
CA LEU C 308 29.31 12.62 14.67
C LEU C 308 29.28 13.51 15.92
N PRO C 309 28.29 13.45 16.81
CA PRO C 309 28.42 14.24 18.04
C PRO C 309 29.50 13.75 18.96
N GLN C 310 29.86 12.47 18.89
CA GLN C 310 30.99 11.99 19.66
C GLN C 310 32.29 12.61 19.18
N ILE C 311 32.39 12.81 17.87
CA ILE C 311 33.58 13.43 17.32
C ILE C 311 33.60 14.91 17.64
N GLN C 312 32.43 15.57 17.55
CA GLN C 312 32.37 17.00 17.74
C GLN C 312 32.67 17.42 19.17
N GLU C 313 32.33 16.57 20.13
CA GLU C 313 32.52 16.95 21.53
C GLU C 313 33.87 16.56 22.08
N THR C 314 34.73 15.97 21.27
CA THR C 314 36.02 15.48 21.76
C THR C 314 37.21 16.04 21.01
N THR C 315 37.00 16.83 19.97
CA THR C 315 38.08 17.27 19.10
C THR C 315 38.10 18.78 19.02
N ALA C 316 39.22 19.29 18.53
CA ALA C 316 39.33 20.67 18.09
C ALA C 316 39.14 20.73 16.59
N ARG C 317 38.38 21.71 16.14
CA ARG C 317 38.07 21.87 14.72
C ARG C 317 38.89 23.01 14.15
N ILE C 318 39.52 22.77 13.00
CA ILE C 318 40.34 23.76 12.32
C ILE C 318 39.90 23.85 10.88
N ILE C 319 39.56 25.06 10.43
CA ILE C 319 39.16 25.32 9.06
C ILE C 319 40.24 26.18 8.42
N PHE C 320 40.62 25.81 7.20
CA PHE C 320 41.74 26.42 6.50
C PHE C 320 41.44 26.48 5.02
N ASN C 321 41.79 27.59 4.40
CA ASN C 321 41.39 27.85 3.01
C ASN C 321 42.57 28.27 2.15
N GLY C 322 43.77 27.77 2.47
CA GLY C 322 44.89 28.10 1.63
C GLY C 322 45.04 27.25 0.39
N LYS C 323 44.29 26.15 0.33
CA LYS C 323 44.28 25.30 -0.87
C LYS C 323 43.12 25.76 -1.74
N ASP C 324 43.44 26.70 -2.63
CA ASP C 324 42.55 27.19 -3.69
C ASP C 324 41.28 27.81 -3.12
N LEU C 325 41.43 28.52 -2.01
CA LEU C 325 40.40 29.35 -1.39
C LEU C 325 39.18 28.54 -0.99
N ASN C 326 39.38 27.28 -0.64
CA ASN C 326 38.30 26.36 -0.34
C ASN C 326 38.38 25.97 1.12
N LEU C 327 37.26 26.09 1.82
CA LEU C 327 37.21 25.84 3.26
C LEU C 327 37.38 24.36 3.52
N VAL C 328 38.51 24.01 4.13
CA VAL C 328 38.85 22.64 4.46
C VAL C 328 38.80 22.49 5.96
N GLU C 329 37.97 21.58 6.44
CA GLU C 329 37.73 21.37 7.85
C GLU C 329 38.36 20.06 8.31
N ARG C 330 39.12 20.12 9.39
CA ARG C 330 39.70 18.93 9.99
C ARG C 330 39.51 18.97 11.50
N ARG C 331 39.11 17.85 12.07
CA ARG C 331 38.95 17.72 13.51
C ARG C 331 40.06 16.83 14.05
N ILE C 332 40.72 17.31 15.09
CA ILE C 332 41.89 16.67 15.66
C ILE C 332 41.61 16.40 17.12
N ALA C 333 41.88 15.18 17.57
CA ALA C 333 41.59 14.81 18.94
C ALA C 333 42.48 15.57 19.91
N ALA C 334 41.86 16.24 20.87
CA ALA C 334 42.59 17.01 21.86
C ALA C 334 41.92 16.83 23.22
N VAL C 335 42.69 17.11 24.27
CA VAL C 335 42.34 16.68 25.62
C VAL C 335 41.35 17.64 26.25
N ASN C 336 40.26 17.09 26.79
CA ASN C 336 39.42 17.81 27.73
C ASN C 336 39.90 17.48 29.12
N PRO C 337 40.35 18.47 29.90
CA PRO C 337 40.93 18.16 31.22
C PRO C 337 39.92 17.67 32.24
N SER C 338 38.66 18.04 32.12
CA SER C 338 37.66 17.66 33.09
C SER C 338 37.09 16.27 32.85
N ASP C 339 37.56 15.57 31.82
CA ASP C 339 37.09 14.23 31.48
C ASP C 339 38.25 13.26 31.63
N PRO C 340 38.18 12.30 32.55
CA PRO C 340 39.34 11.46 32.84
C PRO C 340 39.70 10.53 31.70
N LEU C 341 38.72 9.99 30.99
CA LEU C 341 39.02 9.15 29.84
C LEU C 341 39.61 9.97 28.71
N GLU C 342 39.16 11.22 28.56
CA GLU C 342 39.67 12.06 27.49
C GLU C 342 41.11 12.49 27.74
N THR C 343 41.54 12.52 29.01
CA THR C 343 42.91 12.88 29.35
C THR C 343 43.91 11.78 29.04
N THR C 344 43.46 10.60 28.63
CA THR C 344 44.35 9.49 28.33
C THR C 344 45.04 9.62 26.98
N LYS C 345 44.73 10.66 26.21
CA LYS C 345 45.32 10.87 24.91
C LYS C 345 46.67 11.57 25.06
N PRO C 346 47.57 11.36 24.10
CA PRO C 346 48.80 12.16 24.08
C PRO C 346 48.51 13.62 23.76
N ASP C 347 49.40 14.47 24.23
CA ASP C 347 49.21 15.91 24.09
C ASP C 347 49.42 16.35 22.66
N MET C 348 48.67 17.39 22.25
CA MET C 348 48.74 17.91 20.90
C MET C 348 49.12 19.39 20.94
N THR C 349 50.29 19.71 20.43
CA THR C 349 50.62 21.09 20.17
C THR C 349 49.96 21.54 18.87
N LEU C 350 49.91 22.86 18.69
CA LEU C 350 49.28 23.40 17.49
C LEU C 350 50.11 23.11 16.25
N LYS C 351 51.43 23.22 16.37
CA LYS C 351 52.30 23.05 15.21
C LYS C 351 52.30 21.61 14.72
N GLU C 352 52.30 20.66 15.65
CA GLU C 352 52.20 19.25 15.30
C GLU C 352 50.87 18.96 14.61
N ALA C 353 49.80 19.58 15.10
CA ALA C 353 48.48 19.41 14.52
C ALA C 353 48.43 19.95 13.10
N LEU C 354 49.00 21.13 12.88
CA LEU C 354 49.05 21.72 11.56
C LEU C 354 49.94 20.94 10.62
N LYS C 355 50.95 20.27 11.18
CA LYS C 355 51.82 19.44 10.36
C LYS C 355 51.11 18.18 9.91
N ILE C 356 50.42 17.51 10.81
CA ILE C 356 49.83 16.22 10.45
C ILE C 356 48.50 16.39 9.73
N ALA C 357 47.83 17.53 9.92
CA ALA C 357 46.49 17.67 9.39
C ALA C 357 46.47 18.26 8.00
N PHE C 358 47.39 19.16 7.71
CA PHE C 358 47.37 19.90 6.46
C PHE C 358 48.58 19.61 5.61
N GLY C 359 49.42 18.66 6.01
CA GLY C 359 50.62 18.37 5.27
C GLY C 359 51.66 19.44 5.38
N PHE C 360 51.68 20.19 6.48
CA PHE C 360 52.66 21.24 6.63
C PHE C 360 54.04 20.66 6.93
N ASN C 361 55.05 21.48 6.73
CA ASN C 361 56.42 21.05 6.97
C ASN C 361 57.25 22.22 7.45
N GLU C 362 58.39 21.89 8.04
CA GLU C 362 59.46 22.84 8.30
C GLU C 362 60.68 22.41 7.51
N PRO C 363 60.74 22.75 6.23
CA PRO C 363 61.88 22.35 5.41
C PRO C 363 63.15 23.09 5.77
N ASN C 364 63.04 24.25 6.39
CA ASN C 364 64.19 25.00 6.87
C ASN C 364 63.91 25.49 8.29
N GLY C 365 63.29 24.63 9.09
CA GLY C 365 62.90 25.02 10.43
C GLY C 365 61.75 26.00 10.51
N ASN C 366 61.03 26.20 9.42
CA ASN C 366 59.95 27.18 9.36
C ASN C 366 58.71 26.53 8.79
N LEU C 367 57.60 26.68 9.51
CA LEU C 367 56.38 25.96 9.18
C LEU C 367 55.78 26.50 7.90
N GLN C 368 55.58 25.62 6.93
CA GLN C 368 55.18 26.06 5.60
C GLN C 368 54.10 25.16 5.03
N TYR C 369 53.18 25.79 4.32
CA TYR C 369 52.14 25.11 3.58
C TYR C 369 52.65 25.37 2.17
N GLN C 370 52.95 24.28 1.45
CA GLN C 370 53.53 24.37 0.10
C GLN C 370 54.79 25.24 0.23
N GLY C 371 54.91 26.26 -0.60
CA GLY C 371 56.06 27.16 -0.55
C GLY C 371 55.78 28.45 0.21
N LYS C 372 54.62 28.53 0.84
CA LYS C 372 54.18 29.72 1.54
C LYS C 372 54.46 29.63 3.04
N ASP C 373 54.92 30.73 3.62
CA ASP C 373 55.15 30.77 5.05
C ASP C 373 53.83 30.81 5.81
N ILE C 374 53.88 30.32 7.05
CA ILE C 374 52.74 30.37 7.94
C ILE C 374 52.44 31.79 8.38
N THR C 375 53.45 32.67 8.35
CA THR C 375 53.28 34.03 8.82
C THR C 375 52.42 34.87 7.89
N GLU C 376 52.17 34.42 6.68
CA GLU C 376 51.23 35.08 5.79
C GLU C 376 49.79 34.63 6.00
N PHE C 377 49.54 33.83 7.03
CA PHE C 377 48.20 33.41 7.39
C PHE C 377 47.82 34.00 8.73
N ASP C 378 46.55 34.37 8.86
CA ASP C 378 46.03 34.94 10.09
C ASP C 378 45.07 34.00 10.77
N PHE C 379 44.97 34.15 12.09
CA PHE C 379 44.26 33.25 12.96
C PHE C 379 43.00 33.91 13.48
N ASN C 380 41.96 33.10 13.67
CA ASN C 380 40.68 33.57 14.16
C ASN C 380 40.11 32.53 15.09
N PHE C 381 39.51 33.00 16.17
CA PHE C 381 39.03 32.13 17.22
C PHE C 381 37.68 32.63 17.70
N ASP C 382 36.83 31.70 18.09
CA ASP C 382 35.66 32.12 18.83
C ASP C 382 36.07 32.43 20.27
N GLN C 383 35.10 32.98 21.01
CA GLN C 383 35.37 33.70 22.25
C GLN C 383 35.97 32.80 23.32
N GLN C 384 35.49 31.56 23.40
CA GLN C 384 36.04 30.62 24.36
C GLN C 384 37.48 30.23 24.00
N THR C 385 37.69 29.88 22.73
CA THR C 385 39.03 29.49 22.29
C THR C 385 39.98 30.68 22.32
N SER C 386 39.48 31.87 21.95
CA SER C 386 40.32 33.07 22.02
C SER C 386 40.70 33.40 23.45
N GLN C 387 39.77 33.20 24.38
CA GLN C 387 40.07 33.38 25.80
C GLN C 387 41.13 32.40 26.28
N ASN C 388 41.02 31.15 25.84
CA ASN C 388 41.98 30.15 26.28
C ASN C 388 43.35 30.40 25.70
N ILE C 389 43.40 30.85 24.44
CA ILE C 389 44.68 31.22 23.82
C ILE C 389 45.26 32.44 24.50
N LYS C 390 44.40 33.38 24.93
CA LYS C 390 44.85 34.53 25.69
C LYS C 390 45.48 34.11 27.01
N ASN C 391 44.86 33.15 27.68
CA ASN C 391 45.40 32.65 28.95
C ASN C 391 46.72 31.92 28.74
N GLN C 392 46.82 31.13 27.67
CA GLN C 392 48.05 30.40 27.40
C GLN C 392 49.19 31.35 27.03
N LEU C 393 48.90 32.40 26.28
CA LEU C 393 49.92 33.38 25.95
C LEU C 393 50.29 34.22 27.15
N ALA C 394 49.35 34.43 28.07
CA ALA C 394 49.67 35.11 29.32
C ALA C 394 50.61 34.27 30.16
N GLU C 395 50.41 32.95 30.16
CA GLU C 395 51.28 32.09 30.93
C GLU C 395 52.64 31.93 30.28
N LEU C 396 52.70 31.94 28.96
CA LEU C 396 53.97 31.79 28.27
C LEU C 396 54.76 33.08 28.14
N ASN C 397 54.14 34.21 28.53
CA ASN C 397 54.75 35.54 28.50
C ASN C 397 55.22 35.93 27.10
N ALA C 398 54.53 35.44 26.08
CA ALA C 398 54.87 35.73 24.70
C ALA C 398 53.79 36.59 24.08
N THR C 399 54.16 37.26 22.98
CA THR C 399 53.23 38.13 22.25
C THR C 399 52.89 37.59 20.87
N ASN C 400 53.90 37.29 20.06
CA ASN C 400 53.64 36.69 18.76
C ASN C 400 53.26 35.23 18.95
N ILE C 401 52.10 34.87 18.43
CA ILE C 401 51.70 33.47 18.45
C ILE C 401 52.56 32.66 17.50
N TYR C 402 53.08 33.30 16.44
CA TYR C 402 53.80 32.61 15.37
C TYR C 402 55.14 32.07 15.85
N THR C 403 55.62 32.58 16.97
CA THR C 403 56.85 32.09 17.56
C THR C 403 56.64 30.88 18.45
N VAL C 404 55.43 30.67 18.95
CA VAL C 404 55.23 29.70 20.02
C VAL C 404 54.26 28.60 19.61
N LEU C 405 54.21 28.32 18.31
CA LEU C 405 53.25 27.36 17.75
C LEU C 405 53.51 25.94 18.21
N ASP C 406 54.75 25.64 18.60
CA ASP C 406 55.11 24.36 19.17
C ASP C 406 54.76 24.23 20.65
N LYS C 407 54.18 25.27 21.25
CA LYS C 407 53.89 25.25 22.66
C LYS C 407 52.42 25.45 22.95
N ILE C 408 51.60 25.68 21.93
CA ILE C 408 50.18 25.95 22.14
C ILE C 408 49.46 24.64 22.39
N LYS C 409 49.02 24.45 23.63
CA LYS C 409 48.29 23.24 23.98
C LYS C 409 46.85 23.36 23.50
N LEU C 410 46.39 22.36 22.77
CA LEU C 410 45.04 22.36 22.25
C LEU C 410 44.12 21.59 23.18
N ASN C 411 42.82 21.85 23.05
CA ASN C 411 41.82 21.22 23.89
C ASN C 411 40.63 20.84 23.05
N ALA C 412 39.69 20.14 23.67
CA ALA C 412 38.49 19.74 22.96
C ALA C 412 37.60 20.96 22.71
N LYS C 413 36.79 20.85 21.66
CA LYS C 413 35.77 21.83 21.27
C LYS C 413 36.37 23.17 20.87
N MET C 414 37.66 23.22 20.53
CA MET C 414 38.23 24.45 20.02
C MET C 414 37.84 24.66 18.55
N ASN C 415 37.94 25.90 18.11
CA ASN C 415 37.60 26.29 16.74
C ASN C 415 38.64 27.28 16.25
N ILE C 416 39.35 26.91 15.19
CA ILE C 416 40.49 27.67 14.71
C ILE C 416 40.30 27.93 13.22
N LEU C 417 40.11 29.19 12.85
CA LEU C 417 40.01 29.58 11.46
C LEU C 417 41.33 30.18 11.01
N ILE C 418 41.91 29.65 9.94
CA ILE C 418 43.19 30.12 9.46
C ILE C 418 42.99 30.57 8.01
N ARG C 419 43.16 31.86 7.77
CA ARG C 419 42.95 32.42 6.44
C ARG C 419 44.22 33.05 5.91
N ASP C 420 44.16 33.45 4.65
CA ASP C 420 45.26 34.18 4.05
C ASP C 420 45.16 35.65 4.45
N LYS C 421 46.30 36.25 4.73
CA LYS C 421 46.33 37.67 5.08
C LYS C 421 46.14 38.57 3.86
N ARG C 422 46.34 38.05 2.66
CA ARG C 422 46.28 38.88 1.47
C ARG C 422 44.85 39.29 1.16
N PHE C 423 43.88 38.35 1.06
CA PHE C 423 42.53 38.76 0.51
C PHE C 423 41.45 39.16 1.50
N HIS C 424 40.21 39.31 1.00
CA HIS C 424 39.04 39.80 1.77
C HIS C 424 37.84 38.86 1.66
N TYR C 425 37.24 38.40 2.75
CA TYR C 425 36.13 37.42 2.63
C TYR C 425 34.77 37.98 3.06
N ASP C 426 33.68 37.33 2.62
CA ASP C 426 32.30 37.74 2.97
C ASP C 426 31.87 37.00 4.23
N ARG C 427 30.61 37.22 4.66
CA ARG C 427 30.06 36.59 5.88
C ARG C 427 30.03 35.06 5.72
N ASN C 428 29.62 34.58 4.53
CA ASN C 428 29.54 33.12 4.25
C ASN C 428 30.96 32.55 4.11
N ASN C 429 31.97 33.35 4.43
CA ASN C 429 33.39 32.94 4.32
C ASN C 429 33.83 32.56 2.90
N ILE C 430 33.06 32.92 1.87
CA ILE C 430 33.53 32.66 0.48
C ILE C 430 34.44 33.82 0.11
N ALA C 431 35.56 33.59 -0.59
CA ALA C 431 36.40 34.74 -0.96
C ALA C 431 35.55 35.62 -1.88
N VAL C 432 35.41 36.89 -1.54
CA VAL C 432 34.53 37.83 -2.30
C VAL C 432 35.31 39.09 -2.62
N GLY C 433 36.17 39.53 -1.71
CA GLY C 433 36.88 40.80 -1.88
C GLY C 433 38.20 40.65 -2.61
N ALA C 434 39.02 41.71 -2.52
CA ALA C 434 40.37 41.80 -3.13
C ALA C 434 41.05 43.06 -2.59
N ASP C 435 42.38 43.12 -2.66
CA ASP C 435 43.13 44.32 -2.17
C ASP C 435 43.92 44.94 -3.32
N GLU C 436 43.79 46.26 -3.50
CA GLU C 436 44.47 47.00 -4.59
C GLU C 436 45.98 46.70 -4.58
N SER C 437 46.63 46.85 -3.41
CA SER C 437 48.09 46.64 -3.30
C SER C 437 48.41 45.21 -3.71
N VAL C 438 47.59 44.27 -3.23
CA VAL C 438 47.71 42.82 -3.51
C VAL C 438 47.49 42.58 -5.00
N VAL C 439 46.42 43.16 -5.54
CA VAL C 439 46.03 42.97 -6.98
C VAL C 439 47.19 43.40 -7.88
N LYS C 440 48.27 43.94 -7.31
CA LYS C 440 49.38 44.39 -8.16
C LYS C 440 50.04 43.20 -8.84
N GLU C 441 50.29 42.15 -8.08
CA GLU C 441 51.07 40.97 -8.56
C GLU C 441 50.41 40.17 -9.69
N ALA C 442 49.08 40.02 -9.66
CA ALA C 442 48.39 39.14 -10.62
C ALA C 442 48.64 39.57 -12.08
N HIS C 443 48.66 40.88 -12.32
CA HIS C 443 48.80 41.43 -13.70
C HIS C 443 50.21 41.98 -13.95
N ARG C 444 51.12 41.81 -12.99
CA ARG C 444 52.52 42.31 -13.12
C ARG C 444 53.35 41.33 -13.93
N GLU C 445 52.88 40.09 -14.12
CA GLU C 445 53.64 39.11 -14.93
C GLU C 445 53.26 39.35 -16.39
N VAL C 446 54.19 39.93 -17.17
CA VAL C 446 53.95 40.25 -18.61
C VAL C 446 54.29 38.99 -19.43
N ILE C 447 53.47 37.95 -19.34
CA ILE C 447 53.76 36.68 -20.08
C ILE C 447 53.76 36.99 -21.57
N ASN C 448 52.78 37.76 -22.02
CA ASN C 448 52.68 38.12 -23.47
C ASN C 448 51.80 39.37 -23.58
N SER C 449 51.79 39.98 -24.77
CA SER C 449 50.92 41.13 -25.04
C SER C 449 50.11 40.82 -26.30
N SER C 450 48.80 40.71 -26.11
CA SER C 450 47.74 40.47 -27.13
C SER C 450 47.16 41.79 -27.67
N THR C 451 46.22 41.65 -28.62
CA THR C 451 45.51 42.75 -29.31
C THR C 451 44.04 42.34 -29.45
N GLU C 452 43.75 41.04 -29.29
CA GLU C 452 42.37 40.50 -29.42
C GLU C 452 41.67 40.40 -28.05
N GLY C 453 42.41 40.61 -26.96
CA GLY C 453 41.87 40.55 -25.60
C GLY C 453 42.99 40.52 -24.57
N LEU C 454 43.05 39.47 -23.75
CA LEU C 454 44.11 39.33 -22.72
C LEU C 454 44.94 38.09 -23.03
N LEU C 455 46.27 38.24 -23.10
CA LEU C 455 47.18 37.10 -23.39
C LEU C 455 48.30 37.07 -22.34
N LEU C 456 47.96 36.74 -21.10
CA LEU C 456 48.94 36.68 -19.98
C LEU C 456 48.58 35.50 -19.08
N ASN C 457 49.56 34.99 -18.31
CA ASN C 457 49.31 33.84 -17.39
C ASN C 457 48.88 34.37 -16.03
N ILE C 458 47.58 34.26 -15.72
CA ILE C 458 47.05 34.72 -14.44
C ILE C 458 47.01 33.57 -13.43
N ASP C 459 47.45 33.86 -12.20
CA ASP C 459 47.48 32.88 -11.12
C ASP C 459 46.07 32.44 -10.74
N LYS C 460 45.88 31.11 -10.68
CA LYS C 460 44.60 30.44 -10.44
C LYS C 460 43.89 30.90 -9.17
N ASP C 461 44.63 31.13 -8.09
CA ASP C 461 44.09 31.68 -6.85
C ASP C 461 43.51 33.07 -7.07
N ILE C 462 44.34 33.96 -7.60
CA ILE C 462 44.05 35.37 -7.86
C ILE C 462 42.78 35.58 -8.67
N ARG C 463 42.69 34.95 -9.86
CA ARG C 463 41.55 35.10 -10.76
C ARG C 463 40.18 34.78 -10.14
N LYS C 464 40.25 34.13 -8.98
CA LYS C 464 39.02 33.67 -8.31
C LYS C 464 38.22 34.83 -7.73
N ILE C 465 38.79 36.04 -7.64
CA ILE C 465 37.96 37.10 -6.99
C ILE C 465 37.53 38.18 -7.98
N LEU C 466 38.14 38.25 -9.14
CA LEU C 466 37.79 39.36 -10.05
C LEU C 466 36.56 38.97 -10.86
N SER C 467 35.41 39.55 -10.52
CA SER C 467 34.12 39.24 -11.19
C SER C 467 34.25 39.44 -12.70
N GLY C 468 34.99 40.45 -13.15
CA GLY C 468 35.07 40.68 -14.59
C GLY C 468 36.09 41.75 -14.92
N TYR C 469 36.12 42.15 -16.19
CA TYR C 469 37.11 43.17 -16.63
C TYR C 469 36.45 44.31 -17.42
N ILE C 470 37.11 45.45 -17.39
CA ILE C 470 36.67 46.73 -18.02
C ILE C 470 37.69 47.10 -19.11
N VAL C 471 37.24 47.24 -20.36
CA VAL C 471 38.12 47.63 -21.49
C VAL C 471 37.82 49.10 -21.84
N GLU C 472 38.84 49.96 -21.86
CA GLU C 472 38.58 51.39 -22.16
C GLU C 472 39.60 51.93 -23.18
N ILE C 473 39.22 52.95 -23.94
CA ILE C 473 40.13 53.56 -24.95
C ILE C 473 40.16 55.09 -24.77
N GLU C 474 41.31 55.63 -24.34
CA GLU C 474 41.49 57.09 -24.13
C GLU C 474 41.62 57.81 -25.48
N ASP C 475 41.35 59.12 -25.51
CA ASP C 475 41.43 59.89 -26.78
C ASP C 475 42.38 61.09 -26.63
N THR C 476 41.95 62.16 -25.97
CA THR C 476 42.77 63.39 -25.79
C THR C 476 42.58 64.18 -24.49
N GLU C 477 41.37 64.48 -24.01
CA GLU C 477 41.35 65.42 -22.86
C GLU C 477 41.97 64.77 -21.63
N GLY C 478 41.65 63.50 -21.38
CA GLY C 478 42.19 62.72 -20.25
C GLY C 478 41.28 61.57 -19.85
N LEU C 479 40.07 61.53 -20.41
CA LEU C 479 39.05 60.50 -20.06
C LEU C 479 39.22 59.21 -20.87
N LYS C 480 38.29 58.26 -20.70
CA LYS C 480 38.33 56.95 -21.41
C LYS C 480 36.92 56.59 -21.89
N GLU C 481 36.80 55.56 -22.74
CA GLU C 481 35.50 55.11 -23.29
C GLU C 481 35.43 53.58 -23.25
N VAL C 482 34.41 53.02 -22.60
CA VAL C 482 34.25 51.54 -22.46
C VAL C 482 33.65 50.83 -23.69
N ILE C 483 34.38 49.86 -24.27
CA ILE C 483 33.93 49.14 -25.50
C ILE C 483 32.60 48.40 -25.30
N ASN C 484 32.20 48.11 -24.06
CA ASN C 484 30.95 47.38 -23.75
C ASN C 484 29.94 48.37 -23.15
N ASP C 485 28.69 48.31 -23.63
CA ASP C 485 27.61 49.21 -23.12
C ASP C 485 27.06 48.63 -21.81
N ARG C 486 26.56 47.40 -21.85
CA ARG C 486 25.98 46.72 -20.65
C ARG C 486 27.11 46.30 -19.69
N TYR C 487 26.78 46.16 -18.40
CA TYR C 487 27.76 45.76 -17.35
C TYR C 487 28.06 44.26 -17.46
N ASP C 488 27.02 43.44 -17.62
CA ASP C 488 27.15 41.97 -17.75
C ASP C 488 28.23 41.67 -18.80
N MET C 489 28.49 42.64 -19.68
CA MET C 489 29.52 42.53 -20.76
C MET C 489 30.94 42.64 -20.19
N LEU C 490 31.08 43.20 -18.98
CA LEU C 490 32.41 43.38 -18.32
C LEU C 490 33.05 42.01 -18.08
N ASN C 491 32.25 41.00 -17.72
CA ASN C 491 32.71 39.63 -17.39
C ASN C 491 33.52 38.93 -18.50
N ILE C 492 34.85 38.88 -18.31
CA ILE C 492 35.86 38.10 -19.08
C ILE C 492 36.72 37.30 -18.10
N SER C 493 36.46 35.99 -18.00
CA SER C 493 37.23 35.03 -17.16
C SER C 493 37.43 33.72 -17.93
N SER C 494 38.66 33.16 -17.96
CA SER C 494 38.91 31.90 -18.71
C SER C 494 40.17 31.16 -18.23
N LEU C 495 40.70 30.23 -19.03
CA LEU C 495 41.80 29.34 -18.57
C LEU C 495 42.33 28.53 -19.78
N ARG C 496 43.65 28.30 -19.85
CA ARG C 496 44.26 27.56 -21.00
C ARG C 496 45.28 26.51 -20.54
N GLN C 497 45.61 25.55 -21.41
CA GLN C 497 46.56 24.43 -21.13
C GLN C 497 47.98 24.95 -20.87
N ASP C 498 48.30 26.15 -21.39
CA ASP C 498 49.60 26.83 -21.17
C ASP C 498 49.46 27.71 -19.91
N GLY C 499 48.26 27.78 -19.32
CA GLY C 499 48.02 28.58 -18.11
C GLY C 499 47.67 30.03 -18.38
N LYS C 500 47.61 30.36 -19.67
CA LYS C 500 47.27 31.71 -20.16
C LYS C 500 45.75 31.89 -20.14
N THR C 501 45.24 32.73 -19.23
CA THR C 501 43.78 32.98 -19.20
C THR C 501 43.42 33.60 -20.55
N PHE C 502 42.34 33.14 -21.20
CA PHE C 502 42.06 33.70 -22.54
C PHE C 502 40.59 34.12 -22.71
N ILE C 503 40.26 35.34 -22.32
CA ILE C 503 38.88 35.86 -22.59
C ILE C 503 39.04 37.09 -23.50
N ASP C 504 38.12 37.31 -24.46
CA ASP C 504 38.32 38.44 -25.40
C ASP C 504 37.19 39.48 -25.35
N PHE C 505 37.52 40.72 -25.77
CA PHE C 505 36.55 41.83 -25.90
C PHE C 505 35.49 41.55 -26.98
N LYS C 506 35.90 40.99 -28.13
CA LYS C 506 35.00 40.75 -29.29
C LYS C 506 33.70 40.04 -28.89
N LYS C 507 33.80 38.91 -28.18
CA LYS C 507 32.61 38.10 -27.74
C LYS C 507 31.47 38.98 -27.21
N TYR C 508 31.75 39.82 -26.21
CA TYR C 508 30.70 40.66 -25.57
C TYR C 508 30.36 41.91 -26.40
N ASN C 509 31.12 42.15 -27.49
CA ASN C 509 30.84 43.30 -28.39
C ASN C 509 29.99 42.81 -29.56
N ASP C 510 30.29 43.26 -30.79
CA ASP C 510 29.47 42.85 -31.96
C ASP C 510 30.29 41.96 -32.90
N LYS C 511 31.06 41.03 -32.32
CA LYS C 511 31.98 40.13 -33.06
C LYS C 511 32.99 40.97 -33.84
N LEU C 512 32.82 42.30 -33.81
CA LEU C 512 33.72 43.27 -34.51
C LEU C 512 35.05 43.42 -33.76
N PRO C 513 36.13 43.84 -34.45
CA PRO C 513 37.45 44.02 -33.83
C PRO C 513 37.59 45.31 -33.00
N LEU C 514 38.55 45.33 -32.07
CA LEU C 514 38.73 46.51 -31.18
C LEU C 514 38.96 47.75 -32.03
N TYR C 515 37.87 48.44 -32.35
CA TYR C 515 37.85 49.69 -33.14
C TYR C 515 38.49 50.80 -32.30
N ILE C 516 39.42 51.55 -32.90
CA ILE C 516 40.11 52.68 -32.21
C ILE C 516 40.55 53.69 -33.26
N SER C 517 40.44 55.00 -32.96
CA SER C 517 40.82 56.06 -33.93
C SER C 517 42.20 56.64 -33.59
N ASN C 518 42.26 57.61 -32.67
CA ASN C 518 43.56 58.24 -32.29
C ASN C 518 43.88 57.92 -30.83
N PRO C 519 45.08 57.36 -30.52
CA PRO C 519 45.47 57.03 -29.16
C PRO C 519 46.56 57.93 -28.57
N ASN C 520 46.26 58.61 -27.47
CA ASN C 520 47.24 59.47 -26.76
C ASN C 520 47.69 58.77 -25.47
N TYR C 521 46.94 57.74 -25.07
CA TYR C 521 47.25 56.88 -23.88
C TYR C 521 47.10 55.43 -24.31
N LYS C 522 47.59 54.48 -23.50
CA LYS C 522 47.48 53.07 -23.93
C LYS C 522 46.08 52.53 -23.60
N VAL C 523 45.62 51.48 -24.31
CA VAL C 523 44.32 50.81 -23.99
C VAL C 523 44.44 50.35 -22.54
N ASN C 524 43.44 50.65 -21.69
CA ASN C 524 43.55 50.26 -20.25
C ASN C 524 42.56 49.15 -19.89
N VAL C 525 43.01 47.89 -19.88
CA VAL C 525 42.11 46.78 -19.49
C VAL C 525 42.04 46.68 -17.96
N TYR C 526 41.02 47.29 -17.34
CA TYR C 526 40.88 47.25 -15.86
C TYR C 526 40.14 45.99 -15.43
N ALA C 527 40.23 45.68 -14.13
CA ALA C 527 39.56 44.48 -13.55
C ALA C 527 38.66 44.93 -12.39
N VAL C 528 37.71 44.09 -11.96
CA VAL C 528 36.79 44.50 -10.85
C VAL C 528 36.88 43.51 -9.68
N THR C 529 36.08 43.73 -8.63
CA THR C 529 36.04 42.86 -7.42
C THR C 529 34.60 42.42 -7.18
N LYS C 530 34.39 41.16 -6.79
CA LYS C 530 33.02 40.62 -6.57
C LYS C 530 32.28 41.49 -5.55
N GLU C 531 32.95 41.92 -4.49
CA GLU C 531 32.30 42.82 -3.51
C GLU C 531 32.01 44.16 -4.20
N ASN C 532 33.00 44.67 -4.94
CA ASN C 532 32.91 45.96 -5.67
C ASN C 532 31.84 45.92 -6.78
N THR C 533 31.74 44.82 -7.53
CA THR C 533 30.77 44.76 -8.65
C THR C 533 29.43 44.18 -8.19
N ILE C 534 28.41 45.04 -8.13
CA ILE C 534 27.05 44.64 -7.65
C ILE C 534 26.16 44.45 -8.90
N ILE C 535 25.51 43.29 -9.06
CA ILE C 535 24.69 43.11 -10.30
C ILE C 535 23.25 43.52 -9.96
N ASN C 536 23.08 44.25 -8.86
CA ASN C 536 21.74 44.67 -8.36
C ASN C 536 21.01 45.42 -9.49
N PRO C 537 19.71 45.16 -9.70
CA PRO C 537 18.95 45.70 -10.83
C PRO C 537 18.74 47.21 -11.00
N SER C 538 18.87 47.64 -12.27
CA SER C 538 18.70 49.02 -12.77
C SER C 538 18.66 48.98 -14.30
N GLU C 539 17.55 49.40 -14.92
CA GLU C 539 17.41 49.35 -16.40
C GLU C 539 17.45 50.76 -17.00
N ASN C 540 18.36 51.61 -16.51
CA ASN C 540 18.53 52.99 -17.03
C ASN C 540 20.02 53.26 -17.23
N GLY C 541 20.39 53.96 -18.31
CA GLY C 541 21.82 54.25 -18.55
C GLY C 541 22.66 52.99 -18.51
N ASP C 542 22.42 52.04 -19.43
CA ASP C 542 23.11 50.72 -19.42
C ASP C 542 24.63 50.89 -19.47
N THR C 543 25.15 51.86 -20.24
CA THR C 543 26.62 52.12 -20.24
C THR C 543 26.96 52.72 -18.87
N SER C 544 26.69 51.94 -17.82
CA SER C 544 26.84 52.37 -16.40
C SER C 544 28.31 52.41 -15.98
N THR C 545 29.19 52.99 -16.81
CA THR C 545 30.64 53.03 -16.51
C THR C 545 30.96 54.16 -15.52
N ASN C 546 30.09 54.39 -14.54
CA ASN C 546 30.35 55.44 -13.52
C ASN C 546 31.61 55.04 -12.73
N GLY C 547 31.70 53.76 -12.36
CA GLY C 547 32.85 53.21 -11.62
C GLY C 547 32.68 53.32 -10.12
N ILE C 548 33.46 52.52 -9.36
CA ILE C 548 33.45 52.52 -7.86
C ILE C 548 34.90 52.40 -7.38
N LYS C 549 35.47 51.20 -7.48
CA LYS C 549 36.88 50.94 -7.05
C LYS C 549 37.62 50.20 -8.17
N LYS C 550 38.84 50.63 -8.49
CA LYS C 550 39.63 49.96 -9.58
C LYS C 550 41.13 50.24 -9.39
N ILE C 551 41.97 49.54 -10.16
CA ILE C 551 43.47 49.70 -10.12
C ILE C 551 44.06 48.96 -11.32
N LEU C 552 45.10 49.52 -11.96
CA LEU C 552 45.56 49.07 -13.32
C LEU C 552 46.03 47.63 -13.44
N ILE C 553 45.56 47.03 -14.54
CA ILE C 553 45.83 45.63 -14.98
C ILE C 553 46.71 45.67 -16.25
N PHE C 554 46.32 46.49 -17.24
CA PHE C 554 46.92 46.49 -18.57
C PHE C 554 46.89 47.88 -19.15
N SER C 555 48.01 48.24 -19.78
CA SER C 555 48.23 49.53 -20.50
C SER C 555 49.42 49.42 -21.45
N LYS C 556 49.18 49.15 -22.75
CA LYS C 556 50.27 48.97 -23.75
C LYS C 556 49.97 49.78 -25.02
N LYS C 557 51.01 50.30 -25.67
CA LYS C 557 50.88 51.17 -26.87
C LYS C 557 50.22 50.42 -28.03
N GLY C 558 49.34 51.11 -28.77
CA GLY C 558 48.59 50.57 -29.92
C GLY C 558 49.43 49.69 -30.81
N TYR C 559 50.54 50.21 -31.32
CA TYR C 559 51.45 49.45 -32.23
C TYR C 559 52.03 48.25 -31.49
N GLU C 560 52.39 48.43 -30.21
CA GLU C 560 52.99 47.35 -29.37
C GLU C 560 51.91 46.36 -28.92
N ILE C 561 50.64 46.78 -28.94
CA ILE C 561 49.51 45.87 -28.58
C ILE C 561 49.51 44.71 -29.58
N GLY C 562 49.50 45.04 -30.88
CA GLY C 562 49.53 43.97 -31.90
C GLY C 562 50.93 43.38 -31.96
N THR D 1 38.25 -12.10 45.91
CA THR D 1 37.25 -11.51 45.05
C THR D 1 36.42 -10.46 45.80
N VAL D 2 36.56 -9.21 45.39
CA VAL D 2 35.86 -8.11 46.04
C VAL D 2 34.42 -8.06 45.54
N PRO D 3 33.43 -7.83 46.41
CA PRO D 3 32.04 -7.80 45.95
C PRO D 3 31.65 -6.49 45.27
N ASP D 4 30.74 -6.63 44.29
CA ASP D 4 30.05 -5.52 43.64
C ASP D 4 28.65 -6.04 43.34
N ARG D 5 27.74 -5.81 44.29
CA ARG D 5 26.38 -6.32 44.17
C ARG D 5 25.65 -5.65 43.03
N ASP D 6 25.89 -4.35 42.85
CA ASP D 6 25.29 -3.59 41.78
C ASP D 6 25.86 -3.93 40.40
N ASN D 7 26.83 -4.84 40.37
CA ASN D 7 27.44 -5.36 39.11
C ASN D 7 27.73 -4.22 38.12
N ASP D 8 28.20 -3.08 38.62
CA ASP D 8 28.59 -1.97 37.78
C ASP D 8 30.09 -1.81 37.68
N GLY D 9 30.84 -2.86 37.98
CA GLY D 9 32.27 -2.84 37.81
C GLY D 9 33.03 -2.09 38.87
N ILE D 10 32.34 -1.65 39.92
CA ILE D 10 32.95 -0.87 40.98
C ILE D 10 32.45 -1.39 42.31
N PRO D 11 33.36 -1.72 43.23
CA PRO D 11 32.97 -2.42 44.46
C PRO D 11 32.17 -1.55 45.39
N ASP D 12 31.58 -2.22 46.36
CA ASP D 12 30.49 -1.64 47.13
C ASP D 12 31.00 -0.70 48.20
N SER D 13 32.09 -1.09 48.87
CA SER D 13 32.68 -0.27 49.92
C SER D 13 33.22 1.04 49.38
N LEU D 14 33.69 1.06 48.13
CA LEU D 14 34.17 2.30 47.56
C LEU D 14 33.01 3.25 47.28
N GLU D 15 31.91 2.72 46.76
CA GLU D 15 30.72 3.54 46.51
C GLU D 15 30.13 4.07 47.80
N VAL D 16 30.25 3.30 48.87
CA VAL D 16 29.78 3.77 50.17
C VAL D 16 30.70 4.85 50.73
N GLU D 17 31.98 4.55 50.80
CA GLU D 17 32.91 5.33 51.60
C GLU D 17 33.59 6.45 50.83
N GLY D 18 33.38 6.51 49.53
CA GLY D 18 34.03 7.59 48.80
C GLY D 18 35.15 7.07 47.93
N TYR D 19 35.25 7.64 46.75
CA TYR D 19 36.25 7.20 45.77
C TYR D 19 36.47 8.33 44.78
N THR D 20 37.34 8.07 43.82
CA THR D 20 37.66 9.01 42.76
C THR D 20 38.32 8.24 41.61
N VAL D 21 38.42 8.93 40.48
CA VAL D 21 39.08 8.42 39.29
C VAL D 21 40.24 9.35 38.98
N ASP D 22 41.43 8.78 38.75
CA ASP D 22 42.59 9.61 38.50
C ASP D 22 43.48 9.00 37.44
N VAL D 23 43.90 9.80 36.49
CA VAL D 23 44.89 9.34 35.52
C VAL D 23 46.28 9.51 36.13
N LYS D 24 47.18 8.60 35.77
CA LYS D 24 48.54 8.70 36.24
C LYS D 24 49.52 9.03 35.12
N ASN D 25 49.58 8.20 34.08
CA ASN D 25 50.40 8.54 32.94
C ASN D 25 49.53 8.77 31.72
N LYS D 26 48.79 7.76 31.29
CA LYS D 26 47.69 7.91 30.34
C LYS D 26 46.56 6.97 30.70
N ARG D 27 46.45 6.60 31.97
CA ARG D 27 45.60 5.49 32.36
C ARG D 27 44.76 5.84 33.57
N THR D 28 43.46 5.60 33.44
CA THR D 28 42.51 5.91 34.50
C THR D 28 42.54 4.85 35.57
N PHE D 29 42.77 5.27 36.82
CA PHE D 29 42.86 4.32 37.97
C PHE D 29 41.68 4.53 38.92
N LEU D 30 40.91 3.46 39.15
CA LEU D 30 39.72 3.51 40.04
C LEU D 30 40.15 3.26 41.49
N SER D 31 40.91 4.19 42.08
CA SER D 31 41.45 4.00 43.46
C SER D 31 40.52 4.55 44.55
N PRO D 32 40.76 4.22 45.84
CA PRO D 32 39.95 4.70 46.96
C PRO D 32 40.20 6.18 47.29
N TRP D 33 39.24 6.82 47.95
CA TRP D 33 39.33 8.26 48.32
C TRP D 33 40.34 8.49 49.45
N ILE D 34 41.32 9.37 49.21
CA ILE D 34 42.35 9.76 50.16
C ILE D 34 42.44 11.27 50.13
N SER D 35 42.27 11.89 51.29
CA SER D 35 42.20 13.35 51.35
C SER D 35 43.57 14.00 51.26
N ASN D 36 44.65 13.24 51.40
CA ASN D 36 45.97 13.86 51.37
C ASN D 36 46.41 14.20 49.96
N ILE D 37 45.91 13.47 48.99
CA ILE D 37 46.40 13.54 47.62
C ILE D 37 45.34 14.09 46.69
N HIS D 38 44.15 13.51 46.73
CA HIS D 38 43.13 13.80 45.74
C HIS D 38 42.47 15.13 45.99
N GLU D 39 42.45 15.57 47.25
CA GLU D 39 41.95 16.89 47.59
C GLU D 39 42.87 17.98 47.10
N LYS D 40 44.19 17.73 47.14
CA LYS D 40 45.13 18.71 46.63
C LYS D 40 45.07 18.79 45.11
N LYS D 41 44.69 17.70 44.45
CA LYS D 41 44.56 17.72 43.01
C LYS D 41 43.24 18.33 42.56
N GLY D 42 42.29 18.52 43.47
CA GLY D 42 41.00 19.03 43.10
C GLY D 42 40.03 17.98 42.63
N LEU D 43 40.31 16.71 42.90
CA LEU D 43 39.44 15.63 42.48
C LEU D 43 38.20 15.60 43.36
N THR D 44 37.07 15.26 42.76
CA THR D 44 35.80 15.30 43.46
C THR D 44 35.51 13.93 44.06
N LYS D 45 35.24 13.91 45.36
CA LYS D 45 34.91 12.68 46.05
C LYS D 45 33.54 12.21 45.64
N TYR D 46 33.42 10.93 45.32
CA TYR D 46 32.22 10.36 44.75
C TYR D 46 31.63 9.32 45.68
N LYS D 47 30.32 9.36 45.86
CA LYS D 47 29.60 8.33 46.59
C LYS D 47 28.37 7.93 45.78
N SER D 48 28.04 6.64 45.82
CA SER D 48 26.91 6.14 45.07
C SER D 48 26.40 4.87 45.73
N SER D 49 25.41 4.28 45.11
CA SER D 49 24.78 3.13 45.74
C SER D 49 25.60 1.87 45.50
N PRO D 50 25.75 1.04 46.53
CA PRO D 50 26.37 -0.28 46.35
C PRO D 50 25.45 -1.27 45.69
N GLU D 51 24.17 -0.96 45.57
CA GLU D 51 23.22 -1.90 45.00
C GLU D 51 22.54 -1.37 43.76
N LYS D 52 22.80 -0.13 43.37
CA LYS D 52 22.26 0.37 42.12
C LYS D 52 23.37 0.41 41.08
N TRP D 53 23.14 -0.31 39.99
CA TRP D 53 24.00 -0.22 38.82
C TRP D 53 24.02 1.20 38.28
N SER D 54 22.88 1.88 38.35
CA SER D 54 22.79 3.30 38.08
C SER D 54 22.09 3.92 39.27
N THR D 55 22.83 4.68 40.06
CA THR D 55 22.30 5.24 41.29
C THR D 55 21.26 6.32 40.99
N ALA D 56 21.40 7.03 39.88
CA ALA D 56 20.40 8.00 39.47
C ALA D 56 19.32 7.37 38.61
N SER D 57 19.38 6.06 38.36
CA SER D 57 18.45 5.25 37.59
C SER D 57 18.36 5.64 36.11
N ASP D 58 19.16 6.59 35.66
CA ASP D 58 19.31 6.91 34.26
C ASP D 58 20.01 5.75 33.56
N PRO D 59 19.85 5.59 32.22
CA PRO D 59 20.42 4.42 31.54
C PRO D 59 21.94 4.50 31.34
N TYR D 60 22.66 4.84 32.39
CA TYR D 60 24.10 4.95 32.38
C TYR D 60 24.60 4.52 33.74
N SER D 61 25.62 3.67 33.76
CA SER D 61 26.11 3.15 35.03
C SER D 61 26.83 4.25 35.80
N ASP D 62 27.11 3.93 37.06
CA ASP D 62 27.94 4.80 37.87
C ASP D 62 29.35 4.86 37.31
N PHE D 63 29.87 3.69 36.90
CA PHE D 63 31.24 3.59 36.43
C PHE D 63 31.44 4.27 35.09
N GLU D 64 30.47 4.15 34.18
CA GLU D 64 30.54 4.84 32.92
C GLU D 64 30.51 6.34 33.12
N LYS D 65 29.77 6.79 34.11
CA LYS D 65 29.60 8.20 34.34
C LYS D 65 30.83 8.81 34.99
N VAL D 66 31.51 8.06 35.84
CA VAL D 66 32.73 8.60 36.42
C VAL D 66 33.93 8.35 35.53
N THR D 67 33.87 7.36 34.66
CA THR D 67 35.02 7.05 33.82
C THR D 67 35.07 7.95 32.62
N GLY D 68 33.90 8.25 32.05
CA GLY D 68 33.82 8.99 30.81
C GLY D 68 33.46 8.14 29.62
N ARG D 69 33.26 6.84 29.80
CA ARG D 69 32.86 5.95 28.71
C ARG D 69 31.35 6.04 28.52
N ILE D 70 30.95 7.18 27.97
CA ILE D 70 29.56 7.59 27.92
C ILE D 70 29.36 8.36 26.61
N ASP D 71 28.10 8.55 26.24
CA ASP D 71 27.75 9.53 25.23
C ASP D 71 28.21 10.90 25.71
N LYS D 72 29.09 11.52 24.90
CA LYS D 72 29.71 12.76 25.31
C LYS D 72 28.77 13.95 25.23
N ASN D 73 27.60 13.79 24.64
CA ASN D 73 26.61 14.85 24.61
C ASN D 73 25.95 15.06 25.96
N VAL D 74 26.17 14.15 26.91
CA VAL D 74 25.78 14.37 28.29
C VAL D 74 26.52 15.57 28.82
N SER D 75 25.78 16.48 29.45
CA SER D 75 26.35 17.70 30.02
C SER D 75 27.34 17.35 31.13
N PRO D 76 28.36 18.18 31.33
CA PRO D 76 29.39 17.86 32.33
C PRO D 76 28.88 17.86 33.75
N GLU D 77 27.92 18.71 34.08
CA GLU D 77 27.34 18.67 35.41
C GLU D 77 26.49 17.43 35.64
N ALA D 78 26.09 16.74 34.58
CA ALA D 78 25.43 15.46 34.73
C ALA D 78 26.42 14.32 34.81
N ARG D 79 27.71 14.59 34.84
CA ARG D 79 28.66 13.51 34.99
C ARG D 79 28.82 13.07 36.44
N HIS D 80 28.16 13.72 37.37
CA HIS D 80 28.16 13.22 38.73
C HIS D 80 27.08 12.15 38.89
N PRO D 81 27.36 11.08 39.64
CA PRO D 81 26.41 9.96 39.71
C PRO D 81 25.10 10.30 40.40
N LEU D 82 25.11 11.26 41.30
CA LEU D 82 23.87 11.65 41.95
C LEU D 82 23.09 12.67 41.14
N VAL D 83 23.60 13.04 39.97
CA VAL D 83 22.91 13.96 39.07
C VAL D 83 22.31 13.14 37.95
N ALA D 84 21.01 13.29 37.73
CA ALA D 84 20.33 12.57 36.68
C ALA D 84 20.65 13.17 35.32
N ALA D 85 20.55 12.33 34.29
CA ALA D 85 20.79 12.75 32.91
C ALA D 85 19.60 12.31 32.08
N TYR D 86 18.85 13.27 31.55
CA TYR D 86 17.63 12.94 30.83
C TYR D 86 17.29 14.07 29.89
N PRO D 87 16.67 13.78 28.75
CA PRO D 87 16.22 14.84 27.85
C PRO D 87 14.91 15.47 28.29
N ILE D 88 14.77 16.73 27.95
CA ILE D 88 13.52 17.46 28.10
C ILE D 88 13.21 18.05 26.74
N VAL D 89 12.17 17.55 26.11
CA VAL D 89 11.83 17.92 24.74
C VAL D 89 10.43 18.51 24.74
N HIS D 90 10.29 19.69 24.15
CA HIS D 90 8.98 20.24 23.88
C HIS D 90 9.02 20.95 22.54
N VAL D 91 7.88 20.99 21.88
CA VAL D 91 7.78 21.47 20.51
C VAL D 91 7.14 22.84 20.53
N ASP D 92 7.73 23.77 19.78
CA ASP D 92 7.11 25.07 19.53
C ASP D 92 6.60 25.12 18.10
N MET D 93 5.65 26.02 17.87
CA MET D 93 4.98 26.16 16.59
C MET D 93 5.25 27.56 16.05
N GLU D 94 5.98 27.65 14.94
CA GLU D 94 6.32 28.99 14.47
C GLU D 94 5.25 29.54 13.54
N ASN D 95 4.62 28.69 12.74
CA ASN D 95 3.75 29.23 11.72
C ASN D 95 2.66 28.25 11.35
N ILE D 96 1.53 28.81 10.95
CA ILE D 96 0.38 28.07 10.44
C ILE D 96 0.32 28.28 8.94
N ILE D 97 -0.17 27.27 8.22
CA ILE D 97 -0.53 27.42 6.82
C ILE D 97 -1.86 26.72 6.65
N LEU D 98 -2.90 27.49 6.34
CA LEU D 98 -4.19 26.93 6.02
C LEU D 98 -4.46 27.13 4.54
N SER D 99 -5.03 26.12 3.90
CA SER D 99 -5.38 26.17 2.50
C SER D 99 -6.85 25.84 2.36
N LYS D 100 -7.60 26.72 1.70
CA LYS D 100 -9.02 26.48 1.50
C LYS D 100 -9.19 25.53 0.34
N ASN D 101 -9.73 24.34 0.63
CA ASN D 101 -9.98 23.34 -0.40
C ASN D 101 -11.28 23.71 -1.11
N GLU D 102 -11.17 24.68 -2.00
CA GLU D 102 -12.30 25.17 -2.78
C GLU D 102 -11.90 25.05 -4.24
N ASP D 103 -12.75 24.45 -5.06
CA ASP D 103 -12.41 24.31 -6.47
C ASP D 103 -13.30 25.21 -7.33
N GLN D 104 -12.67 26.10 -8.06
CA GLN D 104 -13.38 27.08 -8.87
C GLN D 104 -13.09 26.85 -10.34
N SER D 105 -14.03 27.25 -11.18
CA SER D 105 -13.89 27.07 -12.61
C SER D 105 -14.56 28.21 -13.34
N THR D 106 -13.97 28.59 -14.47
CA THR D 106 -14.53 29.61 -15.34
C THR D 106 -14.74 29.02 -16.71
N GLN D 107 -15.86 29.36 -17.33
CA GLN D 107 -16.21 28.87 -18.66
C GLN D 107 -16.51 30.03 -19.58
N ASN D 108 -15.92 30.00 -20.77
CA ASN D 108 -16.21 30.97 -21.82
C ASN D 108 -16.81 30.22 -22.99
N THR D 109 -17.84 30.79 -23.60
CA THR D 109 -18.58 30.10 -24.65
C THR D 109 -18.95 31.08 -25.76
N ASP D 110 -18.73 30.71 -27.01
CA ASP D 110 -19.17 31.50 -28.16
C ASP D 110 -20.11 30.66 -29.02
N SER D 111 -21.15 31.29 -29.56
CA SER D 111 -22.19 30.58 -30.30
C SER D 111 -22.69 31.42 -31.46
N GLN D 112 -22.60 30.89 -32.67
CA GLN D 112 -23.09 31.56 -33.87
C GLN D 112 -24.16 30.71 -34.51
N THR D 113 -25.36 31.26 -34.63
CA THR D 113 -26.55 30.53 -35.07
C THR D 113 -27.09 31.16 -36.34
N ARG D 114 -27.29 30.35 -37.37
CA ARG D 114 -27.87 30.81 -38.63
C ARG D 114 -29.21 30.13 -38.83
N THR D 115 -30.29 30.90 -38.71
CA THR D 115 -31.64 30.36 -38.78
C THR D 115 -32.31 30.86 -40.05
N ILE D 116 -32.61 29.94 -40.96
CA ILE D 116 -33.22 30.26 -42.24
C ILE D 116 -34.65 29.74 -42.21
N SER D 117 -35.62 30.63 -42.36
CA SER D 117 -37.00 30.34 -42.06
C SER D 117 -37.87 30.61 -43.28
N LYS D 118 -38.87 29.75 -43.48
CA LYS D 118 -39.86 29.89 -44.54
C LYS D 118 -41.23 30.06 -43.92
N ASN D 119 -42.14 30.73 -44.62
CA ASN D 119 -43.52 30.87 -44.18
C ASN D 119 -44.39 31.05 -45.41
N THR D 120 -45.63 30.57 -45.36
CA THR D 120 -46.60 30.90 -46.40
C THR D 120 -47.97 31.07 -45.75
N SER D 121 -48.94 31.55 -46.54
CA SER D 121 -50.24 31.95 -45.99
C SER D 121 -51.29 32.01 -47.09
N THR D 122 -52.55 31.72 -46.72
CA THR D 122 -53.73 32.14 -47.46
C THR D 122 -54.73 32.71 -46.46
N SER D 123 -55.77 33.35 -47.00
CA SER D 123 -56.81 34.00 -46.20
C SER D 123 -58.05 34.15 -47.08
N ARG D 124 -59.24 34.01 -46.48
CA ARG D 124 -60.49 34.16 -47.22
C ARG D 124 -61.51 34.93 -46.40
N THR D 125 -61.93 36.08 -46.93
CA THR D 125 -62.75 37.05 -46.21
C THR D 125 -64.13 37.08 -46.85
N HIS D 126 -65.19 37.13 -46.04
CA HIS D 126 -66.55 37.23 -46.57
C HIS D 126 -67.27 38.36 -45.86
N THR D 127 -67.60 39.42 -46.60
CA THR D 127 -68.04 40.68 -46.02
C THR D 127 -69.46 41.00 -46.47
N SER D 128 -70.34 41.25 -45.49
CA SER D 128 -71.69 41.78 -45.74
C SER D 128 -71.77 43.21 -45.19
N GLU D 129 -72.78 43.95 -45.64
CA GLU D 129 -72.97 45.33 -45.22
C GLU D 129 -74.40 45.81 -45.48
N VAL D 130 -74.91 46.65 -44.59
CA VAL D 130 -76.24 47.21 -44.72
C VAL D 130 -76.16 48.72 -44.57
N HIS D 131 -76.37 49.46 -45.66
CA HIS D 131 -76.30 50.91 -45.61
C HIS D 131 -77.68 51.54 -45.46
N GLY D 132 -77.73 52.70 -44.79
CA GLY D 132 -78.93 53.50 -44.73
C GLY D 132 -78.65 54.94 -45.07
N ASN D 133 -79.72 55.68 -45.37
CA ASN D 133 -79.63 57.07 -45.79
C ASN D 133 -81.01 57.71 -45.68
N ALA D 134 -81.03 58.98 -45.26
CA ALA D 134 -82.18 59.86 -45.36
C ALA D 134 -81.66 61.23 -45.77
N GLU D 135 -82.52 62.04 -46.40
CA GLU D 135 -82.07 63.31 -46.96
C GLU D 135 -83.22 64.31 -47.01
N VAL D 136 -82.97 65.54 -46.59
CA VAL D 136 -83.97 66.61 -46.64
C VAL D 136 -83.35 67.78 -47.38
N HIS D 137 -83.90 68.10 -48.56
CA HIS D 137 -83.42 69.18 -49.40
C HIS D 137 -84.41 70.34 -49.35
N ALA D 138 -83.90 71.57 -49.36
CA ALA D 138 -84.76 72.76 -49.28
C ALA D 138 -84.19 73.88 -50.14
N SER D 139 -85.08 74.55 -50.86
CA SER D 139 -84.68 75.65 -51.74
C SER D 139 -85.54 76.88 -51.45
N PHE D 140 -85.50 77.85 -52.38
CA PHE D 140 -86.44 78.98 -52.32
C PHE D 140 -87.88 78.51 -52.33
N PHE D 141 -88.21 77.57 -53.21
CA PHE D 141 -89.58 77.07 -53.30
C PHE D 141 -89.63 75.56 -53.50
N ASP D 142 -88.51 74.86 -53.40
CA ASP D 142 -88.45 73.42 -53.67
C ASP D 142 -87.92 72.70 -52.45
N ILE D 143 -88.71 71.78 -51.92
CA ILE D 143 -88.34 70.97 -50.76
C ILE D 143 -88.52 69.51 -51.13
N GLY D 144 -87.50 68.69 -50.86
CA GLY D 144 -87.56 67.27 -51.14
C GLY D 144 -87.07 66.45 -49.96
N GLY D 145 -87.40 65.16 -50.00
CA GLY D 145 -86.86 64.22 -49.03
C GLY D 145 -86.65 62.86 -49.68
N SER D 146 -85.66 62.13 -49.17
CA SER D 146 -85.18 60.92 -49.81
C SER D 146 -84.78 59.89 -48.76
N VAL D 147 -85.08 58.62 -49.01
CA VAL D 147 -84.75 57.52 -48.11
C VAL D 147 -84.06 56.43 -48.92
N SER D 148 -82.89 55.97 -48.46
CA SER D 148 -82.11 54.99 -49.20
C SER D 148 -81.58 53.90 -48.29
N ALA D 149 -81.36 52.72 -48.87
CA ALA D 149 -80.80 51.58 -48.15
C ALA D 149 -80.01 50.70 -49.13
N GLY D 150 -78.90 50.14 -48.64
CA GLY D 150 -77.95 49.44 -49.47
C GLY D 150 -77.52 48.08 -48.95
N PHE D 151 -77.35 47.11 -49.83
CA PHE D 151 -77.00 45.74 -49.45
C PHE D 151 -75.75 45.29 -50.19
N SER D 152 -74.61 45.31 -49.52
CA SER D 152 -73.33 45.01 -50.14
C SER D 152 -72.79 43.68 -49.61
N ASN D 153 -72.56 42.73 -50.51
CA ASN D 153 -71.81 41.52 -50.19
C ASN D 153 -70.38 41.70 -50.70
N SER D 154 -69.44 40.96 -50.09
CA SER D 154 -68.05 40.99 -50.53
C SER D 154 -67.31 39.73 -50.08
N ASN D 155 -66.22 39.42 -50.79
CA ASN D 155 -65.46 38.18 -50.62
C ASN D 155 -64.05 38.37 -51.16
N SER D 156 -63.07 38.20 -50.28
CA SER D 156 -61.64 38.42 -50.55
C SER D 156 -60.87 37.12 -50.33
N SER D 157 -59.65 37.06 -50.87
CA SER D 157 -58.76 35.92 -50.63
C SER D 157 -57.31 36.34 -50.82
N THR D 158 -56.56 36.35 -49.71
CA THR D 158 -55.19 36.88 -49.63
C THR D 158 -54.19 35.74 -49.56
N VAL D 159 -53.29 35.64 -50.53
CA VAL D 159 -52.31 34.56 -50.59
C VAL D 159 -50.92 35.16 -50.44
N ALA D 160 -50.16 34.66 -49.47
CA ALA D 160 -48.94 35.30 -48.99
C ALA D 160 -47.81 34.28 -48.85
N ILE D 161 -46.56 34.78 -48.82
CA ILE D 161 -45.38 33.94 -48.64
C ILE D 161 -44.26 34.81 -48.07
N ASP D 162 -43.40 34.19 -47.24
CA ASP D 162 -42.34 34.86 -46.50
C ASP D 162 -41.07 34.01 -46.54
N HIS D 163 -39.92 34.67 -46.66
CA HIS D 163 -38.61 34.07 -46.41
C HIS D 163 -37.92 34.86 -45.30
N SER D 164 -36.98 34.24 -44.58
CA SER D 164 -36.38 34.86 -43.40
C SER D 164 -34.97 34.33 -43.15
N LEU D 165 -34.08 35.22 -42.68
CA LEU D 165 -32.78 34.86 -42.15
C LEU D 165 -32.69 35.30 -40.69
N SER D 166 -31.72 34.74 -39.95
CA SER D 166 -31.42 35.15 -38.58
C SER D 166 -29.98 34.79 -38.25
N LEU D 167 -29.20 35.77 -37.80
CA LEU D 167 -27.80 35.56 -37.41
C LEU D 167 -27.62 35.90 -35.94
N ALA D 168 -27.46 34.88 -35.10
CA ALA D 168 -27.44 35.04 -33.64
C ALA D 168 -26.05 34.75 -33.11
N GLY D 169 -25.36 35.79 -32.65
CA GLY D 169 -24.04 35.65 -32.06
C GLY D 169 -24.09 35.86 -30.55
N GLU D 170 -23.49 34.94 -29.80
CA GLU D 170 -23.62 34.92 -28.36
C GLU D 170 -22.27 34.66 -27.71
N ARG D 171 -21.96 35.44 -26.67
CA ARG D 171 -20.77 35.24 -25.86
C ARG D 171 -21.21 35.06 -24.41
N THR D 172 -20.82 33.94 -23.82
CA THR D 172 -21.28 33.51 -22.51
C THR D 172 -20.10 33.42 -21.56
N TRP D 173 -20.20 34.09 -20.43
CA TRP D 173 -19.22 34.00 -19.36
C TRP D 173 -19.83 33.30 -18.16
N ALA D 174 -19.08 32.40 -17.53
CA ALA D 174 -19.61 31.60 -16.44
C ALA D 174 -18.52 31.37 -15.40
N GLU D 175 -18.94 31.30 -14.14
CA GLU D 175 -18.02 31.10 -13.03
C GLU D 175 -18.70 30.23 -11.97
N THR D 176 -17.94 29.31 -11.39
CA THR D 176 -18.48 28.33 -10.46
C THR D 176 -17.49 28.11 -9.33
N MET D 177 -17.98 28.04 -8.10
CA MET D 177 -17.15 27.81 -6.93
C MET D 177 -17.74 26.65 -6.13
N GLY D 178 -17.15 25.46 -6.26
CA GLY D 178 -17.56 24.32 -5.48
C GLY D 178 -16.79 24.20 -4.18
N LEU D 179 -17.46 23.59 -3.21
CA LEU D 179 -16.98 23.47 -1.84
C LEU D 179 -17.58 22.22 -1.22
N ASN D 180 -16.86 21.62 -0.29
CA ASN D 180 -17.38 20.55 0.54
C ASN D 180 -17.20 20.97 1.99
N THR D 181 -18.31 20.97 2.74
CA THR D 181 -18.31 21.48 4.10
C THR D 181 -17.50 20.63 5.07
N ALA D 182 -17.25 19.37 4.74
CA ALA D 182 -16.47 18.53 5.61
C ALA D 182 -14.97 18.67 5.36
N ASP D 183 -14.59 19.16 4.19
CA ASP D 183 -13.19 19.21 3.78
C ASP D 183 -12.86 20.60 3.27
N THR D 184 -13.16 21.61 4.08
CA THR D 184 -12.95 22.98 3.65
C THR D 184 -11.48 23.35 3.63
N ALA D 185 -10.73 22.95 4.65
CA ALA D 185 -9.38 23.45 4.81
C ALA D 185 -8.38 22.32 5.05
N ARG D 186 -7.15 22.58 4.66
CA ARG D 186 -6.02 21.71 4.92
C ARG D 186 -4.97 22.48 5.70
N LEU D 187 -4.35 21.80 6.65
CA LEU D 187 -3.43 22.46 7.56
C LEU D 187 -1.98 22.08 7.29
N ASN D 188 -1.08 22.94 7.77
CA ASN D 188 0.35 22.67 7.71
C ASN D 188 1.04 23.46 8.81
N ALA D 189 1.78 22.77 9.66
CA ALA D 189 2.46 23.38 10.79
C ALA D 189 3.94 23.55 10.49
N ASN D 190 4.52 24.64 10.98
CA ASN D 190 5.95 24.85 10.93
C ASN D 190 6.48 24.83 12.36
N ILE D 191 7.24 23.79 12.69
CA ILE D 191 7.58 23.49 14.07
C ILE D 191 9.06 23.19 14.21
N ARG D 192 9.57 23.38 15.43
CA ARG D 192 10.92 23.01 15.79
C ARG D 192 10.91 22.12 17.02
N TYR D 193 12.05 21.48 17.23
CA TYR D 193 12.27 20.60 18.36
C TYR D 193 13.34 21.24 19.25
N VAL D 194 13.09 21.27 20.55
CA VAL D 194 13.98 21.92 21.50
C VAL D 194 14.36 20.91 22.55
N ASN D 195 15.66 20.79 22.85
CA ASN D 195 16.08 19.98 23.98
C ASN D 195 16.62 20.90 25.05
N THR D 196 15.89 21.00 26.14
CA THR D 196 16.37 21.69 27.32
C THR D 196 16.88 20.74 28.38
N GLY D 197 16.94 19.44 28.08
CA GLY D 197 17.36 18.45 29.04
C GLY D 197 18.86 18.37 29.22
N THR D 198 19.32 17.19 29.58
CA THR D 198 20.72 16.93 29.86
C THR D 198 21.28 15.74 29.10
N ALA D 199 20.47 14.74 28.82
CA ALA D 199 20.91 13.67 27.97
C ALA D 199 20.34 13.85 26.58
N PRO D 200 21.05 13.44 25.53
CA PRO D 200 20.47 13.46 24.20
C PRO D 200 19.49 12.32 24.02
N ILE D 201 18.60 12.50 23.05
CA ILE D 201 17.57 11.53 22.74
C ILE D 201 17.62 11.25 21.24
N TYR D 202 17.49 9.98 20.87
CA TYR D 202 17.67 9.56 19.49
C TYR D 202 16.38 9.01 18.90
N ASN D 203 16.21 9.27 17.59
CA ASN D 203 15.03 8.91 16.82
C ASN D 203 13.77 9.53 17.42
N VAL D 204 13.77 10.85 17.43
CA VAL D 204 12.75 11.60 18.14
C VAL D 204 11.47 11.62 17.32
N LEU D 205 10.38 11.14 17.92
CA LEU D 205 9.05 11.22 17.31
C LEU D 205 8.08 11.75 18.34
N PRO D 206 7.83 13.05 18.32
CA PRO D 206 6.84 13.60 19.25
C PRO D 206 5.43 13.28 18.80
N THR D 207 4.54 13.17 19.78
CA THR D 207 3.11 13.06 19.53
C THR D 207 2.50 14.40 19.92
N THR D 208 1.95 15.11 18.95
CA THR D 208 1.44 16.45 19.18
C THR D 208 -0.04 16.53 18.84
N SER D 209 -0.62 17.71 19.07
CA SER D 209 -2.05 17.91 18.92
C SER D 209 -2.36 19.34 18.50
N LEU D 210 -3.11 19.45 17.39
CA LEU D 210 -3.71 20.70 16.96
C LEU D 210 -5.03 20.92 17.68
N VAL D 211 -5.17 22.08 18.34
CA VAL D 211 -6.31 22.40 19.20
C VAL D 211 -6.85 23.78 18.83
N LEU D 212 -8.15 23.88 18.63
CA LEU D 212 -8.83 25.17 18.54
C LEU D 212 -9.44 25.56 19.87
N GLY D 213 -9.62 26.87 20.03
CA GLY D 213 -10.49 27.41 21.06
C GLY D 213 -9.95 27.18 22.46
N LYS D 214 -10.86 26.83 23.37
CA LYS D 214 -10.46 26.49 24.72
C LYS D 214 -9.82 25.12 24.74
N ASN D 215 -10.58 24.09 24.35
CA ASN D 215 -10.06 22.74 24.33
C ASN D 215 -10.60 21.94 23.16
N GLN D 216 -10.96 22.60 22.08
CA GLN D 216 -11.50 21.88 20.92
C GLN D 216 -10.33 21.37 20.11
N THR D 217 -10.03 20.09 20.27
CA THR D 217 -8.90 19.49 19.59
C THR D 217 -9.24 19.20 18.15
N LEU D 218 -8.48 19.79 17.23
CA LEU D 218 -8.62 19.41 15.83
C LEU D 218 -8.12 18.01 15.59
N ALA D 219 -6.88 17.76 15.96
CA ALA D 219 -6.27 16.49 15.56
C ALA D 219 -5.13 16.15 16.48
N THR D 220 -4.81 14.87 16.55
CA THR D 220 -3.65 14.38 17.27
C THR D 220 -2.80 13.60 16.30
N ILE D 221 -1.55 14.02 16.13
CA ILE D 221 -0.68 13.47 15.10
C ILE D 221 0.62 13.00 15.75
N LYS D 222 0.97 11.76 15.50
CA LYS D 222 2.30 11.26 15.80
C LYS D 222 3.24 11.63 14.66
N ALA D 223 4.48 12.00 15.02
CA ALA D 223 5.47 12.40 14.02
C ALA D 223 5.84 11.22 13.12
N LYS D 224 5.82 11.45 11.83
CA LYS D 224 6.09 10.39 10.87
C LYS D 224 7.55 10.43 10.43
N GLU D 225 7.87 9.63 9.41
CA GLU D 225 9.26 9.46 9.01
C GLU D 225 9.82 10.68 8.29
N ASN D 226 8.95 11.53 7.75
CA ASN D 226 9.42 12.83 7.29
C ASN D 226 9.78 13.72 8.46
N GLN D 227 9.20 13.47 9.62
CA GLN D 227 9.37 14.33 10.78
C GLN D 227 10.33 13.74 11.80
N LEU D 228 11.14 12.77 11.39
CA LEU D 228 12.04 12.13 12.34
C LEU D 228 13.24 13.01 12.59
N SER D 229 13.67 13.06 13.86
CA SER D 229 14.91 13.71 14.23
C SER D 229 15.85 12.63 14.76
N GLN D 230 16.99 12.48 14.10
CA GLN D 230 17.93 11.44 14.48
C GLN D 230 18.61 11.77 15.80
N ILE D 231 19.10 13.00 15.93
CA ILE D 231 19.80 13.44 17.12
C ILE D 231 19.10 14.68 17.64
N LEU D 232 18.85 14.72 18.95
CA LEU D 232 18.52 15.98 19.61
C LEU D 232 19.39 16.07 20.85
N ALA D 233 20.58 16.64 20.68
CA ALA D 233 21.47 16.90 21.79
C ALA D 233 20.88 18.02 22.65
N PRO D 234 21.22 18.04 23.95
CA PRO D 234 20.70 19.11 24.80
C PRO D 234 21.23 20.48 24.43
N ASN D 235 20.41 21.49 24.75
CA ASN D 235 20.60 22.89 24.35
C ASN D 235 20.75 23.02 22.84
N ASN D 236 19.89 22.32 22.12
CA ASN D 236 19.89 22.39 20.66
C ASN D 236 18.48 22.33 20.13
N TYR D 237 18.38 22.67 18.85
CA TYR D 237 17.14 22.69 18.10
C TYR D 237 17.23 21.70 16.95
N TYR D 238 16.08 21.16 16.58
CA TYR D 238 15.96 20.41 15.33
C TYR D 238 14.84 21.04 14.53
N PRO D 239 15.12 21.63 13.37
CA PRO D 239 16.46 21.80 12.81
C PRO D 239 17.14 22.99 13.45
N SER D 240 18.37 23.27 13.04
CA SER D 240 19.14 24.35 13.63
C SER D 240 18.48 25.70 13.39
N LYS D 241 18.88 26.67 14.22
CA LYS D 241 18.19 27.94 14.29
C LYS D 241 18.36 28.76 13.02
N ASN D 242 19.47 28.58 12.31
CA ASN D 242 19.63 29.26 11.03
C ASN D 242 18.69 28.71 9.97
N LEU D 243 18.33 27.44 10.07
CA LEU D 243 17.46 26.84 9.09
C LEU D 243 16.01 27.08 9.46
N ALA D 244 15.13 26.80 8.52
CA ALA D 244 13.71 27.01 8.69
C ALA D 244 13.06 25.79 9.35
N PRO D 245 11.99 25.99 10.14
CA PRO D 245 11.37 24.87 10.85
C PRO D 245 10.70 23.90 9.88
N ILE D 246 10.39 22.73 10.40
CA ILE D 246 9.91 21.65 9.55
C ILE D 246 8.40 21.74 9.41
N ALA D 247 7.88 21.03 8.41
CA ALA D 247 6.48 21.11 8.01
C ALA D 247 5.79 19.80 8.36
N LEU D 248 4.71 19.90 9.11
CA LEU D 248 3.84 18.77 9.41
C LEU D 248 2.48 19.00 8.76
N ASN D 249 2.11 18.11 7.85
CA ASN D 249 0.87 18.30 7.13
C ASN D 249 0.12 16.99 6.85
N ALA D 250 0.42 15.93 7.58
CA ALA D 250 -0.08 14.62 7.19
C ALA D 250 -0.77 13.94 8.36
N GLN D 251 -1.65 13.02 8.03
CA GLN D 251 -2.34 12.21 9.02
C GLN D 251 -2.06 10.72 8.87
N ASP D 252 -1.78 10.16 7.70
CA ASP D 252 -1.54 8.68 7.72
C ASP D 252 -0.06 8.42 7.91
N ASP D 253 0.34 7.24 8.32
CA ASP D 253 1.79 7.00 8.46
C ASP D 253 2.45 7.04 7.09
N PHE D 254 1.74 6.67 6.07
CA PHE D 254 2.38 6.75 4.76
C PHE D 254 2.26 8.19 4.31
N SER D 255 1.65 9.01 5.13
CA SER D 255 1.65 10.45 4.84
C SER D 255 0.97 10.74 3.52
N SER D 256 -0.25 10.25 3.37
CA SER D 256 -0.99 10.41 2.13
C SER D 256 -2.32 11.12 2.34
N THR D 257 -2.56 11.69 3.52
CA THR D 257 -3.80 12.40 3.77
C THR D 257 -3.49 13.71 4.46
N PRO D 258 -3.94 14.83 3.92
CA PRO D 258 -3.74 16.12 4.57
C PRO D 258 -4.62 16.26 5.81
N ILE D 259 -4.25 17.23 6.63
CA ILE D 259 -4.95 17.49 7.87
C ILE D 259 -6.18 18.34 7.58
N THR D 260 -7.36 17.77 7.83
CA THR D 260 -8.63 18.28 7.33
C THR D 260 -9.33 19.14 8.37
N MET D 261 -9.97 20.21 7.91
CA MET D 261 -10.79 21.07 8.75
C MET D 261 -12.12 21.31 8.06
N ASN D 262 -13.21 21.21 8.81
CA ASN D 262 -14.54 21.41 8.27
C ASN D 262 -14.89 22.90 8.27
N TYR D 263 -16.17 23.21 8.11
CA TYR D 263 -16.58 24.56 7.77
C TYR D 263 -16.64 25.47 9.00
N ASN D 264 -17.29 25.00 10.06
CA ASN D 264 -17.51 25.83 11.23
C ASN D 264 -16.20 26.14 11.93
N GLN D 265 -15.32 25.15 12.00
CA GLN D 265 -14.00 25.36 12.56
C GLN D 265 -13.18 26.32 11.70
N PHE D 266 -13.39 26.29 10.39
CA PHE D 266 -12.70 27.22 9.51
C PHE D 266 -13.15 28.64 9.75
N LEU D 267 -14.46 28.84 9.93
CA LEU D 267 -14.98 30.16 10.24
C LEU D 267 -14.49 30.65 11.59
N GLU D 268 -14.49 29.76 12.59
CA GLU D 268 -14.05 30.14 13.92
C GLU D 268 -12.55 30.44 13.95
N LEU D 269 -11.78 29.75 13.12
CA LEU D 269 -10.35 30.03 13.04
C LEU D 269 -10.09 31.37 12.39
N GLU D 270 -10.78 31.65 11.28
CA GLU D 270 -10.58 32.95 10.65
C GLU D 270 -11.19 34.10 11.44
N LYS D 271 -12.07 33.82 12.39
CA LYS D 271 -12.52 34.88 13.28
C LYS D 271 -11.54 35.09 14.44
N THR D 272 -11.23 34.01 15.16
CA THR D 272 -10.56 34.13 16.44
C THR D 272 -9.05 34.05 16.35
N LYS D 273 -8.53 33.38 15.32
CA LYS D 273 -7.09 33.19 15.08
C LYS D 273 -6.39 32.50 16.25
N GLN D 274 -7.11 31.66 16.97
CA GLN D 274 -6.57 30.95 18.13
C GLN D 274 -6.39 29.49 17.74
N LEU D 275 -5.16 29.11 17.47
CA LEU D 275 -4.84 27.73 17.09
C LEU D 275 -3.59 27.35 17.85
N ARG D 276 -3.75 26.51 18.86
CA ARG D 276 -2.66 26.16 19.73
C ARG D 276 -2.22 24.72 19.49
N LEU D 277 -1.03 24.43 20.00
CA LEU D 277 -0.33 23.19 19.71
C LEU D 277 0.14 22.58 21.02
N ASP D 278 -0.24 21.33 21.26
CA ASP D 278 0.17 20.65 22.48
C ASP D 278 1.12 19.51 22.19
N THR D 279 2.05 19.30 23.11
CA THR D 279 3.05 18.23 23.02
C THR D 279 2.66 17.18 24.05
N ASP D 280 2.03 16.10 23.60
CA ASP D 280 1.48 15.12 24.52
C ASP D 280 2.56 14.19 25.04
N GLN D 281 3.27 13.51 24.13
CA GLN D 281 4.35 12.64 24.54
C GLN D 281 5.34 12.52 23.41
N VAL D 282 6.56 12.13 23.75
CA VAL D 282 7.67 12.14 22.80
C VAL D 282 8.29 10.75 22.79
N TYR D 283 8.35 10.14 21.62
CA TYR D 283 9.06 8.89 21.48
C TYR D 283 10.53 9.17 21.17
N GLY D 284 11.40 8.30 21.69
CA GLY D 284 12.83 8.44 21.46
C GLY D 284 13.67 7.42 22.20
N ASN D 285 14.81 7.06 21.61
CA ASN D 285 15.59 5.94 22.09
C ASN D 285 16.84 6.39 22.82
N ILE D 286 17.46 5.43 23.52
CA ILE D 286 18.75 5.62 24.19
C ILE D 286 19.81 4.90 23.38
N ALA D 287 20.96 5.53 23.20
CA ALA D 287 22.16 4.84 22.76
C ALA D 287 23.05 4.59 23.97
N THR D 288 23.52 3.36 24.10
CA THR D 288 24.33 2.95 25.24
C THR D 288 25.76 2.68 24.80
N TYR D 289 26.67 2.80 25.76
CA TYR D 289 28.06 2.51 25.52
C TYR D 289 28.27 1.01 25.37
N ASN D 290 29.18 0.61 24.50
CA ASN D 290 29.60 -0.77 24.36
C ASN D 290 31.01 -0.91 24.92
N PHE D 291 31.18 -1.84 25.86
CA PHE D 291 32.50 -2.11 26.38
C PHE D 291 33.36 -2.89 25.41
N GLU D 292 32.75 -3.44 24.36
CA GLU D 292 33.50 -4.21 23.39
C GLU D 292 34.46 -3.32 22.59
N ASN D 293 33.91 -2.35 21.88
CA ASN D 293 34.72 -1.53 20.97
C ASN D 293 34.62 -0.05 21.28
N GLY D 294 34.02 0.31 22.40
CA GLY D 294 33.83 1.70 22.72
C GLY D 294 32.71 2.40 21.98
N ARG D 295 32.07 1.75 21.02
CA ARG D 295 31.11 2.44 20.19
C ARG D 295 29.76 2.51 20.86
N VAL D 296 29.23 3.72 20.97
CA VAL D 296 27.92 3.90 21.57
C VAL D 296 26.87 3.58 20.52
N ARG D 297 26.10 2.53 20.77
CA ARG D 297 25.11 2.03 19.79
C ARG D 297 23.68 2.21 20.30
N VAL D 298 22.76 2.49 19.38
CA VAL D 298 21.35 2.68 19.70
C VAL D 298 20.69 1.32 19.89
N ASP D 299 20.05 1.14 21.03
CA ASP D 299 19.06 0.08 21.18
C ASP D 299 17.73 0.65 20.70
N THR D 300 17.24 0.11 19.59
CA THR D 300 15.93 0.52 19.11
C THR D 300 14.81 -0.02 19.98
N GLY D 301 15.08 -1.05 20.78
CA GLY D 301 14.04 -1.61 21.64
C GLY D 301 13.69 -0.69 22.80
N SER D 302 14.71 -0.22 23.51
CA SER D 302 14.48 0.61 24.68
C SER D 302 14.17 2.04 24.28
N ASN D 303 13.36 2.70 25.10
CA ASN D 303 13.02 4.09 24.90
C ASN D 303 13.00 4.80 26.25
N TRP D 304 13.02 6.13 26.19
CA TRP D 304 12.98 6.94 27.41
C TRP D 304 11.65 6.86 28.13
N SER D 305 10.62 6.31 27.47
CA SER D 305 9.36 6.03 28.11
C SER D 305 9.51 5.08 29.28
N GLU D 306 10.47 4.17 29.20
CA GLU D 306 10.73 3.26 30.30
C GLU D 306 11.39 3.98 31.46
N VAL D 307 12.09 5.07 31.20
CA VAL D 307 13.11 5.57 32.11
C VAL D 307 12.65 6.82 32.84
N LEU D 308 11.95 7.72 32.15
CA LEU D 308 11.55 9.00 32.74
C LEU D 308 10.67 8.91 33.98
N PRO D 309 9.65 8.04 34.08
CA PRO D 309 8.94 7.94 35.36
C PRO D 309 9.77 7.30 36.45
N GLN D 310 10.75 6.48 36.09
CA GLN D 310 11.66 5.96 37.10
C GLN D 310 12.51 7.06 37.69
N ILE D 311 12.89 8.03 36.87
CA ILE D 311 13.66 9.16 37.37
C ILE D 311 12.79 10.08 38.19
N GLN D 312 11.55 10.31 37.74
CA GLN D 312 10.67 11.26 38.40
C GLN D 312 10.24 10.78 39.78
N GLU D 313 10.13 9.48 39.98
CA GLU D 313 9.64 8.96 41.25
C GLU D 313 10.75 8.70 42.25
N THR D 314 12.00 8.98 41.91
CA THR D 314 13.11 8.67 42.79
C THR D 314 13.98 9.86 43.12
N THR D 315 13.72 11.03 42.54
CA THR D 315 14.61 12.17 42.67
C THR D 315 13.84 13.36 43.22
N ALA D 316 14.61 14.34 43.68
CA ALA D 316 14.09 15.66 43.96
C ALA D 316 14.37 16.58 42.78
N ARG D 317 13.39 17.37 42.41
CA ARG D 317 13.50 18.27 41.26
C ARG D 317 13.72 19.70 41.74
N ILE D 318 14.70 20.37 41.15
CA ILE D 318 15.03 21.75 41.50
C ILE D 318 15.07 22.57 40.22
N ILE D 319 14.30 23.64 40.18
CA ILE D 319 14.27 24.56 39.06
C ILE D 319 14.86 25.89 39.52
N PHE D 320 15.74 26.45 38.69
CA PHE D 320 16.51 27.63 39.04
C PHE D 320 16.70 28.48 37.80
N ASN D 321 16.57 29.81 37.98
CA ASN D 321 16.56 30.71 36.84
C ASN D 321 17.53 31.87 37.03
N GLY D 322 18.64 31.63 37.73
CA GLY D 322 19.60 32.69 37.86
C GLY D 322 20.55 32.83 36.71
N LYS D 323 20.58 31.85 35.81
CA LYS D 323 21.39 31.93 34.60
C LYS D 323 20.50 32.49 33.50
N ASP D 324 20.53 33.82 33.39
CA ASP D 324 19.89 34.58 32.31
C ASP D 324 18.39 34.36 32.26
N LEU D 325 17.79 34.25 33.44
CA LEU D 325 16.34 34.23 33.65
C LEU D 325 15.67 33.06 32.94
N ASN D 326 16.41 31.95 32.82
CA ASN D 326 15.96 30.79 32.08
C ASN D 326 15.77 29.64 33.05
N LEU D 327 14.61 29.00 32.98
CA LEU D 327 14.26 27.94 33.92
C LEU D 327 15.10 26.70 33.63
N VAL D 328 15.99 26.38 34.55
CA VAL D 328 16.89 25.24 34.45
C VAL D 328 16.47 24.21 35.48
N GLU D 329 16.15 23.01 35.01
CA GLU D 329 15.62 21.94 35.83
C GLU D 329 16.69 20.87 36.01
N ARG D 330 16.90 20.45 37.25
CA ARG D 330 17.81 19.35 37.54
C ARG D 330 17.17 18.43 38.56
N ARG D 331 17.28 17.13 38.31
CA ARG D 331 16.79 16.12 39.23
C ARG D 331 17.95 15.43 39.90
N ILE D 332 17.90 15.34 41.22
CA ILE D 332 18.99 14.83 42.04
C ILE D 332 18.45 13.68 42.84
N ALA D 333 19.18 12.56 42.84
CA ALA D 333 18.73 11.37 43.55
C ALA D 333 18.72 11.61 45.05
N ALA D 334 17.57 11.36 45.66
CA ALA D 334 17.43 11.53 47.10
C ALA D 334 16.59 10.39 47.66
N VAL D 335 16.71 10.18 48.96
CA VAL D 335 16.26 8.94 49.59
C VAL D 335 14.77 9.03 49.88
N ASN D 336 14.03 7.99 49.47
CA ASN D 336 12.70 7.73 49.97
C ASN D 336 12.82 6.77 51.14
N PRO D 337 12.40 7.16 52.34
CA PRO D 337 12.62 6.29 53.50
C PRO D 337 11.77 5.04 53.50
N SER D 338 10.61 5.06 52.86
CA SER D 338 9.72 3.90 52.87
C SER D 338 10.11 2.85 51.83
N ASP D 339 11.16 3.08 51.06
CA ASP D 339 11.60 2.15 50.03
C ASP D 339 12.99 1.65 50.41
N PRO D 340 13.15 0.35 50.67
CA PRO D 340 14.44 -0.14 51.19
C PRO D 340 15.57 -0.06 50.19
N LEU D 341 15.30 -0.29 48.91
CA LEU D 341 16.34 -0.15 47.91
C LEU D 341 16.72 1.31 47.72
N GLU D 342 15.76 2.21 47.87
CA GLU D 342 16.04 3.63 47.69
C GLU D 342 16.86 4.19 48.83
N THR D 343 16.79 3.56 50.00
CA THR D 343 17.56 3.99 51.15
C THR D 343 19.04 3.62 51.06
N THR D 344 19.44 2.88 50.05
CA THR D 344 20.83 2.47 49.88
C THR D 344 21.71 3.56 49.33
N LYS D 345 21.16 4.71 49.00
CA LYS D 345 21.91 5.82 48.46
C LYS D 345 22.55 6.62 49.58
N PRO D 346 23.67 7.30 49.31
CA PRO D 346 24.23 8.23 50.28
C PRO D 346 23.32 9.43 50.45
N ASP D 347 23.42 10.05 51.63
CA ASP D 347 22.55 11.15 51.99
C ASP D 347 22.91 12.40 51.22
N MET D 348 21.91 13.22 50.92
CA MET D 348 22.10 14.45 50.16
C MET D 348 21.59 15.63 50.97
N THR D 349 22.51 16.50 51.38
CA THR D 349 22.10 17.78 51.92
C THR D 349 21.74 18.72 50.77
N LEU D 350 21.06 19.81 51.12
CA LEU D 350 20.65 20.76 50.11
C LEU D 350 21.84 21.52 49.54
N LYS D 351 22.79 21.89 50.40
CA LYS D 351 23.92 22.70 49.97
C LYS D 351 24.84 21.92 49.04
N GLU D 352 25.06 20.64 49.36
CA GLU D 352 25.83 19.77 48.48
C GLU D 352 25.16 19.61 47.14
N ALA D 353 23.83 19.49 47.15
CA ALA D 353 23.06 19.36 45.93
C ALA D 353 23.18 20.60 45.06
N LEU D 354 23.07 21.77 45.68
CA LEU D 354 23.20 23.03 44.96
C LEU D 354 24.62 23.25 44.46
N LYS D 355 25.59 22.69 45.17
CA LYS D 355 26.97 22.79 44.73
C LYS D 355 27.23 21.94 43.51
N ILE D 356 26.76 20.69 43.53
CA ILE D 356 27.09 19.79 42.43
C ILE D 356 26.18 19.99 41.24
N ALA D 357 24.99 20.55 41.44
CA ALA D 357 24.02 20.61 40.37
C ALA D 357 24.12 21.88 39.56
N PHE D 358 24.46 22.98 40.21
CA PHE D 358 24.43 24.28 39.58
C PHE D 358 25.80 24.91 39.51
N GLY D 359 26.83 24.18 39.90
CA GLY D 359 28.18 24.73 39.90
C GLY D 359 28.40 25.76 40.99
N PHE D 360 27.66 25.66 42.09
CA PHE D 360 27.83 26.62 43.16
C PHE D 360 29.13 26.38 43.91
N ASN D 361 29.55 27.40 44.65
CA ASN D 361 30.78 27.28 45.42
C ASN D 361 30.67 28.10 46.70
N GLU D 362 31.56 27.80 47.63
CA GLU D 362 31.80 28.65 48.79
C GLU D 362 33.25 29.13 48.71
N PRO D 363 33.50 30.18 47.94
CA PRO D 363 34.87 30.68 47.81
C PRO D 363 35.37 31.37 49.07
N ASN D 364 34.47 31.83 49.92
CA ASN D 364 34.82 32.41 51.20
C ASN D 364 33.90 31.84 52.27
N GLY D 365 33.62 30.55 52.19
CA GLY D 365 32.69 29.93 53.11
C GLY D 365 31.24 30.31 52.92
N ASN D 366 30.91 30.92 51.78
CA ASN D 366 29.55 31.39 51.53
C ASN D 366 29.09 30.92 50.17
N LEU D 367 27.91 30.29 50.14
CA LEU D 367 27.44 29.63 48.95
C LEU D 367 27.08 30.65 47.88
N GLN D 368 27.70 30.51 46.71
CA GLN D 368 27.56 31.53 45.69
C GLN D 368 27.36 30.91 44.32
N TYR D 369 26.53 31.57 43.53
CA TYR D 369 26.30 31.22 42.14
C TYR D 369 27.00 32.40 41.49
N GLN D 370 28.04 32.11 40.71
CA GLN D 370 28.87 33.14 40.08
C GLN D 370 29.36 34.06 41.21
N GLY D 371 29.17 35.37 41.06
CA GLY D 371 29.57 36.31 42.09
C GLY D 371 28.43 36.76 42.99
N LYS D 372 27.28 36.14 42.79
CA LYS D 372 26.17 36.55 43.65
C LYS D 372 26.15 35.67 44.89
N ASP D 373 25.47 36.17 45.92
CA ASP D 373 25.20 35.40 47.11
C ASP D 373 23.90 34.61 46.95
N ILE D 374 23.82 33.51 47.70
CA ILE D 374 22.62 32.68 47.74
C ILE D 374 21.49 33.42 48.46
N THR D 375 21.82 34.37 49.34
CA THR D 375 20.81 35.05 50.13
C THR D 375 19.98 36.02 49.30
N GLU D 376 20.40 36.34 48.08
CA GLU D 376 19.58 37.12 47.17
C GLU D 376 18.62 36.27 46.36
N PHE D 377 18.53 34.98 46.66
CA PHE D 377 17.60 34.08 46.01
C PHE D 377 16.56 33.62 47.01
N ASP D 378 15.33 33.47 46.55
CA ASP D 378 14.23 33.03 47.39
C ASP D 378 13.77 31.63 46.98
N PHE D 379 13.21 30.93 47.96
CA PHE D 379 12.85 29.53 47.86
C PHE D 379 11.35 29.37 47.80
N ASN D 380 10.91 28.37 47.04
CA ASN D 380 9.49 28.08 46.88
C ASN D 380 9.30 26.59 46.83
N PHE D 381 8.24 26.12 47.47
CA PHE D 381 8.01 24.71 47.65
C PHE D 381 6.53 24.43 47.44
N ASP D 382 6.24 23.28 46.89
CA ASP D 382 4.86 22.82 46.95
C ASP D 382 4.58 22.28 48.36
N GLN D 383 3.29 21.99 48.58
CA GLN D 383 2.73 21.86 49.93
C GLN D 383 3.36 20.70 50.70
N GLN D 384 3.61 19.59 50.00
CA GLN D 384 4.25 18.46 50.64
C GLN D 384 5.69 18.77 51.02
N THR D 385 6.46 19.33 50.07
CA THR D 385 7.85 19.67 50.34
C THR D 385 7.95 20.80 51.34
N SER D 386 7.04 21.78 51.26
CA SER D 386 7.03 22.86 52.24
C SER D 386 6.71 22.35 53.63
N GLN D 387 5.79 21.38 53.73
CA GLN D 387 5.50 20.75 55.01
C GLN D 387 6.71 20.00 55.56
N ASN D 388 7.42 19.30 54.69
CA ASN D 388 8.58 18.54 55.16
C ASN D 388 9.71 19.46 55.59
N ILE D 389 9.90 20.57 54.87
CA ILE D 389 10.89 21.56 55.26
C ILE D 389 10.49 22.24 56.57
N LYS D 390 9.19 22.44 56.77
CA LYS D 390 8.68 22.97 58.03
C LYS D 390 8.99 22.03 59.18
N ASN D 391 8.82 20.73 58.95
CA ASN D 391 9.11 19.74 59.98
C ASN D 391 10.59 19.67 60.29
N GLN D 392 11.43 19.76 59.24
CA GLN D 392 12.87 19.70 59.45
C GLN D 392 13.38 20.94 60.17
N LEU D 393 12.82 22.11 59.87
CA LEU D 393 13.21 23.31 60.58
C LEU D 393 12.68 23.33 62.00
N ALA D 394 11.54 22.67 62.23
CA ALA D 394 11.05 22.52 63.59
C ALA D 394 11.97 21.63 64.40
N GLU D 395 12.52 20.59 63.77
CA GLU D 395 13.42 19.70 64.49
C GLU D 395 14.78 20.36 64.70
N LEU D 396 15.23 21.18 63.77
CA LEU D 396 16.53 21.82 63.91
C LEU D 396 16.49 23.08 64.76
N ASN D 397 15.28 23.52 65.13
CA ASN D 397 15.07 24.71 65.97
C ASN D 397 15.66 25.97 65.36
N ALA D 398 15.70 26.03 64.04
CA ALA D 398 16.24 27.18 63.33
C ALA D 398 15.12 27.91 62.59
N THR D 399 15.39 29.16 62.26
CA THR D 399 14.43 30.01 61.57
C THR D 399 14.87 30.34 60.15
N ASN D 400 16.08 30.88 59.99
CA ASN D 400 16.60 31.15 58.66
C ASN D 400 17.02 29.84 58.02
N ILE D 401 16.45 29.56 56.85
CA ILE D 401 16.89 28.39 56.09
C ILE D 401 18.29 28.60 55.55
N TYR D 402 18.69 29.86 55.32
CA TYR D 402 19.95 30.18 54.66
C TYR D 402 21.14 29.85 55.55
N THR D 403 20.91 29.67 56.84
CA THR D 403 21.95 29.29 57.77
C THR D 403 22.15 27.79 57.82
N VAL D 404 21.16 27.00 57.42
CA VAL D 404 21.18 25.58 57.73
C VAL D 404 21.14 24.74 56.46
N LEU D 405 21.65 25.29 55.36
CA LEU D 405 21.58 24.65 54.05
C LEU D 405 22.40 23.39 53.98
N ASP D 406 23.41 23.26 54.83
CA ASP D 406 24.20 22.05 54.95
C ASP D 406 23.53 20.97 55.78
N LYS D 407 22.34 21.23 56.31
CA LYS D 407 21.68 20.28 57.18
C LYS D 407 20.33 19.85 56.66
N ILE D 408 19.88 20.42 55.54
CA ILE D 408 18.56 20.12 55.01
C ILE D 408 18.61 18.79 54.29
N LYS D 409 17.98 17.77 54.88
CA LYS D 409 17.94 16.46 54.26
C LYS D 409 16.88 16.45 53.16
N LEU D 410 17.29 16.02 51.98
CA LEU D 410 16.39 15.97 50.85
C LEU D 410 15.79 14.58 50.72
N ASN D 411 14.67 14.50 50.00
CA ASN D 411 13.96 13.26 49.83
C ASN D 411 13.48 13.16 48.39
N ALA D 412 12.93 12.00 48.05
CA ALA D 412 12.40 11.80 46.71
C ALA D 412 11.14 12.63 46.52
N LYS D 413 10.88 12.96 45.25
CA LYS D 413 9.69 13.66 44.78
C LYS D 413 9.56 15.07 45.34
N MET D 414 10.65 15.66 45.82
CA MET D 414 10.61 17.05 46.24
C MET D 414 10.64 17.98 45.04
N ASN D 415 10.19 19.21 45.25
CA ASN D 415 10.15 20.23 44.21
C ASN D 415 10.59 21.55 44.82
N ILE D 416 11.67 22.10 44.29
CA ILE D 416 12.32 23.28 44.86
C ILE D 416 12.49 24.31 43.77
N LEU D 417 11.79 25.43 43.88
CA LEU D 417 11.92 26.54 42.95
C LEU D 417 12.79 27.62 43.60
N ILE D 418 13.86 28.02 42.92
CA ILE D 418 14.77 29.02 43.45
C ILE D 418 14.81 30.17 42.47
N ARG D 419 14.33 31.33 42.89
CA ARG D 419 14.27 32.49 42.01
C ARG D 419 15.11 33.62 42.57
N ASP D 420 15.33 34.62 41.71
CA ASP D 420 16.09 35.82 42.09
C ASP D 420 15.11 36.72 42.80
N LYS D 421 15.49 37.34 43.91
CA LYS D 421 14.50 38.14 44.65
C LYS D 421 14.03 39.36 43.87
N ARG D 422 14.91 40.03 43.16
CA ARG D 422 14.51 41.34 42.59
C ARG D 422 13.32 41.29 41.63
N PHE D 423 13.30 40.41 40.65
CA PHE D 423 12.24 40.60 39.64
C PHE D 423 10.86 40.18 40.15
N HIS D 424 9.81 40.82 39.64
CA HIS D 424 8.42 40.41 39.96
C HIS D 424 8.13 39.29 38.97
N TYR D 425 7.65 38.17 39.45
CA TYR D 425 7.33 37.01 38.64
C TYR D 425 5.83 36.89 38.46
N ASP D 426 5.45 36.28 37.35
CA ASP D 426 4.07 36.07 36.95
C ASP D 426 3.60 34.68 37.39
N ARG D 427 2.45 34.26 36.86
CA ARG D 427 1.92 32.92 37.10
C ARG D 427 2.88 31.86 36.60
N ASN D 428 3.45 32.07 35.41
CA ASN D 428 4.34 31.11 34.79
C ASN D 428 5.79 31.25 35.24
N ASN D 429 6.04 32.05 36.30
CA ASN D 429 7.36 32.24 36.92
C ASN D 429 8.40 32.74 35.93
N ILE D 430 7.98 33.63 35.07
CA ILE D 430 8.87 34.34 34.15
C ILE D 430 9.24 35.64 34.84
N ALA D 431 10.44 36.10 34.51
CA ALA D 431 10.88 37.43 34.94
C ALA D 431 9.99 38.34 34.11
N VAL D 432 9.17 39.18 34.73
CA VAL D 432 8.32 40.09 33.93
C VAL D 432 8.85 41.52 34.09
N GLY D 433 8.87 42.03 35.32
CA GLY D 433 9.41 43.38 35.60
C GLY D 433 10.12 43.37 36.95
N ALA D 434 11.06 44.30 37.19
CA ALA D 434 11.81 44.28 38.47
C ALA D 434 11.26 45.30 39.47
N ASP D 435 12.13 45.87 40.30
CA ASP D 435 11.74 46.86 41.35
C ASP D 435 12.41 48.20 41.07
N GLU D 436 11.63 49.29 41.09
CA GLU D 436 12.12 50.66 40.82
C GLU D 436 13.37 50.98 41.65
N SER D 437 13.37 50.62 42.94
CA SER D 437 14.54 50.94 43.81
C SER D 437 15.76 50.23 43.24
N VAL D 438 15.61 48.96 42.86
CA VAL D 438 16.72 48.15 42.28
C VAL D 438 16.97 48.65 40.84
N VAL D 439 15.93 49.20 40.20
CA VAL D 439 16.05 49.76 38.83
C VAL D 439 17.06 50.91 38.89
N LYS D 440 16.93 51.76 39.92
CA LYS D 440 17.83 52.92 40.13
C LYS D 440 19.27 52.39 40.20
N GLU D 441 19.46 51.29 40.95
CA GLU D 441 20.80 50.66 41.09
C GLU D 441 21.25 50.21 39.70
N ALA D 442 20.37 49.56 38.94
CA ALA D 442 20.71 49.05 37.59
C ALA D 442 20.87 50.21 36.60
N HIS D 443 20.29 51.37 36.91
CA HIS D 443 20.38 52.55 36.02
C HIS D 443 21.48 53.51 36.50
N ARG D 444 22.15 53.10 37.58
CA ARG D 444 23.22 53.80 38.35
C ARG D 444 23.80 55.04 37.66
N GLU D 445 24.89 54.87 36.91
CA GLU D 445 25.56 56.02 36.25
C GLU D 445 25.58 55.80 34.73
N VAL D 446 25.18 56.81 33.96
CA VAL D 446 25.15 56.70 32.48
C VAL D 446 26.44 57.29 31.91
N ILE D 447 26.82 56.82 30.71
CA ILE D 447 28.04 57.27 29.96
C ILE D 447 27.83 58.71 29.48
N ASN D 448 26.87 58.93 28.57
CA ASN D 448 26.61 60.29 27.98
C ASN D 448 25.24 60.33 27.27
N SER D 449 24.81 61.54 26.93
CA SER D 449 23.54 61.80 26.19
C SER D 449 23.94 62.15 24.76
N SER D 450 23.42 61.41 23.77
CA SER D 450 23.77 61.69 22.34
C SER D 450 22.52 62.00 21.54
N THR D 451 22.69 62.49 20.30
CA THR D 451 21.54 62.81 19.40
C THR D 451 20.93 61.49 18.90
N GLU D 452 19.64 61.52 18.55
CA GLU D 452 18.93 60.30 18.11
C GLU D 452 19.21 59.19 19.13
N GLY D 453 19.52 57.98 18.68
CA GLY D 453 19.72 56.82 19.57
C GLY D 453 20.85 57.04 20.56
N LEU D 454 20.75 56.40 21.73
CA LEU D 454 21.77 56.53 22.81
C LEU D 454 22.48 55.19 23.00
N LEU D 455 23.72 55.22 23.50
CA LEU D 455 24.50 54.00 23.79
C LEU D 455 24.54 53.81 25.31
N LEU D 456 23.82 52.80 25.83
CA LEU D 456 23.74 52.54 27.28
C LEU D 456 24.33 51.16 27.59
N ASN D 457 25.19 51.08 28.60
CA ASN D 457 25.81 49.79 29.02
C ASN D 457 24.84 49.07 29.96
N ILE D 458 23.75 48.54 29.40
CA ILE D 458 22.69 47.85 30.19
C ILE D 458 23.01 46.36 30.31
N ASP D 459 22.84 45.81 31.52
CA ASP D 459 23.09 44.37 31.83
C ASP D 459 22.02 43.50 31.14
N LYS D 460 22.38 42.26 30.82
CA LYS D 460 21.48 41.33 30.08
C LYS D 460 20.21 41.05 30.88
N ASP D 461 20.31 40.84 32.20
CA ASP D 461 19.10 40.51 33.00
C ASP D 461 18.09 41.67 32.94
N ILE D 462 18.57 42.91 33.10
CA ILE D 462 17.67 44.11 33.07
C ILE D 462 17.06 44.30 31.68
N ARG D 463 17.86 44.10 30.61
CA ARG D 463 17.38 44.32 29.22
C ARG D 463 16.38 43.25 28.79
N LYS D 464 16.09 42.27 29.65
CA LYS D 464 15.12 41.24 29.28
C LYS D 464 13.75 41.38 29.94
N ILE D 465 13.64 42.37 30.83
CA ILE D 465 12.40 42.59 31.62
C ILE D 465 11.77 43.93 31.23
N LEU D 466 12.26 44.52 30.15
CA LEU D 466 11.77 45.82 29.70
C LEU D 466 11.15 45.67 28.33
N SER D 467 9.91 46.13 28.15
CA SER D 467 9.22 46.03 26.83
C SER D 467 9.79 47.00 25.86
N GLY D 468 9.82 48.20 26.36
CA GLY D 468 10.19 49.26 25.44
C GLY D 468 10.52 50.53 26.19
N TYR D 469 10.71 51.61 25.42
CA TYR D 469 11.08 52.91 26.02
C TYR D 469 10.12 54.01 25.59
N ILE D 470 10.13 55.09 26.36
CA ILE D 470 9.33 56.30 26.15
C ILE D 470 10.28 57.48 26.07
N VAL D 471 10.14 58.31 25.02
CA VAL D 471 10.99 59.47 24.82
C VAL D 471 10.12 60.72 24.84
N GLU D 472 10.36 61.61 25.81
CA GLU D 472 9.68 62.89 25.88
C GLU D 472 10.69 64.02 26.06
N ILE D 473 10.20 65.26 26.10
CA ILE D 473 11.04 66.48 26.33
C ILE D 473 10.55 67.17 27.60
N GLU D 474 11.41 67.36 28.60
CA GLU D 474 10.96 68.09 29.83
C GLU D 474 11.26 69.57 29.67
N ASP D 475 10.22 70.40 29.53
CA ASP D 475 10.36 71.86 29.36
C ASP D 475 10.96 72.46 30.64
N THR D 476 11.78 73.51 30.50
CA THR D 476 12.41 74.17 31.67
C THR D 476 11.31 74.69 32.60
N GLU D 477 10.27 75.32 32.02
CA GLU D 477 9.11 75.79 32.81
C GLU D 477 8.31 74.54 33.22
N GLY D 478 8.20 73.59 32.28
CA GLY D 478 7.52 72.30 32.50
C GLY D 478 6.51 72.01 31.41
N LEU D 479 6.58 70.79 30.85
CA LEU D 479 5.67 70.29 29.77
C LEU D 479 5.94 68.80 29.54
N LYS D 480 5.06 68.13 28.79
CA LYS D 480 5.15 66.69 28.50
C LYS D 480 4.81 66.50 27.02
N GLU D 481 5.82 66.65 26.17
CA GLU D 481 5.70 66.43 24.74
C GLU D 481 6.46 65.15 24.40
N VAL D 482 5.71 64.10 24.05
CA VAL D 482 6.26 62.76 23.87
C VAL D 482 6.43 62.51 22.38
N ILE D 483 7.66 62.19 21.97
CA ILE D 483 7.97 61.87 20.58
C ILE D 483 7.24 60.61 20.14
N ASN D 484 7.50 59.51 20.83
CA ASN D 484 6.89 58.22 20.50
C ASN D 484 5.66 57.99 21.39
N ASP D 485 4.60 58.75 21.12
CA ASP D 485 3.44 58.77 22.00
C ASP D 485 2.35 57.84 21.47
N ARG D 486 2.69 56.55 21.46
CA ARG D 486 1.75 55.46 21.21
C ARG D 486 2.20 54.24 21.98
N TYR D 487 1.23 53.37 22.27
CA TYR D 487 1.48 52.11 22.95
C TYR D 487 2.41 51.20 22.16
N ASP D 488 2.36 51.28 20.83
CA ASP D 488 3.19 50.45 19.96
C ASP D 488 4.37 51.21 19.34
N MET D 489 4.75 52.34 19.93
CA MET D 489 5.95 53.07 19.52
C MET D 489 7.03 52.95 20.58
N LEU D 490 7.07 51.80 21.28
CA LEU D 490 8.07 51.62 22.36
C LEU D 490 9.25 50.74 21.93
N ASN D 491 9.12 49.99 20.83
CA ASN D 491 10.21 49.05 20.40
C ASN D 491 11.28 49.82 19.62
N ILE D 492 12.08 50.65 20.30
CA ILE D 492 13.16 51.45 19.65
C ILE D 492 14.55 51.02 20.16
N SER D 493 14.66 49.93 20.91
CA SER D 493 15.98 49.51 21.47
C SER D 493 16.73 48.57 20.52
N SER D 494 18.06 48.49 20.64
CA SER D 494 18.94 47.63 19.81
C SER D 494 20.22 47.32 20.61
N LEU D 495 21.09 46.46 20.08
CA LEU D 495 22.32 46.09 20.82
C LEU D 495 23.55 46.13 19.89
N ARG D 496 24.53 46.96 20.25
CA ARG D 496 25.79 47.08 19.47
C ARG D 496 26.67 45.84 19.71
N GLN D 497 27.56 45.54 18.76
CA GLN D 497 28.49 44.38 18.88
C GLN D 497 29.54 44.70 19.95
N ASP D 498 29.51 45.93 20.48
CA ASP D 498 30.43 46.42 21.55
C ASP D 498 30.19 45.62 22.84
N GLY D 499 28.94 45.25 23.09
CA GLY D 499 28.54 44.52 24.32
C GLY D 499 27.57 45.37 25.13
N LYS D 500 27.25 46.56 24.63
CA LYS D 500 26.26 47.48 25.27
C LYS D 500 24.98 47.50 24.40
N THR D 501 23.96 48.25 24.83
CA THR D 501 22.70 48.30 24.04
C THR D 501 22.56 49.70 23.44
N PHE D 502 21.86 49.83 22.31
CA PHE D 502 21.68 51.15 21.69
C PHE D 502 20.19 51.41 21.48
N ILE D 503 19.67 52.46 22.12
CA ILE D 503 18.26 52.91 21.90
C ILE D 503 18.22 53.78 20.64
N ASP D 504 17.04 54.02 20.04
CA ASP D 504 17.05 54.84 18.80
C ASP D 504 15.91 55.86 18.81
N PHE D 505 16.22 57.14 18.51
CA PHE D 505 15.14 58.16 18.45
C PHE D 505 14.73 58.47 17.00
N LYS D 506 15.35 57.83 16.02
CA LYS D 506 14.99 58.11 14.61
C LYS D 506 13.82 57.22 14.19
N LYS D 507 13.84 55.96 14.63
CA LYS D 507 12.88 54.96 14.18
C LYS D 507 11.43 55.43 14.25
N TYR D 508 11.09 56.21 15.27
CA TYR D 508 9.73 56.72 15.38
C TYR D 508 9.72 58.25 15.36
N ASN D 509 10.47 58.82 14.42
CA ASN D 509 10.43 60.30 14.25
C ASN D 509 10.54 60.62 12.74
N ASP D 510 10.12 59.66 11.90
CA ASP D 510 10.11 59.79 10.44
C ASP D 510 11.53 60.03 9.90
N LYS D 511 12.46 59.21 10.39
CA LYS D 511 13.91 59.28 10.04
C LYS D 511 14.44 60.71 10.22
N LEU D 512 14.31 61.26 11.44
CA LEU D 512 14.78 62.65 11.71
C LEU D 512 15.60 62.69 13.00
N PRO D 513 16.48 63.71 13.17
CA PRO D 513 17.28 63.87 14.39
C PRO D 513 16.40 64.56 15.45
N LEU D 514 16.85 64.55 16.72
CA LEU D 514 16.05 65.15 17.82
C LEU D 514 15.75 66.61 17.49
N TYR D 515 14.50 67.04 17.68
CA TYR D 515 14.14 68.47 17.45
C TYR D 515 14.31 69.18 18.80
N ILE D 516 15.50 69.72 19.03
CA ILE D 516 15.81 70.40 20.33
C ILE D 516 15.22 71.82 20.34
N SER D 517 13.95 71.94 20.75
CA SER D 517 13.22 73.24 20.80
C SER D 517 14.07 74.35 21.45
N ASN D 518 14.49 74.16 22.70
CA ASN D 518 15.28 75.21 23.42
C ASN D 518 16.51 74.59 24.10
N PRO D 519 17.57 75.38 24.41
CA PRO D 519 18.78 74.87 25.05
C PRO D 519 18.60 74.44 26.52
N ASN D 520 17.50 74.86 27.16
CA ASN D 520 17.23 74.50 28.58
C ASN D 520 16.26 73.31 28.59
N TYR D 521 16.01 72.72 27.42
CA TYR D 521 15.06 71.57 27.30
C TYR D 521 15.74 70.24 27.66
N LYS D 522 15.15 69.59 28.66
CA LYS D 522 15.52 68.28 29.20
C LYS D 522 15.02 67.21 28.24
N VAL D 523 15.95 66.34 27.82
CA VAL D 523 15.53 65.19 26.98
C VAL D 523 15.42 64.00 27.93
N ASN D 524 14.18 63.54 28.12
CA ASN D 524 13.88 62.43 29.01
C ASN D 524 13.66 61.15 28.21
N VAL D 525 14.24 60.07 28.73
CA VAL D 525 14.13 58.69 28.18
C VAL D 525 13.64 57.79 29.33
N TYR D 526 12.45 57.20 29.18
CA TYR D 526 11.85 56.39 30.22
C TYR D 526 11.64 54.97 29.69
N ALA D 527 11.63 54.00 30.61
CA ALA D 527 11.47 52.58 30.25
C ALA D 527 10.12 52.04 30.73
N VAL D 528 9.71 50.90 30.18
CA VAL D 528 8.44 50.26 30.52
C VAL D 528 8.70 48.77 30.79
N THR D 529 8.19 48.27 31.91
CA THR D 529 8.31 46.83 32.28
C THR D 529 7.33 45.98 31.47
N LYS D 530 7.52 44.65 31.46
CA LYS D 530 6.66 43.72 30.66
C LYS D 530 5.33 43.45 31.35
N GLU D 531 5.27 43.62 32.67
CA GLU D 531 4.03 43.41 33.47
C GLU D 531 3.03 44.51 33.16
N ASN D 532 3.50 45.77 33.16
CA ASN D 532 2.64 46.95 32.89
C ASN D 532 2.38 47.08 31.39
N THR D 533 2.99 46.20 30.57
CA THR D 533 2.84 46.24 29.09
C THR D 533 1.38 45.95 28.70
N ILE D 534 0.89 46.65 27.67
CA ILE D 534 -0.50 46.48 27.17
C ILE D 534 -0.56 45.25 26.24
N ILE D 535 -1.77 44.79 25.94
CA ILE D 535 -2.04 43.59 25.07
C ILE D 535 -2.14 44.04 23.61
N ASN D 536 -3.35 43.92 23.05
CA ASN D 536 -3.69 44.29 21.64
C ASN D 536 -4.20 45.74 21.60
N PRO D 537 -4.85 46.20 20.51
CA PRO D 537 -5.32 47.59 20.41
C PRO D 537 -6.21 47.93 21.62
N SER D 538 -6.03 49.12 22.17
CA SER D 538 -6.68 49.50 23.44
C SER D 538 -8.20 49.39 23.38
N GLU D 539 -8.81 48.72 24.36
CA GLU D 539 -10.29 48.58 24.43
C GLU D 539 -10.89 49.98 24.41
N ASN D 540 -10.23 50.92 25.11
CA ASN D 540 -10.67 52.34 25.19
C ASN D 540 -10.08 53.13 24.00
N GLY D 541 -9.22 52.48 23.21
CA GLY D 541 -8.57 53.12 22.05
C GLY D 541 -7.79 54.37 22.43
N ASP D 542 -7.06 54.32 23.55
CA ASP D 542 -6.24 55.47 24.00
C ASP D 542 -5.17 55.74 22.94
N THR D 543 -4.98 57.02 22.58
CA THR D 543 -3.97 57.41 21.54
C THR D 543 -2.68 57.86 22.21
N SER D 544 -2.58 57.76 23.55
CA SER D 544 -1.36 58.22 24.25
C SER D 544 -0.85 57.15 25.24
N THR D 545 0.46 57.17 25.51
CA THR D 545 1.08 56.23 26.49
C THR D 545 0.77 56.77 27.89
N ASN D 546 -0.12 57.76 27.92
CA ASN D 546 -0.63 58.47 29.09
C ASN D 546 -0.70 57.56 30.31
N GLY D 547 -1.47 56.47 30.23
CA GLY D 547 -1.60 55.56 31.34
C GLY D 547 -0.59 54.42 31.34
N ILE D 548 0.70 54.75 31.50
CA ILE D 548 1.77 53.76 31.56
C ILE D 548 2.69 54.12 32.73
N LYS D 549 3.06 53.10 33.52
CA LYS D 549 3.91 53.28 34.70
C LYS D 549 5.36 53.35 34.23
N LYS D 550 5.77 54.56 33.86
CA LYS D 550 7.11 54.83 33.36
C LYS D 550 8.10 55.01 34.50
N ILE D 551 9.38 54.85 34.15
CA ILE D 551 10.54 55.02 35.09
C ILE D 551 11.48 56.07 34.47
N LEU D 552 12.14 56.88 35.31
CA LEU D 552 13.05 57.93 34.82
C LEU D 552 14.44 57.32 34.55
N ILE D 553 14.56 56.60 33.43
CA ILE D 553 15.82 55.92 33.02
C ILE D 553 16.92 56.98 32.81
N PHE D 554 16.61 58.08 32.11
CA PHE D 554 17.63 59.11 31.82
C PHE D 554 17.00 60.51 31.81
N SER D 555 17.85 61.53 31.99
CA SER D 555 17.47 62.94 32.04
C SER D 555 18.68 63.84 31.98
N LYS D 556 18.95 64.40 30.79
CA LYS D 556 20.05 65.38 30.69
C LYS D 556 19.43 66.77 30.45
N LYS D 557 20.12 67.83 30.88
CA LYS D 557 19.66 69.23 30.62
C LYS D 557 19.88 69.48 29.13
N GLY D 558 19.14 70.39 28.49
CA GLY D 558 19.23 70.54 27.02
C GLY D 558 20.64 70.80 26.52
N TYR D 559 21.39 71.68 27.19
CA TYR D 559 22.80 71.92 26.79
C TYR D 559 23.60 70.61 26.98
N GLU D 560 23.39 69.93 28.11
CA GLU D 560 24.11 68.66 28.44
C GLU D 560 23.65 67.51 27.53
N ILE D 561 22.36 67.52 27.16
CA ILE D 561 21.73 66.52 26.23
C ILE D 561 22.69 66.33 25.07
N GLY D 562 23.07 67.42 24.41
CA GLY D 562 24.11 67.26 23.37
C GLY D 562 23.70 66.29 22.28
N THR E 1 22.27 -26.23 50.88
CA THR E 1 21.42 -25.53 49.93
C THR E 1 19.99 -25.44 50.43
N VAL E 2 19.54 -24.22 50.71
CA VAL E 2 18.19 -24.00 51.24
C VAL E 2 17.20 -24.03 50.07
N PRO E 3 16.03 -24.66 50.25
CA PRO E 3 15.07 -24.73 49.14
C PRO E 3 14.26 -23.46 48.95
N ASP E 4 13.93 -23.20 47.69
CA ASP E 4 13.00 -22.15 47.27
C ASP E 4 12.26 -22.72 46.05
N ARG E 5 11.13 -23.38 46.32
CA ARG E 5 10.39 -24.05 45.26
C ARG E 5 9.80 -23.04 44.29
N ASP E 6 9.35 -21.91 44.82
CA ASP E 6 8.80 -20.84 44.02
C ASP E 6 9.84 -20.10 43.20
N ASN E 7 11.14 -20.36 43.45
CA ASN E 7 12.27 -19.92 42.65
C ASN E 7 12.37 -18.40 42.60
N ASP E 8 11.78 -17.73 43.57
CA ASP E 8 11.73 -16.29 43.62
C ASP E 8 12.85 -15.71 44.46
N GLY E 9 13.92 -16.47 44.69
CA GLY E 9 15.09 -15.96 45.37
C GLY E 9 14.94 -15.87 46.86
N ILE E 10 13.84 -16.38 47.41
CA ILE E 10 13.56 -16.29 48.84
C ILE E 10 13.04 -17.64 49.31
N PRO E 11 13.65 -18.20 50.35
CA PRO E 11 13.35 -19.58 50.74
C PRO E 11 11.96 -19.73 51.32
N ASP E 12 11.55 -20.99 51.42
CA ASP E 12 10.16 -21.32 51.59
C ASP E 12 9.72 -21.15 53.03
N SER E 13 10.58 -21.55 53.97
CA SER E 13 10.28 -21.45 55.39
C SER E 13 10.15 -19.99 55.83
N LEU E 14 10.89 -19.09 55.19
CA LEU E 14 10.77 -17.69 55.55
C LEU E 14 9.44 -17.12 55.09
N GLU E 15 9.02 -17.49 53.86
CA GLU E 15 7.73 -17.04 53.35
C GLU E 15 6.58 -17.61 54.16
N VAL E 16 6.77 -18.81 54.70
CA VAL E 16 5.73 -19.38 55.56
C VAL E 16 5.70 -18.69 56.91
N GLU E 17 6.85 -18.60 57.57
CA GLU E 17 6.90 -18.28 58.98
C GLU E 17 7.07 -16.80 59.25
N GLY E 18 7.28 -15.99 58.23
CA GLY E 18 7.42 -14.58 58.49
C GLY E 18 8.85 -14.13 58.28
N TYR E 19 8.99 -12.94 57.71
CA TYR E 19 10.30 -12.41 57.39
C TYR E 19 10.17 -10.89 57.26
N THR E 20 11.32 -10.25 57.01
CA THR E 20 11.39 -8.79 56.85
C THR E 20 12.71 -8.41 56.17
N VAL E 21 12.71 -7.27 55.48
CA VAL E 21 13.87 -6.73 54.78
C VAL E 21 14.37 -5.55 55.59
N ASP E 22 15.66 -5.51 55.86
CA ASP E 22 16.21 -4.43 56.67
C ASP E 22 17.57 -4.00 56.15
N VAL E 23 17.76 -2.70 56.02
CA VAL E 23 19.08 -2.18 55.70
C VAL E 23 19.88 -2.06 56.98
N LYS E 24 21.19 -2.26 56.86
CA LYS E 24 22.06 -2.13 58.01
C LYS E 24 23.00 -0.93 57.88
N ASN E 25 23.80 -0.88 56.84
CA ASN E 25 24.63 0.29 56.60
C ASN E 25 24.19 0.99 55.32
N LYS E 26 24.29 0.31 54.19
CA LYS E 26 23.64 0.71 52.95
C LYS E 26 23.15 -0.50 52.19
N ARG E 27 22.89 -1.59 52.91
CA ARG E 27 22.69 -2.89 52.26
C ARG E 27 21.47 -3.60 52.81
N THR E 28 20.62 -4.04 51.89
CA THR E 28 19.38 -4.71 52.24
C THR E 28 19.65 -6.16 52.61
N PHE E 29 19.14 -6.58 53.76
CA PHE E 29 19.34 -7.91 54.30
C PHE E 29 17.99 -8.54 54.55
N LEU E 30 17.85 -9.79 54.07
CA LEU E 30 16.59 -10.56 54.25
C LEU E 30 16.81 -11.61 55.34
N SER E 31 16.15 -11.45 56.50
CA SER E 31 16.33 -12.40 57.63
C SER E 31 14.96 -12.79 58.20
N PRO E 32 14.83 -13.95 58.89
CA PRO E 32 13.55 -14.39 59.45
C PRO E 32 13.03 -13.41 60.52
N TRP E 33 11.71 -13.21 60.55
CA TRP E 33 11.07 -12.33 61.51
C TRP E 33 11.56 -12.61 62.93
N ILE E 34 12.04 -11.57 63.59
CA ILE E 34 12.34 -11.59 65.03
C ILE E 34 11.61 -10.42 65.66
N SER E 35 10.77 -10.74 66.65
CA SER E 35 9.92 -9.71 67.24
C SER E 35 10.66 -8.80 68.20
N ASN E 36 11.88 -9.17 68.62
CA ASN E 36 12.59 -8.34 69.58
C ASN E 36 13.18 -7.09 68.94
N ILE E 37 13.49 -7.16 67.66
CA ILE E 37 14.26 -6.14 66.97
C ILE E 37 13.41 -5.44 65.92
N HIS E 38 12.79 -6.21 65.05
CA HIS E 38 12.13 -5.66 63.87
C HIS E 38 10.82 -5.00 64.23
N GLU E 39 10.18 -5.47 65.30
CA GLU E 39 8.97 -4.85 65.79
C GLU E 39 9.26 -3.49 66.40
N LYS E 40 10.40 -3.33 67.07
CA LYS E 40 10.77 -2.04 67.61
C LYS E 40 11.14 -1.05 66.52
N LYS E 41 11.65 -1.56 65.40
CA LYS E 41 11.97 -0.70 64.28
C LYS E 41 10.76 -0.31 63.47
N GLY E 42 9.64 -0.99 63.66
CA GLY E 42 8.45 -0.74 62.87
C GLY E 42 8.41 -1.49 61.57
N LEU E 43 9.23 -2.51 61.42
CA LEU E 43 9.26 -3.28 60.18
C LEU E 43 8.03 -4.18 60.11
N THR E 44 7.52 -4.35 58.90
CA THR E 44 6.29 -5.11 58.72
C THR E 44 6.61 -6.57 58.44
N LYS E 45 6.02 -7.45 59.23
CA LYS E 45 6.21 -8.88 59.04
C LYS E 45 5.51 -9.34 57.77
N TYR E 46 6.23 -10.13 56.97
CA TYR E 46 5.76 -10.51 55.64
C TYR E 46 5.57 -12.01 55.57
N LYS E 47 4.46 -12.44 54.99
CA LYS E 47 4.24 -13.85 54.69
C LYS E 47 3.75 -13.97 53.26
N SER E 48 4.17 -15.05 52.59
CA SER E 48 3.79 -15.25 51.21
C SER E 48 3.87 -16.73 50.88
N SER E 49 3.61 -17.06 49.64
CA SER E 49 3.55 -18.46 49.30
C SER E 49 4.95 -19.02 49.06
N PRO E 50 5.20 -20.23 49.57
CA PRO E 50 6.44 -20.92 49.26
C PRO E 50 6.46 -21.51 47.86
N GLU E 51 5.33 -21.54 47.19
CA GLU E 51 5.27 -22.14 45.86
C GLU E 51 4.83 -21.16 44.79
N LYS E 52 4.49 -19.93 45.15
CA LYS E 52 4.17 -18.93 44.15
C LYS E 52 5.35 -17.97 44.04
N TRP E 53 5.90 -17.89 42.83
CA TRP E 53 6.88 -16.87 42.50
C TRP E 53 6.30 -15.48 42.69
N SER E 54 5.02 -15.32 42.38
CA SER E 54 4.25 -14.13 42.69
C SER E 54 3.01 -14.59 43.42
N THR E 55 2.94 -14.32 44.71
CA THR E 55 1.83 -14.80 45.52
C THR E 55 0.52 -14.11 45.15
N ALA E 56 0.60 -12.86 44.72
CA ALA E 56 -0.58 -12.16 44.24
C ALA E 56 -0.83 -12.37 42.76
N SER E 57 0.01 -13.18 42.09
CA SER E 57 -0.04 -13.55 40.67
C SER E 57 0.14 -12.37 39.72
N ASP E 58 0.38 -11.16 40.23
CA ASP E 58 0.76 -10.03 39.42
C ASP E 58 2.16 -10.27 38.84
N PRO E 59 2.53 -9.60 37.72
CA PRO E 59 3.81 -9.90 37.08
C PRO E 59 5.02 -9.31 37.81
N TYR E 60 5.08 -9.51 39.12
CA TYR E 60 6.15 -9.03 39.98
C TYR E 60 6.36 -10.06 41.06
N SER E 61 7.61 -10.43 41.32
CA SER E 61 7.87 -11.46 42.30
C SER E 61 7.62 -10.94 43.70
N ASP E 62 7.61 -11.88 44.64
CA ASP E 62 7.54 -11.52 46.05
C ASP E 62 8.79 -10.75 46.46
N PHE E 63 9.94 -11.22 45.98
CA PHE E 63 11.23 -10.64 46.37
C PHE E 63 11.42 -9.26 45.79
N GLU E 64 11.01 -9.05 44.54
CA GLU E 64 11.08 -7.72 43.94
C GLU E 64 10.19 -6.75 44.67
N LYS E 65 9.06 -7.24 45.15
CA LYS E 65 8.09 -6.37 45.78
C LYS E 65 8.52 -5.99 47.19
N VAL E 66 9.21 -6.89 47.89
CA VAL E 66 9.69 -6.53 49.21
C VAL E 66 11.04 -5.84 49.15
N THR E 67 11.79 -6.05 48.08
CA THR E 67 13.12 -5.46 48.00
C THR E 67 13.04 -4.03 47.51
N GLY E 68 12.15 -3.77 46.57
CA GLY E 68 12.06 -2.49 45.92
C GLY E 68 12.60 -2.47 44.52
N ARG E 69 13.09 -3.60 44.01
CA ARG E 69 13.59 -3.68 42.64
C ARG E 69 12.42 -3.91 41.69
N ILE E 70 11.66 -2.83 41.52
CA ILE E 70 10.37 -2.87 40.87
C ILE E 70 10.21 -1.55 40.13
N ASP E 71 9.23 -1.52 39.23
CA ASP E 71 8.74 -0.26 38.69
C ASP E 71 8.21 0.59 39.84
N LYS E 72 8.80 1.77 40.01
CA LYS E 72 8.50 2.61 41.15
C LYS E 72 7.15 3.28 41.04
N ASN E 73 6.50 3.22 39.88
CA ASN E 73 5.16 3.75 39.74
C ASN E 73 4.12 2.89 40.42
N VAL E 74 4.49 1.70 40.86
CA VAL E 74 3.64 0.89 41.73
C VAL E 74 3.40 1.66 43.02
N SER E 75 2.14 1.74 43.42
CA SER E 75 1.75 2.44 44.64
C SER E 75 2.37 1.76 45.87
N PRO E 76 2.66 2.54 46.92
CA PRO E 76 3.33 1.95 48.09
C PRO E 76 2.49 0.94 48.84
N GLU E 77 1.17 1.10 48.86
CA GLU E 77 0.33 0.10 49.49
C GLU E 77 0.26 -1.18 48.68
N ALA E 78 0.66 -1.14 47.41
CA ALA E 78 0.79 -2.36 46.63
C ALA E 78 2.15 -3.00 46.79
N ARG E 79 3.00 -2.46 47.65
CA ARG E 79 4.29 -3.10 47.85
C ARG E 79 4.21 -4.28 48.82
N HIS E 80 3.05 -4.54 49.38
CA HIS E 80 2.89 -5.76 50.15
C HIS E 80 2.58 -6.93 49.25
N PRO E 81 3.14 -8.12 49.52
CA PRO E 81 2.98 -9.25 48.59
C PRO E 81 1.57 -9.76 48.48
N LEU E 82 0.78 -9.62 49.53
CA LEU E 82 -0.61 -10.06 49.45
C LEU E 82 -1.51 -9.01 48.83
N VAL E 83 -0.97 -7.88 48.42
CA VAL E 83 -1.72 -6.83 47.75
C VAL E 83 -1.39 -6.89 46.28
N ALA E 84 -2.43 -7.00 45.44
CA ALA E 84 -2.24 -7.07 44.01
C ALA E 84 -1.89 -5.69 43.44
N ALA E 85 -1.20 -5.70 42.32
CA ALA E 85 -0.81 -4.49 41.62
C ALA E 85 -1.26 -4.61 40.17
N TYR E 86 -2.20 -3.77 39.75
CA TYR E 86 -2.75 -3.90 38.41
C TYR E 86 -3.34 -2.58 37.99
N PRO E 87 -3.32 -2.26 36.70
CA PRO E 87 -3.96 -1.04 36.23
C PRO E 87 -5.46 -1.19 36.06
N ILE E 88 -6.15 -0.08 36.24
CA ILE E 88 -7.57 0.03 35.95
C ILE E 88 -7.71 1.22 35.02
N VAL E 89 -8.05 0.96 33.77
CA VAL E 89 -8.10 1.99 32.75
C VAL E 89 -9.52 2.05 32.20
N HIS E 90 -10.08 3.25 32.15
CA HIS E 90 -11.33 3.47 31.45
C HIS E 90 -11.26 4.84 30.79
N VAL E 91 -11.97 4.97 29.69
CA VAL E 91 -11.89 6.15 28.83
C VAL E 91 -13.13 6.98 29.03
N ASP E 92 -12.95 8.29 29.20
CA ASP E 92 -14.04 9.24 29.19
C ASP E 92 -14.04 10.03 27.88
N MET E 93 -15.19 10.58 27.55
CA MET E 93 -15.39 11.30 26.30
C MET E 93 -15.79 12.74 26.62
N GLU E 94 -14.92 13.68 26.28
CA GLU E 94 -15.23 15.05 26.65
C GLU E 94 -16.07 15.75 25.61
N ASN E 95 -15.87 15.44 24.33
CA ASN E 95 -16.51 16.25 23.32
C ASN E 95 -16.73 15.45 22.05
N ILE E 96 -17.80 15.81 21.34
CA ILE E 96 -18.13 15.28 20.04
C ILE E 96 -17.84 16.35 19.00
N ILE E 97 -17.45 15.92 17.80
CA ILE E 97 -17.37 16.79 16.64
C ILE E 97 -17.99 16.03 15.49
N LEU E 98 -19.11 16.50 15.00
CA LEU E 98 -19.74 15.94 13.81
C LEU E 98 -19.59 16.93 12.67
N SER E 99 -19.30 16.42 11.49
CA SER E 99 -19.17 17.24 10.29
C SER E 99 -20.10 16.68 9.23
N LYS E 100 -20.95 17.54 8.69
CA LYS E 100 -21.87 17.11 7.66
C LYS E 100 -21.13 17.07 6.32
N ASN E 101 -21.01 15.88 5.75
CA ASN E 101 -20.34 15.71 4.46
C ASN E 101 -21.33 16.06 3.38
N GLU E 102 -21.51 17.37 3.18
CA GLU E 102 -22.40 17.91 2.18
C GLU E 102 -21.57 18.84 1.30
N ASP E 103 -21.67 18.67 -0.02
CA ASP E 103 -20.89 19.52 -0.90
C ASP E 103 -21.80 20.47 -1.66
N GLN E 104 -21.56 21.77 -1.48
CA GLN E 104 -22.40 22.79 -2.07
C GLN E 104 -21.59 23.61 -3.06
N SER E 105 -22.29 24.17 -4.03
CA SER E 105 -21.63 24.96 -5.06
C SER E 105 -22.55 26.08 -5.50
N THR E 106 -21.96 27.21 -5.84
CA THR E 106 -22.68 28.36 -6.38
C THR E 106 -22.09 28.71 -7.72
N GLN E 107 -22.96 29.04 -8.66
CA GLN E 107 -22.56 29.40 -10.03
C GLN E 107 -23.14 30.75 -10.39
N ASN E 108 -22.30 31.62 -10.93
CA ASN E 108 -22.72 32.92 -11.46
C ASN E 108 -22.43 32.92 -12.95
N THR E 109 -23.36 33.44 -13.75
CA THR E 109 -23.23 33.39 -15.20
C THR E 109 -23.72 34.70 -15.81
N ASP E 110 -22.94 35.26 -16.74
CA ASP E 110 -23.37 36.43 -17.51
C ASP E 110 -23.39 36.09 -18.98
N SER E 111 -24.37 36.61 -19.71
CA SER E 111 -24.57 36.27 -21.12
C SER E 111 -25.06 37.47 -21.90
N GLN E 112 -24.32 37.85 -22.94
CA GLN E 112 -24.70 38.96 -23.80
C GLN E 112 -24.88 38.43 -25.22
N THR E 113 -26.09 38.60 -25.76
CA THR E 113 -26.47 38.01 -27.04
C THR E 113 -26.85 39.12 -28.01
N ARG E 114 -26.25 39.10 -29.20
CA ARG E 114 -26.57 40.07 -30.24
C ARG E 114 -27.20 39.32 -31.41
N THR E 115 -28.49 39.53 -31.62
CA THR E 115 -29.23 38.81 -32.65
C THR E 115 -29.64 39.79 -33.75
N ILE E 116 -29.09 39.59 -34.94
CA ILE E 116 -29.34 40.46 -36.09
C ILE E 116 -30.19 39.67 -37.07
N SER E 117 -31.38 40.17 -37.36
CA SER E 117 -32.40 39.39 -38.05
C SER E 117 -32.86 40.11 -39.31
N LYS E 118 -33.11 39.33 -40.36
CA LYS E 118 -33.62 39.84 -41.62
C LYS E 118 -34.98 39.20 -41.88
N ASN E 119 -35.84 39.89 -42.64
CA ASN E 119 -37.13 39.36 -43.03
C ASN E 119 -37.53 40.01 -44.35
N THR E 120 -38.26 39.29 -45.20
CA THR E 120 -38.88 39.92 -46.36
C THR E 120 -40.24 39.27 -46.60
N SER E 121 -41.02 39.86 -47.51
CA SER E 121 -42.41 39.48 -47.69
C SER E 121 -42.93 39.91 -49.06
N THR E 122 -43.87 39.13 -49.61
CA THR E 122 -44.80 39.60 -50.64
C THR E 122 -46.20 39.14 -50.25
N SER E 123 -47.19 39.65 -50.96
CA SER E 123 -48.60 39.37 -50.72
C SER E 123 -49.39 39.68 -51.99
N ARG E 124 -50.42 38.90 -52.28
CA ARG E 124 -51.26 39.14 -53.45
C ARG E 124 -52.73 38.92 -53.13
N THR E 125 -53.52 39.98 -53.28
CA THR E 125 -54.90 40.03 -52.84
C THR E 125 -55.80 40.10 -54.07
N HIS E 126 -56.90 39.34 -54.07
CA HIS E 126 -57.86 39.38 -55.16
C HIS E 126 -59.25 39.58 -54.60
N THR E 127 -59.86 40.74 -54.90
CA THR E 127 -61.06 41.20 -54.23
C THR E 127 -62.21 41.33 -55.22
N SER E 128 -63.33 40.67 -54.91
CA SER E 128 -64.59 40.86 -55.62
C SER E 128 -65.59 41.56 -54.70
N GLU E 129 -66.67 42.06 -55.30
CA GLU E 129 -67.61 42.97 -54.64
C GLU E 129 -68.88 43.09 -55.46
N VAL E 130 -70.04 42.94 -54.82
CA VAL E 130 -71.34 43.08 -55.47
C VAL E 130 -72.21 44.03 -54.63
N HIS E 131 -72.43 45.24 -55.13
CA HIS E 131 -73.17 46.30 -54.46
C HIS E 131 -74.65 46.30 -54.89
N GLY E 132 -75.51 46.73 -53.96
CA GLY E 132 -76.91 46.96 -54.28
C GLY E 132 -77.36 48.32 -53.79
N ASN E 133 -78.51 48.76 -54.30
CA ASN E 133 -79.05 50.08 -54.01
C ASN E 133 -80.52 50.12 -54.44
N ALA E 134 -81.35 50.79 -53.64
CA ALA E 134 -82.69 51.19 -54.01
C ALA E 134 -82.91 52.60 -53.46
N GLU E 135 -83.81 53.36 -54.08
CA GLU E 135 -83.98 54.77 -53.72
C GLU E 135 -85.40 55.22 -54.01
N VAL E 136 -86.01 55.94 -53.06
CA VAL E 136 -87.34 56.50 -53.23
C VAL E 136 -87.27 58.00 -52.95
N HIS E 137 -87.51 58.81 -53.98
CA HIS E 137 -87.46 60.26 -53.89
C HIS E 137 -88.88 60.81 -53.95
N ALA E 138 -89.14 61.87 -53.18
CA ALA E 138 -90.47 62.47 -53.12
C ALA E 138 -90.37 63.97 -52.97
N SER E 139 -91.20 64.69 -53.73
CA SER E 139 -91.23 66.15 -53.70
C SER E 139 -92.64 66.65 -53.47
N PHE E 140 -92.86 67.95 -53.74
CA PHE E 140 -94.22 68.50 -53.76
C PHE E 140 -95.09 67.78 -54.77
N PHE E 141 -94.57 67.53 -55.98
CA PHE E 141 -95.34 66.85 -57.01
C PHE E 141 -94.50 65.85 -57.80
N ASP E 142 -93.28 65.56 -57.38
CA ASP E 142 -92.37 64.69 -58.11
C ASP E 142 -91.94 63.54 -57.21
N ILE E 143 -92.22 62.31 -57.65
CA ILE E 143 -91.85 61.09 -56.93
C ILE E 143 -91.09 60.20 -57.88
N GLY E 144 -89.93 59.69 -57.44
CA GLY E 144 -89.13 58.80 -58.25
C GLY E 144 -88.67 57.60 -57.44
N GLY E 145 -88.22 56.58 -58.17
CA GLY E 145 -87.58 55.44 -57.54
C GLY E 145 -86.49 54.89 -58.44
N SER E 146 -85.47 54.31 -57.81
CA SER E 146 -84.24 53.92 -58.50
C SER E 146 -83.70 52.63 -57.92
N VAL E 147 -83.16 51.76 -58.78
CA VAL E 147 -82.59 50.48 -58.38
C VAL E 147 -81.21 50.35 -59.02
N SER E 148 -80.19 50.04 -58.21
CA SER E 148 -78.82 49.99 -58.71
C SER E 148 -78.09 48.75 -58.18
N ALA E 149 -77.10 48.30 -58.94
CA ALA E 149 -76.27 47.17 -58.57
C ALA E 149 -74.88 47.32 -59.18
N GLY E 150 -73.87 46.90 -58.44
CA GLY E 150 -72.48 47.16 -58.77
C GLY E 150 -71.58 45.95 -58.71
N PHE E 151 -70.64 45.82 -59.64
CA PHE E 151 -69.76 44.66 -59.72
C PHE E 151 -68.30 45.13 -59.73
N SER E 152 -67.62 45.02 -58.58
CA SER E 152 -66.26 45.52 -58.43
C SER E 152 -65.29 44.36 -58.28
N ASN E 153 -64.32 44.28 -59.18
CA ASN E 153 -63.17 43.39 -59.02
C ASN E 153 -61.99 44.21 -58.52
N SER E 154 -61.06 43.55 -57.84
CA SER E 154 -59.84 44.21 -57.37
C SER E 154 -58.72 43.18 -57.13
N ASN E 155 -57.48 43.70 -57.15
CA ASN E 155 -56.27 42.88 -57.10
C ASN E 155 -55.10 43.73 -56.62
N SER E 156 -54.50 43.33 -55.50
CA SER E 156 -53.44 44.03 -54.81
C SER E 156 -52.20 43.14 -54.73
N SER E 157 -51.04 43.75 -54.46
CA SER E 157 -49.80 43.00 -54.25
C SER E 157 -48.83 43.81 -53.39
N THR E 158 -48.59 43.34 -52.17
CA THR E 158 -47.83 44.05 -51.14
C THR E 158 -46.45 43.42 -50.98
N VAL E 159 -45.40 44.19 -51.21
CA VAL E 159 -44.04 43.70 -51.14
C VAL E 159 -43.31 44.43 -50.00
N ALA E 160 -42.75 43.66 -49.07
CA ALA E 160 -42.28 44.16 -47.78
C ALA E 160 -40.89 43.62 -47.46
N ILE E 161 -40.20 44.30 -46.54
CA ILE E 161 -38.88 43.87 -46.08
C ILE E 161 -38.64 44.46 -44.68
N ASP E 162 -37.90 43.73 -43.85
CA ASP E 162 -37.65 44.04 -42.45
C ASP E 162 -36.18 43.79 -42.11
N HIS E 163 -35.60 44.66 -41.28
CA HIS E 163 -34.34 44.41 -40.60
C HIS E 163 -34.56 44.49 -39.10
N SER E 164 -33.71 43.84 -38.30
CA SER E 164 -33.95 43.73 -36.86
C SER E 164 -32.64 43.57 -36.09
N LEU E 165 -32.57 44.17 -34.90
CA LEU E 165 -31.51 43.92 -33.93
C LEU E 165 -32.13 43.37 -32.64
N SER E 166 -31.30 42.76 -31.79
CA SER E 166 -31.71 42.29 -30.47
C SER E 166 -30.49 42.22 -29.56
N LEU E 167 -30.56 42.86 -28.40
CA LEU E 167 -29.47 42.84 -27.42
C LEU E 167 -29.97 42.23 -26.12
N ALA E 168 -29.53 41.01 -25.82
CA ALA E 168 -30.06 40.23 -24.70
C ALA E 168 -28.97 40.06 -23.65
N GLY E 169 -29.15 40.72 -22.51
CA GLY E 169 -28.22 40.60 -21.39
C GLY E 169 -28.84 39.82 -20.26
N GLU E 170 -28.10 38.84 -19.74
CA GLU E 170 -28.64 37.89 -18.78
C GLU E 170 -27.64 37.67 -17.65
N ARG E 171 -28.14 37.68 -16.42
CA ARG E 171 -27.36 37.34 -15.24
C ARG E 171 -28.05 36.21 -14.51
N THR E 172 -27.32 35.11 -14.32
CA THR E 172 -27.85 33.86 -13.80
C THR E 172 -27.16 33.52 -12.48
N TRP E 173 -27.97 33.30 -11.44
CA TRP E 173 -27.47 32.83 -10.16
C TRP E 173 -27.95 31.40 -9.92
N ALA E 174 -27.06 30.56 -9.41
CA ALA E 174 -27.38 29.15 -9.23
C ALA E 174 -26.72 28.62 -7.96
N GLU E 175 -27.40 27.67 -7.31
CA GLU E 175 -26.93 27.08 -6.07
C GLU E 175 -27.31 25.62 -6.03
N THR E 176 -26.40 24.78 -5.57
CA THR E 176 -26.57 23.34 -5.59
C THR E 176 -26.04 22.74 -4.29
N MET E 177 -26.77 21.79 -3.72
CA MET E 177 -26.34 21.12 -2.49
C MET E 177 -26.43 19.61 -2.71
N GLY E 178 -25.29 18.99 -2.94
CA GLY E 178 -25.23 17.55 -3.07
C GLY E 178 -24.95 16.85 -1.74
N LEU E 179 -25.46 15.62 -1.67
CA LEU E 179 -25.44 14.82 -0.46
C LEU E 179 -25.43 13.35 -0.85
N ASN E 180 -24.82 12.52 -0.01
CA ASN E 180 -24.90 11.08 -0.13
C ASN E 180 -25.44 10.54 1.18
N THR E 181 -26.54 9.78 1.11
CA THR E 181 -27.24 9.32 2.31
C THR E 181 -26.44 8.32 3.12
N ALA E 182 -25.48 7.65 2.51
CA ALA E 182 -24.66 6.70 3.25
C ALA E 182 -23.49 7.35 3.95
N ASP E 183 -23.10 8.54 3.52
CA ASP E 183 -21.90 9.21 4.03
C ASP E 183 -22.24 10.64 4.41
N THR E 184 -23.28 10.81 5.23
CA THR E 184 -23.73 12.15 5.59
C THR E 184 -22.77 12.82 6.55
N ALA E 185 -22.26 12.09 7.55
CA ALA E 185 -21.54 12.73 8.62
C ALA E 185 -20.23 12.01 8.89
N ARG E 186 -19.28 12.78 9.43
CA ARG E 186 -18.00 12.26 9.89
C ARG E 186 -17.83 12.64 11.36
N LEU E 187 -17.27 11.72 12.13
CA LEU E 187 -17.19 11.89 13.56
C LEU E 187 -15.77 12.16 14.03
N ASN E 188 -15.67 12.74 15.22
CA ASN E 188 -14.39 12.95 15.88
C ASN E 188 -14.62 13.05 17.38
N ALA E 189 -13.93 12.21 18.13
CA ALA E 189 -14.08 12.15 19.57
C ALA E 189 -12.92 12.85 20.25
N ASN E 190 -13.21 13.51 21.37
CA ASN E 190 -12.18 14.07 22.23
C ASN E 190 -12.20 13.33 23.55
N ILE E 191 -11.15 12.56 23.80
CA ILE E 191 -11.14 11.57 24.87
C ILE E 191 -9.86 11.65 25.68
N ARG E 192 -9.95 11.18 26.93
CA ARG E 192 -8.79 11.04 27.80
C ARG E 192 -8.71 9.63 28.34
N TYR E 193 -7.54 9.32 28.87
CA TYR E 193 -7.24 8.03 29.46
C TYR E 193 -7.02 8.24 30.95
N VAL E 194 -7.63 7.39 31.76
CA VAL E 194 -7.58 7.53 33.21
C VAL E 194 -7.06 6.23 33.79
N ASN E 195 -6.07 6.31 34.67
CA ASN E 195 -5.64 5.12 35.42
C ASN E 195 -6.06 5.29 36.86
N THR E 196 -7.03 4.49 37.28
CA THR E 196 -7.39 4.41 38.68
C THR E 196 -6.80 3.18 39.35
N GLY E 197 -5.96 2.43 38.65
CA GLY E 197 -5.39 1.21 39.19
C GLY E 197 -4.22 1.45 40.12
N THR E 198 -3.35 0.46 40.17
CA THR E 198 -2.19 0.48 41.05
C THR E 198 -0.87 0.22 40.33
N ALA E 199 -0.89 -0.57 39.28
CA ALA E 199 0.31 -0.72 38.49
C ALA E 199 0.19 0.12 37.23
N PRO E 200 1.29 0.66 36.72
CA PRO E 200 1.23 1.34 35.43
C PRO E 200 1.14 0.34 34.29
N ILE E 201 0.65 0.83 33.15
CA ILE E 201 0.46 0.03 31.95
C ILE E 201 1.12 0.77 30.80
N TYR E 202 1.82 0.03 29.95
CA TYR E 202 2.61 0.62 28.88
C TYR E 202 2.08 0.24 27.51
N ASN E 203 2.21 1.18 26.57
CA ASN E 203 1.72 1.08 25.19
C ASN E 203 0.21 0.83 25.19
N VAL E 204 -0.51 1.80 25.73
CA VAL E 204 -1.94 1.64 25.95
C VAL E 204 -2.69 1.82 24.64
N LEU E 205 -3.47 0.81 24.28
CA LEU E 205 -4.35 0.89 23.12
C LEU E 205 -5.73 0.38 23.54
N PRO E 206 -6.62 1.28 23.90
CA PRO E 206 -7.98 0.86 24.24
C PRO E 206 -8.77 0.52 22.99
N THR E 207 -9.71 -0.40 23.16
CA THR E 207 -10.70 -0.71 22.13
C THR E 207 -12.01 -0.11 22.61
N THR E 208 -12.52 0.86 21.88
CA THR E 208 -13.72 1.56 22.30
C THR E 208 -14.82 1.43 21.24
N SER E 209 -15.98 2.01 21.56
CA SER E 209 -17.17 1.87 20.73
C SER E 209 -18.05 3.10 20.81
N LEU E 210 -18.35 3.67 19.65
CA LEU E 210 -19.37 4.70 19.49
C LEU E 210 -20.74 4.08 19.36
N VAL E 211 -21.68 4.49 20.23
CA VAL E 211 -23.01 3.89 20.33
C VAL E 211 -24.06 4.99 20.32
N LEU E 212 -25.08 4.84 19.47
CA LEU E 212 -26.27 5.66 19.55
C LEU E 212 -27.38 4.97 20.33
N GLY E 213 -28.28 5.80 20.86
CA GLY E 213 -29.57 5.32 21.33
C GLY E 213 -29.45 4.43 22.56
N LYS E 214 -30.25 3.37 22.56
CA LYS E 214 -30.17 2.39 23.63
C LYS E 214 -28.93 1.53 23.45
N ASN E 215 -28.87 0.81 22.34
CA ASN E 215 -27.71 -0.03 22.08
C ASN E 215 -27.34 -0.05 20.60
N GLN E 216 -27.64 1.01 19.88
CA GLN E 216 -27.32 1.06 18.45
C GLN E 216 -25.88 1.49 18.32
N THR E 217 -25.00 0.52 18.08
CA THR E 217 -23.58 0.79 17.99
C THR E 217 -23.25 1.39 16.64
N LEU E 218 -22.69 2.59 16.64
CA LEU E 218 -22.16 3.14 15.40
C LEU E 218 -20.94 2.37 14.95
N ALA E 219 -19.93 2.29 15.81
CA ALA E 219 -18.66 1.77 15.35
C ALA E 219 -17.86 1.25 16.54
N THR E 220 -16.95 0.35 16.24
CA THR E 220 -16.01 -0.15 17.22
C THR E 220 -14.60 0.10 16.69
N ILE E 221 -13.80 0.84 17.43
CA ILE E 221 -12.50 1.32 16.96
C ILE E 221 -11.44 0.92 17.97
N LYS E 222 -10.41 0.24 17.49
CA LYS E 222 -9.19 0.04 18.25
C LYS E 222 -8.30 1.27 18.11
N ALA E 223 -7.65 1.66 19.20
CA ALA E 223 -6.79 2.83 19.19
C ALA E 223 -5.58 2.62 18.29
N LYS E 224 -5.32 3.58 17.44
CA LYS E 224 -4.24 3.47 16.47
C LYS E 224 -2.99 4.15 16.98
N GLU E 225 -1.98 4.27 16.11
CA GLU E 225 -0.68 4.77 16.53
C GLU E 225 -0.68 6.26 16.82
N ASN E 226 -1.65 7.00 16.27
CA ASN E 226 -1.85 8.36 16.73
C ASN E 226 -2.40 8.39 18.14
N GLN E 227 -3.09 7.34 18.55
CA GLN E 227 -3.77 7.30 19.82
C GLN E 227 -3.02 6.49 20.86
N LEU E 228 -1.74 6.25 20.65
CA LEU E 228 -0.98 5.42 21.57
C LEU E 228 -0.60 6.24 22.79
N SER E 229 -0.68 5.61 23.96
CA SER E 229 -0.17 6.19 25.19
C SER E 229 0.98 5.33 25.67
N GLN E 230 2.16 5.92 25.76
CA GLN E 230 3.34 5.17 26.15
C GLN E 230 3.30 4.78 27.62
N ILE E 231 2.97 5.74 28.49
CA ILE E 231 2.91 5.52 29.92
C ILE E 231 1.53 5.92 30.41
N LEU E 232 0.92 5.08 31.22
CA LEU E 232 -0.23 5.51 32.02
C LEU E 232 0.02 5.05 33.44
N ALA E 233 0.70 5.89 34.21
CA ALA E 233 0.90 5.65 35.62
C ALA E 233 -0.43 5.77 36.37
N PRO E 234 -0.58 5.08 37.50
CA PRO E 234 -1.83 5.21 38.25
C PRO E 234 -2.03 6.59 38.84
N ASN E 235 -3.32 6.92 39.00
CA ASN E 235 -3.81 8.25 39.39
C ASN E 235 -3.29 9.32 38.43
N ASN E 236 -3.36 9.02 37.14
CA ASN E 236 -2.95 9.96 36.12
C ASN E 236 -3.86 9.88 34.91
N TYR E 237 -3.72 10.89 34.07
CA TYR E 237 -4.48 11.04 32.84
C TYR E 237 -3.52 11.05 31.66
N TYR E 238 -4.00 10.57 30.53
CA TYR E 238 -3.31 10.75 29.26
C TYR E 238 -4.29 11.42 28.31
N PRO E 239 -4.02 12.65 27.86
CA PRO E 239 -2.89 13.47 28.28
C PRO E 239 -3.20 14.14 29.60
N SER E 240 -2.27 14.93 30.11
CA SER E 240 -2.43 15.57 31.41
C SER E 240 -3.60 16.54 31.40
N LYS E 241 -4.07 16.85 32.60
CA LYS E 241 -5.32 17.56 32.78
C LYS E 241 -5.24 19.00 32.29
N ASN E 242 -4.05 19.59 32.32
CA ASN E 242 -3.90 20.93 31.76
C ASN E 242 -4.01 20.93 30.25
N LEU E 243 -3.64 19.83 29.62
CA LEU E 243 -3.69 19.77 28.17
C LEU E 243 -5.06 19.32 27.71
N ALA E 244 -5.31 19.46 26.43
CA ALA E 244 -6.59 19.13 25.84
C ALA E 244 -6.65 17.65 25.47
N PRO E 245 -7.83 17.02 25.52
CA PRO E 245 -7.93 15.59 25.22
C PRO E 245 -7.63 15.29 23.76
N ILE E 246 -7.40 14.02 23.50
CA ILE E 246 -6.94 13.63 22.18
C ILE E 246 -8.12 13.38 21.26
N ALA E 247 -7.83 13.33 19.97
CA ALA E 247 -8.84 13.26 18.92
C ALA E 247 -8.79 11.89 18.25
N LEU E 248 -9.92 11.22 18.22
CA LEU E 248 -10.08 9.95 17.51
C LEU E 248 -11.06 10.16 16.37
N ASN E 249 -10.59 9.97 15.14
CA ASN E 249 -11.45 10.22 13.99
C ASN E 249 -11.24 9.23 12.85
N ALA E 250 -10.66 8.06 13.11
CA ALA E 250 -10.22 7.21 12.03
C ALA E 250 -10.76 5.80 12.22
N GLN E 251 -10.85 5.08 11.12
CA GLN E 251 -11.25 3.68 11.12
C GLN E 251 -10.19 2.76 10.56
N ASP E 252 -9.41 3.20 9.57
CA ASP E 252 -8.42 2.27 8.92
C ASP E 252 -7.22 1.98 9.83
N ASP E 253 -6.52 0.86 9.58
CA ASP E 253 -5.31 0.50 10.36
C ASP E 253 -4.31 1.65 10.22
N PHE E 254 -4.23 2.24 9.02
CA PHE E 254 -3.33 3.39 8.73
C PHE E 254 -4.03 4.70 9.07
N SER E 255 -5.33 4.62 9.43
CA SER E 255 -6.18 5.76 9.84
C SER E 255 -6.34 6.80 8.73
N SER E 256 -6.94 6.42 7.59
CA SER E 256 -7.16 7.45 6.55
C SER E 256 -8.65 7.56 6.29
N THR E 257 -9.44 6.64 6.81
CA THR E 257 -10.87 6.69 6.58
C THR E 257 -11.55 7.31 7.78
N PRO E 258 -12.35 8.35 7.58
CA PRO E 258 -13.09 8.96 8.68
C PRO E 258 -14.22 8.06 9.13
N ILE E 259 -14.72 8.37 10.33
CA ILE E 259 -15.80 7.61 10.93
C ILE E 259 -17.13 8.10 10.37
N THR E 260 -17.82 7.21 9.67
CA THR E 260 -18.92 7.55 8.78
C THR E 260 -20.26 7.35 9.49
N MET E 261 -21.20 8.26 9.23
CA MET E 261 -22.57 8.15 9.72
C MET E 261 -23.53 8.40 8.57
N ASN E 262 -24.56 7.58 8.47
CA ASN E 262 -25.55 7.70 7.41
C ASN E 262 -26.63 8.71 7.80
N TYR E 263 -27.74 8.69 7.10
CA TYR E 263 -28.69 9.79 7.16
C TYR E 263 -29.60 9.69 8.37
N ASN E 264 -30.18 8.51 8.59
CA ASN E 264 -31.17 8.36 9.64
C ASN E 264 -30.53 8.49 11.02
N GLN E 265 -29.32 7.96 11.16
CA GLN E 265 -28.58 8.12 12.39
C GLN E 265 -28.19 9.57 12.62
N PHE E 266 -27.93 10.31 11.54
CA PHE E 266 -27.63 11.72 11.66
C PHE E 266 -28.82 12.51 12.16
N LEU E 267 -30.00 12.20 11.62
CA LEU E 267 -31.22 12.84 12.08
C LEU E 267 -31.52 12.50 13.54
N GLU E 268 -31.34 11.23 13.90
CA GLU E 268 -31.62 10.80 15.26
C GLU E 268 -30.63 11.41 16.25
N LEU E 269 -29.38 11.61 15.80
CA LEU E 269 -28.40 12.25 16.66
C LEU E 269 -28.72 13.72 16.87
N GLU E 270 -29.07 14.42 15.80
CA GLU E 270 -29.41 15.83 15.98
C GLU E 270 -30.75 16.02 16.67
N LYS E 271 -31.58 14.99 16.75
CA LYS E 271 -32.79 15.11 17.56
C LYS E 271 -32.49 14.80 19.03
N THR E 272 -31.88 13.66 19.29
CA THR E 272 -31.82 13.13 20.65
C THR E 272 -30.57 13.52 21.41
N LYS E 273 -29.48 13.80 20.69
CA LYS E 273 -28.18 14.20 21.24
C LYS E 273 -27.61 13.15 22.20
N GLN E 274 -27.96 11.89 21.98
CA GLN E 274 -27.51 10.79 22.83
C GLN E 274 -26.46 9.99 22.08
N LEU E 275 -25.20 10.21 22.42
CA LEU E 275 -24.09 9.53 21.77
C LEU E 275 -23.14 9.10 22.88
N ARG E 276 -23.12 7.82 23.18
CA ARG E 276 -22.35 7.31 24.29
C ARG E 276 -21.16 6.51 23.78
N LEU E 277 -20.22 6.29 24.69
CA LEU E 277 -18.91 5.75 24.39
C LEU E 277 -18.62 4.61 25.34
N ASP E 278 -18.31 3.44 24.81
CA ASP E 278 -18.01 2.30 25.65
C ASP E 278 -16.56 1.89 25.52
N THR E 279 -15.99 1.40 26.62
CA THR E 279 -14.62 0.94 26.69
C THR E 279 -14.67 -0.59 26.80
N ASP E 280 -14.43 -1.26 25.68
CA ASP E 280 -14.62 -2.70 25.65
C ASP E 280 -13.43 -3.44 26.24
N GLN E 281 -12.23 -3.18 25.73
CA GLN E 281 -11.03 -3.79 26.28
C GLN E 281 -9.85 -2.90 25.97
N VAL E 282 -8.79 -3.08 26.74
CA VAL E 282 -7.63 -2.20 26.69
C VAL E 282 -6.40 -3.06 26.47
N TYR E 283 -5.66 -2.76 25.42
CA TYR E 283 -4.38 -3.41 25.21
C TYR E 283 -3.28 -2.62 25.92
N GLY E 284 -2.29 -3.36 26.44
CA GLY E 284 -1.19 -2.72 27.14
C GLY E 284 -0.20 -3.71 27.74
N ASN E 285 1.06 -3.31 27.80
CA ASN E 285 2.14 -4.24 28.14
C ASN E 285 2.65 -4.01 29.55
N ILE E 286 3.44 -4.98 30.02
CA ILE E 286 4.13 -4.90 31.31
C ILE E 286 5.61 -4.66 31.03
N ALA E 287 6.21 -3.78 31.80
CA ALA E 287 7.66 -3.69 31.88
C ALA E 287 8.12 -4.39 33.15
N THR E 288 9.12 -5.25 33.03
CA THR E 288 9.62 -6.05 34.14
C THR E 288 11.02 -5.60 34.51
N TYR E 289 11.37 -5.85 35.77
CA TYR E 289 12.69 -5.55 36.26
C TYR E 289 13.71 -6.51 35.67
N ASN E 290 14.90 -6.00 35.35
CA ASN E 290 16.01 -6.85 34.83
C ASN E 290 17.17 -6.82 35.83
N PHE E 291 17.56 -8.00 36.33
CA PHE E 291 18.64 -8.17 37.34
C PHE E 291 20.03 -7.86 36.75
N GLU E 292 20.18 -7.94 35.42
CA GLU E 292 21.49 -7.73 34.76
C GLU E 292 22.02 -6.31 35.05
N ASN E 293 21.18 -5.28 34.97
CA ASN E 293 21.69 -3.91 35.23
C ASN E 293 20.62 -3.03 35.88
N GLY E 294 19.64 -3.65 36.56
CA GLY E 294 18.57 -2.90 37.25
C GLY E 294 17.83 -1.95 36.32
N ARG E 295 17.53 -2.38 35.09
CA ARG E 295 16.80 -1.54 34.10
C ARG E 295 15.47 -2.21 33.80
N VAL E 296 14.36 -1.53 34.11
CA VAL E 296 13.04 -2.12 33.89
C VAL E 296 12.72 -1.98 32.40
N ARG E 297 12.48 -3.11 31.75
CA ARG E 297 12.34 -3.16 30.30
C ARG E 297 10.98 -3.70 29.92
N VAL E 298 10.45 -3.18 28.83
CA VAL E 298 9.14 -3.61 28.34
C VAL E 298 9.30 -4.91 27.57
N ASP E 299 8.55 -5.94 27.96
CA ASP E 299 8.30 -7.07 27.08
C ASP E 299 7.11 -6.70 26.21
N THR E 300 7.35 -6.55 24.92
CA THR E 300 6.25 -6.31 23.99
C THR E 300 5.40 -7.55 23.78
N GLY E 301 5.92 -8.72 24.11
CA GLY E 301 5.14 -9.94 23.92
C GLY E 301 4.03 -10.07 24.93
N SER E 302 4.35 -9.90 26.20
CA SER E 302 3.35 -10.07 27.26
C SER E 302 2.46 -8.84 27.36
N ASN E 303 1.21 -9.08 27.76
CA ASN E 303 0.25 -8.02 27.99
C ASN E 303 -0.56 -8.34 29.24
N TRP E 304 -1.25 -7.31 29.74
CA TRP E 304 -2.09 -7.46 30.92
C TRP E 304 -3.30 -8.34 30.67
N SER E 305 -3.62 -8.60 29.39
CA SER E 305 -4.66 -9.54 29.03
C SER E 305 -4.38 -10.93 29.57
N GLU E 306 -3.10 -11.30 29.69
CA GLU E 306 -2.76 -12.57 30.28
C GLU E 306 -2.99 -12.59 31.78
N VAL E 307 -2.95 -11.44 32.42
CA VAL E 307 -2.71 -11.36 33.85
C VAL E 307 -3.97 -11.00 34.62
N LEU E 308 -4.78 -10.09 34.07
CA LEU E 308 -5.96 -9.63 34.81
C LEU E 308 -6.99 -10.70 35.16
N PRO E 309 -7.35 -11.66 34.31
CA PRO E 309 -8.25 -12.73 34.80
C PRO E 309 -7.59 -13.64 35.79
N GLN E 310 -6.27 -13.76 35.77
CA GLN E 310 -5.59 -14.53 36.80
C GLN E 310 -5.70 -13.86 38.14
N ILE E 311 -5.67 -12.53 38.15
CA ILE E 311 -5.84 -11.80 39.40
C ILE E 311 -7.27 -11.86 39.88
N GLN E 312 -8.22 -11.75 38.95
CA GLN E 312 -9.63 -11.69 39.31
C GLN E 312 -10.13 -13.01 39.88
N GLU E 313 -9.58 -14.12 39.43
CA GLU E 313 -10.07 -15.41 39.86
C GLU E 313 -9.38 -15.93 41.11
N THR E 314 -8.45 -15.17 41.67
CA THR E 314 -7.68 -15.66 42.81
C THR E 314 -7.74 -14.74 44.02
N THR E 315 -8.39 -13.60 43.92
CA THR E 315 -8.36 -12.60 44.97
C THR E 315 -9.77 -12.26 45.42
N ALA E 316 -9.85 -11.61 46.57
CA ALA E 316 -11.06 -10.95 47.01
C ALA E 316 -10.95 -9.47 46.68
N ARG E 317 -12.05 -8.91 46.18
CA ARG E 317 -12.09 -7.51 45.77
C ARG E 317 -12.83 -6.69 46.82
N ILE E 318 -12.25 -5.57 47.21
CA ILE E 318 -12.84 -4.68 48.20
C ILE E 318 -12.85 -3.27 47.63
N ILE E 319 -14.03 -2.65 47.61
CA ILE E 319 -14.21 -1.29 47.14
C ILE E 319 -14.60 -0.43 48.34
N PHE E 320 -13.97 0.72 48.45
CA PHE E 320 -14.10 1.59 49.61
C PHE E 320 -14.04 3.04 49.17
N ASN E 321 -14.90 3.87 49.75
CA ASN E 321 -15.05 5.25 49.29
C ASN E 321 -14.98 6.23 50.44
N GLY E 322 -14.19 5.92 51.46
CA GLY E 322 -14.06 6.88 52.53
C GLY E 322 -13.03 7.96 52.29
N LYS E 323 -12.20 7.80 51.26
CA LYS E 323 -11.24 8.82 50.87
C LYS E 323 -11.89 9.68 49.79
N ASP E 324 -12.46 10.80 50.25
CA ASP E 324 -13.11 11.85 49.43
C ASP E 324 -14.20 11.25 48.53
N LEU E 325 -14.89 10.20 49.00
CA LEU E 325 -15.99 9.55 48.25
C LEU E 325 -15.53 9.13 46.86
N ASN E 326 -14.34 8.55 46.75
CA ASN E 326 -13.78 8.07 45.46
C ASN E 326 -13.68 6.55 45.53
N LEU E 327 -14.47 5.84 44.71
CA LEU E 327 -14.45 4.39 44.76
C LEU E 327 -13.03 3.88 44.53
N VAL E 328 -12.45 3.30 45.58
CA VAL E 328 -11.10 2.76 45.54
C VAL E 328 -11.20 1.26 45.64
N GLU E 329 -10.65 0.58 44.64
CA GLU E 329 -10.73 -0.87 44.51
C GLU E 329 -9.37 -1.49 44.80
N ARG E 330 -9.36 -2.50 45.66
CA ARG E 330 -8.15 -3.26 45.94
C ARG E 330 -8.46 -4.74 45.94
N ARG E 331 -7.60 -5.52 45.32
CA ARG E 331 -7.72 -6.97 45.29
C ARG E 331 -6.64 -7.57 46.15
N ILE E 332 -7.04 -8.47 47.04
CA ILE E 332 -6.17 -9.06 48.04
C ILE E 332 -6.22 -10.56 47.86
N ALA E 333 -5.04 -11.19 47.82
CA ALA E 333 -4.97 -12.63 47.60
C ALA E 333 -5.57 -13.38 48.78
N ALA E 334 -6.52 -14.26 48.48
CA ALA E 334 -7.17 -15.05 49.51
C ALA E 334 -7.39 -16.46 48.98
N VAL E 335 -7.57 -17.39 49.91
CA VAL E 335 -7.46 -18.82 49.61
C VAL E 335 -8.76 -19.33 49.02
N ASN E 336 -8.65 -20.03 47.88
CA ASN E 336 -9.71 -20.89 47.40
C ASN E 336 -9.45 -22.30 47.92
N PRO E 337 -10.36 -22.86 48.72
CA PRO E 337 -10.09 -24.16 49.33
C PRO E 337 -10.06 -25.32 48.35
N SER E 338 -10.78 -25.22 47.24
CA SER E 338 -10.86 -26.31 46.28
C SER E 338 -9.68 -26.35 45.33
N ASP E 339 -8.74 -25.42 45.46
CA ASP E 339 -7.57 -25.36 44.59
C ASP E 339 -6.33 -25.58 45.44
N PRO E 340 -5.57 -26.66 45.21
CA PRO E 340 -4.46 -27.00 46.10
C PRO E 340 -3.32 -26.02 46.06
N LEU E 341 -3.01 -25.48 44.87
CA LEU E 341 -1.96 -24.47 44.80
C LEU E 341 -2.39 -23.18 45.46
N GLU E 342 -3.68 -22.86 45.38
CA GLU E 342 -4.17 -21.62 45.98
C GLU E 342 -4.19 -21.70 47.49
N THR E 343 -4.26 -22.91 48.05
CA THR E 343 -4.24 -23.10 49.49
C THR E 343 -2.86 -22.91 50.11
N THR E 344 -1.83 -22.73 49.29
CA THR E 344 -0.47 -22.57 49.80
C THR E 344 -0.19 -21.17 50.33
N LYS E 345 -1.16 -20.27 50.23
CA LYS E 345 -1.00 -18.92 50.72
C LYS E 345 -1.27 -18.85 52.22
N PRO E 346 -0.67 -17.87 52.91
CA PRO E 346 -1.05 -17.64 54.30
C PRO E 346 -2.47 -17.10 54.40
N ASP E 347 -3.08 -17.34 55.56
CA ASP E 347 -4.48 -16.98 55.77
C ASP E 347 -4.62 -15.48 55.92
N MET E 348 -5.76 -14.96 55.46
CA MET E 348 -6.04 -13.54 55.52
C MET E 348 -7.33 -13.30 56.29
N THR E 349 -7.20 -12.66 57.45
CA THR E 349 -8.38 -12.15 58.12
C THR E 349 -8.82 -10.85 57.48
N LEU E 350 -10.05 -10.44 57.77
CA LEU E 350 -10.56 -9.21 57.19
C LEU E 350 -9.88 -7.99 57.76
N LYS E 351 -9.60 -7.99 59.06
CA LYS E 351 -9.02 -6.83 59.71
C LYS E 351 -7.59 -6.58 59.24
N GLU E 352 -6.82 -7.66 59.09
CA GLU E 352 -5.48 -7.56 58.54
C GLU E 352 -5.50 -7.03 57.11
N ALA E 353 -6.48 -7.47 56.33
CA ALA E 353 -6.63 -7.02 54.95
C ALA E 353 -6.95 -5.54 54.91
N LEU E 354 -7.86 -5.09 55.76
CA LEU E 354 -8.21 -3.68 55.82
C LEU E 354 -7.06 -2.83 56.33
N LYS E 355 -6.22 -3.42 57.18
CA LYS E 355 -5.06 -2.71 57.67
C LYS E 355 -4.02 -2.52 56.59
N ILE E 356 -3.71 -3.57 55.84
CA ILE E 356 -2.63 -3.48 54.88
C ILE E 356 -3.09 -2.84 53.57
N ALA E 357 -4.38 -2.87 53.29
CA ALA E 357 -4.85 -2.42 51.98
C ALA E 357 -5.21 -0.95 51.97
N PHE E 358 -5.74 -0.44 53.07
CA PHE E 358 -6.27 0.90 53.11
C PHE E 358 -5.51 1.77 54.09
N GLY E 359 -4.42 1.27 54.66
CA GLY E 359 -3.68 2.03 55.64
C GLY E 359 -4.40 2.18 56.96
N PHE E 360 -5.26 1.23 57.30
CA PHE E 360 -5.98 1.32 58.56
C PHE E 360 -5.06 1.03 59.72
N ASN E 361 -5.51 1.43 60.91
CA ASN E 361 -4.73 1.21 62.11
C ASN E 361 -5.64 0.99 63.30
N GLU E 362 -5.08 0.44 64.36
CA GLU E 362 -5.70 0.41 65.68
C GLU E 362 -4.80 1.20 66.62
N PRO E 363 -4.93 2.53 66.63
CA PRO E 363 -4.09 3.34 67.50
C PRO E 363 -4.46 3.20 68.96
N ASN E 364 -5.68 2.77 69.27
CA ASN E 364 -6.12 2.50 70.62
C ASN E 364 -6.86 1.18 70.66
N GLY E 365 -6.36 0.20 69.91
CA GLY E 365 -7.03 -1.08 69.81
C GLY E 365 -8.30 -1.06 69.01
N ASN E 366 -8.56 0.00 68.25
CA ASN E 366 -9.79 0.15 67.50
C ASN E 366 -9.47 0.51 66.05
N LEU E 367 -10.06 -0.25 65.13
CA LEU E 367 -9.69 -0.13 63.73
C LEU E 367 -10.19 1.19 63.16
N GLN E 368 -9.28 1.98 62.60
CA GLN E 368 -9.62 3.32 62.19
C GLN E 368 -9.02 3.66 60.84
N TYR E 369 -9.82 4.37 60.06
CA TYR E 369 -9.41 4.96 58.77
C TYR E 369 -9.25 6.44 59.13
N GLN E 370 -8.01 6.95 59.10
CA GLN E 370 -7.74 8.33 59.53
C GLN E 370 -8.20 8.45 60.99
N GLY E 371 -9.01 9.44 61.29
CA GLY E 371 -9.52 9.62 62.64
C GLY E 371 -10.94 9.08 62.83
N LYS E 372 -11.45 8.39 61.82
CA LYS E 372 -12.80 7.88 61.83
C LYS E 372 -12.83 6.40 62.24
N ASP E 373 -13.83 6.05 63.04
CA ASP E 373 -14.00 4.68 63.45
C ASP E 373 -14.54 3.84 62.29
N ILE E 374 -14.24 2.54 62.34
CA ILE E 374 -14.75 1.60 61.36
C ILE E 374 -16.25 1.39 61.54
N THR E 375 -16.77 1.64 62.75
CA THR E 375 -18.18 1.39 63.02
C THR E 375 -19.09 2.39 62.34
N GLU E 376 -18.56 3.49 61.84
CA GLU E 376 -19.34 4.42 61.02
C GLU E 376 -19.38 4.03 59.56
N PHE E 377 -18.84 2.87 59.21
CA PHE E 377 -18.90 2.35 57.85
C PHE E 377 -19.76 1.11 57.81
N ASP E 378 -20.51 0.96 56.72
CA ASP E 378 -21.39 -0.18 56.53
C ASP E 378 -20.87 -1.09 55.41
N PHE E 379 -21.24 -2.36 55.53
CA PHE E 379 -20.71 -3.42 54.69
C PHE E 379 -21.79 -3.90 53.74
N ASN E 380 -21.37 -4.30 52.54
CA ASN E 380 -22.26 -4.78 51.52
C ASN E 380 -21.58 -5.91 50.77
N PHE E 381 -22.36 -6.93 50.46
CA PHE E 381 -21.84 -8.16 49.89
C PHE E 381 -22.78 -8.63 48.80
N ASP E 382 -22.21 -9.22 47.76
CA ASP E 382 -23.06 -9.97 46.86
C ASP E 382 -23.44 -11.31 47.50
N GLN E 383 -24.35 -12.00 46.81
CA GLN E 383 -25.13 -13.08 47.43
C GLN E 383 -24.26 -14.24 47.86
N GLN E 384 -23.24 -14.57 47.07
CA GLN E 384 -22.32 -15.64 47.43
C GLN E 384 -21.48 -15.25 48.64
N THR E 385 -20.89 -14.04 48.60
CA THR E 385 -20.06 -13.59 49.72
C THR E 385 -20.91 -13.35 50.96
N SER E 386 -22.12 -12.82 50.78
CA SER E 386 -23.02 -12.62 51.91
C SER E 386 -23.43 -13.95 52.54
N GLN E 387 -23.64 -14.97 51.71
CA GLN E 387 -23.94 -16.30 52.22
C GLN E 387 -22.76 -16.87 52.99
N ASN E 388 -21.55 -16.66 52.48
CA ASN E 388 -20.37 -17.21 53.16
C ASN E 388 -20.12 -16.48 54.48
N ILE E 389 -20.35 -15.17 54.52
CA ILE E 389 -20.24 -14.42 55.76
C ILE E 389 -21.32 -14.84 56.74
N LYS E 390 -22.51 -15.15 56.23
CA LYS E 390 -23.58 -15.67 57.07
C LYS E 390 -23.18 -17.00 57.71
N ASN E 391 -22.54 -17.86 56.92
CA ASN E 391 -22.10 -19.15 57.44
C ASN E 391 -20.99 -18.99 58.47
N GLN E 392 -20.06 -18.07 58.21
CA GLN E 392 -18.97 -17.84 59.15
C GLN E 392 -19.46 -17.24 60.45
N LEU E 393 -20.44 -16.35 60.39
CA LEU E 393 -21.00 -15.78 61.61
C LEU E 393 -21.87 -16.80 62.34
N ALA E 394 -22.48 -17.72 61.61
CA ALA E 394 -23.20 -18.81 62.25
C ALA E 394 -22.25 -19.72 63.00
N GLU E 395 -21.07 -19.96 62.43
CA GLU E 395 -20.11 -20.82 63.10
C GLU E 395 -19.45 -20.11 64.28
N LEU E 396 -19.26 -18.80 64.18
CA LEU E 396 -18.63 -18.06 65.28
C LEU E 396 -19.60 -17.67 66.37
N ASN E 397 -20.90 -17.88 66.15
CA ASN E 397 -21.97 -17.60 67.11
C ASN E 397 -22.00 -16.12 67.49
N ALA E 398 -21.60 -15.25 66.59
CA ALA E 398 -21.57 -13.82 66.85
C ALA E 398 -22.62 -13.12 65.98
N THR E 399 -22.98 -11.92 66.39
CA THR E 399 -23.96 -11.12 65.69
C THR E 399 -23.37 -9.88 65.05
N ASN E 400 -22.67 -9.06 65.82
CA ASN E 400 -22.00 -7.90 65.26
C ASN E 400 -20.76 -8.36 64.52
N ILE E 401 -20.69 -7.99 63.24
CA ILE E 401 -19.49 -8.28 62.47
C ILE E 401 -18.34 -7.41 62.95
N TYR E 402 -18.63 -6.23 63.50
CA TYR E 402 -17.62 -5.26 63.86
C TYR E 402 -16.78 -5.73 65.04
N THR E 403 -17.27 -6.71 65.78
CA THR E 403 -16.53 -7.29 66.87
C THR E 403 -15.58 -8.39 66.44
N VAL E 404 -15.81 -8.99 65.27
CA VAL E 404 -15.11 -10.23 64.93
C VAL E 404 -14.30 -10.07 63.65
N LEU E 405 -13.86 -8.84 63.38
CA LEU E 405 -13.17 -8.52 62.13
C LEU E 405 -11.81 -9.20 62.03
N ASP E 406 -11.22 -9.56 63.16
CA ASP E 406 -9.98 -10.31 63.21
C ASP E 406 -10.18 -11.80 63.00
N LYS E 407 -11.41 -12.25 62.82
CA LYS E 407 -11.68 -13.67 62.70
C LYS E 407 -12.35 -14.02 61.38
N ILE E 408 -12.67 -13.03 60.55
CA ILE E 408 -13.38 -13.28 59.31
C ILE E 408 -12.39 -13.80 58.28
N LYS E 409 -12.51 -15.08 57.95
CA LYS E 409 -11.65 -15.68 56.95
C LYS E 409 -12.13 -15.30 55.56
N LEU E 410 -11.21 -14.78 54.76
CA LEU E 410 -11.54 -14.35 53.41
C LEU E 410 -11.22 -15.46 52.42
N ASN E 411 -11.84 -15.38 51.24
CA ASN E 411 -11.66 -16.39 50.21
C ASN E 411 -11.54 -15.70 48.87
N ALA E 412 -11.25 -16.49 47.85
CA ALA E 412 -11.13 -15.95 46.50
C ALA E 412 -12.51 -15.56 45.99
N LYS E 413 -12.49 -14.60 45.05
CA LYS E 413 -13.67 -14.11 44.32
C LYS E 413 -14.70 -13.44 45.23
N MET E 414 -14.31 -13.01 46.42
CA MET E 414 -15.22 -12.26 47.26
C MET E 414 -15.33 -10.82 46.78
N ASN E 415 -16.42 -10.17 47.18
CA ASN E 415 -16.69 -8.78 46.81
C ASN E 415 -17.24 -8.06 48.03
N ILE E 416 -16.53 -7.03 48.47
CA ILE E 416 -16.84 -6.34 49.73
C ILE E 416 -16.92 -4.85 49.44
N LEU E 417 -18.11 -4.28 49.58
CA LEU E 417 -18.31 -2.85 49.42
C LEU E 417 -18.42 -2.23 50.81
N ILE E 418 -17.59 -1.23 51.08
CA ILE E 418 -17.59 -0.58 52.39
C ILE E 418 -17.87 0.90 52.16
N ARG E 419 -19.00 1.37 52.66
CA ARG E 419 -19.40 2.75 52.45
C ARG E 419 -19.53 3.48 53.78
N ASP E 420 -19.75 4.78 53.70
CA ASP E 420 -20.03 5.57 54.89
C ASP E 420 -21.50 5.42 55.24
N LYS E 421 -21.77 5.32 56.55
CA LYS E 421 -23.14 5.23 57.01
C LYS E 421 -23.88 6.56 56.95
N ARG E 422 -23.15 7.67 56.85
CA ARG E 422 -23.79 8.98 56.89
C ARG E 422 -24.56 9.25 55.61
N PHE E 423 -23.85 9.24 54.48
CA PHE E 423 -24.46 9.65 53.18
C PHE E 423 -25.46 8.62 52.60
N HIS E 424 -26.30 9.13 51.71
CA HIS E 424 -27.31 8.35 50.96
C HIS E 424 -26.63 7.97 49.64
N TYR E 425 -26.87 6.77 49.15
CA TYR E 425 -26.23 6.32 47.93
C TYR E 425 -27.30 5.95 46.91
N ASP E 426 -26.91 6.07 45.64
CA ASP E 426 -27.83 5.78 44.52
C ASP E 426 -27.50 4.39 43.97
N ARG E 427 -28.03 4.09 42.79
CA ARG E 427 -27.79 2.80 42.13
C ARG E 427 -26.30 2.59 41.89
N ASN E 428 -25.61 3.62 41.42
CA ASN E 428 -24.19 3.55 41.09
C ASN E 428 -23.28 3.75 42.30
N ASN E 429 -23.83 3.75 43.51
CA ASN E 429 -23.10 3.86 44.78
C ASN E 429 -22.26 5.13 44.85
N ILE E 430 -22.73 6.25 44.30
CA ILE E 430 -21.93 7.50 44.47
C ILE E 430 -22.58 8.31 45.59
N ALA E 431 -21.85 9.22 46.23
CA ALA E 431 -22.51 9.98 47.32
C ALA E 431 -23.63 10.80 46.68
N VAL E 432 -24.88 10.68 47.15
CA VAL E 432 -25.97 11.47 46.50
C VAL E 432 -26.84 12.21 47.52
N GLY E 433 -26.67 11.95 48.82
CA GLY E 433 -27.56 12.58 49.83
C GLY E 433 -27.03 12.46 51.26
N ALA E 434 -27.94 12.62 52.25
CA ALA E 434 -27.63 12.63 53.70
C ALA E 434 -28.96 12.71 54.48
N ASP E 435 -28.92 12.68 55.81
CA ASP E 435 -30.19 12.76 56.60
C ASP E 435 -30.17 14.02 57.48
N GLU E 436 -31.22 14.85 57.38
CA GLU E 436 -31.47 16.15 58.10
C GLU E 436 -30.44 16.52 59.17
N SER E 437 -30.39 15.76 60.28
CA SER E 437 -29.51 16.04 61.44
C SER E 437 -28.08 15.81 60.97
N VAL E 438 -27.80 14.71 60.28
CA VAL E 438 -26.42 14.47 59.76
C VAL E 438 -26.20 15.21 58.43
N VAL E 439 -27.22 15.94 57.94
CA VAL E 439 -27.13 16.67 56.63
C VAL E 439 -26.26 17.92 56.75
N LYS E 440 -26.38 18.69 57.85
CA LYS E 440 -25.65 19.97 57.97
C LYS E 440 -25.07 20.21 59.36
N GLU E 441 -24.22 19.31 59.85
CA GLU E 441 -23.56 19.57 61.16
C GLU E 441 -22.20 20.22 60.90
N ALA E 442 -21.71 20.17 59.66
CA ALA E 442 -20.39 20.75 59.33
C ALA E 442 -20.49 22.28 59.23
N HIS E 443 -21.71 22.83 59.26
CA HIS E 443 -21.93 24.30 59.15
C HIS E 443 -21.94 24.94 60.54
N ARG E 444 -21.81 24.12 61.59
CA ARG E 444 -21.83 24.62 63.00
C ARG E 444 -20.89 25.82 63.17
N GLU E 445 -19.61 25.66 62.79
CA GLU E 445 -18.60 26.73 62.94
C GLU E 445 -19.06 27.97 62.16
N VAL E 446 -18.87 29.17 62.75
CA VAL E 446 -19.31 30.43 62.08
C VAL E 446 -18.09 31.33 61.88
N ILE E 447 -17.89 31.86 60.67
CA ILE E 447 -16.73 32.73 60.36
C ILE E 447 -17.20 34.18 60.10
N ASN E 448 -17.57 34.49 58.85
CA ASN E 448 -17.99 35.87 58.49
C ASN E 448 -19.21 35.82 57.56
N SER E 449 -20.07 36.85 57.63
CA SER E 449 -21.29 36.94 56.79
C SER E 449 -21.33 38.31 56.09
N SER E 450 -21.61 38.32 54.77
CA SER E 450 -21.67 39.59 53.97
C SER E 450 -22.71 39.48 52.84
N THR E 451 -23.15 40.62 52.29
CA THR E 451 -24.14 40.59 51.18
C THR E 451 -23.40 40.26 49.88
N GLU E 452 -22.12 40.61 49.80
CA GLU E 452 -21.28 40.34 48.60
C GLU E 452 -21.14 38.82 48.40
N GLY E 453 -20.93 38.08 49.49
CA GLY E 453 -20.77 36.61 49.42
C GLY E 453 -20.40 36.02 50.77
N LEU E 454 -21.06 34.93 51.16
CA LEU E 454 -20.79 34.28 52.46
C LEU E 454 -19.58 33.36 52.34
N LEU E 455 -18.56 33.58 53.17
CA LEU E 455 -17.33 32.74 53.17
C LEU E 455 -17.45 31.74 54.32
N LEU E 456 -17.33 30.43 54.01
CA LEU E 456 -17.50 29.39 55.06
C LEU E 456 -16.28 28.45 55.08
N ASN E 457 -16.24 27.58 56.09
CA ASN E 457 -15.18 26.57 56.30
C ASN E 457 -15.88 25.27 56.73
N ILE E 458 -16.14 24.43 55.73
CA ILE E 458 -16.84 23.10 55.83
C ILE E 458 -15.89 22.03 55.26
N ASP E 459 -16.15 20.75 55.56
CA ASP E 459 -15.31 19.63 55.06
C ASP E 459 -15.61 19.38 53.57
N LYS E 460 -14.65 18.74 52.86
CA LYS E 460 -14.76 18.45 51.41
C LYS E 460 -15.94 17.51 51.12
N ASP E 461 -16.17 16.52 51.98
CA ASP E 461 -17.27 15.54 51.74
C ASP E 461 -18.62 16.25 51.71
N ILE E 462 -18.88 17.19 52.59
CA ILE E 462 -20.23 17.80 52.46
C ILE E 462 -20.29 18.59 51.16
N ARG E 463 -19.23 19.32 50.87
CA ARG E 463 -19.36 20.24 49.70
C ARG E 463 -19.44 19.44 48.39
N LYS E 464 -19.45 18.11 48.45
CA LYS E 464 -19.53 17.32 47.23
C LYS E 464 -20.89 16.65 47.00
N ILE E 465 -21.78 16.80 47.97
CA ILE E 465 -23.11 16.15 47.92
C ILE E 465 -24.20 17.17 47.61
N LEU E 466 -23.82 18.44 47.57
CA LEU E 466 -24.77 19.55 47.49
C LEU E 466 -24.74 20.12 46.08
N SER E 467 -25.90 20.11 45.42
CA SER E 467 -26.00 20.65 44.06
C SER E 467 -25.83 22.16 44.04
N GLY E 468 -26.55 22.86 44.92
CA GLY E 468 -26.54 24.30 44.89
C GLY E 468 -27.20 24.87 46.12
N TYR E 469 -27.47 26.18 46.07
CA TYR E 469 -27.98 26.92 47.21
C TYR E 469 -29.21 27.74 46.85
N ILE E 470 -30.03 28.03 47.87
CA ILE E 470 -31.25 28.84 47.75
C ILE E 470 -31.11 30.03 48.70
N VAL E 471 -31.34 31.25 48.19
CA VAL E 471 -31.25 32.45 48.99
C VAL E 471 -32.62 33.13 49.01
N GLU E 472 -33.20 33.25 50.20
CA GLU E 472 -34.45 33.98 50.37
C GLU E 472 -34.32 34.96 51.55
N ILE E 473 -35.45 35.61 51.85
CA ILE E 473 -35.59 36.53 53.01
C ILE E 473 -36.93 36.17 53.69
N GLU E 474 -36.95 36.16 55.03
CA GLU E 474 -38.18 35.82 55.79
C GLU E 474 -38.60 37.04 56.63
N ASP E 475 -39.81 37.54 56.32
CA ASP E 475 -40.45 38.72 56.97
C ASP E 475 -40.97 38.32 58.35
N THR E 476 -41.11 39.29 59.27
CA THR E 476 -41.71 39.04 60.61
C THR E 476 -42.97 38.17 60.44
N GLU E 477 -43.88 38.60 59.56
CA GLU E 477 -45.11 37.81 59.26
C GLU E 477 -44.72 36.38 58.86
N GLY E 478 -43.77 36.26 57.93
CA GLY E 478 -43.28 34.96 57.42
C GLY E 478 -43.31 34.91 55.90
N LEU E 479 -42.80 35.95 55.24
CA LEU E 479 -42.77 36.03 53.75
C LEU E 479 -41.67 35.11 53.19
N LYS E 480 -41.79 34.74 51.91
CA LYS E 480 -40.80 33.84 51.24
C LYS E 480 -40.38 34.47 49.89
N GLU E 481 -39.60 35.54 49.94
CA GLU E 481 -39.12 36.23 48.75
C GLU E 481 -37.74 35.69 48.41
N VAL E 482 -37.64 34.93 47.32
CA VAL E 482 -36.43 34.21 46.96
C VAL E 482 -35.71 34.99 45.88
N ILE E 483 -34.44 35.33 46.14
CA ILE E 483 -33.59 36.04 45.18
C ILE E 483 -33.36 35.17 43.95
N ASN E 484 -32.76 34.01 44.15
CA ASN E 484 -32.45 33.09 43.05
C ASN E 484 -33.56 32.05 42.93
N ASP E 485 -34.72 32.50 42.44
CA ASP E 485 -35.92 31.67 42.42
C ASP E 485 -36.08 31.00 41.05
N ARG E 486 -35.13 30.11 40.75
CA ARG E 486 -35.11 29.23 39.55
C ARG E 486 -34.34 27.96 39.92
N TYR E 487 -34.64 26.84 39.26
CA TYR E 487 -33.94 25.56 39.54
C TYR E 487 -32.45 25.67 39.17
N ASP E 488 -32.16 26.40 38.08
CA ASP E 488 -30.76 26.56 37.59
C ASP E 488 -30.06 27.72 38.30
N MET E 489 -30.77 28.54 39.09
CA MET E 489 -30.09 29.64 39.75
C MET E 489 -29.51 29.18 41.08
N LEU E 490 -29.15 27.90 41.18
CA LEU E 490 -28.66 27.34 42.42
C LEU E 490 -27.14 27.41 42.53
N ASN E 491 -26.43 27.32 41.42
CA ASN E 491 -24.97 27.28 41.43
C ASN E 491 -24.41 28.67 41.75
N ILE E 492 -24.07 28.90 43.02
CA ILE E 492 -23.44 30.13 43.46
C ILE E 492 -22.18 29.79 44.24
N SER E 493 -22.13 28.55 44.74
CA SER E 493 -21.06 28.12 45.64
C SER E 493 -19.76 27.92 44.87
N SER E 494 -18.80 28.82 45.10
CA SER E 494 -17.46 28.66 44.51
C SER E 494 -16.49 28.26 45.63
N LEU E 495 -15.22 28.09 45.29
CA LEU E 495 -14.22 27.81 46.36
C LEU E 495 -13.21 28.98 46.50
N ARG E 496 -13.00 29.46 47.73
CA ARG E 496 -11.99 30.54 47.98
C ARG E 496 -10.61 29.89 48.09
N GLN E 497 -9.55 30.70 48.04
CA GLN E 497 -8.15 30.17 48.04
C GLN E 497 -7.73 29.40 49.31
N ASP E 498 -8.04 29.87 50.52
CA ASP E 498 -7.51 29.11 51.69
C ASP E 498 -8.46 28.00 52.14
N GLY E 499 -8.87 27.13 51.20
CA GLY E 499 -9.78 25.99 51.47
C GLY E 499 -11.08 26.40 52.14
N LYS E 500 -11.74 27.44 51.63
CA LYS E 500 -13.04 27.90 52.20
C LYS E 500 -14.09 27.99 51.07
N THR E 501 -15.21 27.28 51.24
CA THR E 501 -16.30 27.32 50.24
C THR E 501 -16.93 28.72 50.29
N PHE E 502 -16.66 29.53 49.28
CA PHE E 502 -17.18 30.93 49.26
C PHE E 502 -18.41 31.01 48.37
N ILE E 503 -19.54 31.43 48.95
CA ILE E 503 -20.81 31.57 48.19
C ILE E 503 -20.86 32.99 47.56
N ASP E 504 -21.92 33.30 46.82
CA ASP E 504 -21.99 34.61 46.16
C ASP E 504 -23.44 34.94 45.85
N PHE E 505 -23.92 36.07 46.38
CA PHE E 505 -25.31 36.52 46.14
C PHE E 505 -25.32 37.61 45.06
N LYS E 506 -24.20 37.81 44.36
CA LYS E 506 -24.10 38.86 43.31
C LYS E 506 -24.18 38.22 41.91
N LYS E 507 -23.98 36.91 41.82
CA LYS E 507 -24.04 36.18 40.54
C LYS E 507 -25.45 36.10 39.97
N TYR E 508 -26.46 35.97 40.82
CA TYR E 508 -27.83 35.91 40.35
C TYR E 508 -28.65 37.04 40.93
N ASN E 509 -28.06 38.24 40.98
CA ASN E 509 -28.81 39.44 41.39
C ASN E 509 -28.48 40.61 40.47
N ASP E 510 -28.05 40.35 39.23
CA ASP E 510 -27.66 41.34 38.21
C ASP E 510 -26.52 42.22 38.73
N LYS E 511 -25.45 41.56 39.16
CA LYS E 511 -24.13 42.12 39.53
C LYS E 511 -24.17 42.96 40.81
N LEU E 512 -25.34 43.10 41.43
CA LEU E 512 -25.57 43.91 42.61
C LEU E 512 -25.69 43.05 43.86
N PRO E 513 -25.26 43.56 45.03
CA PRO E 513 -25.52 42.85 46.29
C PRO E 513 -26.99 42.76 46.67
N LEU E 514 -27.26 42.08 47.79
CA LEU E 514 -28.62 41.88 48.28
C LEU E 514 -29.30 43.21 48.63
N TYR E 515 -30.61 43.13 48.80
CA TYR E 515 -31.45 44.31 49.04
C TYR E 515 -32.05 44.17 50.44
N ILE E 516 -31.51 44.92 51.39
CA ILE E 516 -31.99 44.91 52.77
C ILE E 516 -32.96 46.10 52.90
N SER E 517 -34.25 45.80 52.75
CA SER E 517 -35.29 46.82 52.89
C SER E 517 -35.43 47.29 54.33
N ASN E 518 -35.16 46.41 55.28
CA ASN E 518 -35.21 46.69 56.71
C ASN E 518 -34.13 45.84 57.36
N PRO E 519 -33.19 46.43 58.14
CA PRO E 519 -32.13 45.61 58.76
C PRO E 519 -32.58 44.75 59.92
N ASN E 520 -33.89 44.58 60.13
CA ASN E 520 -34.39 43.63 61.10
C ASN E 520 -34.99 42.38 60.46
N TYR E 521 -34.76 42.20 59.16
CA TYR E 521 -35.26 41.01 58.43
C TYR E 521 -34.24 39.88 58.58
N LYS E 522 -34.64 38.67 58.16
CA LYS E 522 -33.82 37.48 58.22
C LYS E 522 -33.33 37.14 56.83
N VAL E 523 -32.03 36.94 56.70
CA VAL E 523 -31.41 36.54 55.44
C VAL E 523 -31.16 35.04 55.52
N ASN E 524 -31.97 34.28 54.80
CA ASN E 524 -31.89 32.83 54.84
C ASN E 524 -31.12 32.32 53.62
N VAL E 525 -30.21 31.38 53.86
CA VAL E 525 -29.51 30.66 52.80
C VAL E 525 -29.69 29.16 53.04
N TYR E 526 -30.22 28.47 52.05
CA TYR E 526 -30.58 27.06 52.14
C TYR E 526 -29.82 26.29 51.08
N ALA E 527 -29.62 24.99 51.30
CA ALA E 527 -28.86 24.16 50.38
C ALA E 527 -29.69 22.99 49.87
N VAL E 528 -29.28 22.45 48.71
CA VAL E 528 -30.02 21.43 47.98
C VAL E 528 -29.10 20.24 47.73
N THR E 529 -29.55 19.06 48.17
CA THR E 529 -28.82 17.81 47.86
C THR E 529 -29.14 17.45 46.42
N LYS E 530 -28.22 16.75 45.73
CA LYS E 530 -28.47 16.39 44.32
C LYS E 530 -29.71 15.49 44.25
N GLU E 531 -29.82 14.53 45.17
CA GLU E 531 -31.02 13.64 45.16
C GLU E 531 -32.28 14.50 45.27
N ASN E 532 -32.21 15.63 45.98
CA ASN E 532 -33.40 16.53 46.05
C ASN E 532 -33.44 17.50 44.86
N THR E 533 -32.33 17.63 44.14
CA THR E 533 -32.25 18.55 42.96
C THR E 533 -32.71 17.80 41.71
N ILE E 534 -32.75 18.48 40.56
CA ILE E 534 -33.21 17.81 39.30
C ILE E 534 -32.00 17.61 38.37
N ILE E 535 -31.74 16.36 37.99
CA ILE E 535 -30.62 16.00 37.08
C ILE E 535 -30.88 16.64 35.71
N ASN E 536 -32.15 16.60 35.27
CA ASN E 536 -32.57 17.16 33.95
C ASN E 536 -33.76 18.09 34.16
N PRO E 537 -34.06 19.01 33.22
CA PRO E 537 -35.17 19.95 33.38
C PRO E 537 -36.52 19.22 33.49
N SER E 538 -37.40 19.72 34.36
CA SER E 538 -38.75 19.13 34.60
C SER E 538 -39.69 19.39 33.42
N GLU E 539 -40.74 18.58 33.30
CA GLU E 539 -41.73 18.72 32.19
C GLU E 539 -42.39 20.09 32.27
N ASN E 540 -42.71 20.55 33.49
CA ASN E 540 -43.35 21.88 33.68
C ASN E 540 -42.36 22.99 33.30
N GLY E 541 -42.87 24.09 32.73
CA GLY E 541 -42.01 25.21 32.29
C GLY E 541 -41.73 26.19 33.41
N ASP E 542 -42.14 25.85 34.64
CA ASP E 542 -41.97 26.74 35.82
C ASP E 542 -40.61 26.48 36.50
N THR E 543 -39.71 27.46 36.42
CA THR E 543 -38.35 27.39 37.04
C THR E 543 -38.47 27.34 38.56
N SER E 544 -39.44 28.06 39.12
CA SER E 544 -39.64 28.16 40.60
C SER E 544 -39.90 26.77 41.20
N THR E 545 -39.28 26.50 42.36
CA THR E 545 -39.41 25.19 43.05
C THR E 545 -40.13 25.37 44.40
N ASN E 546 -41.20 24.60 44.62
CA ASN E 546 -42.02 24.62 45.86
C ASN E 546 -42.26 23.18 46.32
N GLY E 547 -42.05 22.21 45.42
CA GLY E 547 -42.28 20.79 45.73
C GLY E 547 -41.02 20.00 46.03
N ILE E 548 -39.87 20.68 45.95
CA ILE E 548 -38.54 20.07 46.24
C ILE E 548 -38.23 20.20 47.73
N LYS E 549 -37.06 19.72 48.16
CA LYS E 549 -36.70 19.79 49.60
C LYS E 549 -35.44 20.65 49.81
N LYS E 550 -35.53 21.63 50.72
CA LYS E 550 -34.39 22.53 51.07
C LYS E 550 -34.05 22.30 52.54
N ILE E 551 -32.83 22.65 52.95
CA ILE E 551 -32.39 22.47 54.37
C ILE E 551 -31.90 23.82 54.89
N LEU E 552 -32.52 24.34 55.95
CA LEU E 552 -32.05 25.63 56.51
C LEU E 552 -30.63 25.43 57.03
N ILE E 553 -29.71 26.32 56.67
CA ILE E 553 -28.28 26.22 57.10
C ILE E 553 -27.85 27.59 57.62
N PHE E 554 -28.29 28.66 56.94
CA PHE E 554 -27.91 30.00 57.36
C PHE E 554 -29.16 30.82 57.66
N SER E 555 -29.21 31.38 58.85
CA SER E 555 -30.28 32.29 59.24
C SER E 555 -29.80 33.32 60.24
N LYS E 556 -29.41 34.50 59.76
CA LYS E 556 -28.94 35.58 60.61
C LYS E 556 -29.70 36.86 60.27
N LYS E 557 -29.70 37.79 61.22
CA LYS E 557 -30.38 39.07 61.05
C LYS E 557 -29.60 39.96 60.09
N GLY E 558 -30.19 41.12 59.77
CA GLY E 558 -29.62 42.03 58.81
C GLY E 558 -28.62 43.01 59.40
N TYR E 559 -28.71 43.23 60.71
CA TYR E 559 -27.74 44.09 61.40
C TYR E 559 -26.51 43.31 61.87
N GLU E 560 -26.45 42.01 61.59
CA GLU E 560 -25.35 41.16 62.01
C GLU E 560 -24.51 40.70 60.83
N ILE E 561 -24.64 41.39 59.69
CA ILE E 561 -23.94 41.01 58.47
C ILE E 561 -23.06 42.17 58.04
N GLY E 562 -23.66 43.33 57.84
CA GLY E 562 -22.93 44.53 57.47
C GLY E 562 -23.77 45.54 56.74
N THR F 1 15.88 -44.05 39.77
CA THR F 1 15.13 -43.17 38.88
C THR F 1 13.80 -43.79 38.48
N VAL F 2 12.71 -43.18 38.92
CA VAL F 2 11.37 -43.71 38.63
C VAL F 2 10.97 -43.29 37.23
N PRO F 3 10.34 -44.16 36.44
CA PRO F 3 9.96 -43.78 35.07
C PRO F 3 8.70 -42.94 35.00
N ASP F 4 8.69 -42.05 34.00
CA ASP F 4 7.52 -41.27 33.59
C ASP F 4 7.63 -41.14 32.07
N ARG F 5 7.03 -42.10 31.36
CA ARG F 5 7.12 -42.14 29.90
C ARG F 5 6.42 -40.94 29.29
N ASP F 6 5.29 -40.56 29.87
CA ASP F 6 4.52 -39.41 29.41
C ASP F 6 5.21 -38.08 29.71
N ASN F 7 6.28 -38.09 30.50
CA ASN F 7 7.18 -36.96 30.74
C ASN F 7 6.45 -35.78 31.37
N ASP F 8 5.33 -36.04 32.00
CA ASP F 8 4.50 -35.02 32.60
C ASP F 8 4.80 -34.81 34.07
N GLY F 9 5.98 -35.22 34.52
CA GLY F 9 6.41 -34.96 35.87
C GLY F 9 5.78 -35.86 36.91
N ILE F 10 5.04 -36.86 36.49
CA ILE F 10 4.33 -37.75 37.40
C ILE F 10 4.50 -39.18 36.90
N PRO F 11 4.96 -40.08 37.78
CA PRO F 11 5.35 -41.42 37.33
C PRO F 11 4.16 -42.26 36.91
N ASP F 12 4.49 -43.35 36.26
CA ASP F 12 3.53 -44.08 35.46
C ASP F 12 2.65 -44.97 36.33
N SER F 13 3.25 -45.61 37.32
CA SER F 13 2.51 -46.49 38.22
C SER F 13 1.49 -45.72 39.05
N LEU F 14 1.79 -44.47 39.38
CA LEU F 14 0.82 -43.68 40.14
C LEU F 14 -0.38 -43.33 39.28
N GLU F 15 -0.13 -42.96 38.01
CA GLU F 15 -1.23 -42.65 37.09
C GLU F 15 -2.07 -43.87 36.80
N VAL F 16 -1.45 -45.05 36.81
CA VAL F 16 -2.21 -46.28 36.63
C VAL F 16 -3.03 -46.61 37.87
N GLU F 17 -2.38 -46.65 39.01
CA GLU F 17 -2.95 -47.26 40.21
C GLU F 17 -3.70 -46.29 41.09
N GLY F 18 -3.65 -45.01 40.78
CA GLY F 18 -4.38 -44.09 41.62
C GLY F 18 -3.44 -43.24 42.46
N TYR F 19 -3.80 -41.97 42.60
CA TYR F 19 -2.96 -41.03 43.32
C TYR F 19 -3.84 -39.86 43.75
N THR F 20 -3.21 -38.94 44.48
CA THR F 20 -3.90 -37.73 45.00
C THR F 20 -2.85 -36.69 45.39
N VAL F 21 -3.26 -35.41 45.35
CA VAL F 21 -2.42 -34.27 45.71
C VAL F 21 -2.92 -33.76 47.05
N ASP F 22 -2.01 -33.56 47.99
CA ASP F 22 -2.41 -33.11 49.31
C ASP F 22 -1.42 -32.10 49.87
N VAL F 23 -1.94 -31.01 50.41
CA VAL F 23 -1.09 -30.07 51.13
C VAL F 23 -0.91 -30.56 52.56
N LYS F 24 0.26 -30.30 53.12
CA LYS F 24 0.51 -30.67 54.50
C LYS F 24 0.64 -29.46 55.40
N ASN F 25 1.57 -28.56 55.11
CA ASN F 25 1.64 -27.33 55.88
C ASN F 25 1.33 -26.14 55.00
N LYS F 26 2.12 -25.91 53.96
CA LYS F 26 1.79 -25.02 52.86
C LYS F 26 2.29 -25.59 51.55
N ARG F 27 2.45 -26.90 51.48
CA ARG F 27 3.19 -27.51 50.39
C ARG F 27 2.44 -28.70 49.81
N THR F 28 2.30 -28.70 48.49
CA THR F 28 1.59 -29.73 47.77
C THR F 28 2.47 -30.96 47.61
N PHE F 29 1.94 -32.12 47.99
CA PHE F 29 2.65 -33.38 47.96
C PHE F 29 1.86 -34.36 47.12
N LEU F 30 2.56 -35.03 46.20
CA LEU F 30 1.94 -36.06 45.31
C LEU F 30 2.35 -37.44 45.81
N SER F 31 1.40 -38.21 46.34
CA SER F 31 1.68 -39.57 46.88
C SER F 31 0.65 -40.57 46.35
N PRO F 32 0.97 -41.89 46.32
CA PRO F 32 0.02 -42.89 45.83
C PRO F 32 -1.23 -42.98 46.70
N TRP F 33 -2.40 -43.20 46.08
CA TRP F 33 -3.67 -43.31 46.77
C TRP F 33 -3.58 -44.27 47.95
N ILE F 34 -3.97 -43.77 49.12
CA ILE F 34 -4.15 -44.59 50.32
C ILE F 34 -5.56 -44.33 50.84
N SER F 35 -6.35 -45.38 50.96
CA SER F 35 -7.75 -45.22 51.31
C SER F 35 -7.95 -44.95 52.80
N ASN F 36 -6.93 -45.15 53.63
CA ASN F 36 -7.12 -44.94 55.05
C ASN F 36 -7.13 -43.46 55.42
N ILE F 37 -6.45 -42.64 54.64
CA ILE F 37 -6.20 -41.26 54.98
C ILE F 37 -6.91 -40.32 54.04
N HIS F 38 -6.72 -40.51 52.74
CA HIS F 38 -7.16 -39.55 51.75
C HIS F 38 -8.65 -39.64 51.53
N GLU F 39 -9.24 -40.81 51.77
CA GLU F 39 -10.68 -40.97 51.68
C GLU F 39 -11.38 -40.27 52.84
N LYS F 40 -10.76 -40.26 54.02
CA LYS F 40 -11.34 -39.55 55.14
C LYS F 40 -11.24 -38.05 54.95
N LYS F 41 -10.23 -37.59 54.23
CA LYS F 41 -10.10 -36.17 53.95
C LYS F 41 -11.01 -35.71 52.82
N GLY F 42 -11.57 -36.64 52.07
CA GLY F 42 -12.40 -36.28 50.94
C GLY F 42 -11.62 -36.04 49.67
N LEU F 43 -10.38 -36.48 49.61
CA LEU F 43 -9.56 -36.28 48.42
C LEU F 43 -10.02 -37.22 47.32
N THR F 44 -9.96 -36.75 46.08
CA THR F 44 -10.45 -37.53 44.96
C THR F 44 -9.33 -38.34 44.35
N LYS F 45 -9.56 -39.63 44.23
CA LYS F 45 -8.57 -40.53 43.64
C LYS F 45 -8.48 -40.27 42.14
N TYR F 46 -7.26 -40.16 41.64
CA TYR F 46 -7.00 -39.77 40.27
C TYR F 46 -6.31 -40.88 39.51
N LYS F 47 -6.77 -41.13 38.30
CA LYS F 47 -6.10 -42.04 37.39
C LYS F 47 -5.97 -41.39 36.03
N SER F 48 -4.86 -41.65 35.34
CA SER F 48 -4.63 -41.04 34.05
C SER F 48 -3.66 -41.93 33.26
N SER F 49 -3.31 -41.47 32.09
CA SER F 49 -2.50 -42.31 31.24
C SER F 49 -1.03 -42.22 31.63
N PRO F 50 -0.33 -43.35 31.65
CA PRO F 50 1.12 -43.34 31.85
C PRO F 50 1.87 -42.91 30.62
N GLU F 51 1.21 -42.82 29.46
CA GLU F 51 1.90 -42.45 28.24
C GLU F 51 1.35 -41.19 27.61
N LYS F 52 0.31 -40.59 28.18
CA LYS F 52 -0.15 -39.32 27.67
C LYS F 52 0.27 -38.22 28.64
N TRP F 53 1.03 -37.27 28.12
CA TRP F 53 1.35 -36.04 28.82
C TRP F 53 0.09 -35.29 29.20
N SER F 54 -0.90 -35.33 28.32
CA SER F 54 -2.25 -34.84 28.59
C SER F 54 -3.20 -35.96 28.23
N THR F 55 -3.79 -36.58 29.24
CA THR F 55 -4.65 -37.73 29.01
C THR F 55 -5.92 -37.34 28.29
N ALA F 56 -6.41 -36.13 28.52
CA ALA F 56 -7.57 -35.64 27.79
C ALA F 56 -7.19 -34.94 26.49
N SER F 57 -5.90 -34.90 26.16
CA SER F 57 -5.29 -34.31 24.96
C SER F 57 -5.50 -32.80 24.85
N ASP F 58 -6.12 -32.16 25.83
CA ASP F 58 -6.18 -30.72 25.91
C ASP F 58 -4.78 -30.17 26.17
N PRO F 59 -4.51 -28.88 25.85
CA PRO F 59 -3.14 -28.37 26.00
C PRO F 59 -2.74 -28.06 27.44
N TYR F 60 -2.99 -29.01 28.33
CA TYR F 60 -2.66 -28.89 29.74
C TYR F 60 -2.28 -30.27 30.23
N SER F 61 -1.18 -30.36 30.96
CA SER F 61 -0.72 -31.66 31.41
C SER F 61 -1.64 -32.22 32.49
N ASP F 62 -1.42 -33.48 32.79
CA ASP F 62 -2.11 -34.10 33.92
C ASP F 62 -1.67 -33.45 35.22
N PHE F 63 -0.37 -33.19 35.34
CA PHE F 63 0.21 -32.67 36.57
C PHE F 63 -0.21 -31.24 36.82
N GLU F 64 -0.25 -30.42 35.76
CA GLU F 64 -0.73 -29.06 35.90
C GLU F 64 -2.18 -29.02 36.32
N LYS F 65 -2.96 -29.98 35.83
CA LYS F 65 -4.37 -29.99 36.10
C LYS F 65 -4.67 -30.46 37.51
N VAL F 66 -3.87 -31.37 38.04
CA VAL F 66 -4.09 -31.80 39.41
C VAL F 66 -3.39 -30.89 40.40
N THR F 67 -2.35 -30.18 39.97
CA THR F 67 -1.60 -29.34 40.89
C THR F 67 -2.30 -28.01 41.07
N GLY F 68 -2.85 -27.47 39.99
CA GLY F 68 -3.40 -26.15 39.99
C GLY F 68 -2.55 -25.12 39.28
N ARG F 69 -1.40 -25.51 38.74
CA ARG F 69 -0.55 -24.59 37.99
C ARG F 69 -1.05 -24.48 36.55
N ILE F 70 -2.17 -23.79 36.44
CA ILE F 70 -2.96 -23.76 35.23
C ILE F 70 -3.57 -22.37 35.13
N ASP F 71 -4.08 -22.04 33.94
CA ASP F 71 -4.98 -20.91 33.78
C ASP F 71 -6.20 -21.14 34.67
N LYS F 72 -6.42 -20.21 35.59
CA LYS F 72 -7.47 -20.37 36.59
C LYS F 72 -8.86 -20.17 36.01
N ASN F 73 -8.97 -19.67 34.79
CA ASN F 73 -10.27 -19.54 34.14
C ASN F 73 -10.84 -20.88 33.71
N VAL F 74 -10.03 -21.94 33.76
CA VAL F 74 -10.54 -23.30 33.60
C VAL F 74 -11.53 -23.59 34.70
N SER F 75 -12.69 -24.12 34.31
CA SER F 75 -13.74 -24.45 35.25
C SER F 75 -13.27 -25.54 36.22
N PRO F 76 -13.79 -25.54 37.45
CA PRO F 76 -13.31 -26.52 38.45
C PRO F 76 -13.64 -27.96 38.11
N GLU F 77 -14.77 -28.20 37.45
CA GLU F 77 -15.09 -29.56 37.03
C GLU F 77 -14.20 -30.03 35.89
N ALA F 78 -13.52 -29.11 35.21
CA ALA F 78 -12.53 -29.48 34.23
C ALA F 78 -11.16 -29.69 34.85
N ARG F 79 -11.04 -29.60 36.17
CA ARG F 79 -9.75 -29.86 36.77
C ARG F 79 -9.48 -31.34 36.96
N HIS F 80 -10.42 -32.20 36.61
CA HIS F 80 -10.12 -33.62 36.60
C HIS F 80 -9.45 -34.01 35.28
N PRO F 81 -8.46 -34.91 35.32
CA PRO F 81 -7.69 -35.21 34.10
C PRO F 81 -8.48 -35.91 33.03
N LEU F 82 -9.51 -36.65 33.39
CA LEU F 82 -10.33 -37.31 32.40
C LEU F 82 -11.42 -36.40 31.86
N VAL F 83 -11.47 -35.15 32.32
CA VAL F 83 -12.42 -34.16 31.84
C VAL F 83 -11.68 -33.20 30.93
N ALA F 84 -12.17 -33.06 29.71
CA ALA F 84 -11.56 -32.17 28.74
C ALA F 84 -11.84 -30.71 29.07
N ALA F 85 -10.94 -29.83 28.65
CA ALA F 85 -11.09 -28.39 28.85
C ALA F 85 -10.92 -27.72 27.50
N TYR F 86 -11.98 -27.08 27.01
CA TYR F 86 -11.93 -26.50 25.68
C TYR F 86 -12.98 -25.41 25.58
N PRO F 87 -12.73 -24.38 24.78
CA PRO F 87 -13.75 -23.36 24.57
C PRO F 87 -14.79 -23.78 23.54
N ILE F 88 -15.99 -23.24 23.73
CA ILE F 88 -17.07 -23.35 22.77
C ILE F 88 -17.54 -21.94 22.50
N VAL F 89 -17.29 -21.45 21.30
CA VAL F 89 -17.56 -20.08 20.95
C VAL F 89 -18.53 -20.06 19.77
N HIS F 90 -19.61 -19.30 19.91
CA HIS F 90 -20.49 -19.03 18.79
C HIS F 90 -20.96 -17.59 18.90
N VAL F 91 -21.26 -17.00 17.75
CA VAL F 91 -21.57 -15.58 17.65
C VAL F 91 -23.06 -15.42 17.43
N ASP F 92 -23.66 -14.51 18.18
CA ASP F 92 -25.02 -14.09 17.94
C ASP F 92 -25.04 -12.71 17.31
N MET F 93 -26.16 -12.39 16.65
CA MET F 93 -26.30 -11.14 15.92
C MET F 93 -27.49 -10.39 16.51
N GLU F 94 -27.21 -9.24 17.13
CA GLU F 94 -28.32 -8.55 17.78
C GLU F 94 -29.03 -7.60 16.82
N ASN F 95 -28.31 -6.99 15.89
CA ASN F 95 -28.94 -5.94 15.12
C ASN F 95 -28.28 -5.80 13.77
N ILE F 96 -29.10 -5.39 12.80
CA ILE F 96 -28.67 -5.07 11.44
C ILE F 96 -28.69 -3.56 11.29
N ILE F 97 -27.79 -3.03 10.47
CA ILE F 97 -27.84 -1.65 10.02
C ILE F 97 -27.56 -1.67 8.53
N LEU F 98 -28.55 -1.32 7.74
CA LEU F 98 -28.37 -1.16 6.31
C LEU F 98 -28.44 0.31 5.95
N SER F 99 -27.57 0.75 5.06
CA SER F 99 -27.54 2.13 4.61
C SER F 99 -27.64 2.13 3.09
N LYS F 100 -28.61 2.86 2.56
CA LYS F 100 -28.78 2.94 1.12
C LYS F 100 -27.77 3.93 0.56
N ASN F 101 -26.85 3.43 -0.26
CA ASN F 101 -25.84 4.27 -0.88
C ASN F 101 -26.47 4.95 -2.10
N GLU F 102 -27.25 5.98 -1.81
CA GLU F 102 -27.94 6.78 -2.82
C GLU F 102 -27.52 8.22 -2.62
N ASP F 103 -27.09 8.88 -3.70
CA ASP F 103 -26.67 10.26 -3.55
C ASP F 103 -27.67 11.20 -4.22
N GLN F 104 -28.24 12.10 -3.44
CA GLN F 104 -29.26 13.01 -3.93
C GLN F 104 -28.76 14.44 -3.86
N SER F 105 -29.32 15.27 -4.73
CA SER F 105 -28.91 16.66 -4.79
C SER F 105 -30.10 17.52 -5.19
N THR F 106 -30.13 18.72 -4.64
CA THR F 106 -31.15 19.71 -4.97
C THR F 106 -30.47 20.97 -5.47
N GLN F 107 -31.05 21.56 -6.51
CA GLN F 107 -30.51 22.76 -7.12
C GLN F 107 -31.57 23.84 -7.17
N ASN F 108 -31.22 25.04 -6.74
CA ASN F 108 -32.08 26.21 -6.84
C ASN F 108 -31.39 27.22 -7.75
N THR F 109 -32.16 27.84 -8.64
CA THR F 109 -31.59 28.74 -9.64
C THR F 109 -32.48 29.95 -9.82
N ASP F 110 -31.90 31.14 -9.84
CA ASP F 110 -32.61 32.38 -10.16
C ASP F 110 -31.99 33.03 -11.39
N SER F 111 -32.83 33.61 -12.25
CA SER F 111 -32.36 34.16 -13.51
C SER F 111 -33.15 35.40 -13.87
N GLN F 112 -32.46 36.52 -14.07
CA GLN F 112 -33.09 37.77 -14.46
C GLN F 112 -32.51 38.21 -15.80
N THR F 113 -33.38 38.35 -16.79
CA THR F 113 -32.98 38.60 -18.18
C THR F 113 -33.57 39.91 -18.65
N ARG F 114 -32.73 40.79 -19.17
CA ARG F 114 -33.17 42.07 -19.72
C ARG F 114 -32.90 42.07 -21.21
N THR F 115 -33.96 42.02 -22.01
CA THR F 115 -33.84 41.93 -23.46
C THR F 115 -34.35 43.22 -24.08
N ILE F 116 -33.44 43.96 -24.72
CA ILE F 116 -33.75 45.23 -25.34
C ILE F 116 -33.69 45.03 -26.85
N SER F 117 -34.80 45.26 -27.53
CA SER F 117 -34.97 44.84 -28.92
C SER F 117 -35.32 46.03 -29.79
N LYS F 118 -34.78 46.04 -31.00
CA LYS F 118 -35.07 47.05 -32.01
C LYS F 118 -35.72 46.37 -33.21
N ASN F 119 -36.52 47.12 -33.96
CA ASN F 119 -37.13 46.62 -35.19
C ASN F 119 -37.39 47.82 -36.10
N THR F 120 -37.31 47.62 -37.41
CA THR F 120 -37.77 48.64 -38.35
C THR F 120 -38.42 47.94 -39.54
N SER F 121 -39.06 48.73 -40.40
CA SER F 121 -39.90 48.18 -41.48
C SER F 121 -40.11 49.22 -42.58
N THR F 122 -40.26 48.73 -43.81
CA THR F 122 -40.92 49.45 -44.89
C THR F 122 -41.88 48.50 -45.59
N SER F 123 -42.72 49.05 -46.46
CA SER F 123 -43.76 48.32 -47.18
C SER F 123 -44.15 49.12 -48.41
N ARG F 124 -44.44 48.45 -49.52
CA ARG F 124 -44.86 49.13 -50.74
C ARG F 124 -46.00 48.38 -51.42
N THR F 125 -47.14 49.05 -51.55
CA THR F 125 -48.40 48.44 -51.98
C THR F 125 -48.75 49.00 -53.35
N HIS F 126 -49.20 48.15 -54.27
CA HIS F 126 -49.65 48.61 -55.59
C HIS F 126 -51.02 48.04 -55.88
N THR F 127 -52.01 48.92 -55.97
CA THR F 127 -53.43 48.52 -55.97
C THR F 127 -54.09 48.92 -57.29
N SER F 128 -54.71 47.95 -57.95
CA SER F 128 -55.57 48.19 -59.10
C SER F 128 -57.02 47.87 -58.71
N GLU F 129 -57.95 48.33 -59.55
CA GLU F 129 -59.37 48.34 -59.24
C GLU F 129 -60.19 48.59 -60.50
N VAL F 130 -61.22 47.77 -60.73
CA VAL F 130 -62.11 47.94 -61.89
C VAL F 130 -63.56 47.89 -61.38
N HIS F 131 -64.23 49.03 -61.39
CA HIS F 131 -65.60 49.21 -60.89
C HIS F 131 -66.62 49.08 -62.02
N GLY F 132 -67.81 48.60 -61.67
CA GLY F 132 -68.93 48.59 -62.58
C GLY F 132 -70.17 49.17 -61.93
N ASN F 133 -71.14 49.50 -62.78
CA ASN F 133 -72.38 50.15 -62.35
C ASN F 133 -73.42 50.06 -63.46
N ALA F 134 -74.67 49.83 -63.08
CA ALA F 134 -75.83 50.00 -63.94
C ALA F 134 -76.93 50.66 -63.10
N GLU F 135 -77.86 51.35 -63.75
CA GLU F 135 -78.85 52.13 -63.02
C GLU F 135 -80.13 52.27 -63.84
N VAL F 136 -81.29 52.05 -63.21
CA VAL F 136 -82.58 52.22 -63.86
C VAL F 136 -83.42 53.16 -63.01
N HIS F 137 -83.72 54.34 -63.56
CA HIS F 137 -84.50 55.37 -62.88
C HIS F 137 -85.89 55.45 -63.50
N ALA F 138 -86.90 55.68 -62.66
CA ALA F 138 -88.28 55.73 -63.13
C ALA F 138 -89.05 56.78 -62.36
N SER F 139 -89.87 57.55 -63.09
CA SER F 139 -90.68 58.61 -62.50
C SER F 139 -92.13 58.47 -62.92
N PHE F 140 -92.92 59.53 -62.72
CA PHE F 140 -94.27 59.59 -63.28
C PHE F 140 -94.26 59.44 -64.79
N PHE F 141 -93.35 60.15 -65.47
CA PHE F 141 -93.26 60.07 -66.92
C PHE F 141 -91.83 60.04 -67.42
N ASP F 142 -90.84 59.90 -66.54
CA ASP F 142 -89.44 59.94 -66.91
C ASP F 142 -88.75 58.65 -66.49
N ILE F 143 -88.17 57.94 -67.45
CA ILE F 143 -87.46 56.69 -67.22
C ILE F 143 -86.08 56.83 -67.83
N GLY F 144 -85.04 56.48 -67.07
CA GLY F 144 -83.68 56.53 -67.56
C GLY F 144 -82.91 55.28 -67.21
N GLY F 145 -81.79 55.09 -67.88
CA GLY F 145 -80.86 54.03 -67.54
C GLY F 145 -79.44 54.47 -67.79
N SER F 146 -78.52 53.92 -67.00
CA SER F 146 -77.13 54.39 -66.96
C SER F 146 -76.19 53.22 -66.76
N VAL F 147 -75.04 53.24 -67.43
CA VAL F 147 -74.02 52.21 -67.33
C VAL F 147 -72.66 52.87 -67.07
N SER F 148 -71.95 52.42 -66.04
CA SER F 148 -70.70 53.05 -65.65
C SER F 148 -69.63 52.00 -65.36
N ALA F 149 -68.37 52.40 -65.54
CA ALA F 149 -67.22 51.56 -65.25
C ALA F 149 -66.03 52.42 -64.85
N GLY F 150 -65.24 51.92 -63.91
CA GLY F 150 -64.18 52.69 -63.29
C GLY F 150 -62.84 52.00 -63.21
N PHE F 151 -61.76 52.73 -63.42
CA PHE F 151 -60.41 52.15 -63.44
C PHE F 151 -59.51 52.89 -62.44
N SER F 152 -59.28 52.29 -61.27
CA SER F 152 -58.53 52.93 -60.20
C SER F 152 -57.19 52.23 -60.01
N ASN F 153 -56.10 52.98 -60.15
CA ASN F 153 -54.78 52.54 -59.75
C ASN F 153 -54.45 53.15 -58.39
N SER F 154 -53.57 52.49 -57.64
CA SER F 154 -53.11 53.01 -56.35
C SER F 154 -51.77 52.41 -55.96
N ASN F 155 -51.06 53.13 -55.08
CA ASN F 155 -49.68 52.81 -54.69
C ASN F 155 -49.37 53.47 -53.35
N SER F 156 -49.03 52.63 -52.37
CA SER F 156 -48.79 53.01 -50.98
C SER F 156 -47.37 52.64 -50.59
N SER F 157 -46.87 53.23 -49.49
CA SER F 157 -45.56 52.87 -48.95
C SER F 157 -45.50 53.20 -47.46
N THR F 158 -45.44 52.16 -46.63
CA THR F 158 -45.54 52.25 -45.18
C THR F 158 -44.17 52.04 -44.54
N VAL F 159 -43.70 53.06 -43.80
CA VAL F 159 -42.38 53.01 -43.18
C VAL F 159 -42.56 53.03 -41.66
N ALA F 160 -41.98 52.05 -40.98
CA ALA F 160 -42.29 51.74 -39.59
C ALA F 160 -41.00 51.51 -38.78
N ILE F 161 -41.11 51.63 -37.46
CA ILE F 161 -39.99 51.38 -36.55
C ILE F 161 -40.56 51.02 -35.18
N ASP F 162 -39.83 50.16 -34.45
CA ASP F 162 -40.24 49.60 -33.17
C ASP F 162 -39.06 49.59 -32.20
N HIS F 163 -39.33 49.87 -30.93
CA HIS F 163 -38.40 49.61 -29.83
C HIS F 163 -39.09 48.68 -28.83
N SER F 164 -38.32 47.93 -28.05
CA SER F 164 -38.89 46.90 -27.18
C SER F 164 -38.01 46.65 -25.95
N LEU F 165 -38.64 46.39 -24.81
CA LEU F 165 -37.99 45.88 -23.61
C LEU F 165 -38.57 44.52 -23.25
N SER F 166 -37.86 43.76 -22.41
CA SER F 166 -38.33 42.48 -21.87
C SER F 166 -37.61 42.20 -20.56
N LEU F 167 -38.37 41.93 -19.50
CA LEU F 167 -37.80 41.62 -18.19
C LEU F 167 -38.26 40.23 -17.77
N ALA F 168 -37.36 39.25 -17.81
CA ALA F 168 -37.70 37.84 -17.60
C ALA F 168 -37.09 37.36 -16.30
N GLY F 169 -37.92 37.09 -15.31
CA GLY F 169 -37.47 36.57 -14.02
C GLY F 169 -37.89 35.12 -13.87
N GLU F 170 -36.94 34.27 -13.47
CA GLU F 170 -37.14 32.83 -13.45
C GLU F 170 -36.59 32.23 -12.17
N ARG F 171 -37.38 31.35 -11.56
CA ARG F 171 -36.94 30.58 -10.39
C ARG F 171 -37.09 29.10 -10.71
N THR F 172 -35.99 28.37 -10.60
CA THR F 172 -35.89 26.98 -11.03
C THR F 172 -35.58 26.10 -9.82
N TRP F 173 -36.40 25.09 -9.62
CA TRP F 173 -36.16 24.07 -8.60
C TRP F 173 -35.85 22.74 -9.27
N ALA F 174 -34.84 22.04 -8.73
CA ALA F 174 -34.39 20.81 -9.36
C ALA F 174 -33.99 19.80 -8.28
N GLU F 175 -34.20 18.53 -8.57
CA GLU F 175 -33.89 17.45 -7.64
C GLU F 175 -33.42 16.24 -8.43
N THR F 176 -32.39 15.56 -7.91
CA THR F 176 -31.74 14.47 -8.61
C THR F 176 -31.40 13.38 -7.60
N MET F 177 -31.64 12.12 -7.97
CA MET F 177 -31.32 10.98 -7.12
C MET F 177 -30.51 9.97 -7.93
N GLY F 178 -29.20 9.96 -7.71
CA GLY F 178 -28.34 8.99 -8.35
C GLY F 178 -28.16 7.73 -7.52
N LEU F 179 -27.91 6.64 -8.23
CA LEU F 179 -27.85 5.31 -7.67
C LEU F 179 -26.92 4.46 -8.53
N ASN F 180 -26.26 3.48 -7.92
CA ASN F 180 -25.51 2.47 -8.63
C ASN F 180 -26.04 1.11 -8.20
N THR F 181 -26.46 0.31 -9.18
CA THR F 181 -27.13 -0.95 -8.89
C THR F 181 -26.22 -1.98 -8.25
N ALA F 182 -24.90 -1.84 -8.42
CA ALA F 182 -23.99 -2.79 -7.82
C ALA F 182 -23.65 -2.42 -6.39
N ASP F 183 -23.83 -1.18 -5.99
CA ASP F 183 -23.42 -0.68 -4.69
C ASP F 183 -24.58 0.05 -4.04
N THR F 184 -25.73 -0.61 -3.95
CA THR F 184 -26.91 0.05 -3.41
C THR F 184 -26.81 0.21 -1.90
N ALA F 185 -26.34 -0.81 -1.19
CA ALA F 185 -26.45 -0.81 0.26
C ALA F 185 -25.12 -1.16 0.90
N ARG F 186 -24.96 -0.67 2.12
CA ARG F 186 -23.82 -1.00 2.97
C ARG F 186 -24.34 -1.58 4.28
N LEU F 187 -23.64 -2.58 4.78
CA LEU F 187 -24.10 -3.33 5.93
C LEU F 187 -23.28 -3.03 7.17
N ASN F 188 -23.89 -3.32 8.33
CA ASN F 188 -23.21 -3.21 9.60
C ASN F 188 -23.90 -4.13 10.60
N ALA F 189 -23.14 -5.03 11.19
CA ALA F 189 -23.66 -6.01 12.13
C ALA F 189 -23.35 -5.60 13.55
N ASN F 190 -24.27 -5.89 14.47
CA ASN F 190 -24.04 -5.72 15.90
C ASN F 190 -24.05 -7.10 16.54
N ILE F 191 -22.89 -7.54 17.00
CA ILE F 191 -22.69 -8.93 17.38
C ILE F 191 -21.98 -9.03 18.72
N ARG F 192 -22.17 -10.16 19.38
CA ARG F 192 -21.46 -10.50 20.60
C ARG F 192 -20.80 -11.86 20.48
N TYR F 193 -19.88 -12.10 21.39
CA TYR F 193 -19.13 -13.35 21.47
C TYR F 193 -19.53 -14.04 22.76
N VAL F 194 -19.80 -15.34 22.67
CA VAL F 194 -20.29 -16.12 23.80
C VAL F 194 -19.35 -17.30 23.97
N ASN F 195 -18.90 -17.52 25.21
CA ASN F 195 -18.15 -18.74 25.50
C ASN F 195 -19.00 -19.62 26.39
N THR F 196 -19.46 -20.73 25.83
CA THR F 196 -20.12 -21.75 26.60
C THR F 196 -19.21 -22.92 26.93
N GLY F 197 -17.93 -22.81 26.58
CA GLY F 197 -17.00 -23.89 26.80
C GLY F 197 -16.50 -23.99 28.22
N THR F 198 -15.29 -24.52 28.37
CA THR F 198 -14.66 -24.73 29.66
C THR F 198 -13.28 -24.14 29.78
N ALA F 199 -12.54 -24.07 28.69
CA ALA F 199 -11.28 -23.37 28.72
C ALA F 199 -11.44 -22.00 28.09
N PRO F 200 -10.70 -21.00 28.54
CA PRO F 200 -10.72 -19.72 27.85
C PRO F 200 -9.90 -19.78 26.58
N ILE F 201 -10.20 -18.85 25.68
CA ILE F 201 -9.54 -18.75 24.38
C ILE F 201 -9.07 -17.31 24.20
N TYR F 202 -7.86 -17.15 23.68
CA TYR F 202 -7.23 -15.85 23.60
C TYR F 202 -7.02 -15.43 22.16
N ASN F 203 -7.14 -14.11 21.93
CA ASN F 203 -7.05 -13.46 20.62
C ASN F 203 -8.09 -14.04 19.67
N VAL F 204 -9.34 -13.85 20.04
CA VAL F 204 -10.44 -14.48 19.34
C VAL F 204 -10.72 -13.75 18.04
N LEU F 205 -10.68 -14.48 16.93
CA LEU F 205 -11.07 -13.94 15.63
C LEU F 205 -11.99 -14.94 14.95
N PRO F 206 -13.29 -14.74 15.08
CA PRO F 206 -14.23 -15.62 14.39
C PRO F 206 -14.28 -15.31 12.91
N THR F 207 -14.57 -16.34 12.14
CA THR F 207 -14.86 -16.20 10.72
C THR F 207 -16.36 -16.41 10.56
N THR F 208 -17.07 -15.38 10.14
CA THR F 208 -18.52 -15.43 10.04
C THR F 208 -18.98 -15.17 8.63
N SER F 209 -20.30 -15.25 8.44
CA SER F 209 -20.89 -15.16 7.11
C SER F 209 -22.27 -14.53 7.17
N LEU F 210 -22.47 -13.48 6.38
CA LEU F 210 -23.77 -12.88 6.11
C LEU F 210 -24.46 -13.64 5.00
N VAL F 211 -25.69 -14.11 5.26
CA VAL F 211 -26.44 -14.97 4.34
C VAL F 211 -27.85 -14.44 4.20
N LEU F 212 -28.31 -14.29 2.96
CA LEU F 212 -29.72 -14.05 2.66
C LEU F 212 -30.44 -15.34 2.33
N GLY F 213 -31.76 -15.30 2.55
CA GLY F 213 -32.66 -16.29 1.98
C GLY F 213 -32.46 -17.66 2.57
N LYS F 214 -32.52 -18.67 1.70
CA LYS F 214 -32.26 -20.03 2.12
C LYS F 214 -30.77 -20.23 2.34
N ASN F 215 -29.99 -20.06 1.28
CA ASN F 215 -28.54 -20.22 1.40
C ASN F 215 -27.79 -19.22 0.54
N GLN F 216 -28.38 -18.06 0.27
CA GLN F 216 -27.72 -17.06 -0.57
C GLN F 216 -26.78 -16.27 0.32
N THR F 217 -25.50 -16.61 0.26
CA THR F 217 -24.50 -15.98 1.10
C THR F 217 -24.15 -14.61 0.54
N LEU F 218 -24.34 -13.57 1.34
CA LEU F 218 -23.85 -12.26 0.95
C LEU F 218 -22.34 -12.22 1.01
N ALA F 219 -21.78 -12.55 2.16
CA ALA F 219 -20.35 -12.30 2.34
C ALA F 219 -19.82 -13.21 3.43
N THR F 220 -18.52 -13.46 3.37
CA THR F 220 -17.81 -14.18 4.41
C THR F 220 -16.69 -13.29 4.90
N ILE F 221 -16.70 -12.98 6.19
CA ILE F 221 -15.78 -12.00 6.76
C ILE F 221 -15.05 -12.64 7.94
N LYS F 222 -13.72 -12.56 7.90
CA LYS F 222 -12.90 -12.85 9.06
C LYS F 222 -12.82 -11.62 9.94
N ALA F 223 -12.86 -11.83 11.26
CA ALA F 223 -12.81 -10.73 12.21
C ALA F 223 -11.46 -10.01 12.14
N LYS F 224 -11.55 -8.68 12.01
CA LYS F 224 -10.38 -7.80 11.87
C LYS F 224 -9.85 -7.38 13.25
N GLU F 225 -8.87 -6.47 13.25
CA GLU F 225 -8.24 -6.02 14.49
C GLU F 225 -9.15 -5.10 15.29
N ASN F 226 -10.13 -4.47 14.65
CA ASN F 226 -11.16 -3.79 15.41
C ASN F 226 -12.05 -4.79 16.14
N GLN F 227 -12.14 -6.01 15.62
CA GLN F 227 -13.05 -7.01 16.15
C GLN F 227 -12.35 -8.05 16.99
N LEU F 228 -11.14 -7.75 17.46
CA LEU F 228 -10.40 -8.73 18.23
C LEU F 228 -10.90 -8.78 19.66
N SER F 229 -10.99 -9.98 20.20
CA SER F 229 -11.28 -10.18 21.61
C SER F 229 -10.06 -10.81 22.26
N GLN F 230 -9.48 -10.11 23.23
CA GLN F 230 -8.27 -10.60 23.86
C GLN F 230 -8.56 -11.80 24.75
N ILE F 231 -9.60 -11.72 25.57
CA ILE F 231 -9.97 -12.78 26.50
C ILE F 231 -11.41 -13.14 26.23
N LEU F 232 -11.69 -14.44 26.14
CA LEU F 232 -13.06 -14.91 26.24
C LEU F 232 -13.05 -16.07 27.23
N ALA F 233 -13.22 -15.74 28.50
CA ALA F 233 -13.36 -16.74 29.54
C ALA F 233 -14.70 -17.45 29.38
N PRO F 234 -14.80 -18.71 29.84
CA PRO F 234 -16.07 -19.42 29.74
C PRO F 234 -17.16 -18.82 30.60
N ASN F 235 -18.40 -19.00 30.13
CA ASN F 235 -19.62 -18.39 30.68
C ASN F 235 -19.50 -16.87 30.69
N ASN F 236 -18.99 -16.31 29.59
CA ASN F 236 -18.86 -14.88 29.48
C ASN F 236 -19.16 -14.44 28.06
N TYR F 237 -19.33 -13.13 27.93
CA TYR F 237 -19.63 -12.47 26.68
C TYR F 237 -18.52 -11.47 26.37
N TYR F 238 -18.30 -11.25 25.08
CA TYR F 238 -17.46 -10.16 24.63
C TYR F 238 -18.28 -9.33 23.65
N PRO F 239 -18.60 -8.09 23.97
CA PRO F 239 -18.30 -7.42 25.24
C PRO F 239 -19.30 -7.83 26.29
N SER F 240 -19.16 -7.31 27.50
CA SER F 240 -20.02 -7.69 28.60
C SER F 240 -21.46 -7.27 28.32
N LYS F 241 -22.36 -7.92 29.06
CA LYS F 241 -23.79 -7.83 28.78
C LYS F 241 -24.34 -6.44 29.05
N ASN F 242 -23.75 -5.70 29.98
CA ASN F 242 -24.18 -4.33 30.20
C ASN F 242 -23.80 -3.43 29.04
N LEU F 243 -22.72 -3.74 28.35
CA LEU F 243 -22.27 -2.92 27.24
C LEU F 243 -22.98 -3.33 25.96
N ALA F 244 -22.85 -2.50 24.95
CA ALA F 244 -23.50 -2.72 23.67
C ALA F 244 -22.62 -3.60 22.78
N PRO F 245 -23.23 -4.41 21.90
CA PRO F 245 -22.45 -5.31 21.05
C PRO F 245 -21.59 -4.55 20.04
N ILE F 246 -20.65 -5.27 19.46
CA ILE F 246 -19.66 -4.63 18.61
C ILE F 246 -20.18 -4.55 17.19
N ALA F 247 -19.53 -3.71 16.39
CA ALA F 247 -19.95 -3.39 15.04
C ALA F 247 -18.97 -3.98 14.04
N LEU F 248 -19.49 -4.76 13.11
CA LEU F 248 -18.71 -5.29 12.00
C LEU F 248 -19.24 -4.70 10.71
N ASN F 249 -18.39 -3.96 10.00
CA ASN F 249 -18.85 -3.30 8.79
C ASN F 249 -17.80 -3.26 7.69
N ALA F 250 -16.79 -4.13 7.73
CA ALA F 250 -15.65 -3.98 6.86
C ALA F 250 -15.37 -5.28 6.13
N GLN F 251 -14.60 -5.18 5.03
CA GLN F 251 -14.24 -6.36 4.21
C GLN F 251 -12.72 -6.51 4.13
N ASP F 252 -12.01 -5.40 3.90
CA ASP F 252 -10.53 -5.39 3.76
C ASP F 252 -9.81 -5.63 5.10
N ASP F 253 -8.53 -6.03 5.01
CA ASP F 253 -7.69 -6.28 6.20
C ASP F 253 -7.33 -4.94 6.86
N PHE F 254 -7.45 -3.81 6.13
CA PHE F 254 -7.15 -2.51 6.71
C PHE F 254 -8.51 -1.94 6.94
N SER F 255 -9.61 -2.67 6.70
CA SER F 255 -11.01 -2.19 6.93
C SER F 255 -11.24 -0.80 6.34
N SER F 256 -11.01 -0.63 5.02
CA SER F 256 -11.24 0.67 4.34
C SER F 256 -12.59 0.69 3.59
N THR F 257 -12.89 -0.40 2.86
CA THR F 257 -14.16 -0.51 2.08
C THR F 257 -15.21 -1.30 2.87
N PRO F 258 -16.43 -0.74 3.09
CA PRO F 258 -17.50 -1.42 3.82
C PRO F 258 -18.26 -2.48 3.02
N ILE F 259 -19.01 -3.35 3.71
CA ILE F 259 -19.84 -4.43 3.10
C ILE F 259 -20.74 -3.85 2.01
N THR F 260 -20.88 -4.55 0.88
CA THR F 260 -21.66 -4.06 -0.24
C THR F 260 -22.82 -4.99 -0.56
N MET F 261 -23.96 -4.41 -0.91
CA MET F 261 -25.13 -5.15 -1.37
C MET F 261 -25.66 -4.51 -2.64
N ASN F 262 -25.99 -5.34 -3.63
CA ASN F 262 -26.50 -4.85 -4.89
C ASN F 262 -28.01 -4.64 -4.80
N TYR F 263 -28.66 -4.51 -5.95
CA TYR F 263 -30.02 -3.99 -6.00
C TYR F 263 -31.05 -5.05 -5.67
N ASN F 264 -30.94 -6.21 -6.31
CA ASN F 264 -31.95 -7.25 -6.17
C ASN F 264 -31.94 -7.82 -4.77
N GLN F 265 -30.76 -7.99 -4.19
CA GLN F 265 -30.63 -8.43 -2.81
C GLN F 265 -31.19 -7.39 -1.85
N PHE F 266 -31.05 -6.11 -2.19
CA PHE F 266 -31.61 -5.05 -1.37
C PHE F 266 -33.13 -5.10 -1.36
N LEU F 267 -33.71 -5.32 -2.54
CA LEU F 267 -35.17 -5.45 -2.63
C LEU F 267 -35.66 -6.68 -1.88
N GLU F 268 -34.95 -7.80 -2.03
CA GLU F 268 -35.35 -9.03 -1.36
C GLU F 268 -35.20 -8.91 0.14
N LEU F 269 -34.21 -8.16 0.60
CA LEU F 269 -34.04 -7.97 2.03
C LEU F 269 -35.15 -7.09 2.59
N GLU F 270 -35.47 -5.99 1.90
CA GLU F 270 -36.56 -5.16 2.40
C GLU F 270 -37.93 -5.80 2.23
N LYS F 271 -38.05 -6.83 1.41
CA LYS F 271 -39.30 -7.57 1.38
C LYS F 271 -39.36 -8.63 2.47
N THR F 272 -38.35 -9.48 2.55
CA THR F 272 -38.43 -10.69 3.35
C THR F 272 -37.89 -10.53 4.75
N LYS F 273 -36.97 -9.58 4.96
CA LYS F 273 -36.33 -9.29 6.25
C LYS F 273 -35.62 -10.50 6.84
N GLN F 274 -35.14 -11.40 5.98
CA GLN F 274 -34.46 -12.61 6.41
C GLN F 274 -32.97 -12.45 6.14
N LEU F 275 -32.21 -12.16 7.18
CA LEU F 275 -30.77 -11.98 7.05
C LEU F 275 -30.14 -12.72 8.21
N ARG F 276 -29.52 -13.85 7.92
CA ARG F 276 -28.99 -14.71 8.96
C ARG F 276 -27.47 -14.67 8.94
N LEU F 277 -26.90 -15.15 10.05
CA LEU F 277 -25.48 -15.00 10.33
C LEU F 277 -24.94 -16.36 10.74
N ASP F 278 -23.89 -16.82 10.05
CA ASP F 278 -23.30 -18.11 10.37
C ASP F 278 -21.90 -17.94 10.91
N THR F 279 -21.54 -18.83 11.84
CA THR F 279 -20.22 -18.85 12.47
C THR F 279 -19.48 -20.05 11.91
N ASP F 280 -18.58 -19.80 10.96
CA ASP F 280 -17.95 -20.90 10.25
C ASP F 280 -16.81 -21.49 11.07
N GLN F 281 -15.85 -20.66 11.47
CA GLN F 281 -14.74 -21.14 12.28
C GLN F 281 -14.20 -19.97 13.08
N VAL F 282 -13.51 -20.30 14.17
CA VAL F 282 -13.06 -19.30 15.13
C VAL F 282 -11.57 -19.47 15.32
N TYR F 283 -10.82 -18.41 15.10
CA TYR F 283 -9.41 -18.42 15.41
C TYR F 283 -9.19 -17.98 16.85
N GLY F 284 -8.19 -18.57 17.48
CA GLY F 284 -7.87 -18.25 18.86
C GLY F 284 -6.76 -19.09 19.45
N ASN F 285 -5.99 -18.50 20.37
CA ASN F 285 -4.76 -19.10 20.85
C ASN F 285 -4.91 -19.67 22.25
N ILE F 286 -3.92 -20.47 22.64
CA ILE F 286 -3.81 -21.02 23.98
C ILE F 286 -2.70 -20.27 24.71
N ALA F 287 -2.94 -19.94 25.97
CA ALA F 287 -1.88 -19.54 26.88
C ALA F 287 -1.53 -20.71 27.77
N THR F 288 -0.24 -21.02 27.89
CA THR F 288 0.23 -22.14 28.66
C THR F 288 0.98 -21.67 29.90
N TYR F 289 1.00 -22.55 30.89
CA TYR F 289 1.73 -22.27 32.12
C TYR F 289 3.22 -22.35 31.88
N ASN F 290 3.98 -21.50 32.55
CA ASN F 290 5.42 -21.55 32.53
C ASN F 290 5.90 -22.04 33.89
N PHE F 291 6.71 -23.10 33.89
CA PHE F 291 7.29 -23.58 35.13
C PHE F 291 8.41 -22.70 35.63
N GLU F 292 8.89 -21.77 34.78
CA GLU F 292 9.97 -20.89 35.19
C GLU F 292 9.52 -19.91 36.26
N ASN F 293 8.52 -19.09 35.95
CA ASN F 293 8.12 -18.02 36.85
C ASN F 293 6.64 -18.10 37.21
N GLY F 294 5.97 -19.19 36.86
CA GLY F 294 4.55 -19.30 37.10
C GLY F 294 3.66 -18.52 36.17
N ARG F 295 4.22 -17.72 35.27
CA ARG F 295 3.39 -16.84 34.46
C ARG F 295 2.83 -17.58 33.26
N VAL F 296 1.52 -17.53 33.11
CA VAL F 296 0.87 -18.17 31.98
C VAL F 296 1.01 -17.25 30.78
N ARG F 297 1.63 -17.73 29.72
CA ARG F 297 2.00 -16.92 28.57
C ARG F 297 1.33 -17.45 27.32
N VAL F 298 0.98 -16.54 26.43
CA VAL F 298 0.34 -16.91 25.18
C VAL F 298 1.40 -17.33 24.19
N ASP F 299 1.24 -18.53 23.64
CA ASP F 299 1.93 -18.91 22.41
C ASP F 299 1.06 -18.41 21.26
N THR F 300 1.56 -17.43 20.52
CA THR F 300 0.87 -16.98 19.33
C THR F 300 0.93 -17.99 18.20
N GLY F 301 1.87 -18.92 18.25
CA GLY F 301 1.98 -19.91 17.18
C GLY F 301 0.86 -20.93 17.24
N SER F 302 0.63 -21.50 18.42
CA SER F 302 -0.38 -22.55 18.55
C SER F 302 -1.77 -21.95 18.61
N ASN F 303 -2.75 -22.70 18.11
CA ASN F 303 -4.14 -22.31 18.17
C ASN F 303 -5.00 -23.53 18.48
N TRP F 304 -6.25 -23.27 18.87
CA TRP F 304 -7.19 -24.34 19.18
C TRP F 304 -7.59 -25.15 17.97
N SER F 305 -7.29 -24.63 16.78
CA SER F 305 -7.49 -25.39 15.55
C SER F 305 -6.70 -26.68 15.54
N GLU F 306 -5.54 -26.68 16.20
CA GLU F 306 -4.75 -27.90 16.30
C GLU F 306 -5.39 -28.89 17.25
N VAL F 307 -6.17 -28.43 18.20
CA VAL F 307 -6.47 -29.19 19.40
C VAL F 307 -7.89 -29.74 19.39
N LEU F 308 -8.85 -28.95 18.91
CA LEU F 308 -10.25 -29.36 18.97
C LEU F 308 -10.59 -30.65 18.21
N PRO F 309 -10.08 -30.94 17.00
CA PRO F 309 -10.36 -32.26 16.43
C PRO F 309 -9.66 -33.38 17.15
N GLN F 310 -8.55 -33.10 17.83
CA GLN F 310 -7.92 -34.12 18.65
C GLN F 310 -8.79 -34.48 19.83
N ILE F 311 -9.49 -33.50 20.38
CA ILE F 311 -10.39 -33.77 21.49
C ILE F 311 -11.63 -34.50 20.99
N GLN F 312 -12.14 -34.09 19.83
CA GLN F 312 -13.40 -34.65 19.34
C GLN F 312 -13.25 -36.11 18.93
N GLU F 313 -12.08 -36.51 18.47
CA GLU F 313 -11.90 -37.86 17.99
C GLU F 313 -11.46 -38.83 19.08
N THR F 314 -11.31 -38.38 20.31
CA THR F 314 -10.80 -39.22 21.37
C THR F 314 -11.71 -39.32 22.58
N THR F 315 -12.82 -38.58 22.60
CA THR F 315 -13.65 -38.48 23.79
C THR F 315 -15.08 -38.88 23.46
N ALA F 316 -15.84 -39.13 24.50
CA ALA F 316 -17.29 -39.24 24.41
C ALA F 316 -17.91 -37.91 24.82
N ARG F 317 -18.91 -37.48 24.07
CA ARG F 317 -19.57 -36.21 24.31
C ARG F 317 -20.92 -36.45 24.98
N ILE F 318 -21.19 -35.69 26.04
CA ILE F 318 -22.43 -35.80 26.79
C ILE F 318 -23.03 -34.42 26.93
N ILE F 319 -24.27 -34.27 26.50
CA ILE F 319 -25.01 -33.01 26.61
C ILE F 319 -26.15 -33.22 27.60
N PHE F 320 -26.31 -32.26 28.51
CA PHE F 320 -27.25 -32.38 29.62
C PHE F 320 -27.84 -31.01 29.92
N ASN F 321 -29.14 -30.99 30.18
CA ASN F 321 -29.86 -29.73 30.32
C ASN F 321 -30.68 -29.68 31.59
N GLY F 322 -30.22 -30.34 32.65
CA GLY F 322 -30.96 -30.25 33.88
C GLY F 322 -30.66 -29.03 34.71
N LYS F 323 -29.60 -28.29 34.36
CA LYS F 323 -29.29 -27.04 35.03
C LYS F 323 -29.93 -25.92 34.23
N ASP F 324 -31.17 -25.60 34.62
CA ASP F 324 -31.93 -24.46 34.13
C ASP F 324 -32.16 -24.53 32.63
N LEU F 325 -32.40 -25.76 32.14
CA LEU F 325 -32.84 -26.05 30.78
C LEU F 325 -31.82 -25.57 29.74
N ASN F 326 -30.55 -25.58 30.11
CA ASN F 326 -29.48 -25.06 29.27
C ASN F 326 -28.57 -26.20 28.87
N LEU F 327 -28.31 -26.30 27.57
CA LEU F 327 -27.53 -27.41 27.04
C LEU F 327 -26.07 -27.28 27.46
N VAL F 328 -25.62 -28.19 28.31
CA VAL F 328 -24.27 -28.20 28.83
C VAL F 328 -23.56 -29.41 28.24
N GLU F 329 -22.45 -29.14 27.55
CA GLU F 329 -21.69 -30.15 26.83
C GLU F 329 -20.39 -30.43 27.56
N ARG F 330 -20.10 -31.70 27.77
CA ARG F 330 -18.83 -32.11 28.36
C ARG F 330 -18.28 -33.30 27.58
N ARG F 331 -16.98 -33.25 27.30
CA ARG F 331 -16.30 -34.34 26.63
C ARG F 331 -15.38 -35.04 27.62
N ILE F 332 -15.49 -36.35 27.68
CA ILE F 332 -14.80 -37.17 28.66
C ILE F 332 -13.97 -38.19 27.89
N ALA F 333 -12.70 -38.31 28.27
CA ALA F 333 -11.80 -39.22 27.57
C ALA F 333 -12.22 -40.67 27.79
N ALA F 334 -12.40 -41.38 26.68
CA ALA F 334 -12.80 -42.78 26.75
C ALA F 334 -12.04 -43.56 25.68
N VAL F 335 -11.97 -44.87 25.87
CA VAL F 335 -11.02 -45.71 25.15
C VAL F 335 -11.58 -46.07 23.78
N ASN F 336 -10.77 -45.86 22.75
CA ASN F 336 -10.98 -46.47 21.45
C ASN F 336 -10.19 -47.77 21.42
N PRO F 337 -10.84 -48.93 21.25
CA PRO F 337 -10.10 -50.19 21.33
C PRO F 337 -9.17 -50.44 20.17
N SER F 338 -9.44 -49.87 19.00
CA SER F 338 -8.62 -50.11 17.83
C SER F 338 -7.38 -49.22 17.78
N ASP F 339 -7.17 -48.37 18.77
CA ASP F 339 -6.04 -47.47 18.83
C ASP F 339 -5.20 -47.84 20.04
N PRO F 340 -3.95 -48.29 19.86
CA PRO F 340 -3.18 -48.80 21.00
C PRO F 340 -2.80 -47.74 22.01
N LEU F 341 -2.48 -46.53 21.55
CA LEU F 341 -2.18 -45.46 22.47
C LEU F 341 -3.42 -45.03 23.24
N GLU F 342 -4.58 -45.07 22.58
CA GLU F 342 -5.81 -44.66 23.23
C GLU F 342 -6.25 -45.66 24.29
N THR F 343 -5.83 -46.92 24.17
CA THR F 343 -6.16 -47.94 25.15
C THR F 343 -5.36 -47.82 26.44
N THR F 344 -4.41 -46.91 26.51
CA THR F 344 -3.58 -46.74 27.69
C THR F 344 -4.28 -45.96 28.80
N LYS F 345 -5.49 -45.49 28.55
CA LYS F 345 -6.24 -44.74 29.54
C LYS F 345 -6.96 -45.68 30.49
N PRO F 346 -7.23 -45.24 31.72
CA PRO F 346 -8.09 -46.02 32.61
C PRO F 346 -9.51 -46.06 32.10
N ASP F 347 -10.22 -47.12 32.50
CA ASP F 347 -11.57 -47.35 32.00
C ASP F 347 -12.55 -46.38 32.65
N MET F 348 -13.57 -46.02 31.89
CA MET F 348 -14.58 -45.07 32.34
C MET F 348 -15.96 -45.71 32.27
N THR F 349 -16.56 -45.93 33.44
CA THR F 349 -17.96 -46.27 33.46
C THR F 349 -18.81 -45.02 33.27
N LEU F 350 -20.08 -45.25 32.97
CA LEU F 350 -20.98 -44.12 32.75
C LEU F 350 -21.27 -43.37 34.03
N LYS F 351 -21.45 -44.10 35.14
CA LYS F 351 -21.82 -43.48 36.39
C LYS F 351 -20.69 -42.63 36.95
N GLU F 352 -19.45 -43.13 36.85
CA GLU F 352 -18.29 -42.36 37.25
C GLU F 352 -18.15 -41.10 36.41
N ALA F 353 -18.45 -41.21 35.12
CA ALA F 353 -18.38 -40.07 34.22
C ALA F 353 -19.41 -39.01 34.60
N LEU F 354 -20.64 -39.46 34.89
CA LEU F 354 -21.69 -38.54 35.29
C LEU F 354 -21.41 -37.93 36.66
N LYS F 355 -20.69 -38.65 37.50
CA LYS F 355 -20.32 -38.12 38.80
C LYS F 355 -19.27 -37.04 38.67
N ILE F 356 -18.23 -37.27 37.88
CA ILE F 356 -17.14 -36.32 37.83
C ILE F 356 -17.44 -35.16 36.89
N ALA F 357 -18.35 -35.35 35.94
CA ALA F 357 -18.56 -34.34 34.91
C ALA F 357 -19.62 -33.34 35.29
N PHE F 358 -20.65 -33.79 36.00
CA PHE F 358 -21.81 -32.96 36.27
C PHE F 358 -21.99 -32.71 37.75
N GLY F 359 -21.04 -33.15 38.58
CA GLY F 359 -21.17 -32.99 40.00
C GLY F 359 -22.22 -33.89 40.61
N PHE F 360 -22.48 -35.04 40.00
CA PHE F 360 -23.48 -35.93 40.55
C PHE F 360 -22.96 -36.63 41.79
N ASN F 361 -23.90 -37.19 42.55
CA ASN F 361 -23.53 -37.88 43.78
C ASN F 361 -24.51 -39.01 44.03
N GLU F 362 -24.09 -39.93 44.89
CA GLU F 362 -24.97 -40.93 45.49
C GLU F 362 -24.98 -40.69 46.99
N PRO F 363 -25.80 -39.75 47.46
CA PRO F 363 -25.85 -39.46 48.89
C PRO F 363 -26.52 -40.57 49.68
N ASN F 364 -27.34 -41.39 49.04
CA ASN F 364 -27.94 -42.54 49.67
C ASN F 364 -27.82 -43.75 48.75
N GLY F 365 -26.67 -43.88 48.10
CA GLY F 365 -26.48 -44.94 47.14
C GLY F 365 -27.24 -44.77 45.84
N ASN F 366 -27.77 -43.59 45.57
CA ASN F 366 -28.59 -43.34 44.40
C ASN F 366 -28.10 -42.10 43.68
N LEU F 367 -27.85 -42.24 42.38
CA LEU F 367 -27.20 -41.19 41.61
C LEU F 367 -28.13 -40.00 41.45
N GLN F 368 -27.67 -38.83 41.88
CA GLN F 368 -28.54 -37.67 41.94
C GLN F 368 -27.83 -36.43 41.44
N TYR F 369 -28.61 -35.60 40.75
CA TYR F 369 -28.15 -34.30 40.28
C TYR F 369 -28.98 -33.44 41.22
N GLN F 370 -28.29 -32.64 42.05
CA GLN F 370 -28.94 -31.81 43.08
C GLN F 370 -29.81 -32.76 43.91
N GLY F 371 -31.08 -32.42 44.08
CA GLY F 371 -31.99 -33.26 44.85
C GLY F 371 -32.88 -34.15 43.97
N LYS F 372 -32.58 -34.18 42.67
CA LYS F 372 -33.37 -34.92 41.72
C LYS F 372 -32.73 -36.27 41.40
N ASP F 373 -33.57 -37.30 41.29
CA ASP F 373 -33.09 -38.61 40.93
C ASP F 373 -32.70 -38.65 39.46
N ILE F 374 -31.78 -39.57 39.14
CA ILE F 374 -31.37 -39.81 37.76
C ILE F 374 -32.49 -40.47 36.96
N THR F 375 -33.40 -41.17 37.65
CA THR F 375 -34.46 -41.89 36.96
C THR F 375 -35.50 -40.98 36.36
N GLU F 376 -35.52 -39.71 36.73
CA GLU F 376 -36.39 -38.73 36.08
C GLU F 376 -35.75 -38.13 34.84
N PHE F 377 -34.60 -38.62 34.41
CA PHE F 377 -33.94 -38.19 33.20
C PHE F 377 -33.95 -39.31 32.18
N ASP F 378 -34.10 -38.94 30.92
CA ASP F 378 -34.11 -39.91 29.83
C ASP F 378 -32.89 -39.75 28.94
N PHE F 379 -32.52 -40.85 28.32
CA PHE F 379 -31.28 -40.98 27.56
C PHE F 379 -31.57 -41.05 26.08
N ASN F 380 -30.66 -40.49 25.30
CA ASN F 380 -30.78 -40.44 23.86
C ASN F 380 -29.41 -40.65 23.25
N PHE F 381 -29.38 -41.42 22.17
CA PHE F 381 -28.12 -41.83 21.56
C PHE F 381 -28.28 -41.76 20.06
N ASP F 382 -27.20 -41.40 19.39
CA ASP F 382 -27.18 -41.62 17.96
C ASP F 382 -26.95 -43.11 17.67
N GLN F 383 -27.07 -43.45 16.39
CA GLN F 383 -27.29 -44.83 15.96
C GLN F 383 -26.12 -45.73 16.30
N GLN F 384 -24.90 -45.21 16.16
CA GLN F 384 -23.71 -45.98 16.51
C GLN F 384 -23.63 -46.21 18.02
N THR F 385 -23.82 -45.14 18.80
CA THR F 385 -23.76 -45.27 20.25
C THR F 385 -24.93 -46.09 20.77
N SER F 386 -26.11 -45.91 20.17
CA SER F 386 -27.27 -46.70 20.58
C SER F 386 -27.07 -48.17 20.26
N GLN F 387 -26.43 -48.47 19.13
CA GLN F 387 -26.09 -49.85 18.80
C GLN F 387 -25.10 -50.44 19.79
N ASN F 388 -24.11 -49.65 20.19
CA ASN F 388 -23.10 -50.15 21.12
C ASN F 388 -23.70 -50.38 22.51
N ILE F 389 -24.61 -49.48 22.92
CA ILE F 389 -25.30 -49.66 24.19
C ILE F 389 -26.22 -50.86 24.13
N LYS F 390 -26.83 -51.10 22.97
CA LYS F 390 -27.65 -52.29 22.76
C LYS F 390 -26.82 -53.56 22.92
N ASN F 391 -25.61 -53.55 22.36
CA ASN F 391 -24.73 -54.70 22.46
C ASN F 391 -24.26 -54.92 23.89
N GLN F 392 -23.95 -53.83 24.60
CA GLN F 392 -23.50 -53.96 25.98
C GLN F 392 -24.62 -54.43 26.89
N LEU F 393 -25.85 -53.99 26.65
CA LEU F 393 -26.97 -54.49 27.45
C LEU F 393 -27.32 -55.92 27.09
N ALA F 394 -27.07 -56.31 25.84
CA ALA F 394 -27.26 -57.71 25.47
C ALA F 394 -26.24 -58.60 26.18
N GLU F 395 -25.02 -58.11 26.33
CA GLU F 395 -24.01 -58.90 27.02
C GLU F 395 -24.24 -58.92 28.52
N LEU F 396 -24.78 -57.84 29.09
CA LEU F 396 -25.00 -57.80 30.52
C LEU F 396 -26.32 -58.45 30.92
N ASN F 397 -27.15 -58.82 29.95
CA ASN F 397 -28.45 -59.48 30.16
C ASN F 397 -29.39 -58.65 31.02
N ALA F 398 -29.26 -57.32 30.94
CA ALA F 398 -30.08 -56.42 31.70
C ALA F 398 -31.01 -55.65 30.78
N THR F 399 -32.07 -55.11 31.35
CA THR F 399 -33.07 -54.34 30.61
C THR F 399 -33.06 -52.87 30.98
N ASN F 400 -33.20 -52.55 32.26
CA ASN F 400 -33.12 -51.17 32.70
C ASN F 400 -31.67 -50.72 32.67
N ILE F 401 -31.43 -49.64 31.93
CA ILE F 401 -30.10 -49.05 31.93
C ILE F 401 -29.81 -48.40 33.28
N TYR F 402 -30.85 -47.95 33.98
CA TYR F 402 -30.69 -47.19 35.21
C TYR F 402 -30.14 -48.03 36.34
N THR F 403 -30.22 -49.35 36.21
CA THR F 403 -29.66 -50.26 37.18
C THR F 403 -28.20 -50.54 36.97
N VAL F 404 -27.69 -50.33 35.75
CA VAL F 404 -26.37 -50.85 35.39
C VAL F 404 -25.42 -49.73 34.98
N LEU F 405 -25.66 -48.53 35.52
CA LEU F 405 -24.90 -47.34 35.14
C LEU F 405 -23.45 -47.42 35.56
N ASP F 406 -23.14 -48.23 36.57
CA ASP F 406 -21.78 -48.49 37.00
C ASP F 406 -21.06 -49.52 36.14
N LYS F 407 -21.72 -50.06 35.13
CA LYS F 407 -21.15 -51.11 34.31
C LYS F 407 -21.07 -50.74 32.84
N ILE F 408 -21.59 -49.57 32.47
CA ILE F 408 -21.64 -49.18 31.06
C ILE F 408 -20.26 -48.67 30.67
N LYS F 409 -19.56 -49.44 29.85
CA LYS F 409 -18.26 -49.04 29.36
C LYS F 409 -18.41 -48.02 28.24
N LEU F 410 -17.73 -46.90 28.38
CA LEU F 410 -17.80 -45.84 27.39
C LEU F 410 -16.64 -45.97 26.42
N ASN F 411 -16.81 -45.34 25.25
CA ASN F 411 -15.81 -45.40 24.20
C ASN F 411 -15.68 -44.03 23.57
N ALA F 412 -14.70 -43.91 22.68
CA ALA F 412 -14.49 -42.65 21.99
C ALA F 412 -15.62 -42.40 21.01
N LYS F 413 -15.85 -41.12 20.72
CA LYS F 413 -16.80 -40.61 19.73
C LYS F 413 -18.25 -40.96 20.07
N MET F 414 -18.54 -41.27 21.32
CA MET F 414 -19.92 -41.48 21.72
C MET F 414 -20.64 -40.14 21.89
N ASN F 415 -21.97 -40.19 21.83
CA ASN F 415 -22.81 -39.02 21.98
C ASN F 415 -24.00 -39.38 22.84
N ILE F 416 -24.14 -38.70 23.97
CA ILE F 416 -25.14 -39.05 24.98
C ILE F 416 -25.92 -37.80 25.33
N LEU F 417 -27.19 -37.78 24.99
CA LEU F 417 -28.08 -36.68 25.34
C LEU F 417 -28.94 -37.09 26.52
N ILE F 418 -28.90 -36.30 27.59
CA ILE F 418 -29.66 -36.62 28.80
C ILE F 418 -30.60 -35.46 29.07
N ARG F 419 -31.90 -35.73 28.99
CA ARG F 419 -32.89 -34.69 29.17
C ARG F 419 -33.79 -35.02 30.35
N ASP F 420 -34.65 -34.05 30.69
CA ASP F 420 -35.66 -34.27 31.71
C ASP F 420 -36.84 -35.00 31.09
N LYS F 421 -37.40 -35.95 31.83
CA LYS F 421 -38.57 -36.67 31.36
C LYS F 421 -39.84 -35.85 31.44
N ARG F 422 -39.84 -34.77 32.22
CA ARG F 422 -41.06 -33.99 32.42
C ARG F 422 -41.42 -33.20 31.17
N PHE F 423 -40.39 -32.53 30.67
CA PHE F 423 -40.55 -31.60 29.54
C PHE F 423 -40.56 -32.37 28.22
N HIS F 424 -40.94 -31.68 27.15
CA HIS F 424 -40.90 -32.35 25.82
C HIS F 424 -39.83 -31.63 25.01
N TYR F 425 -38.55 -31.91 25.28
CA TYR F 425 -37.49 -31.21 24.48
C TYR F 425 -37.75 -31.42 22.99
N ASP F 426 -37.66 -30.32 22.23
CA ASP F 426 -37.93 -30.28 20.77
C ASP F 426 -36.70 -30.70 19.96
N ARG F 427 -36.81 -30.58 18.63
CA ARG F 427 -35.74 -30.97 17.66
C ARG F 427 -34.47 -30.17 17.95
N ASN F 428 -34.60 -28.88 18.28
CA ASN F 428 -33.42 -28.03 18.59
C ASN F 428 -33.06 -28.14 20.08
N ASN F 429 -33.37 -29.28 20.71
CA ASN F 429 -33.09 -29.54 22.13
C ASN F 429 -33.50 -28.34 23.00
N ILE F 430 -34.76 -27.90 22.86
CA ILE F 430 -35.28 -26.75 23.65
C ILE F 430 -36.55 -27.26 24.34
N ALA F 431 -36.84 -26.78 25.55
CA ALA F 431 -38.05 -27.28 26.24
C ALA F 431 -39.25 -26.94 25.36
N VAL F 432 -40.10 -27.93 25.08
CA VAL F 432 -41.30 -27.72 24.22
C VAL F 432 -42.51 -27.66 25.16
N GLY F 433 -42.27 -27.83 26.46
CA GLY F 433 -43.37 -27.84 27.45
C GLY F 433 -43.50 -29.20 28.11
N ALA F 434 -44.68 -29.49 28.67
CA ALA F 434 -44.92 -30.79 29.34
C ALA F 434 -46.42 -31.11 29.36
N ASP F 435 -46.78 -32.32 29.80
CA ASP F 435 -48.20 -32.77 29.89
C ASP F 435 -48.90 -32.06 31.06
N GLU F 436 -50.25 -32.02 31.07
CA GLU F 436 -50.98 -31.27 32.10
C GLU F 436 -50.57 -31.76 33.50
N SER F 437 -50.45 -33.08 33.69
CA SER F 437 -50.08 -33.64 35.01
C SER F 437 -48.74 -33.02 35.40
N VAL F 438 -47.76 -33.07 34.49
CA VAL F 438 -46.40 -32.50 34.77
C VAL F 438 -46.53 -31.01 35.12
N VAL F 439 -47.24 -30.24 34.30
CA VAL F 439 -47.42 -28.77 34.46
C VAL F 439 -48.15 -28.45 35.78
N LYS F 440 -49.15 -29.25 36.14
CA LYS F 440 -50.01 -29.04 37.35
C LYS F 440 -49.18 -28.85 38.64
N GLU F 441 -47.85 -28.88 38.55
CA GLU F 441 -46.99 -28.70 39.76
C GLU F 441 -46.61 -27.30 40.31
N ALA F 442 -46.21 -26.28 39.54
CA ALA F 442 -45.65 -25.13 40.29
C ALA F 442 -46.43 -23.80 40.28
N HIS F 443 -47.72 -23.81 40.63
CA HIS F 443 -48.60 -22.64 40.79
C HIS F 443 -49.50 -22.81 42.02
N ARG F 444 -49.00 -23.47 43.06
CA ARG F 444 -49.79 -23.69 44.28
C ARG F 444 -49.33 -22.74 45.39
N GLU F 445 -48.56 -21.71 45.04
CA GLU F 445 -48.04 -20.77 46.04
C GLU F 445 -48.44 -19.37 45.59
N VAL F 446 -49.51 -18.85 46.20
CA VAL F 446 -50.03 -17.51 45.94
C VAL F 446 -49.59 -16.61 47.09
N ILE F 447 -49.03 -15.45 46.75
CA ILE F 447 -48.49 -14.52 47.73
C ILE F 447 -49.40 -13.30 47.90
N ASN F 448 -49.69 -12.59 46.82
CA ASN F 448 -50.51 -11.38 46.86
C ASN F 448 -51.65 -11.52 45.86
N SER F 449 -52.88 -11.38 46.36
CA SER F 449 -54.07 -11.38 45.53
C SER F 449 -54.61 -9.96 45.45
N SER F 450 -54.65 -9.41 44.23
CA SER F 450 -55.16 -8.07 44.00
C SER F 450 -55.90 -8.05 42.67
N THR F 451 -56.66 -6.98 42.45
CA THR F 451 -57.29 -6.74 41.16
C THR F 451 -56.35 -6.09 40.17
N GLU F 452 -55.11 -5.83 40.59
CA GLU F 452 -54.06 -5.27 39.76
C GLU F 452 -53.11 -6.31 39.23
N GLY F 453 -52.77 -7.30 40.05
CA GLY F 453 -51.97 -8.40 39.57
C GLY F 453 -51.98 -9.57 40.52
N LEU F 454 -51.11 -10.54 40.21
CA LEU F 454 -50.90 -11.71 41.04
C LEU F 454 -49.41 -11.90 41.26
N LEU F 455 -49.11 -12.19 42.53
CA LEU F 455 -47.74 -12.44 43.08
C LEU F 455 -47.61 -13.95 43.38
N LEU F 456 -46.77 -14.67 42.62
CA LEU F 456 -46.60 -16.08 42.93
C LEU F 456 -45.12 -16.41 43.00
N ASN F 457 -44.83 -17.55 43.62
CA ASN F 457 -43.43 -18.07 43.74
C ASN F 457 -43.28 -19.25 42.76
N ILE F 458 -43.31 -18.95 41.46
CA ILE F 458 -43.23 -20.00 40.38
C ILE F 458 -41.82 -20.60 40.31
N ASP F 459 -41.73 -21.84 39.82
CA ASP F 459 -40.45 -22.59 39.65
C ASP F 459 -39.81 -22.14 38.32
N LYS F 460 -38.47 -22.00 38.30
CA LYS F 460 -37.78 -21.55 37.07
C LYS F 460 -38.04 -22.52 35.91
N ASP F 461 -37.97 -23.83 36.15
CA ASP F 461 -38.15 -24.77 35.03
C ASP F 461 -39.54 -24.57 34.42
N ILE F 462 -40.58 -24.75 35.24
CA ILE F 462 -42.00 -24.59 34.81
C ILE F 462 -42.16 -23.24 34.11
N ARG F 463 -41.52 -22.20 34.66
CA ARG F 463 -41.58 -20.83 34.08
C ARG F 463 -40.98 -20.84 32.67
N LYS F 464 -39.93 -21.64 32.47
CA LYS F 464 -39.26 -21.56 31.15
C LYS F 464 -40.11 -22.16 30.03
N ILE F 465 -40.89 -23.19 30.34
CA ILE F 465 -41.77 -23.86 29.33
C ILE F 465 -43.10 -23.11 29.26
N LEU F 466 -43.17 -21.90 29.84
CA LEU F 466 -44.42 -21.10 29.85
C LEU F 466 -44.19 -19.81 29.03
N SER F 467 -45.09 -19.53 28.09
CA SER F 467 -44.98 -18.31 27.23
C SER F 467 -45.70 -17.12 27.87
N GLY F 468 -47.02 -17.07 27.77
CA GLY F 468 -47.78 -15.98 28.34
C GLY F 468 -48.99 -16.49 29.10
N TYR F 469 -49.89 -15.57 29.43
CA TYR F 469 -51.04 -15.86 30.27
C TYR F 469 -52.34 -15.35 29.65
N ILE F 470 -53.45 -15.98 30.04
CA ILE F 470 -54.80 -15.63 29.60
C ILE F 470 -55.63 -15.32 30.84
N VAL F 471 -56.30 -14.16 30.82
CA VAL F 471 -57.12 -13.74 31.99
C VAL F 471 -58.58 -13.53 31.56
N GLU F 472 -59.47 -14.41 32.05
CA GLU F 472 -60.90 -14.32 31.76
C GLU F 472 -61.68 -14.28 33.07
N ILE F 473 -63.00 -14.09 32.95
CA ILE F 473 -63.93 -14.00 34.07
C ILE F 473 -65.13 -14.89 33.77
N GLU F 474 -65.43 -15.81 34.70
CA GLU F 474 -66.53 -16.78 34.52
C GLU F 474 -67.72 -16.40 35.40
N ASP F 475 -68.91 -16.26 34.78
CA ASP F 475 -70.17 -15.93 35.49
C ASP F 475 -70.68 -17.17 36.25
N THR F 476 -71.50 -16.95 37.28
CA THR F 476 -72.08 -18.03 38.12
C THR F 476 -72.60 -19.18 37.23
N GLU F 477 -73.32 -18.83 36.16
CA GLU F 477 -73.83 -19.82 35.23
C GLU F 477 -72.78 -20.24 34.20
N GLY F 478 -71.87 -19.32 33.87
CA GLY F 478 -70.76 -19.69 32.98
C GLY F 478 -70.66 -18.90 31.70
N LEU F 479 -69.87 -17.82 31.73
CA LEU F 479 -69.54 -17.06 30.53
C LEU F 479 -68.03 -17.06 30.34
N LYS F 480 -67.60 -16.64 29.15
CA LYS F 480 -66.18 -16.58 28.80
C LYS F 480 -65.90 -15.18 28.27
N GLU F 481 -65.63 -14.26 29.19
CA GLU F 481 -65.27 -12.89 28.87
C GLU F 481 -63.79 -12.71 29.19
N VAL F 482 -62.96 -12.59 28.14
CA VAL F 482 -61.48 -12.47 28.31
C VAL F 482 -61.02 -11.02 28.10
N ILE F 483 -60.49 -10.40 29.15
CA ILE F 483 -59.97 -8.99 29.08
C ILE F 483 -58.77 -8.94 28.11
N ASN F 484 -57.86 -9.92 28.22
CA ASN F 484 -56.66 -9.99 27.33
C ASN F 484 -57.00 -10.99 26.21
N ASP F 485 -57.90 -10.58 25.31
CA ASP F 485 -58.44 -11.42 24.22
C ASP F 485 -57.69 -11.16 22.89
N ARG F 486 -56.36 -11.38 22.87
CA ARG F 486 -55.53 -11.19 21.65
C ARG F 486 -54.38 -12.20 21.68
N TYR F 487 -53.83 -12.56 20.50
CA TYR F 487 -52.73 -13.55 20.43
C TYR F 487 -51.42 -12.92 20.94
N ASP F 488 -51.40 -11.58 20.99
CA ASP F 488 -50.26 -10.80 21.45
C ASP F 488 -50.55 -10.01 22.72
N MET F 489 -51.59 -10.38 23.47
CA MET F 489 -51.86 -9.80 24.77
C MET F 489 -51.58 -10.80 25.88
N LEU F 490 -50.64 -11.71 25.65
CA LEU F 490 -50.35 -12.77 26.65
C LEU F 490 -49.22 -12.34 27.60
N ASN F 491 -48.25 -11.57 27.10
CA ASN F 491 -47.10 -11.22 27.92
C ASN F 491 -47.50 -10.25 29.02
N ILE F 492 -47.75 -10.76 30.22
CA ILE F 492 -48.06 -9.94 31.39
C ILE F 492 -47.13 -10.35 32.52
N SER F 493 -46.57 -11.56 32.42
CA SER F 493 -45.78 -12.15 33.49
C SER F 493 -44.41 -11.48 33.59
N SER F 494 -44.20 -10.85 34.75
CA SER F 494 -42.91 -10.22 35.15
C SER F 494 -42.34 -10.98 36.36
N LEU F 495 -41.17 -10.54 36.85
CA LEU F 495 -40.50 -11.21 38.00
C LEU F 495 -39.91 -10.14 38.94
N ARG F 496 -39.62 -10.49 40.19
CA ARG F 496 -39.05 -9.52 41.16
C ARG F 496 -37.89 -10.13 41.97
N GLN F 497 -37.22 -9.28 42.76
CA GLN F 497 -36.02 -9.57 43.63
C GLN F 497 -36.36 -10.47 44.83
N ASP F 498 -37.64 -10.66 45.13
CA ASP F 498 -38.19 -11.50 46.21
C ASP F 498 -38.44 -12.92 45.69
N GLY F 499 -37.97 -13.22 44.47
CA GLY F 499 -38.21 -14.53 43.83
C GLY F 499 -39.69 -14.74 43.64
N LYS F 500 -40.37 -13.67 43.20
CA LYS F 500 -41.84 -13.74 42.99
C LYS F 500 -42.24 -13.38 41.55
N THR F 501 -42.56 -14.38 40.72
CA THR F 501 -43.02 -14.13 39.34
C THR F 501 -44.31 -13.31 39.43
N PHE F 502 -44.28 -12.04 39.01
CA PHE F 502 -45.48 -11.17 39.14
C PHE F 502 -46.29 -11.07 37.84
N ILE F 503 -47.57 -11.38 37.99
CA ILE F 503 -48.58 -11.25 36.94
C ILE F 503 -49.19 -9.87 37.07
N ASP F 504 -49.61 -9.28 35.95
CA ASP F 504 -50.16 -7.93 35.95
C ASP F 504 -51.39 -7.88 35.05
N PHE F 505 -52.55 -7.58 35.62
CA PHE F 505 -53.75 -7.41 34.81
C PHE F 505 -53.77 -6.05 34.13
N LYS F 506 -53.15 -5.05 34.76
CA LYS F 506 -53.30 -3.64 34.36
C LYS F 506 -52.70 -3.34 33.00
N LYS F 507 -51.63 -4.07 32.62
CA LYS F 507 -50.90 -3.83 31.37
C LYS F 507 -51.79 -3.92 30.14
N TYR F 508 -52.76 -4.81 30.14
CA TYR F 508 -53.66 -4.92 29.00
C TYR F 508 -55.11 -4.67 29.42
N ASN F 509 -55.29 -3.65 30.26
CA ASN F 509 -56.64 -3.22 30.63
C ASN F 509 -56.75 -1.69 30.61
N ASP F 510 -55.88 -1.02 29.85
CA ASP F 510 -55.80 0.45 29.73
C ASP F 510 -55.54 1.09 31.09
N LYS F 511 -54.43 0.67 31.71
CA LYS F 511 -54.04 1.14 33.07
C LYS F 511 -55.22 0.95 34.01
N LEU F 512 -56.22 0.17 33.58
CA LEU F 512 -57.45 -0.13 34.36
C LEU F 512 -57.42 -1.61 34.77
N PRO F 513 -57.71 -1.97 36.04
CA PRO F 513 -57.66 -3.35 36.48
C PRO F 513 -58.77 -4.19 35.85
N LEU F 514 -58.53 -5.51 35.72
CA LEU F 514 -59.51 -6.48 35.18
C LEU F 514 -60.76 -6.41 36.06
N TYR F 515 -61.96 -6.41 35.45
CA TYR F 515 -63.18 -6.27 36.29
C TYR F 515 -63.97 -7.58 36.36
N ILE F 516 -64.47 -7.83 37.58
CA ILE F 516 -65.43 -8.90 38.00
C ILE F 516 -66.65 -8.14 38.54
N SER F 517 -67.88 -8.42 38.07
CA SER F 517 -69.02 -7.57 38.54
C SER F 517 -69.28 -7.70 40.05
N ASN F 518 -69.55 -8.91 40.52
CA ASN F 518 -69.87 -9.21 41.94
C ASN F 518 -68.98 -10.36 42.43
N PRO F 519 -69.00 -10.71 43.74
CA PRO F 519 -68.15 -11.78 44.26
C PRO F 519 -68.42 -13.11 43.56
N ASN F 520 -69.69 -13.41 43.27
CA ASN F 520 -70.07 -14.67 42.55
C ASN F 520 -69.55 -14.57 41.12
N TYR F 521 -68.23 -14.48 40.96
CA TYR F 521 -67.55 -14.36 39.63
C TYR F 521 -66.16 -14.99 39.79
N LYS F 522 -65.86 -16.01 38.98
CA LYS F 522 -64.57 -16.73 39.14
C LYS F 522 -63.49 -16.08 38.26
N VAL F 523 -62.54 -15.38 38.89
CA VAL F 523 -61.45 -14.73 38.16
C VAL F 523 -60.47 -15.82 37.77
N ASN F 524 -60.47 -16.17 36.48
CA ASN F 524 -59.64 -17.23 35.97
C ASN F 524 -58.39 -16.66 35.31
N VAL F 525 -57.24 -17.26 35.61
CA VAL F 525 -55.98 -16.95 34.96
C VAL F 525 -55.39 -18.25 34.43
N TYR F 526 -55.10 -18.30 33.13
CA TYR F 526 -54.56 -19.53 32.50
C TYR F 526 -53.13 -19.29 32.00
N ALA F 527 -52.54 -20.34 31.40
CA ALA F 527 -51.16 -20.29 30.85
C ALA F 527 -51.18 -20.85 29.42
N VAL F 528 -50.18 -20.49 28.60
CA VAL F 528 -50.13 -20.96 27.18
C VAL F 528 -48.89 -21.85 26.96
N THR F 529 -49.11 -23.11 26.60
CA THR F 529 -48.01 -24.07 26.29
C THR F 529 -47.22 -23.50 25.10
N LYS F 530 -45.89 -23.45 25.19
CA LYS F 530 -45.08 -22.91 24.07
C LYS F 530 -45.42 -23.66 22.77
N GLU F 531 -45.46 -24.99 22.83
CA GLU F 531 -45.76 -25.85 21.66
C GLU F 531 -47.02 -25.33 20.94
N ASN F 532 -48.10 -25.10 21.69
CA ASN F 532 -49.37 -24.60 21.10
C ASN F 532 -49.32 -23.07 20.97
N THR F 533 -48.45 -22.55 20.11
CA THR F 533 -48.33 -21.08 19.90
C THR F 533 -48.14 -20.81 18.40
N ILE F 534 -48.31 -19.57 17.94
CA ILE F 534 -48.06 -19.25 16.49
C ILE F 534 -47.61 -17.79 16.36
N ILE F 535 -46.99 -17.43 15.22
CA ILE F 535 -46.54 -16.03 15.02
C ILE F 535 -47.40 -15.37 13.95
N ASN F 536 -48.57 -15.96 13.65
CA ASN F 536 -49.43 -15.44 12.55
C ASN F 536 -50.85 -15.08 13.02
N PRO F 537 -51.37 -13.89 12.66
CA PRO F 537 -52.75 -13.49 12.99
C PRO F 537 -53.75 -14.31 12.15
N SER F 538 -55.00 -14.43 12.62
CA SER F 538 -56.05 -15.29 12.00
C SER F 538 -56.51 -14.81 10.62
N GLU F 539 -57.08 -15.74 9.85
CA GLU F 539 -57.59 -15.51 8.47
C GLU F 539 -58.72 -14.48 8.46
N ASN F 540 -59.56 -14.49 9.51
CA ASN F 540 -60.71 -13.57 9.64
C ASN F 540 -60.29 -12.35 10.48
N GLY F 541 -58.98 -12.19 10.66
CA GLY F 541 -58.44 -11.03 11.40
C GLY F 541 -58.75 -11.10 12.88
N ASP F 542 -59.35 -12.22 13.29
CA ASP F 542 -59.68 -12.45 14.72
C ASP F 542 -58.44 -13.05 15.38
N THR F 543 -57.80 -12.28 16.26
CA THR F 543 -56.57 -12.74 16.97
C THR F 543 -56.97 -13.46 18.26
N SER F 544 -58.29 -13.60 18.50
CA SER F 544 -58.80 -14.28 19.73
C SER F 544 -58.50 -15.78 19.66
N THR F 545 -58.32 -16.42 20.82
CA THR F 545 -58.01 -17.87 20.89
C THR F 545 -59.32 -18.67 20.84
N ASN F 546 -59.96 -18.70 19.66
CA ASN F 546 -61.24 -19.44 19.48
C ASN F 546 -61.00 -20.94 19.68
N GLY F 547 -59.86 -21.46 19.22
CA GLY F 547 -59.54 -22.89 19.34
C GLY F 547 -58.15 -23.12 19.92
N ILE F 548 -57.96 -22.84 21.21
CA ILE F 548 -56.65 -23.02 21.88
C ILE F 548 -56.80 -24.02 23.04
N LYS F 549 -55.69 -24.37 23.69
CA LYS F 549 -55.70 -25.33 24.82
C LYS F 549 -55.19 -24.61 26.08
N LYS F 550 -55.93 -24.74 27.19
CA LYS F 550 -55.55 -24.08 28.47
C LYS F 550 -55.56 -25.10 29.61
N ILE F 551 -54.80 -24.81 30.67
CA ILE F 551 -54.69 -25.70 31.87
C ILE F 551 -54.92 -24.87 33.13
N LEU F 552 -55.55 -25.46 34.15
CA LEU F 552 -55.84 -24.78 35.45
C LEU F 552 -54.57 -24.07 35.95
N ILE F 553 -54.65 -22.76 36.17
CA ILE F 553 -53.48 -22.00 36.73
C ILE F 553 -53.96 -21.13 37.90
N PHE F 554 -55.21 -20.67 37.84
CA PHE F 554 -55.77 -19.82 38.89
C PHE F 554 -57.28 -19.74 38.73
N SER F 555 -58.00 -20.08 39.80
CA SER F 555 -59.44 -19.92 39.83
C SER F 555 -59.93 -19.65 41.25
N LYS F 556 -60.11 -18.37 41.59
CA LYS F 556 -60.59 -17.98 42.91
C LYS F 556 -61.77 -17.03 42.75
N LYS F 557 -62.57 -16.93 43.81
CA LYS F 557 -63.73 -16.05 43.82
C LYS F 557 -63.31 -14.58 43.92
N GLY F 558 -64.29 -13.71 43.82
CA GLY F 558 -64.05 -12.27 43.80
C GLY F 558 -63.98 -11.65 45.19
N TYR F 559 -64.57 -12.31 46.18
CA TYR F 559 -64.48 -11.86 47.56
C TYR F 559 -63.25 -12.39 48.28
N GLU F 560 -62.42 -13.17 47.60
CA GLU F 560 -61.22 -13.76 48.18
C GLU F 560 -59.95 -13.14 47.61
N ILE F 561 -60.07 -11.96 46.99
CA ILE F 561 -58.95 -11.31 46.35
C ILE F 561 -58.75 -9.95 46.99
N GLY F 562 -59.79 -9.12 46.98
CA GLY F 562 -59.75 -7.81 47.61
C GLY F 562 -60.72 -6.83 47.01
N THR G 1 23.92 -52.04 21.04
CA THR G 1 23.12 -51.04 20.33
C THR G 1 22.55 -51.61 19.04
N VAL G 2 21.22 -51.72 18.99
CA VAL G 2 20.54 -52.28 17.82
C VAL G 2 20.43 -51.21 16.75
N PRO G 3 20.66 -51.54 15.48
CA PRO G 3 20.58 -50.53 14.42
C PRO G 3 19.16 -50.19 14.00
N ASP G 4 18.98 -48.92 13.63
CA ASP G 4 17.76 -48.40 12.99
C ASP G 4 18.25 -47.33 12.01
N ARG G 5 18.50 -47.77 10.77
CA ARG G 5 19.05 -46.87 9.75
C ARG G 5 18.04 -45.80 9.39
N ASP G 6 16.78 -46.18 9.33
CA ASP G 6 15.70 -45.25 9.04
C ASP G 6 15.41 -44.27 10.16
N ASN G 7 16.02 -44.48 11.34
CA ASN G 7 16.04 -43.53 12.46
C ASN G 7 14.64 -43.25 12.99
N ASP G 8 13.71 -44.15 12.71
CA ASP G 8 12.33 -43.98 13.09
C ASP G 8 12.00 -44.65 14.40
N GLY G 9 13.01 -44.92 15.23
CA GLY G 9 12.78 -45.44 16.56
C GLY G 9 12.45 -46.91 16.59
N ILE G 10 12.54 -47.60 15.46
CA ILE G 10 12.20 -49.00 15.37
C ILE G 10 13.25 -49.72 14.54
N PRO G 11 13.83 -50.79 15.06
CA PRO G 11 14.99 -51.40 14.42
C PRO G 11 14.63 -52.08 13.11
N ASP G 12 15.70 -52.40 12.38
CA ASP G 12 15.57 -52.70 10.97
C ASP G 12 15.09 -54.13 10.75
N SER G 13 15.62 -55.07 11.55
CA SER G 13 15.23 -56.46 11.44
C SER G 13 13.77 -56.68 11.78
N LEU G 14 13.22 -55.87 12.68
CA LEU G 14 11.80 -56.02 13.00
C LEU G 14 10.94 -55.56 11.84
N GLU G 15 11.32 -54.43 11.22
CA GLU G 15 10.57 -53.92 10.07
C GLU G 15 10.67 -54.88 8.89
N VAL G 16 11.79 -55.59 8.78
CA VAL G 16 11.91 -56.58 7.72
C VAL G 16 11.06 -57.81 8.03
N GLU G 17 11.25 -58.38 9.20
CA GLU G 17 10.77 -59.72 9.50
C GLU G 17 9.38 -59.75 10.10
N GLY G 18 8.82 -58.60 10.43
CA GLY G 18 7.49 -58.63 10.99
C GLY G 18 7.51 -58.27 12.47
N TYR G 19 6.51 -57.52 12.88
CA TYR G 19 6.43 -57.04 14.25
C TYR G 19 4.98 -56.67 14.54
N THR G 20 4.76 -56.19 15.76
CA THR G 20 3.45 -55.76 16.22
C THR G 20 3.62 -54.88 17.44
N VAL G 21 2.55 -54.22 17.81
CA VAL G 21 2.47 -53.38 19.00
C VAL G 21 1.39 -53.96 19.89
N ASP G 22 1.71 -54.14 21.17
CA ASP G 22 0.74 -54.74 22.08
C ASP G 22 0.80 -54.08 23.45
N VAL G 23 -0.35 -53.73 23.99
CA VAL G 23 -0.42 -53.26 25.35
C VAL G 23 -0.45 -54.45 26.29
N LYS G 24 0.15 -54.30 27.46
CA LYS G 24 0.12 -55.36 28.45
C LYS G 24 -0.71 -54.98 29.67
N ASN G 25 -0.38 -53.89 30.35
CA ASN G 25 -1.22 -53.43 31.44
C ASN G 25 -1.84 -52.09 31.10
N LYS G 26 -1.02 -51.07 30.87
CA LYS G 26 -1.43 -49.82 30.26
C LYS G 26 -0.33 -49.30 29.36
N ARG G 27 0.53 -50.18 28.86
CA ARG G 27 1.78 -49.77 28.25
C ARG G 27 2.01 -50.48 26.93
N THR G 28 2.22 -49.69 25.87
CA THR G 28 2.43 -50.23 24.50
C THR G 28 3.81 -50.89 24.38
N PHE G 29 3.85 -52.12 23.88
CA PHE G 29 5.13 -52.86 23.68
C PHE G 29 5.31 -53.17 22.19
N LEU G 30 6.49 -52.82 21.64
CA LEU G 30 6.81 -53.05 20.21
C LEU G 30 7.47 -54.42 20.07
N SER G 31 6.67 -55.50 20.08
CA SER G 31 7.20 -56.84 19.98
C SER G 31 7.53 -57.18 18.54
N PRO G 32 8.50 -58.05 18.31
CA PRO G 32 8.58 -58.75 17.02
C PRO G 32 7.46 -59.76 16.92
N TRP G 33 7.20 -60.20 15.69
CA TRP G 33 6.05 -61.04 15.44
C TRP G 33 6.27 -62.46 15.96
N ILE G 34 5.35 -62.92 16.78
CA ILE G 34 5.27 -64.31 17.22
C ILE G 34 3.87 -64.81 16.91
N SER G 35 3.78 -65.88 16.13
CA SER G 35 2.48 -66.35 15.67
C SER G 35 1.72 -67.13 16.74
N ASN G 36 2.37 -67.51 17.83
CA ASN G 36 1.68 -68.29 18.85
C ASN G 36 0.76 -67.43 19.70
N ILE G 37 1.09 -66.16 19.84
CA ILE G 37 0.43 -65.27 20.79
C ILE G 37 -0.35 -64.19 20.08
N HIS G 38 0.31 -63.48 19.17
CA HIS G 38 -0.25 -62.29 18.59
C HIS G 38 -1.31 -62.61 17.55
N GLU G 39 -1.20 -63.77 16.93
CA GLU G 39 -2.22 -64.23 16.00
C GLU G 39 -3.50 -64.60 16.73
N LYS G 40 -3.38 -65.17 17.93
CA LYS G 40 -4.56 -65.49 18.71
C LYS G 40 -5.24 -64.23 19.23
N LYS G 41 -4.46 -63.17 19.45
CA LYS G 41 -5.05 -61.91 19.90
C LYS G 41 -5.66 -61.13 18.76
N GLY G 42 -5.37 -61.50 17.51
CA GLY G 42 -5.86 -60.75 16.38
C GLY G 42 -5.00 -59.59 15.99
N LEU G 43 -3.77 -59.54 16.47
CA LEU G 43 -2.87 -58.44 16.15
C LEU G 43 -2.38 -58.58 14.72
N THR G 44 -2.22 -57.45 14.05
CA THR G 44 -1.84 -57.45 12.65
C THR G 44 -0.33 -57.39 12.51
N LYS G 45 0.23 -58.34 11.77
CA LYS G 45 1.67 -58.37 11.54
C LYS G 45 2.06 -57.23 10.60
N TYR G 46 3.11 -56.51 10.98
CA TYR G 46 3.51 -55.30 10.29
C TYR G 46 4.89 -55.47 9.67
N LYS G 47 5.04 -55.03 8.43
CA LYS G 47 6.34 -54.97 7.79
C LYS G 47 6.51 -53.61 7.14
N SER G 48 7.73 -53.09 7.17
CA SER G 48 7.99 -51.77 6.60
C SER G 48 9.46 -51.68 6.22
N SER G 49 9.84 -50.52 5.74
CA SER G 49 11.20 -50.40 5.25
C SER G 49 12.18 -50.18 6.39
N PRO G 50 13.33 -50.84 6.34
CA PRO G 50 14.40 -50.57 7.30
C PRO G 50 15.13 -49.28 7.02
N GLU G 51 14.92 -48.68 5.85
CA GLU G 51 15.64 -47.48 5.49
C GLU G 51 14.73 -46.30 5.23
N LYS G 52 13.41 -46.49 5.30
CA LYS G 52 12.51 -45.35 5.19
C LYS G 52 11.96 -45.03 6.56
N TRP G 53 12.20 -43.79 6.99
CA TRP G 53 11.58 -43.25 8.18
C TRP G 53 10.06 -43.25 8.05
N SER G 54 9.58 -43.00 6.83
CA SER G 54 8.18 -43.18 6.49
C SER G 54 8.15 -44.03 5.23
N THR G 55 7.70 -45.27 5.38
CA THR G 55 7.73 -46.21 4.27
C THR G 55 6.73 -45.82 3.19
N ALA G 56 5.62 -45.20 3.57
CA ALA G 56 4.67 -44.68 2.59
C ALA G 56 4.99 -43.28 2.14
N SER G 57 6.09 -42.69 2.64
CA SER G 57 6.61 -41.36 2.34
C SER G 57 5.68 -40.22 2.76
N ASP G 58 4.54 -40.52 3.38
CA ASP G 58 3.69 -39.52 3.98
C ASP G 58 4.41 -38.90 5.18
N PRO G 59 4.02 -37.68 5.61
CA PRO G 59 4.77 -37.01 6.70
C PRO G 59 4.49 -37.57 8.09
N TYR G 60 4.53 -38.90 8.21
CA TYR G 60 4.28 -39.59 9.46
C TYR G 60 5.17 -40.81 9.48
N SER G 61 5.86 -41.04 10.59
CA SER G 61 6.79 -42.15 10.65
C SER G 61 6.04 -43.47 10.69
N ASP G 62 6.80 -44.55 10.52
CA ASP G 62 6.25 -45.88 10.70
C ASP G 62 5.84 -46.09 12.16
N PHE G 63 6.69 -45.62 13.07
CA PHE G 63 6.47 -45.84 14.50
C PHE G 63 5.29 -45.05 15.02
N GLU G 64 5.15 -43.80 14.56
CA GLU G 64 3.99 -42.99 14.94
C GLU G 64 2.71 -43.62 14.45
N LYS G 65 2.77 -44.24 13.28
CA LYS G 65 1.57 -44.79 12.67
C LYS G 65 1.16 -46.09 13.33
N VAL G 66 2.13 -46.88 13.80
CA VAL G 66 1.76 -48.10 14.50
C VAL G 66 1.51 -47.86 15.98
N THR G 67 2.08 -46.78 16.53
CA THR G 67 1.93 -46.53 17.95
C THR G 67 0.61 -45.84 18.23
N GLY G 68 0.22 -44.92 17.35
CA GLY G 68 -0.94 -44.09 17.57
C GLY G 68 -0.60 -42.67 17.94
N ARG G 69 0.67 -42.31 18.04
CA ARG G 69 1.08 -40.95 18.36
C ARG G 69 1.07 -40.11 17.08
N ILE G 70 -0.15 -39.82 16.64
CA ILE G 70 -0.42 -39.27 15.33
C ILE G 70 -1.62 -38.34 15.47
N ASP G 71 -1.82 -37.50 14.46
CA ASP G 71 -3.09 -36.81 14.30
C ASP G 71 -4.19 -37.85 14.16
N LYS G 72 -5.15 -37.79 15.08
CA LYS G 72 -6.19 -38.81 15.15
C LYS G 72 -7.22 -38.68 14.04
N ASN G 73 -7.20 -37.58 13.28
CA ASN G 73 -8.08 -37.44 12.14
C ASN G 73 -7.67 -38.31 10.97
N VAL G 74 -6.49 -38.90 11.03
CA VAL G 74 -6.10 -39.94 10.08
C VAL G 74 -7.05 -41.10 10.21
N SER G 75 -7.56 -41.57 9.06
CA SER G 75 -8.49 -42.68 9.03
C SER G 75 -7.83 -43.95 9.55
N PRO G 76 -8.61 -44.86 10.15
CA PRO G 76 -8.01 -46.07 10.75
C PRO G 76 -7.40 -47.01 9.74
N GLU G 77 -7.95 -47.09 8.53
CA GLU G 77 -7.33 -47.92 7.51
C GLU G 77 -6.04 -47.32 7.00
N ALA G 78 -5.79 -46.03 7.24
CA ALA G 78 -4.50 -45.44 6.94
C ALA G 78 -3.51 -45.61 8.07
N ARG G 79 -3.88 -46.34 9.13
CA ARG G 79 -2.91 -46.56 10.20
C ARG G 79 -1.95 -47.69 9.88
N HIS G 80 -2.12 -48.35 8.75
CA HIS G 80 -1.12 -49.33 8.35
C HIS G 80 0.02 -48.62 7.61
N PRO G 81 1.28 -49.04 7.85
CA PRO G 81 2.42 -48.32 7.27
C PRO G 81 2.50 -48.37 5.77
N LEU G 82 1.99 -49.42 5.15
CA LEU G 82 2.01 -49.51 3.71
C LEU G 82 0.82 -48.79 3.07
N VAL G 83 -0.03 -48.17 3.88
CA VAL G 83 -1.16 -47.40 3.40
C VAL G 83 -0.82 -45.93 3.54
N ALA G 84 -0.91 -45.20 2.43
CA ALA G 84 -0.61 -43.77 2.44
C ALA G 84 -1.73 -42.99 3.11
N ALA G 85 -1.37 -41.84 3.65
CA ALA G 85 -2.31 -40.93 4.29
C ALA G 85 -2.14 -39.55 3.69
N TYR G 86 -3.16 -39.07 2.98
CA TYR G 86 -3.02 -37.80 2.29
C TYR G 86 -4.40 -37.21 2.06
N PRO G 87 -4.53 -35.89 2.04
CA PRO G 87 -5.81 -35.27 1.72
C PRO G 87 -6.08 -35.22 0.23
N ILE G 88 -7.37 -35.28 -0.10
CA ILE G 88 -7.86 -35.04 -1.44
C ILE G 88 -8.90 -33.96 -1.33
N VAL G 89 -8.60 -32.79 -1.85
CA VAL G 89 -9.46 -31.63 -1.72
C VAL G 89 -9.86 -31.16 -3.11
N HIS G 90 -11.15 -30.96 -3.30
CA HIS G 90 -11.65 -30.30 -4.50
C HIS G 90 -12.83 -29.44 -4.11
N VAL G 91 -13.03 -28.37 -4.87
CA VAL G 91 -14.00 -27.34 -4.54
C VAL G 91 -15.19 -27.49 -5.47
N ASP G 92 -16.39 -27.43 -4.91
CA ASP G 92 -17.61 -27.35 -5.67
C ASP G 92 -18.18 -25.94 -5.59
N MET G 93 -19.01 -25.59 -6.56
CA MET G 93 -19.58 -24.26 -6.67
C MET G 93 -21.10 -24.38 -6.60
N GLU G 94 -21.69 -23.84 -5.55
CA GLU G 94 -23.13 -24.03 -5.42
C GLU G 94 -23.91 -22.93 -6.13
N ASN G 95 -23.38 -21.71 -6.15
CA ASN G 95 -24.22 -20.63 -6.64
C ASN G 95 -23.35 -19.51 -7.19
N ILE G 96 -23.92 -18.83 -8.19
CA ILE G 96 -23.35 -17.63 -8.79
C ILE G 96 -24.13 -16.43 -8.31
N ILE G 97 -23.46 -15.29 -8.19
CA ILE G 97 -24.10 -14.01 -7.99
C ILE G 97 -23.42 -13.02 -8.91
N LEU G 98 -24.14 -12.54 -9.91
CA LEU G 98 -23.64 -11.49 -10.78
C LEU G 98 -24.39 -10.20 -10.48
N SER G 99 -23.66 -9.10 -10.46
CA SER G 99 -24.25 -7.79 -10.23
C SER G 99 -23.85 -6.88 -11.37
N LYS G 100 -24.85 -6.27 -12.00
CA LYS G 100 -24.58 -5.37 -13.11
C LYS G 100 -24.15 -4.01 -12.55
N ASN G 101 -22.91 -3.63 -12.83
CA ASN G 101 -22.38 -2.35 -12.38
C ASN G 101 -22.88 -1.28 -13.33
N GLU G 102 -24.13 -0.90 -13.16
CA GLU G 102 -24.78 0.13 -13.95
C GLU G 102 -25.29 1.19 -12.99
N ASP G 103 -24.99 2.46 -13.27
CA ASP G 103 -25.45 3.50 -12.37
C ASP G 103 -26.53 4.34 -13.05
N GLN G 104 -27.70 4.37 -12.43
CA GLN G 104 -28.84 5.07 -13.00
C GLN G 104 -29.25 6.22 -12.10
N SER G 105 -29.86 7.22 -12.69
CA SER G 105 -30.27 8.40 -11.96
C SER G 105 -31.55 8.96 -12.56
N THR G 106 -32.40 9.50 -11.70
CA THR G 106 -33.63 10.15 -12.11
C THR G 106 -33.62 11.58 -11.59
N GLN G 107 -34.07 12.51 -12.42
CA GLN G 107 -34.11 13.93 -12.08
C GLN G 107 -35.52 14.46 -12.29
N ASN G 108 -36.02 15.18 -11.29
CA ASN G 108 -37.28 15.87 -11.39
C ASN G 108 -37.01 17.36 -11.25
N THR G 109 -37.68 18.17 -12.07
CA THR G 109 -37.41 19.60 -12.12
C THR G 109 -38.71 20.38 -12.26
N ASP G 110 -38.89 21.43 -11.47
CA ASP G 110 -40.02 22.34 -11.61
C ASP G 110 -39.51 23.75 -11.89
N SER G 111 -40.21 24.48 -12.75
CA SER G 111 -39.75 25.81 -13.18
C SER G 111 -40.93 26.73 -13.38
N GLN G 112 -40.95 27.86 -12.68
CA GLN G 112 -41.99 28.87 -12.82
C GLN G 112 -41.37 30.16 -13.28
N THR G 113 -41.80 30.66 -14.44
CA THR G 113 -41.20 31.80 -15.11
C THR G 113 -42.24 32.91 -15.26
N ARG G 114 -41.88 34.11 -14.81
CA ARG G 114 -42.75 35.27 -14.94
C ARG G 114 -42.08 36.26 -15.87
N THR G 115 -42.65 36.43 -17.07
CA THR G 115 -42.05 37.29 -18.08
C THR G 115 -42.95 38.50 -18.30
N ILE G 116 -42.45 39.67 -17.97
CA ILE G 116 -43.19 40.92 -18.07
C ILE G 116 -42.57 41.74 -19.20
N SER G 117 -43.35 42.03 -20.23
CA SER G 117 -42.84 42.52 -21.49
C SER G 117 -43.48 43.84 -21.85
N LYS G 118 -42.69 44.75 -22.42
CA LYS G 118 -43.16 46.04 -22.91
C LYS G 118 -42.93 46.11 -24.41
N ASN G 119 -43.74 46.91 -25.10
CA ASN G 119 -43.57 47.13 -26.53
C ASN G 119 -44.13 48.51 -26.86
N THR G 120 -43.56 49.19 -27.84
CA THR G 120 -44.18 50.40 -28.38
C THR G 120 -43.95 50.45 -29.88
N SER G 121 -44.61 51.39 -30.55
CA SER G 121 -44.64 51.43 -32.00
C SER G 121 -45.03 52.81 -32.51
N THR G 122 -44.50 53.17 -33.68
CA THR G 122 -45.08 54.20 -34.55
C THR G 122 -45.11 53.67 -35.97
N SER G 123 -45.80 54.39 -36.85
CA SER G 123 -45.99 54.02 -38.25
C SER G 123 -46.35 55.28 -39.03
N ARG G 124 -45.87 55.38 -40.28
CA ARG G 124 -46.19 56.53 -41.12
C ARG G 124 -46.47 56.09 -42.55
N THR G 125 -47.69 56.35 -43.01
CA THR G 125 -48.21 55.84 -44.28
C THR G 125 -48.38 57.00 -45.25
N HIS G 126 -47.99 56.81 -46.51
CA HIS G 126 -48.17 57.85 -47.52
C HIS G 126 -48.85 57.24 -48.74
N THR G 127 -50.08 57.68 -49.01
CA THR G 127 -50.97 57.01 -49.95
C THR G 127 -51.29 57.94 -51.12
N SER G 128 -51.06 57.47 -52.34
CA SER G 128 -51.51 58.12 -53.56
C SER G 128 -52.58 57.27 -54.22
N GLU G 129 -53.31 57.87 -55.16
CA GLU G 129 -54.53 57.30 -55.74
C GLU G 129 -54.92 58.05 -57.00
N VAL G 130 -55.22 57.32 -58.08
CA VAL G 130 -55.64 57.91 -59.35
C VAL G 130 -56.90 57.18 -59.82
N HIS G 131 -58.05 57.85 -59.73
CA HIS G 131 -59.36 57.30 -60.07
C HIS G 131 -59.75 57.64 -61.51
N GLY G 132 -60.53 56.74 -62.12
CA GLY G 132 -61.12 57.00 -63.42
C GLY G 132 -62.61 56.70 -63.40
N ASN G 133 -63.30 57.21 -64.43
CA ASN G 133 -64.74 57.08 -64.55
C ASN G 133 -65.16 57.43 -65.97
N ALA G 134 -66.14 56.69 -66.48
CA ALA G 134 -66.88 57.03 -67.69
C ALA G 134 -68.35 56.70 -67.44
N GLU G 135 -69.25 57.38 -68.16
CA GLU G 135 -70.68 57.22 -67.87
C GLU G 135 -71.49 57.49 -69.12
N VAL G 136 -72.48 56.64 -69.40
CA VAL G 136 -73.38 56.81 -70.53
C VAL G 136 -74.82 56.77 -70.01
N HIS G 137 -75.52 57.90 -70.10
CA HIS G 137 -76.89 58.03 -69.64
C HIS G 137 -77.83 58.09 -70.83
N ALA G 138 -79.01 57.48 -70.70
CA ALA G 138 -79.96 57.44 -71.79
C ALA G 138 -81.39 57.53 -71.25
N SER G 139 -82.21 58.34 -71.92
CA SER G 139 -83.60 58.54 -71.52
C SER G 139 -84.53 58.31 -72.70
N PHE G 140 -85.79 58.75 -72.56
CA PHE G 140 -86.71 58.78 -73.71
C PHE G 140 -86.14 59.61 -74.85
N PHE G 141 -85.61 60.79 -74.54
CA PHE G 141 -85.06 61.66 -75.58
C PHE G 141 -83.76 62.33 -75.16
N ASP G 142 -83.18 61.94 -74.03
CA ASP G 142 -81.99 62.59 -73.48
C ASP G 142 -80.89 61.55 -73.31
N ILE G 143 -79.75 61.78 -73.97
CA ILE G 143 -78.59 60.90 -73.89
C ILE G 143 -77.39 61.74 -73.52
N GLY G 144 -76.63 61.30 -72.52
CA GLY G 144 -75.44 62.01 -72.09
C GLY G 144 -74.27 61.05 -71.91
N GLY G 145 -73.08 61.65 -71.85
CA GLY G 145 -71.89 60.89 -71.51
C GLY G 145 -70.93 61.76 -70.71
N SER G 146 -70.16 61.11 -69.84
CA SER G 146 -69.34 61.80 -68.85
C SER G 146 -68.02 61.06 -68.65
N VAL G 147 -66.93 61.81 -68.47
CA VAL G 147 -65.60 61.24 -68.24
C VAL G 147 -64.99 61.94 -67.03
N SER G 148 -64.50 61.16 -66.07
CA SER G 148 -63.98 61.71 -64.83
C SER G 148 -62.67 61.05 -64.45
N ALA G 149 -61.84 61.80 -63.70
CA ALA G 149 -60.57 61.30 -63.19
C ALA G 149 -60.22 62.01 -61.89
N GLY G 150 -59.62 61.27 -60.96
CA GLY G 150 -59.40 61.73 -59.61
C GLY G 150 -58.00 61.53 -59.08
N PHE G 151 -57.47 62.49 -58.33
CA PHE G 151 -56.11 62.44 -57.82
C PHE G 151 -56.11 62.61 -56.30
N SER G 152 -55.96 61.51 -55.57
CA SER G 152 -56.05 61.52 -54.10
C SER G 152 -54.69 61.24 -53.50
N ASN G 153 -54.19 62.17 -52.69
CA ASN G 153 -53.04 61.95 -51.83
C ASN G 153 -53.54 61.66 -50.42
N SER G 154 -52.72 60.94 -49.65
CA SER G 154 -53.03 60.65 -48.26
C SER G 154 -51.78 60.32 -47.46
N ASN G 155 -51.88 60.50 -46.13
CA ASN G 155 -50.75 60.40 -45.21
C ASN G 155 -51.27 60.13 -43.80
N SER G 156 -50.86 59.00 -43.24
CA SER G 156 -51.29 58.49 -41.95
C SER G 156 -50.11 58.35 -41.00
N SER G 157 -50.36 58.25 -39.70
CA SER G 157 -49.32 57.99 -38.71
C SER G 157 -49.90 57.34 -37.47
N THR G 158 -49.55 56.07 -37.25
CA THR G 158 -50.12 55.20 -36.22
C THR G 158 -49.14 55.03 -35.07
N VAL G 159 -49.53 55.45 -33.87
CA VAL G 159 -48.66 55.38 -32.70
C VAL G 159 -49.28 54.42 -31.68
N ALA G 160 -48.51 53.42 -31.27
CA ALA G 160 -49.01 52.25 -30.55
C ALA G 160 -48.13 51.94 -29.35
N ILE G 161 -48.69 51.17 -28.40
CA ILE G 161 -47.96 50.72 -27.22
C ILE G 161 -48.62 49.46 -26.67
N ASP G 162 -47.82 48.57 -26.09
CA ASP G 162 -48.23 47.25 -25.62
C ASP G 162 -47.60 46.96 -24.27
N HIS G 163 -48.35 46.31 -23.38
CA HIS G 163 -47.82 45.68 -22.17
C HIS G 163 -48.17 44.20 -22.21
N SER G 164 -47.40 43.37 -21.50
CA SER G 164 -47.56 41.92 -21.60
C SER G 164 -47.11 41.21 -20.33
N LEU G 165 -47.82 40.14 -19.96
CA LEU G 165 -47.38 39.20 -18.93
C LEU G 165 -47.22 37.81 -19.55
N SER G 166 -46.51 36.93 -18.84
CA SER G 166 -46.36 35.52 -19.23
C SER G 166 -46.05 34.69 -17.99
N LEU G 167 -46.82 33.65 -17.75
CA LEU G 167 -46.61 32.75 -16.62
C LEU G 167 -46.35 31.33 -17.13
N ALA G 168 -45.10 30.88 -17.05
CA ALA G 168 -44.67 29.62 -17.65
C ALA G 168 -44.33 28.62 -16.55
N GLY G 169 -45.14 27.59 -16.42
CA GLY G 169 -44.90 26.53 -15.44
C GLY G 169 -44.50 25.25 -16.14
N GLU G 170 -43.43 24.63 -15.67
CA GLU G 170 -42.81 23.50 -16.34
C GLU G 170 -42.44 22.42 -15.34
N ARG G 171 -42.77 21.17 -15.70
CA ARG G 171 -42.36 20.00 -14.92
C ARG G 171 -41.59 19.06 -15.83
N THR G 172 -40.37 18.75 -15.43
CA THR G 172 -39.41 18.01 -16.23
C THR G 172 -39.05 16.70 -15.54
N TRP G 173 -39.21 15.60 -16.27
CA TRP G 173 -38.79 14.30 -15.80
C TRP G 173 -37.63 13.81 -16.64
N ALA G 174 -36.62 13.23 -15.98
CA ALA G 174 -35.41 12.81 -16.67
C ALA G 174 -34.88 11.52 -16.06
N GLU G 175 -34.27 10.69 -16.91
CA GLU G 175 -33.73 9.41 -16.49
C GLU G 175 -32.46 9.12 -17.28
N THR G 176 -31.46 8.58 -16.60
CA THR G 176 -30.15 8.37 -17.19
C THR G 176 -29.59 7.04 -16.70
N MET G 177 -28.99 6.27 -17.60
CA MET G 177 -28.38 4.99 -17.27
C MET G 177 -26.95 4.96 -17.81
N GLY G 178 -25.99 5.16 -16.92
CA GLY G 178 -24.60 5.07 -17.30
C GLY G 178 -24.02 3.68 -17.09
N LEU G 179 -23.03 3.37 -17.92
CA LEU G 179 -22.42 2.06 -18.00
C LEU G 179 -20.98 2.22 -18.45
N ASN G 180 -20.13 1.30 -18.02
CA ASN G 180 -18.76 1.19 -18.52
C ASN G 180 -18.59 -0.22 -19.05
N THR G 181 -18.19 -0.33 -20.32
CA THR G 181 -18.11 -1.62 -21.00
C THR G 181 -17.03 -2.53 -20.44
N ALA G 182 -16.04 -1.97 -19.78
CA ALA G 182 -14.99 -2.80 -19.20
C ALA G 182 -15.36 -3.32 -17.82
N ASP G 183 -16.30 -2.70 -17.15
CA ASP G 183 -16.65 -3.02 -15.77
C ASP G 183 -18.15 -3.19 -15.65
N THR G 184 -18.72 -4.04 -16.50
CA THR G 184 -20.16 -4.21 -16.50
C THR G 184 -20.63 -5.00 -15.30
N ALA G 185 -19.93 -6.06 -14.93
CA ALA G 185 -20.46 -6.98 -13.94
C ALA G 185 -19.43 -7.29 -12.87
N ARG G 186 -19.94 -7.63 -11.69
CA ARG G 186 -19.14 -8.09 -10.57
C ARG G 186 -19.63 -9.46 -10.15
N LEU G 187 -18.69 -10.33 -9.80
CA LEU G 187 -19.01 -11.72 -9.54
C LEU G 187 -18.91 -12.05 -8.05
N ASN G 188 -19.59 -13.13 -7.68
CA ASN G 188 -19.49 -13.67 -6.32
C ASN G 188 -19.85 -15.14 -6.36
N ALA G 189 -18.95 -15.98 -5.86
CA ALA G 189 -19.12 -17.42 -5.87
C ALA G 189 -19.53 -17.92 -4.50
N ASN G 190 -20.38 -18.93 -4.47
CA ASN G 190 -20.72 -19.62 -3.24
C ASN G 190 -20.19 -21.05 -3.34
N ILE G 191 -19.19 -21.35 -2.53
CA ILE G 191 -18.39 -22.56 -2.69
C ILE G 191 -18.20 -23.27 -1.36
N ARG G 192 -17.93 -24.57 -1.45
CA ARG G 192 -17.57 -25.38 -0.30
C ARG G 192 -16.28 -26.13 -0.57
N TYR G 193 -15.71 -26.62 0.51
CA TYR G 193 -14.48 -27.40 0.48
C TYR G 193 -14.81 -28.81 0.91
N VAL G 194 -14.29 -29.79 0.18
CA VAL G 194 -14.60 -31.19 0.40
C VAL G 194 -13.28 -31.92 0.59
N ASN G 195 -13.19 -32.73 1.64
CA ASN G 195 -12.03 -33.61 1.79
C ASN G 195 -12.49 -35.04 1.60
N THR G 196 -12.09 -35.64 0.49
CA THR G 196 -12.29 -37.05 0.27
C THR G 196 -11.05 -37.86 0.55
N GLY G 197 -9.99 -37.24 1.05
CA GLY G 197 -8.75 -37.93 1.30
C GLY G 197 -8.74 -38.73 2.58
N THR G 198 -7.55 -38.89 3.15
CA THR G 198 -7.34 -39.68 4.34
C THR G 198 -6.61 -38.94 5.44
N ALA G 199 -5.74 -38.02 5.10
CA ALA G 199 -5.13 -37.20 6.11
C ALA G 199 -5.80 -35.83 6.11
N PRO G 200 -5.91 -35.17 7.25
CA PRO G 200 -6.40 -33.79 7.27
C PRO G 200 -5.34 -32.83 6.78
N ILE G 201 -5.80 -31.67 6.33
CA ILE G 201 -4.95 -30.63 5.80
C ILE G 201 -5.30 -29.33 6.52
N TYR G 202 -4.28 -28.56 6.88
CA TYR G 202 -4.46 -27.37 7.69
C TYR G 202 -4.08 -26.12 6.94
N ASN G 203 -4.81 -25.03 7.24
CA ASN G 203 -4.68 -23.73 6.60
C ASN G 203 -4.90 -23.85 5.09
N VAL G 204 -6.10 -24.27 4.74
CA VAL G 204 -6.41 -24.61 3.36
C VAL G 204 -6.62 -23.33 2.56
N LEU G 205 -5.86 -23.18 1.49
CA LEU G 205 -6.04 -22.07 0.54
C LEU G 205 -6.02 -22.64 -0.86
N PRO G 206 -7.18 -22.92 -1.42
CA PRO G 206 -7.23 -23.40 -2.80
C PRO G 206 -6.99 -22.27 -3.78
N THR G 207 -6.42 -22.62 -4.92
CA THR G 207 -6.29 -21.72 -6.06
C THR G 207 -7.30 -22.19 -7.09
N THR G 208 -8.29 -21.35 -7.38
CA THR G 208 -9.36 -21.72 -8.28
C THR G 208 -9.43 -20.78 -9.46
N SER G 209 -10.36 -21.06 -10.37
CA SER G 209 -10.47 -20.34 -11.63
C SER G 209 -11.90 -20.28 -12.11
N LEU G 210 -12.38 -19.06 -12.35
CA LEU G 210 -13.64 -18.81 -13.05
C LEU G 210 -13.44 -18.86 -14.55
N VAL G 211 -14.21 -19.70 -15.23
CA VAL G 211 -14.07 -19.98 -16.66
C VAL G 211 -15.42 -19.86 -17.35
N LEU G 212 -15.47 -19.11 -18.45
CA LEU G 212 -16.61 -19.13 -19.35
C LEU G 212 -16.39 -20.07 -20.52
N GLY G 213 -17.50 -20.53 -21.08
CA GLY G 213 -17.49 -21.15 -22.40
C GLY G 213 -16.78 -22.49 -22.41
N LYS G 214 -16.02 -22.70 -23.48
CA LYS G 214 -15.21 -23.90 -23.57
C LYS G 214 -14.00 -23.78 -22.66
N ASN G 215 -13.15 -22.79 -22.91
CA ASN G 215 -11.98 -22.59 -22.08
C ASN G 215 -11.65 -21.13 -21.89
N GLN G 216 -12.66 -20.26 -21.94
CA GLN G 216 -12.42 -18.83 -21.78
C GLN G 216 -12.38 -18.54 -20.29
N THR G 217 -11.18 -18.41 -19.75
CA THR G 217 -11.00 -18.19 -18.33
C THR G 217 -11.29 -16.75 -17.98
N LEU G 218 -12.25 -16.53 -17.11
CA LEU G 218 -12.46 -15.18 -16.58
C LEU G 218 -11.31 -14.79 -15.67
N ALA G 219 -11.05 -15.58 -14.65
CA ALA G 219 -10.12 -15.14 -13.63
C ALA G 219 -9.55 -16.33 -12.90
N THR G 220 -8.38 -16.13 -12.32
CA THR G 220 -7.75 -17.12 -11.45
C THR G 220 -7.50 -16.47 -10.11
N ILE G 221 -8.07 -17.04 -9.06
CA ILE G 221 -8.07 -16.42 -7.74
C ILE G 221 -7.51 -17.41 -6.73
N LYS G 222 -6.49 -16.98 -5.99
CA LYS G 222 -6.05 -17.70 -4.81
C LYS G 222 -6.92 -17.31 -3.62
N ALA G 223 -7.24 -18.28 -2.78
CA ALA G 223 -8.09 -18.05 -1.62
C ALA G 223 -7.40 -17.12 -0.63
N LYS G 224 -8.13 -16.11 -0.19
CA LYS G 224 -7.57 -15.11 0.71
C LYS G 224 -7.92 -15.42 2.15
N GLU G 225 -7.63 -14.50 3.06
CA GLU G 225 -7.77 -14.76 4.48
C GLU G 225 -9.21 -14.81 4.92
N ASN G 226 -10.12 -14.21 4.16
CA ASN G 226 -11.53 -14.46 4.40
C ASN G 226 -11.91 -15.89 4.04
N GLN G 227 -11.16 -16.49 3.12
CA GLN G 227 -11.51 -17.80 2.59
C GLN G 227 -10.65 -18.90 3.18
N LEU G 228 -10.01 -18.64 4.31
CA LEU G 228 -9.12 -19.64 4.90
C LEU G 228 -9.94 -20.69 5.62
N SER G 229 -9.53 -21.95 5.49
CA SER G 229 -10.07 -23.05 6.26
C SER G 229 -8.97 -23.57 7.16
N GLN G 230 -9.20 -23.51 8.46
CA GLN G 230 -8.19 -23.94 9.42
C GLN G 230 -8.04 -25.45 9.40
N ILE G 231 -9.15 -26.17 9.46
CA ILE G 231 -9.15 -27.63 9.49
C ILE G 231 -10.00 -28.12 8.34
N LEU G 232 -9.49 -29.10 7.60
CA LEU G 232 -10.34 -29.88 6.71
C LEU G 232 -10.02 -31.34 6.96
N ALA G 233 -10.72 -31.93 7.93
CA ALA G 233 -10.60 -33.35 8.20
C ALA G 233 -11.21 -34.14 7.05
N PRO G 234 -10.76 -35.37 6.83
CA PRO G 234 -11.34 -36.18 5.74
C PRO G 234 -12.79 -36.55 6.00
N ASN G 235 -13.51 -36.74 4.89
CA ASN G 235 -14.96 -36.94 4.85
C ASN G 235 -15.69 -35.80 5.54
N ASN G 236 -15.26 -34.58 5.25
CA ASN G 236 -15.90 -33.40 5.81
C ASN G 236 -15.93 -32.28 4.79
N TYR G 237 -16.74 -31.28 5.13
CA TYR G 237 -16.95 -30.09 4.33
C TYR G 237 -16.51 -28.87 5.12
N TYR G 238 -16.06 -27.86 4.41
CA TYR G 238 -15.86 -26.54 4.98
C TYR G 238 -16.65 -25.56 4.15
N PRO G 239 -17.68 -24.91 4.71
CA PRO G 239 -18.19 -25.12 6.06
C PRO G 239 -19.08 -26.34 6.09
N SER G 240 -19.61 -26.67 7.27
CA SER G 240 -20.42 -27.85 7.43
C SER G 240 -21.70 -27.76 6.59
N LYS G 241 -22.28 -28.94 6.35
CA LYS G 241 -23.35 -29.07 5.38
C LYS G 241 -24.62 -28.36 5.81
N ASN G 242 -24.84 -28.22 7.13
CA ASN G 242 -25.99 -27.47 7.60
C ASN G 242 -25.82 -25.98 7.33
N LEU G 243 -24.58 -25.50 7.31
CA LEU G 243 -24.36 -24.09 7.09
C LEU G 243 -24.29 -23.79 5.60
N ALA G 244 -24.32 -22.52 5.27
CA ALA G 244 -24.32 -22.06 3.90
C ALA G 244 -22.88 -21.93 3.39
N PRO G 245 -22.65 -22.15 2.09
CA PRO G 245 -21.28 -22.08 1.55
C PRO G 245 -20.72 -20.68 1.60
N ILE G 246 -19.42 -20.59 1.42
CA ILE G 246 -18.73 -19.33 1.63
C ILE G 246 -18.73 -18.54 0.33
N ALA G 247 -18.42 -17.24 0.46
CA ALA G 247 -18.52 -16.29 -0.63
C ALA G 247 -17.13 -15.85 -1.04
N LEU G 248 -16.82 -15.98 -2.32
CA LEU G 248 -15.58 -15.49 -2.90
C LEU G 248 -15.93 -14.38 -3.89
N ASN G 249 -15.45 -13.17 -3.62
CA ASN G 249 -15.78 -12.06 -4.49
C ASN G 249 -14.64 -11.07 -4.69
N ALA G 250 -13.41 -11.47 -4.44
CA ALA G 250 -12.32 -10.51 -4.38
C ALA G 250 -11.17 -10.95 -5.27
N GLN G 251 -10.37 -9.97 -5.68
CA GLN G 251 -9.17 -10.22 -6.46
C GLN G 251 -7.90 -9.76 -5.77
N ASP G 252 -7.99 -8.62 -5.06
CA ASP G 252 -6.79 -8.07 -4.39
C ASP G 252 -6.49 -8.87 -3.12
N ASP G 253 -5.25 -8.83 -2.66
CA ASP G 253 -4.84 -9.53 -1.42
C ASP G 253 -5.61 -8.91 -0.25
N PHE G 254 -5.74 -7.59 -0.28
CA PHE G 254 -6.44 -6.85 0.79
C PHE G 254 -7.95 -6.80 0.50
N SER G 255 -8.52 -7.80 -0.18
CA SER G 255 -9.98 -7.89 -0.36
C SER G 255 -10.63 -6.59 -0.80
N SER G 256 -10.06 -5.85 -1.74
CA SER G 256 -10.71 -4.56 -2.03
C SER G 256 -11.05 -4.39 -3.50
N THR G 257 -10.87 -5.40 -4.34
CA THR G 257 -11.31 -5.25 -5.72
C THR G 257 -12.26 -6.38 -6.06
N PRO G 258 -13.46 -6.07 -6.54
CA PRO G 258 -14.39 -7.11 -6.96
C PRO G 258 -13.94 -7.77 -8.25
N ILE G 259 -14.54 -8.92 -8.52
CA ILE G 259 -14.21 -9.71 -9.70
C ILE G 259 -15.00 -9.15 -10.88
N THR G 260 -14.27 -8.64 -11.86
CA THR G 260 -14.81 -7.79 -12.91
C THR G 260 -15.10 -8.59 -14.17
N MET G 261 -16.21 -8.25 -14.84
CA MET G 261 -16.59 -8.83 -16.12
C MET G 261 -16.96 -7.71 -17.08
N ASN G 262 -16.47 -7.80 -18.30
CA ASN G 262 -16.74 -6.81 -19.32
C ASN G 262 -18.07 -7.11 -20.02
N TYR G 263 -18.29 -6.47 -21.16
CA TYR G 263 -19.62 -6.42 -21.74
C TYR G 263 -19.96 -7.68 -22.52
N ASN G 264 -19.05 -8.12 -23.38
CA ASN G 264 -19.33 -9.25 -24.26
C ASN G 264 -19.44 -10.54 -23.48
N GLN G 265 -18.59 -10.69 -22.46
CA GLN G 265 -18.68 -11.84 -21.57
C GLN G 265 -19.98 -11.81 -20.77
N PHE G 266 -20.46 -10.63 -20.43
CA PHE G 266 -21.73 -10.50 -19.72
C PHE G 266 -22.88 -10.94 -20.58
N LEU G 267 -22.87 -10.53 -21.85
CA LEU G 267 -23.90 -10.97 -22.79
C LEU G 267 -23.85 -12.47 -23.01
N GLU G 268 -22.65 -13.01 -23.17
CA GLU G 268 -22.50 -14.44 -23.41
C GLU G 268 -22.90 -15.25 -22.19
N LEU G 269 -22.67 -14.71 -20.99
CA LEU G 269 -23.09 -15.40 -19.79
C LEU G 269 -24.61 -15.39 -19.65
N GLU G 270 -25.24 -14.25 -19.89
CA GLU G 270 -26.69 -14.23 -19.81
C GLU G 270 -27.36 -14.96 -20.95
N LYS G 271 -26.65 -15.26 -22.03
CA LYS G 271 -27.23 -16.11 -23.06
C LYS G 271 -27.04 -17.58 -22.72
N THR G 272 -25.81 -17.99 -22.44
CA THR G 272 -25.46 -19.40 -22.39
C THR G 272 -25.56 -20.01 -21.01
N LYS G 273 -25.41 -19.19 -19.96
CA LYS G 273 -25.48 -19.61 -18.56
C LYS G 273 -24.44 -20.67 -18.22
N GLN G 274 -23.31 -20.67 -18.92
CA GLN G 274 -22.26 -21.65 -18.72
C GLN G 274 -21.09 -20.97 -18.02
N LEU G 275 -20.97 -21.19 -16.72
CA LEU G 275 -19.90 -20.60 -15.93
C LEU G 275 -19.37 -21.70 -15.03
N ARG G 276 -18.18 -22.19 -15.36
CA ARG G 276 -17.62 -23.31 -14.65
C ARG G 276 -16.44 -22.87 -13.79
N LEU G 277 -16.08 -23.74 -12.86
CA LEU G 277 -15.13 -23.44 -11.81
C LEU G 277 -14.10 -24.55 -11.75
N ASP G 278 -12.83 -24.19 -11.85
CA ASP G 278 -11.77 -25.18 -11.81
C ASP G 278 -10.92 -25.02 -10.55
N THR G 279 -10.45 -26.15 -10.04
CA THR G 279 -9.59 -26.20 -8.85
C THR G 279 -8.19 -26.54 -9.32
N ASP G 280 -7.34 -25.54 -9.41
CA ASP G 280 -6.02 -25.74 -10.00
C ASP G 280 -5.05 -26.37 -9.01
N GLN G 281 -4.88 -25.75 -7.85
CA GLN G 281 -4.01 -26.31 -6.83
C GLN G 281 -4.46 -25.79 -5.48
N VAL G 282 -4.08 -26.53 -4.44
CA VAL G 282 -4.56 -26.27 -3.09
C VAL G 282 -3.36 -26.11 -2.19
N TYR G 283 -3.28 -24.98 -1.50
CA TYR G 283 -2.25 -24.80 -0.49
C TYR G 283 -2.77 -25.31 0.85
N GLY G 284 -1.86 -25.88 1.64
CA GLY G 284 -2.21 -26.39 2.95
C GLY G 284 -1.06 -27.09 3.66
N ASN G 285 -1.06 -27.01 4.99
CA ASN G 285 0.08 -27.43 5.78
C ASN G 285 -0.17 -28.75 6.49
N ILE G 286 0.93 -29.32 7.01
CA ILE G 286 0.90 -30.52 7.82
C ILE G 286 1.15 -30.12 9.26
N ALA G 287 0.39 -30.72 10.18
CA ALA G 287 0.73 -30.70 11.59
C ALA G 287 1.36 -32.03 11.96
N THR G 288 2.49 -31.97 12.65
CA THR G 288 3.24 -33.16 13.02
C THR G 288 3.19 -33.38 14.52
N TYR G 289 3.37 -34.63 14.90
CA TYR G 289 3.41 -35.00 16.30
C TYR G 289 4.70 -34.51 16.93
N ASN G 290 4.62 -34.08 18.19
CA ASN G 290 5.79 -33.73 18.97
C ASN G 290 6.01 -34.80 20.03
N PHE G 291 7.21 -35.36 20.05
CA PHE G 291 7.56 -36.33 21.08
C PHE G 291 7.80 -35.68 22.42
N GLU G 292 7.93 -34.36 22.45
CA GLU G 292 8.18 -33.66 23.71
C GLU G 292 6.97 -33.73 24.62
N ASN G 293 5.84 -33.18 24.17
CA ASN G 293 4.67 -33.07 25.02
C ASN G 293 3.45 -33.74 24.42
N GLY G 294 3.62 -34.51 23.36
CA GLY G 294 2.49 -35.12 22.70
C GLY G 294 1.66 -34.20 21.83
N ARG G 295 1.93 -32.90 21.82
CA ARG G 295 1.06 -31.97 21.11
C ARG G 295 1.39 -31.93 19.64
N VAL G 296 0.38 -32.15 18.82
CA VAL G 296 0.58 -32.10 17.37
C VAL G 296 0.55 -30.64 16.96
N ARG G 297 1.63 -30.18 16.34
CA ARG G 297 1.83 -28.77 16.04
C ARG G 297 1.97 -28.56 14.54
N VAL G 298 1.47 -27.43 14.08
CA VAL G 298 1.56 -27.10 12.66
C VAL G 298 2.93 -26.53 12.37
N ASP G 299 3.62 -27.12 11.39
CA ASP G 299 4.74 -26.45 10.74
C ASP G 299 4.15 -25.61 9.62
N THR G 300 4.25 -24.29 9.76
CA THR G 300 3.80 -23.41 8.69
C THR G 300 4.75 -23.44 7.50
N GLY G 301 5.98 -23.91 7.70
CA GLY G 301 6.92 -23.95 6.58
C GLY G 301 6.59 -25.04 5.59
N SER G 302 6.35 -26.26 6.07
CA SER G 302 6.08 -27.38 5.19
C SER G 302 4.64 -27.34 4.69
N ASN G 303 4.44 -27.86 3.48
CA ASN G 303 3.12 -27.97 2.89
C ASN G 303 3.01 -29.30 2.17
N TRP G 304 1.77 -29.68 1.85
CA TRP G 304 1.52 -30.92 1.12
C TRP G 304 2.01 -30.87 -0.31
N SER G 305 2.33 -29.68 -0.81
CA SER G 305 2.97 -29.53 -2.11
C SER G 305 4.29 -30.27 -2.18
N GLU G 306 4.99 -30.37 -1.07
CA GLU G 306 6.24 -31.11 -1.04
C GLU G 306 5.99 -32.61 -1.10
N VAL G 307 4.82 -33.06 -0.67
CA VAL G 307 4.63 -34.44 -0.27
C VAL G 307 3.82 -35.22 -1.30
N LEU G 308 2.80 -34.60 -1.87
CA LEU G 308 1.90 -35.32 -2.78
C LEU G 308 2.57 -35.90 -4.03
N PRO G 309 3.50 -35.23 -4.75
CA PRO G 309 4.16 -35.92 -5.85
C PRO G 309 5.09 -37.01 -5.38
N GLN G 310 5.61 -36.92 -4.16
CA GLN G 310 6.40 -38.01 -3.61
C GLN G 310 5.55 -39.25 -3.39
N ILE G 311 4.30 -39.05 -3.00
CA ILE G 311 3.40 -40.18 -2.81
C ILE G 311 2.97 -40.74 -4.15
N GLN G 312 2.70 -39.85 -5.11
CA GLN G 312 2.17 -40.30 -6.40
C GLN G 312 3.20 -41.08 -7.19
N GLU G 313 4.48 -40.79 -7.03
CA GLU G 313 5.50 -41.45 -7.83
C GLU G 313 6.03 -42.72 -7.19
N THR G 314 5.52 -43.09 -6.02
CA THR G 314 6.05 -44.24 -5.31
C THR G 314 5.02 -45.30 -4.98
N THR G 315 3.75 -45.07 -5.30
CA THR G 315 2.68 -45.95 -4.87
C THR G 315 1.88 -46.42 -6.07
N ALA G 316 1.10 -47.46 -5.84
CA ALA G 316 0.05 -47.87 -6.75
C ALA G 316 -1.28 -47.30 -6.27
N ARG G 317 -2.07 -46.80 -7.20
CA ARG G 317 -3.35 -46.18 -6.89
C ARG G 317 -4.47 -47.12 -7.25
N ILE G 318 -5.42 -47.30 -6.33
CA ILE G 318 -6.57 -48.17 -6.55
C ILE G 318 -7.83 -47.39 -6.21
N ILE G 319 -8.75 -47.35 -7.16
CA ILE G 319 -10.04 -46.69 -6.99
C ILE G 319 -11.12 -47.76 -7.00
N PHE G 320 -12.04 -47.66 -6.05
CA PHE G 320 -13.06 -48.67 -5.81
C PHE G 320 -14.35 -48.01 -5.38
N ASN G 321 -15.46 -48.44 -5.98
CA ASN G 321 -16.77 -47.78 -5.67
C ASN G 321 -17.82 -48.79 -5.21
N GLY G 322 -17.42 -49.84 -4.47
CA GLY G 322 -18.43 -50.74 -3.95
C GLY G 322 -19.11 -50.26 -2.70
N LYS G 323 -18.57 -49.22 -2.06
CA LYS G 323 -19.20 -48.62 -0.89
C LYS G 323 -20.07 -47.47 -1.38
N ASP G 324 -21.33 -47.81 -1.67
CA ASP G 324 -22.40 -46.86 -2.00
C ASP G 324 -22.07 -46.05 -3.24
N LEU G 325 -21.44 -46.72 -4.22
CA LEU G 325 -21.21 -46.21 -5.57
C LEU G 325 -20.36 -44.94 -5.55
N ASN G 326 -19.46 -44.84 -4.58
CA ASN G 326 -18.65 -43.65 -4.38
C ASN G 326 -17.20 -44.00 -4.62
N LEU G 327 -16.55 -43.21 -5.45
CA LEU G 327 -15.17 -43.48 -5.84
C LEU G 327 -14.24 -43.25 -4.66
N VAL G 328 -13.64 -44.33 -4.17
CA VAL G 328 -12.74 -44.30 -3.04
C VAL G 328 -11.35 -44.64 -3.55
N GLU G 329 -10.42 -43.72 -3.32
CA GLU G 329 -9.06 -43.82 -3.82
C GLU G 329 -8.11 -44.12 -2.68
N ARG G 330 -7.26 -45.12 -2.87
CA ARG G 330 -6.22 -45.45 -1.91
C ARG G 330 -4.91 -45.70 -2.62
N ARG G 331 -3.84 -45.14 -2.09
CA ARG G 331 -2.50 -45.35 -2.62
C ARG G 331 -1.72 -46.24 -1.67
N ILE G 332 -1.10 -47.27 -2.23
CA ILE G 332 -0.42 -48.30 -1.45
C ILE G 332 1.02 -48.35 -1.94
N ALA G 333 1.96 -48.34 -1.01
CA ALA G 333 3.37 -48.33 -1.37
C ALA G 333 3.75 -49.65 -2.04
N ALA G 334 4.33 -49.56 -3.23
CA ALA G 334 4.76 -50.73 -3.97
C ALA G 334 6.10 -50.44 -4.63
N VAL G 335 6.80 -51.51 -4.98
CA VAL G 335 8.22 -51.43 -5.31
C VAL G 335 8.40 -51.00 -6.76
N ASN G 336 9.25 -49.99 -6.96
CA ASN G 336 9.80 -49.70 -8.26
C ASN G 336 11.13 -50.42 -8.37
N PRO G 337 11.30 -51.35 -9.32
CA PRO G 337 12.55 -52.14 -9.36
C PRO G 337 13.76 -51.35 -9.77
N SER G 338 13.60 -50.28 -10.55
CA SER G 338 14.74 -49.52 -11.03
C SER G 338 15.25 -48.50 -10.01
N ASP G 339 14.63 -48.44 -8.83
CA ASP G 339 15.03 -47.49 -7.79
C ASP G 339 15.50 -48.29 -6.59
N PRO G 340 16.78 -48.18 -6.20
CA PRO G 340 17.31 -49.06 -5.15
C PRO G 340 16.73 -48.79 -3.78
N LEU G 341 16.47 -47.52 -3.46
CA LEU G 341 15.84 -47.23 -2.18
C LEU G 341 14.40 -47.70 -2.15
N GLU G 342 13.72 -47.65 -3.29
CA GLU G 342 12.33 -48.08 -3.35
C GLU G 342 12.20 -49.59 -3.22
N THR G 343 13.25 -50.33 -3.58
CA THR G 343 13.24 -51.78 -3.48
C THR G 343 13.40 -52.28 -2.04
N THR G 344 13.64 -51.39 -1.09
CA THR G 344 13.82 -51.78 0.30
C THR G 344 12.52 -52.06 1.01
N LYS G 345 11.39 -51.89 0.35
CA LYS G 345 10.10 -52.15 0.94
C LYS G 345 9.75 -53.63 0.85
N PRO G 346 8.92 -54.13 1.77
CA PRO G 346 8.40 -55.49 1.62
C PRO G 346 7.46 -55.59 0.44
N ASP G 347 7.37 -56.80 -0.10
CA ASP G 347 6.58 -57.03 -1.30
C ASP G 347 5.09 -56.97 -1.00
N MET G 348 4.33 -56.50 -1.98
CA MET G 348 2.88 -56.35 -1.84
C MET G 348 2.17 -57.15 -2.92
N THR G 349 1.46 -58.19 -2.50
CA THR G 349 0.54 -58.85 -3.41
C THR G 349 -0.74 -58.03 -3.51
N LEU G 350 -1.53 -58.34 -4.53
CA LEU G 350 -2.76 -57.60 -4.74
C LEU G 350 -3.80 -57.93 -3.68
N LYS G 351 -3.87 -59.20 -3.28
CA LYS G 351 -4.89 -59.62 -2.32
C LYS G 351 -4.64 -59.04 -0.95
N GLU G 352 -3.36 -59.01 -0.54
CA GLU G 352 -2.99 -58.38 0.72
C GLU G 352 -3.31 -56.89 0.70
N ALA G 353 -3.09 -56.25 -0.45
CA ALA G 353 -3.38 -54.83 -0.60
C ALA G 353 -4.86 -54.56 -0.48
N LEU G 354 -5.67 -55.40 -1.13
CA LEU G 354 -7.13 -55.26 -1.06
C LEU G 354 -7.65 -55.56 0.33
N LYS G 355 -6.95 -56.43 1.05
CA LYS G 355 -7.35 -56.74 2.41
C LYS G 355 -7.08 -55.57 3.34
N ILE G 356 -5.89 -54.98 3.25
CA ILE G 356 -5.53 -53.95 4.21
C ILE G 356 -6.11 -52.60 3.83
N ALA G 357 -6.43 -52.40 2.55
CA ALA G 357 -6.82 -51.07 2.11
C ALA G 357 -8.32 -50.86 2.18
N PHE G 358 -9.09 -51.90 1.93
CA PHE G 358 -10.53 -51.77 1.82
C PHE G 358 -11.25 -52.54 2.90
N GLY G 359 -10.53 -53.12 3.84
CA GLY G 359 -11.16 -53.91 4.87
C GLY G 359 -11.68 -55.23 4.36
N PHE G 360 -11.08 -55.78 3.30
CA PHE G 360 -11.54 -57.04 2.78
C PHE G 360 -11.15 -58.20 3.69
N ASN G 361 -11.82 -59.33 3.50
CA ASN G 361 -11.53 -60.49 4.31
C ASN G 361 -11.76 -61.75 3.49
N GLU G 362 -11.20 -62.85 3.98
CA GLU G 362 -11.53 -64.19 3.52
C GLU G 362 -12.13 -64.95 4.69
N PRO G 363 -13.42 -64.75 4.95
CA PRO G 363 -14.06 -65.45 6.08
C PRO G 363 -14.23 -66.93 5.84
N ASN G 364 -14.22 -67.36 4.58
CA ASN G 364 -14.28 -68.76 4.22
C ASN G 364 -13.25 -69.04 3.14
N GLY G 365 -12.07 -68.44 3.27
CA GLY G 365 -11.06 -68.58 2.25
C GLY G 365 -11.35 -67.86 0.96
N ASN G 366 -12.32 -66.97 0.94
CA ASN G 366 -12.73 -66.27 -0.27
C ASN G 366 -12.79 -64.77 -0.01
N LEU G 367 -12.12 -64.02 -0.87
CA LEU G 367 -11.95 -62.59 -0.65
C LEU G 367 -13.27 -61.86 -0.80
N GLN G 368 -13.67 -61.14 0.24
CA GLN G 368 -15.00 -60.55 0.25
C GLN G 368 -14.95 -59.12 0.79
N TYR G 369 -15.80 -58.29 0.19
CA TYR G 369 -16.01 -56.92 0.62
C TYR G 369 -17.41 -57.09 1.20
N GLN G 370 -17.55 -56.84 2.50
CA GLN G 370 -18.83 -57.03 3.20
C GLN G 370 -19.26 -58.47 2.94
N GLY G 371 -20.49 -58.67 2.48
CA GLY G 371 -20.98 -60.01 2.19
C GLY G 371 -20.92 -60.36 0.71
N LYS G 372 -20.27 -59.50 -0.08
CA LYS G 372 -20.19 -59.67 -1.52
C LYS G 372 -18.88 -60.30 -1.93
N ASP G 373 -18.94 -61.22 -2.89
CA ASP G 373 -17.74 -61.84 -3.40
C ASP G 373 -16.96 -60.85 -4.28
N ILE G 374 -15.65 -61.08 -4.36
CA ILE G 374 -14.78 -60.30 -5.21
C ILE G 374 -15.06 -60.60 -6.68
N THR G 375 -15.60 -61.78 -6.98
CA THR G 375 -15.82 -62.18 -8.37
C THR G 375 -16.94 -61.40 -9.02
N GLU G 376 -17.77 -60.69 -8.25
CA GLU G 376 -18.77 -59.81 -8.82
C GLU G 376 -18.22 -58.42 -9.12
N PHE G 377 -16.91 -58.22 -8.96
CA PHE G 377 -16.27 -56.97 -9.32
C PHE G 377 -15.35 -57.17 -10.50
N ASP G 378 -15.29 -56.17 -11.36
CA ASP G 378 -14.44 -56.21 -12.54
C ASP G 378 -13.29 -55.22 -12.42
N PHE G 379 -12.21 -55.55 -13.12
CA PHE G 379 -10.94 -54.86 -13.02
C PHE G 379 -10.67 -54.06 -14.29
N ASN G 380 -10.02 -52.91 -14.11
CA ASN G 380 -9.70 -52.03 -15.20
C ASN G 380 -8.33 -51.43 -14.96
N PHE G 381 -7.56 -51.33 -16.03
CA PHE G 381 -6.17 -50.92 -15.94
C PHE G 381 -5.86 -49.98 -17.08
N ASP G 382 -5.00 -49.02 -16.82
CA ASP G 382 -4.42 -48.29 -17.93
C ASP G 382 -3.36 -49.15 -18.60
N GLN G 383 -2.88 -48.65 -19.74
CA GLN G 383 -2.17 -49.46 -20.73
C GLN G 383 -0.87 -50.02 -20.18
N GLN G 384 -0.16 -49.22 -19.39
CA GLN G 384 1.08 -49.69 -18.78
C GLN G 384 0.81 -50.77 -17.74
N THR G 385 -0.15 -50.51 -16.85
CA THR G 385 -0.48 -51.48 -15.81
C THR G 385 -1.12 -52.72 -16.42
N SER G 386 -1.96 -52.54 -17.44
CA SER G 386 -2.56 -53.69 -18.12
C SER G 386 -1.51 -54.54 -18.83
N GLN G 387 -0.51 -53.88 -19.42
CA GLN G 387 0.61 -54.60 -20.01
C GLN G 387 1.40 -55.38 -18.98
N ASN G 388 1.63 -54.77 -17.81
CA ASN G 388 2.40 -55.47 -16.79
C ASN G 388 1.63 -56.64 -16.20
N ILE G 389 0.31 -56.48 -16.04
CA ILE G 389 -0.53 -57.58 -15.59
C ILE G 389 -0.58 -58.68 -16.63
N LYS G 390 -0.58 -58.31 -17.92
CA LYS G 390 -0.51 -59.28 -19.00
C LYS G 390 0.77 -60.08 -18.93
N ASN G 391 1.89 -59.41 -18.65
CA ASN G 391 3.17 -60.09 -18.55
C ASN G 391 3.22 -61.01 -17.33
N GLN G 392 2.65 -60.56 -16.21
CA GLN G 392 2.65 -61.38 -15.01
C GLN G 392 1.75 -62.60 -15.17
N LEU G 393 0.62 -62.46 -15.86
CA LEU G 393 -0.24 -63.61 -16.11
C LEU G 393 0.37 -64.54 -17.14
N ALA G 394 1.17 -63.99 -18.07
CA ALA G 394 1.90 -64.84 -19.00
C ALA G 394 2.95 -65.67 -18.27
N GLU G 395 3.60 -65.08 -17.28
CA GLU G 395 4.60 -65.81 -16.53
C GLU G 395 3.97 -66.83 -15.58
N LEU G 396 2.80 -66.51 -15.04
CA LEU G 396 2.15 -67.43 -14.11
C LEU G 396 1.35 -68.51 -14.81
N ASN G 397 1.19 -68.41 -16.14
CA ASN G 397 0.47 -69.37 -16.98
C ASN G 397 -0.97 -69.54 -16.55
N ALA G 398 -1.57 -68.48 -16.01
CA ALA G 398 -2.94 -68.50 -15.55
C ALA G 398 -3.79 -67.60 -16.44
N THR G 399 -5.10 -67.85 -16.39
CA THR G 399 -6.06 -67.09 -17.18
C THR G 399 -6.96 -66.23 -16.32
N ASN G 400 -7.64 -66.83 -15.34
CA ASN G 400 -8.47 -66.05 -14.43
C ASN G 400 -7.56 -65.30 -13.46
N ILE G 401 -7.72 -63.99 -13.41
CA ILE G 401 -6.99 -63.20 -12.44
C ILE G 401 -7.53 -63.47 -11.04
N TYR G 402 -8.82 -63.85 -10.94
CA TYR G 402 -9.48 -64.00 -9.65
C TYR G 402 -8.94 -65.18 -8.86
N THR G 403 -8.25 -66.09 -9.53
CA THR G 403 -7.62 -67.22 -8.88
C THR G 403 -6.25 -66.89 -8.32
N VAL G 404 -5.59 -65.86 -8.83
CA VAL G 404 -4.17 -65.68 -8.56
C VAL G 404 -3.91 -64.34 -7.88
N LEU G 405 -4.90 -63.84 -7.14
CA LEU G 405 -4.83 -62.53 -6.52
C LEU G 405 -3.78 -62.45 -5.42
N ASP G 406 -3.41 -63.59 -4.84
CA ASP G 406 -2.34 -63.68 -3.87
C ASP G 406 -0.96 -63.72 -4.52
N LYS G 407 -0.88 -63.68 -5.84
CA LYS G 407 0.40 -63.80 -6.51
C LYS G 407 0.70 -62.59 -7.39
N ILE G 408 -0.22 -61.64 -7.48
CA ILE G 408 -0.04 -60.49 -8.36
C ILE G 408 0.89 -59.50 -7.68
N LYS G 409 2.11 -59.38 -8.20
CA LYS G 409 3.06 -58.43 -7.65
C LYS G 409 2.74 -57.03 -8.14
N LEU G 410 2.62 -56.11 -7.20
CA LEU G 410 2.30 -54.73 -7.54
C LEU G 410 3.57 -53.91 -7.65
N ASN G 411 3.46 -52.77 -8.33
CA ASN G 411 4.60 -51.90 -8.55
C ASN G 411 4.16 -50.46 -8.38
N ALA G 412 5.13 -49.55 -8.43
CA ALA G 412 4.82 -48.15 -8.31
C ALA G 412 4.11 -47.66 -9.56
N LYS G 413 3.33 -46.59 -9.37
CA LYS G 413 2.62 -45.86 -10.42
C LYS G 413 1.56 -46.72 -11.13
N MET G 414 1.11 -47.80 -10.50
CA MET G 414 0.03 -48.57 -11.08
C MET G 414 -1.31 -47.87 -10.82
N ASN G 415 -2.31 -48.24 -11.62
CA ASN G 415 -3.65 -47.67 -11.52
C ASN G 415 -4.65 -48.79 -11.71
N ILE G 416 -5.47 -49.04 -10.70
CA ILE G 416 -6.38 -50.18 -10.67
C ILE G 416 -7.77 -49.67 -10.35
N LEU G 417 -8.68 -49.79 -11.31
CA LEU G 417 -10.08 -49.43 -11.11
C LEU G 417 -10.88 -50.70 -10.90
N ILE G 418 -11.61 -50.77 -9.79
CA ILE G 418 -12.40 -51.95 -9.46
C ILE G 418 -13.85 -51.52 -9.33
N ARG G 419 -14.70 -51.99 -10.25
CA ARG G 419 -16.13 -51.58 -10.22
C ARG G 419 -17.04 -52.80 -10.05
N ASP G 420 -18.35 -52.56 -9.86
CA ASP G 420 -19.36 -53.64 -9.69
C ASP G 420 -19.82 -54.09 -11.08
N LYS G 421 -19.76 -55.39 -11.34
CA LYS G 421 -20.15 -55.96 -12.63
C LYS G 421 -21.61 -55.73 -12.95
N ARG G 422 -22.33 -55.17 -12.00
CA ARG G 422 -23.78 -54.92 -12.19
C ARG G 422 -24.01 -53.63 -12.94
N PHE G 423 -23.86 -52.50 -12.28
CA PHE G 423 -24.19 -51.16 -12.83
C PHE G 423 -23.37 -50.80 -14.07
N HIS G 424 -23.94 -49.91 -14.89
CA HIS G 424 -23.27 -49.47 -16.15
C HIS G 424 -22.75 -48.03 -15.98
N TYR G 425 -21.47 -47.89 -15.63
CA TYR G 425 -20.83 -46.56 -15.45
C TYR G 425 -20.65 -45.89 -16.81
N ASP G 426 -20.62 -44.55 -16.83
CA ASP G 426 -20.44 -43.78 -18.09
C ASP G 426 -18.97 -43.40 -18.24
N ARG G 427 -18.67 -42.39 -19.07
CA ARG G 427 -17.30 -41.94 -19.27
C ARG G 427 -16.61 -41.63 -17.95
N ASN G 428 -17.31 -40.87 -17.09
CA ASN G 428 -16.79 -40.43 -15.77
C ASN G 428 -16.93 -41.56 -14.74
N ASN G 429 -17.31 -42.76 -15.19
CA ASN G 429 -17.47 -43.94 -14.30
C ASN G 429 -18.48 -43.65 -13.18
N ILE G 430 -19.59 -42.97 -13.51
CA ILE G 430 -20.67 -42.66 -12.53
C ILE G 430 -21.81 -43.66 -12.80
N ALA G 431 -22.48 -44.16 -11.76
CA ALA G 431 -23.54 -45.16 -12.01
C ALA G 431 -24.60 -44.65 -13.00
N VAL G 432 -24.73 -45.28 -14.18
CA VAL G 432 -25.78 -44.80 -15.14
C VAL G 432 -26.62 -45.98 -15.63
N GLY G 433 -27.82 -46.14 -15.09
CA GLY G 433 -28.75 -47.22 -15.48
C GLY G 433 -28.47 -48.51 -14.73
N ALA G 434 -29.28 -49.54 -15.01
CA ALA G 434 -29.12 -50.87 -14.36
C ALA G 434 -29.73 -51.96 -15.25
N ASP G 435 -29.36 -53.23 -15.01
CA ASP G 435 -29.90 -54.36 -15.81
C ASP G 435 -31.41 -54.44 -15.58
N GLU G 436 -32.18 -54.70 -16.64
CA GLU G 436 -33.66 -54.78 -16.53
C GLU G 436 -34.03 -55.93 -15.58
N SER G 437 -33.36 -57.07 -15.71
CA SER G 437 -33.63 -58.24 -14.83
C SER G 437 -33.29 -57.88 -13.39
N VAL G 438 -32.16 -57.19 -13.19
CA VAL G 438 -31.69 -56.77 -11.82
C VAL G 438 -32.71 -55.79 -11.23
N VAL G 439 -33.24 -54.87 -12.04
CA VAL G 439 -34.20 -53.85 -11.56
C VAL G 439 -35.46 -54.56 -11.05
N LYS G 440 -35.94 -55.59 -11.78
CA LYS G 440 -37.16 -56.32 -11.35
C LYS G 440 -36.86 -57.01 -10.01
N GLU G 441 -35.67 -57.62 -9.90
CA GLU G 441 -35.23 -58.31 -8.65
C GLU G 441 -35.11 -57.29 -7.52
N ALA G 442 -34.57 -56.10 -7.84
CA ALA G 442 -34.35 -55.04 -6.84
C ALA G 442 -35.68 -54.58 -6.21
N HIS G 443 -36.72 -54.43 -7.03
CA HIS G 443 -38.05 -53.98 -6.51
C HIS G 443 -38.86 -55.20 -6.01
N ARG G 444 -38.39 -55.87 -4.96
CA ARG G 444 -39.09 -57.04 -4.36
C ARG G 444 -39.60 -56.64 -2.97
N GLU G 445 -39.44 -55.37 -2.59
CA GLU G 445 -39.83 -54.78 -1.27
C GLU G 445 -41.19 -54.08 -1.38
N VAL G 446 -42.18 -54.54 -0.58
CA VAL G 446 -43.61 -54.09 -0.62
C VAL G 446 -44.10 -53.80 0.81
N ILE G 447 -44.47 -52.55 1.14
CA ILE G 447 -44.90 -52.28 2.55
C ILE G 447 -46.34 -51.77 2.59
N ASN G 448 -46.59 -50.57 2.06
CA ASN G 448 -47.95 -49.98 2.11
C ASN G 448 -48.50 -49.71 0.70
N SER G 449 -49.63 -50.35 0.37
CA SER G 449 -50.30 -50.16 -0.90
C SER G 449 -51.47 -49.19 -0.70
N SER G 450 -51.43 -48.06 -1.38
CA SER G 450 -52.48 -47.06 -1.29
C SER G 450 -52.66 -46.41 -2.66
N THR G 451 -53.77 -45.69 -2.82
CA THR G 451 -53.98 -44.89 -4.01
C THR G 451 -53.30 -43.54 -3.93
N GLU G 452 -52.60 -43.28 -2.84
CA GLU G 452 -51.83 -42.06 -2.62
C GLU G 452 -50.35 -42.26 -2.89
N GLY G 453 -49.81 -43.41 -2.50
CA GLY G 453 -48.44 -43.70 -2.85
C GLY G 453 -48.10 -45.16 -2.63
N LEU G 454 -46.81 -45.48 -2.78
CA LEU G 454 -46.35 -46.89 -2.61
C LEU G 454 -45.02 -46.89 -1.84
N LEU G 455 -44.95 -47.66 -0.76
CA LEU G 455 -43.70 -47.72 0.05
C LEU G 455 -43.06 -49.12 -0.08
N LEU G 456 -41.81 -49.16 -0.54
CA LEU G 456 -41.04 -50.42 -0.69
C LEU G 456 -39.70 -50.25 0.06
N ASN G 457 -39.06 -51.35 0.45
CA ASN G 457 -37.76 -51.20 1.17
C ASN G 457 -36.67 -51.24 0.08
N ILE G 458 -36.77 -50.34 -0.90
CA ILE G 458 -35.83 -50.36 -2.01
C ILE G 458 -34.39 -50.24 -1.50
N ASP G 459 -33.50 -51.06 -2.06
CA ASP G 459 -32.09 -51.08 -1.67
C ASP G 459 -31.41 -49.76 -2.03
N LYS G 460 -30.70 -49.20 -1.04
CA LYS G 460 -30.05 -47.89 -1.10
C LYS G 460 -29.08 -47.73 -2.28
N ASP G 461 -28.33 -48.78 -2.60
CA ASP G 461 -27.45 -48.78 -3.78
C ASP G 461 -28.25 -48.63 -5.06
N ILE G 462 -29.23 -49.52 -5.25
CA ILE G 462 -30.10 -49.63 -6.42
C ILE G 462 -30.78 -48.31 -6.77
N ARG G 463 -31.50 -47.71 -5.81
CA ARG G 463 -32.24 -46.46 -6.02
C ARG G 463 -31.42 -45.29 -6.56
N LYS G 464 -30.11 -45.32 -6.28
CA LYS G 464 -29.18 -44.23 -6.70
C LYS G 464 -28.87 -44.36 -8.20
N ILE G 465 -29.55 -45.27 -8.91
CA ILE G 465 -29.32 -45.48 -10.36
C ILE G 465 -30.65 -45.31 -11.10
N LEU G 466 -31.61 -44.64 -10.47
CA LEU G 466 -32.94 -44.45 -11.07
C LEU G 466 -33.29 -42.97 -11.03
N SER G 467 -33.54 -42.38 -12.20
CA SER G 467 -33.89 -40.98 -12.28
C SER G 467 -35.27 -40.71 -11.70
N GLY G 468 -36.26 -41.50 -12.09
CA GLY G 468 -37.62 -41.25 -11.67
C GLY G 468 -38.52 -42.43 -12.00
N TYR G 469 -39.82 -42.18 -11.90
CA TYR G 469 -40.82 -43.23 -12.05
C TYR G 469 -41.92 -42.82 -13.02
N ILE G 470 -42.55 -43.82 -13.64
CA ILE G 470 -43.66 -43.62 -14.61
C ILE G 470 -44.88 -44.39 -14.09
N VAL G 471 -45.98 -43.67 -13.80
CA VAL G 471 -47.21 -44.33 -13.29
C VAL G 471 -48.26 -44.34 -14.39
N GLU G 472 -48.79 -45.52 -14.71
CA GLU G 472 -49.82 -45.66 -15.78
C GLU G 472 -50.92 -46.62 -15.30
N ILE G 473 -51.97 -46.77 -16.11
CA ILE G 473 -53.10 -47.65 -15.78
C ILE G 473 -53.45 -48.45 -17.04
N GLU G 474 -53.51 -49.77 -16.90
CA GLU G 474 -53.78 -50.66 -18.01
C GLU G 474 -55.22 -51.17 -17.96
N ASP G 475 -55.91 -51.14 -19.10
CA ASP G 475 -57.24 -51.69 -19.25
C ASP G 475 -57.17 -53.23 -19.20
N THR G 476 -58.34 -53.85 -18.98
CA THR G 476 -58.44 -55.31 -19.04
C THR G 476 -58.27 -55.85 -20.45
N GLU G 477 -58.48 -55.02 -21.48
CA GLU G 477 -58.06 -55.32 -22.83
C GLU G 477 -56.70 -54.71 -23.15
N GLY G 478 -56.35 -53.63 -22.48
CA GLY G 478 -55.04 -53.00 -22.63
C GLY G 478 -55.08 -51.60 -23.22
N LEU G 479 -54.97 -50.62 -22.35
CA LEU G 479 -54.75 -49.23 -22.72
C LEU G 479 -53.51 -48.71 -22.01
N LYS G 480 -53.03 -47.55 -22.47
CA LYS G 480 -51.84 -46.90 -21.90
C LYS G 480 -52.22 -45.46 -21.56
N GLU G 481 -52.79 -45.29 -20.37
CA GLU G 481 -53.14 -43.97 -19.85
C GLU G 481 -52.18 -43.64 -18.71
N VAL G 482 -51.29 -42.68 -18.96
CA VAL G 482 -50.20 -42.37 -18.04
C VAL G 482 -50.59 -41.13 -17.25
N ILE G 483 -50.58 -41.27 -15.92
CA ILE G 483 -50.99 -40.18 -14.99
C ILE G 483 -50.01 -39.01 -15.04
N ASN G 484 -48.72 -39.27 -14.85
CA ASN G 484 -47.70 -38.18 -14.81
C ASN G 484 -46.91 -38.09 -16.12
N ASP G 485 -47.55 -37.74 -17.23
CA ASP G 485 -46.79 -37.57 -18.50
C ASP G 485 -46.26 -36.14 -18.74
N ARG G 486 -45.35 -35.72 -17.86
CA ARG G 486 -44.62 -34.43 -17.96
C ARG G 486 -43.20 -34.72 -17.48
N TYR G 487 -42.18 -34.27 -18.23
CA TYR G 487 -40.76 -34.51 -17.86
C TYR G 487 -40.52 -34.19 -16.37
N ASP G 488 -40.92 -33.00 -15.94
CA ASP G 488 -40.70 -32.55 -14.53
C ASP G 488 -41.62 -33.29 -13.55
N MET G 489 -42.59 -34.07 -14.04
CA MET G 489 -43.53 -34.78 -13.13
C MET G 489 -42.96 -36.16 -12.74
N LEU G 490 -41.83 -36.55 -13.33
CA LEU G 490 -41.20 -37.87 -13.04
C LEU G 490 -40.78 -37.96 -11.57
N ASN G 491 -40.20 -36.89 -11.01
CA ASN G 491 -39.70 -36.88 -9.63
C ASN G 491 -40.84 -37.04 -8.61
N ILE G 492 -40.95 -38.22 -7.99
CA ILE G 492 -41.99 -38.52 -6.96
C ILE G 492 -41.38 -39.47 -5.91
N SER G 493 -40.31 -40.18 -6.26
CA SER G 493 -39.70 -41.07 -5.28
C SER G 493 -39.02 -40.26 -4.17
N SER G 494 -39.63 -40.32 -2.98
CA SER G 494 -39.07 -39.65 -1.78
C SER G 494 -38.50 -40.73 -0.84
N LEU G 495 -37.52 -40.37 -0.02
CA LEU G 495 -36.91 -41.35 0.92
C LEU G 495 -37.38 -41.06 2.35
N ARG G 496 -38.27 -41.90 2.88
CA ARG G 496 -38.82 -41.74 4.25
C ARG G 496 -37.75 -42.12 5.30
N GLN G 497 -37.89 -41.59 6.52
CA GLN G 497 -36.92 -41.85 7.62
C GLN G 497 -37.08 -43.29 8.15
N ASP G 498 -38.17 -43.98 7.77
CA ASP G 498 -38.39 -45.38 8.22
C ASP G 498 -37.36 -46.29 7.53
N GLY G 499 -36.51 -45.71 6.67
CA GLY G 499 -35.47 -46.46 5.95
C GLY G 499 -35.97 -47.07 4.64
N LYS G 500 -37.22 -46.77 4.26
CA LYS G 500 -37.80 -47.32 3.02
C LYS G 500 -38.18 -46.18 2.07
N THR G 501 -37.81 -46.29 0.79
CA THR G 501 -38.18 -45.26 -0.22
C THR G 501 -39.68 -45.34 -0.48
N PHE G 502 -40.37 -44.19 -0.50
CA PHE G 502 -41.85 -44.16 -0.71
C PHE G 502 -42.20 -43.41 -2.00
N ILE G 503 -43.06 -44.03 -2.82
CA ILE G 503 -43.54 -43.42 -4.11
C ILE G 503 -44.82 -42.63 -3.83
N ASP G 504 -44.97 -41.45 -4.42
CA ASP G 504 -46.18 -40.61 -4.17
C ASP G 504 -46.77 -40.12 -5.49
N PHE G 505 -47.74 -40.87 -6.03
CA PHE G 505 -48.42 -40.50 -7.29
C PHE G 505 -49.20 -39.19 -7.10
N LYS G 506 -49.85 -39.06 -5.93
CA LYS G 506 -50.69 -37.88 -5.60
C LYS G 506 -49.82 -36.63 -5.44
N LYS G 507 -48.50 -36.78 -5.35
CA LYS G 507 -47.61 -35.60 -5.19
C LYS G 507 -47.68 -34.75 -6.47
N TYR G 508 -47.66 -35.43 -7.62
CA TYR G 508 -47.76 -34.74 -8.94
C TYR G 508 -49.08 -35.14 -9.61
N ASN G 509 -50.16 -35.15 -8.81
CA ASN G 509 -51.51 -35.51 -9.31
C ASN G 509 -52.55 -34.58 -8.66
N ASP G 510 -52.16 -33.32 -8.43
CA ASP G 510 -53.04 -32.28 -7.82
C ASP G 510 -53.54 -32.74 -6.44
N LYS G 511 -52.67 -33.38 -5.66
CA LYS G 511 -53.02 -33.87 -4.29
C LYS G 511 -54.30 -34.70 -4.36
N LEU G 512 -54.39 -35.66 -5.29
CA LEU G 512 -55.58 -36.53 -5.41
C LEU G 512 -55.16 -38.00 -5.54
N PRO G 513 -55.98 -38.96 -5.05
CA PRO G 513 -55.66 -40.39 -5.14
C PRO G 513 -55.86 -40.94 -6.57
N LEU G 514 -55.15 -42.03 -6.90
CA LEU G 514 -55.26 -42.69 -8.23
C LEU G 514 -56.73 -42.89 -8.58
N TYR G 515 -57.16 -42.44 -9.77
CA TYR G 515 -58.54 -42.55 -10.20
C TYR G 515 -58.78 -43.99 -10.66
N ILE G 516 -59.44 -44.78 -9.84
CA ILE G 516 -59.76 -46.16 -10.17
C ILE G 516 -61.18 -46.16 -10.73
N SER G 517 -61.27 -46.14 -12.07
CA SER G 517 -62.56 -46.19 -12.75
C SER G 517 -63.23 -47.55 -12.60
N ASN G 518 -62.45 -48.61 -12.48
CA ASN G 518 -62.91 -49.98 -12.31
C ASN G 518 -61.87 -50.68 -11.46
N PRO G 519 -62.25 -51.30 -10.32
CA PRO G 519 -61.25 -51.97 -9.48
C PRO G 519 -60.71 -53.29 -10.03
N ASN G 520 -60.96 -53.58 -11.30
CA ASN G 520 -60.34 -54.73 -11.95
C ASN G 520 -59.26 -54.32 -12.95
N TYR G 521 -58.86 -53.06 -13.00
CA TYR G 521 -57.76 -52.65 -13.87
C TYR G 521 -56.41 -53.06 -13.27
N LYS G 522 -55.35 -52.61 -13.92
CA LYS G 522 -53.98 -52.81 -13.46
C LYS G 522 -53.34 -51.46 -13.24
N VAL G 523 -52.73 -51.28 -12.07
CA VAL G 523 -52.02 -50.06 -11.72
C VAL G 523 -50.53 -50.36 -11.91
N ASN G 524 -49.96 -49.82 -12.97
CA ASN G 524 -48.56 -50.06 -13.30
C ASN G 524 -47.70 -48.90 -12.84
N VAL G 525 -46.55 -49.26 -12.25
CA VAL G 525 -45.50 -48.32 -11.77
C VAL G 525 -44.19 -48.76 -12.42
N TYR G 526 -43.59 -47.89 -13.24
CA TYR G 526 -42.37 -48.22 -13.98
C TYR G 526 -41.28 -47.24 -13.58
N ALA G 527 -40.01 -47.65 -13.74
CA ALA G 527 -38.89 -46.83 -13.35
C ALA G 527 -37.96 -46.55 -14.53
N VAL G 528 -37.18 -45.48 -14.41
CA VAL G 528 -36.34 -44.96 -15.48
C VAL G 528 -34.91 -44.85 -14.97
N THR G 529 -33.97 -45.45 -15.69
CA THR G 529 -32.52 -45.36 -15.33
C THR G 529 -31.98 -43.99 -15.79
N LYS G 530 -30.83 -43.58 -15.26
CA LYS G 530 -30.23 -42.26 -15.58
C LYS G 530 -29.91 -42.18 -17.08
N GLU G 531 -29.36 -43.26 -17.66
CA GLU G 531 -28.98 -43.28 -19.09
C GLU G 531 -30.21 -43.08 -19.99
N ASN G 532 -31.24 -43.91 -19.82
CA ASN G 532 -32.46 -43.86 -20.65
C ASN G 532 -33.16 -42.48 -20.55
N THR G 533 -33.18 -41.90 -19.34
CA THR G 533 -33.89 -40.60 -19.12
C THR G 533 -33.16 -39.42 -19.78
N ILE G 534 -33.89 -38.65 -20.58
CA ILE G 534 -33.39 -37.42 -21.27
C ILE G 534 -32.70 -36.53 -20.23
N ILE G 535 -31.51 -36.03 -20.55
CA ILE G 535 -30.73 -35.21 -19.58
C ILE G 535 -31.58 -34.03 -19.07
N ASN G 536 -32.38 -33.41 -19.94
CA ASN G 536 -33.20 -32.23 -19.54
C ASN G 536 -34.64 -32.42 -20.01
N PRO G 537 -35.62 -31.59 -19.56
CA PRO G 537 -37.00 -31.73 -20.00
C PRO G 537 -36.92 -31.52 -21.51
N SER G 538 -37.50 -32.44 -22.28
CA SER G 538 -37.43 -32.46 -23.77
C SER G 538 -37.55 -31.08 -24.43
N GLU G 539 -36.43 -30.62 -25.03
CA GLU G 539 -36.34 -29.37 -25.82
C GLU G 539 -37.33 -29.45 -26.98
N ASN G 540 -37.46 -30.65 -27.57
CA ASN G 540 -38.36 -30.92 -28.72
C ASN G 540 -39.80 -31.20 -28.24
N GLY G 541 -40.68 -31.53 -29.18
CA GLY G 541 -42.11 -31.77 -28.91
C GLY G 541 -42.40 -32.94 -27.99
N ASP G 542 -41.50 -33.93 -27.86
CA ASP G 542 -41.79 -35.11 -27.02
C ASP G 542 -41.53 -34.79 -25.54
N THR G 543 -42.45 -34.00 -24.98
CA THR G 543 -42.53 -33.56 -23.56
C THR G 543 -43.30 -34.64 -22.80
N SER G 544 -43.16 -35.89 -23.27
CA SER G 544 -43.89 -37.07 -22.72
C SER G 544 -42.91 -38.21 -22.44
N THR G 545 -43.43 -39.34 -21.97
CA THR G 545 -42.58 -40.54 -21.73
C THR G 545 -42.82 -41.57 -22.82
N ASN G 546 -43.43 -41.17 -23.96
CA ASN G 546 -43.56 -42.12 -25.06
C ASN G 546 -42.24 -42.82 -25.36
N GLY G 547 -41.21 -42.04 -25.71
CA GLY G 547 -39.92 -42.62 -26.03
C GLY G 547 -38.98 -42.74 -24.85
N ILE G 548 -39.33 -43.57 -23.86
CA ILE G 548 -38.50 -43.81 -22.69
C ILE G 548 -38.45 -45.31 -22.43
N LYS G 549 -37.23 -45.81 -22.20
CA LYS G 549 -36.99 -47.25 -21.91
C LYS G 549 -37.41 -47.53 -20.47
N LYS G 550 -38.70 -47.83 -20.28
CA LYS G 550 -39.27 -48.12 -18.98
C LYS G 550 -39.06 -49.58 -18.61
N ILE G 551 -39.14 -49.86 -17.30
CA ILE G 551 -38.85 -51.18 -16.73
C ILE G 551 -39.98 -51.54 -15.78
N LEU G 552 -40.48 -52.77 -15.88
CA LEU G 552 -41.62 -53.23 -15.09
C LEU G 552 -41.20 -53.48 -13.65
N ILE G 553 -41.63 -52.63 -12.73
CA ILE G 553 -41.43 -52.85 -11.30
C ILE G 553 -42.72 -53.25 -10.58
N PHE G 554 -43.83 -52.57 -10.84
CA PHE G 554 -45.04 -52.76 -10.05
C PHE G 554 -46.22 -52.99 -10.99
N SER G 555 -46.93 -54.10 -10.74
CA SER G 555 -48.15 -54.40 -11.48
C SER G 555 -49.12 -55.19 -10.61
N LYS G 556 -50.05 -54.51 -9.95
CA LYS G 556 -51.04 -55.16 -9.11
C LYS G 556 -52.43 -54.69 -9.51
N LYS G 557 -53.44 -55.47 -9.14
CA LYS G 557 -54.83 -55.14 -9.43
C LYS G 557 -55.31 -53.99 -8.54
N GLY G 558 -56.54 -53.55 -8.81
CA GLY G 558 -57.11 -52.42 -8.10
C GLY G 558 -57.81 -52.80 -6.82
N TYR G 559 -58.23 -54.06 -6.69
CA TYR G 559 -58.83 -54.54 -5.46
C TYR G 559 -57.80 -55.05 -4.46
N GLU G 560 -56.52 -54.99 -4.81
CA GLU G 560 -55.45 -55.46 -3.95
C GLU G 560 -54.60 -54.31 -3.40
N ILE G 561 -55.13 -53.10 -3.45
CA ILE G 561 -54.42 -51.91 -3.02
C ILE G 561 -55.20 -51.25 -1.89
N GLY G 562 -56.45 -50.90 -2.15
CA GLY G 562 -57.32 -50.33 -1.15
C GLY G 562 -58.43 -49.48 -1.74
N THR H 1 40.13 -44.41 9.01
CA THR H 1 39.20 -43.45 8.46
C THR H 1 39.48 -43.20 6.98
N VAL H 2 38.54 -43.60 6.13
CA VAL H 2 38.68 -43.46 4.69
C VAL H 2 38.35 -42.02 4.29
N PRO H 3 39.11 -41.41 3.39
CA PRO H 3 38.82 -40.02 3.01
C PRO H 3 37.67 -39.88 2.02
N ASP H 4 36.96 -38.76 2.16
CA ASP H 4 35.93 -38.30 1.22
C ASP H 4 36.04 -36.78 1.23
N ARG H 5 36.87 -36.25 0.33
CA ARG H 5 37.12 -34.81 0.29
C ARG H 5 35.87 -34.05 -0.12
N ASP H 6 35.11 -34.63 -1.04
CA ASP H 6 33.86 -34.04 -1.51
C ASP H 6 32.76 -34.10 -0.47
N ASN H 7 32.96 -34.85 0.62
CA ASN H 7 32.11 -34.85 1.81
C ASN H 7 30.70 -35.34 1.49
N ASP H 8 30.56 -36.07 0.40
CA ASP H 8 29.27 -36.54 -0.06
C ASP H 8 28.97 -37.95 0.41
N GLY H 9 29.64 -38.41 1.47
CA GLY H 9 29.33 -39.68 2.07
C GLY H 9 29.87 -40.86 1.31
N ILE H 10 30.67 -40.63 0.28
CA ILE H 10 31.21 -41.69 -0.55
C ILE H 10 32.67 -41.42 -0.82
N PRO H 11 33.54 -42.38 -0.55
CA PRO H 11 34.99 -42.12 -0.58
C PRO H 11 35.50 -41.89 -1.98
N ASP H 12 36.73 -41.39 -2.02
CA ASP H 12 37.25 -40.75 -3.21
C ASP H 12 37.73 -41.78 -4.22
N SER H 13 38.39 -42.84 -3.72
CA SER H 13 38.90 -43.88 -4.60
C SER H 13 37.78 -44.63 -5.29
N LEU H 14 36.62 -44.77 -4.64
CA LEU H 14 35.51 -45.44 -5.28
C LEU H 14 34.95 -44.60 -6.42
N GLU H 15 34.82 -43.29 -6.19
CA GLU H 15 34.34 -42.38 -7.23
C GLU H 15 35.30 -42.32 -8.40
N VAL H 16 36.59 -42.48 -8.13
CA VAL H 16 37.58 -42.50 -9.21
C VAL H 16 37.50 -43.81 -9.97
N GLU H 17 37.57 -44.93 -9.26
CA GLU H 17 37.85 -46.22 -9.87
C GLU H 17 36.59 -46.99 -10.25
N GLY H 18 35.43 -46.49 -9.88
CA GLY H 18 34.24 -47.22 -10.25
C GLY H 18 33.60 -47.88 -9.06
N TYR H 19 32.26 -47.85 -9.04
CA TYR H 19 31.51 -48.38 -7.92
C TYR H 19 30.10 -48.68 -8.40
N THR H 20 29.30 -49.23 -7.48
CA THR H 20 27.89 -49.59 -7.77
C THR H 20 27.14 -49.77 -6.45
N VAL H 21 25.82 -49.57 -6.50
CA VAL H 21 24.94 -49.73 -5.35
C VAL H 21 24.14 -50.98 -5.58
N ASP H 22 24.07 -51.84 -4.57
CA ASP H 22 23.36 -53.11 -4.72
C ASP H 22 22.62 -53.47 -3.45
N VAL H 23 21.36 -53.86 -3.59
CA VAL H 23 20.62 -54.39 -2.46
C VAL H 23 20.95 -55.86 -2.30
N LYS H 24 20.96 -56.32 -1.05
CA LYS H 24 21.20 -57.73 -0.80
C LYS H 24 19.96 -58.44 -0.27
N ASN H 25 19.41 -57.98 0.85
CA ASN H 25 18.16 -58.55 1.32
C ASN H 25 17.06 -57.52 1.26
N LYS H 26 17.21 -56.42 1.99
CA LYS H 26 16.40 -55.22 1.81
C LYS H 26 17.25 -53.98 2.03
N ARG H 27 18.55 -54.09 1.81
CA ARG H 27 19.48 -53.07 2.26
C ARG H 27 20.48 -52.72 1.18
N THR H 28 20.56 -51.42 0.86
CA THR H 28 21.48 -50.91 -0.18
C THR H 28 22.88 -50.75 0.43
N PHE H 29 23.87 -51.47 -0.11
CA PHE H 29 25.27 -51.39 0.39
C PHE H 29 26.16 -50.78 -0.69
N LEU H 30 26.92 -49.74 -0.34
CA LEU H 30 27.84 -49.08 -1.29
C LEU H 30 29.16 -49.84 -1.33
N SER H 31 29.48 -50.45 -2.47
CA SER H 31 30.74 -51.23 -2.62
C SER H 31 31.44 -50.90 -3.95
N PRO H 32 32.75 -51.17 -4.09
CA PRO H 32 33.49 -50.88 -5.33
C PRO H 32 33.09 -51.82 -6.49
N TRP H 33 33.38 -51.39 -7.72
CA TRP H 33 33.05 -52.16 -8.91
C TRP H 33 33.83 -53.46 -8.98
N ILE H 34 33.10 -54.56 -9.13
CA ILE H 34 33.67 -55.87 -9.42
C ILE H 34 32.95 -56.41 -10.65
N SER H 35 33.72 -56.73 -11.68
CA SER H 35 33.13 -57.13 -12.95
C SER H 35 32.62 -58.56 -12.93
N ASN H 36 32.99 -59.36 -11.94
CA ASN H 36 32.55 -60.75 -11.94
C ASN H 36 31.10 -60.90 -11.52
N ILE H 37 30.61 -59.97 -10.72
CA ILE H 37 29.32 -60.10 -10.07
C ILE H 37 28.35 -59.06 -10.58
N HIS H 38 28.76 -57.80 -10.55
CA HIS H 38 27.85 -56.69 -10.81
C HIS H 38 27.53 -56.56 -12.28
N GLU H 39 28.46 -56.99 -13.13
CA GLU H 39 28.21 -57.01 -14.57
C GLU H 39 27.20 -58.07 -14.95
N LYS H 40 27.22 -59.21 -14.25
CA LYS H 40 26.24 -60.25 -14.51
C LYS H 40 24.86 -59.83 -14.02
N LYS H 41 24.80 -58.99 -13.00
CA LYS H 41 23.52 -58.50 -12.51
C LYS H 41 22.97 -57.37 -13.35
N GLY H 42 23.79 -56.78 -14.22
CA GLY H 42 23.36 -55.66 -15.01
C GLY H 42 23.52 -54.33 -14.30
N LEU H 43 24.30 -54.27 -13.24
CA LEU H 43 24.49 -53.03 -12.51
C LEU H 43 25.40 -52.11 -13.29
N THR H 44 25.12 -50.82 -13.22
CA THR H 44 25.86 -49.84 -14.00
C THR H 44 27.03 -49.31 -13.19
N LYS H 45 28.22 -49.40 -13.78
CA LYS H 45 29.42 -48.90 -13.14
C LYS H 45 29.40 -47.37 -13.10
N TYR H 46 29.70 -46.80 -11.95
CA TYR H 46 29.56 -45.38 -11.71
C TYR H 46 30.91 -44.75 -11.43
N LYS H 47 31.19 -43.61 -12.04
CA LYS H 47 32.36 -42.82 -11.72
C LYS H 47 31.94 -41.37 -11.54
N SER H 48 32.59 -40.69 -10.60
CA SER H 48 32.25 -39.30 -10.32
C SER H 48 33.46 -38.62 -9.71
N SER H 49 33.27 -37.37 -9.35
CA SER H 49 34.41 -36.62 -8.87
C SER H 49 34.69 -36.91 -7.40
N PRO H 50 35.96 -37.06 -7.05
CA PRO H 50 36.33 -37.19 -5.64
C PRO H 50 36.28 -35.87 -4.90
N GLU H 51 36.16 -34.76 -5.60
CA GLU H 51 36.17 -33.46 -4.96
C GLU H 51 34.89 -32.68 -5.19
N LYS H 52 33.95 -33.19 -5.98
CA LYS H 52 32.67 -32.53 -6.12
C LYS H 52 31.64 -33.30 -5.34
N TRP H 53 31.01 -32.61 -4.39
CA TRP H 53 29.85 -33.12 -3.69
C TRP H 53 28.73 -33.43 -4.67
N SER H 54 28.60 -32.62 -5.70
CA SER H 54 27.73 -32.89 -6.82
C SER H 54 28.57 -32.74 -8.07
N THR H 55 28.86 -33.86 -8.73
CA THR H 55 29.74 -33.83 -9.88
C THR H 55 29.09 -33.13 -11.07
N ALA H 56 27.77 -33.20 -11.18
CA ALA H 56 27.07 -32.46 -12.22
C ALA H 56 26.69 -31.07 -11.78
N SER H 57 27.05 -30.67 -10.56
CA SER H 57 26.83 -29.37 -9.93
C SER H 57 25.35 -29.04 -9.72
N ASP H 58 24.43 -29.94 -10.05
CA ASP H 58 23.03 -29.82 -9.72
C ASP H 58 22.87 -29.93 -8.20
N PRO H 59 21.77 -29.40 -7.63
CA PRO H 59 21.64 -29.40 -6.16
C PRO H 59 21.28 -30.77 -5.55
N TYR H 60 21.99 -31.80 -5.98
CA TYR H 60 21.79 -33.16 -5.52
C TYR H 60 23.14 -33.83 -5.49
N SER H 61 23.45 -34.52 -4.39
CA SER H 61 24.76 -35.12 -4.26
C SER H 61 24.89 -36.32 -5.20
N ASP H 62 26.12 -36.80 -5.31
CA ASP H 62 26.37 -38.03 -6.04
C ASP H 62 25.71 -39.20 -5.32
N PHE H 63 25.82 -39.22 -3.99
CA PHE H 63 25.33 -40.33 -3.20
C PHE H 63 23.81 -40.38 -3.19
N GLU H 64 23.15 -39.22 -3.10
CA GLU H 64 21.70 -39.18 -3.17
C GLU H 64 21.21 -39.65 -4.52
N LYS H 65 21.97 -39.36 -5.56
CA LYS H 65 21.55 -39.69 -6.90
C LYS H 65 21.72 -41.16 -7.19
N VAL H 66 22.75 -41.79 -6.62
CA VAL H 66 22.92 -43.21 -6.84
C VAL H 66 22.12 -44.03 -5.82
N THR H 67 21.79 -43.44 -4.68
CA THR H 67 21.10 -44.19 -3.65
C THR H 67 19.60 -44.20 -3.93
N GLY H 68 19.08 -43.08 -4.41
CA GLY H 68 17.66 -42.91 -4.59
C GLY H 68 17.01 -42.02 -3.55
N ARG H 69 17.78 -41.49 -2.61
CA ARG H 69 17.25 -40.58 -1.60
C ARG H 69 17.18 -39.17 -2.18
N ILE H 70 16.22 -39.01 -3.07
CA ILE H 70 16.12 -37.84 -3.93
C ILE H 70 14.64 -37.57 -4.14
N ASP H 71 14.35 -36.37 -4.64
CA ASP H 71 13.04 -36.09 -5.22
C ASP H 71 12.80 -37.05 -6.37
N LYS H 72 11.72 -37.84 -6.25
CA LYS H 72 11.46 -38.90 -7.21
C LYS H 72 10.95 -38.37 -8.53
N ASN H 73 10.60 -37.09 -8.61
CA ASN H 73 10.20 -36.50 -9.88
C ASN H 73 11.37 -36.30 -10.83
N VAL H 74 12.60 -36.46 -10.34
CA VAL H 74 13.76 -36.52 -11.21
C VAL H 74 13.62 -37.71 -12.14
N SER H 75 13.85 -37.46 -13.44
CA SER H 75 13.75 -38.49 -14.45
C SER H 75 14.79 -39.58 -14.20
N PRO H 76 14.50 -40.82 -14.60
CA PRO H 76 15.43 -41.92 -14.31
C PRO H 76 16.74 -41.81 -15.06
N GLU H 77 16.74 -41.26 -16.27
CA GLU H 77 18.00 -41.06 -16.97
C GLU H 77 18.84 -39.95 -16.34
N ALA H 78 18.25 -39.11 -15.51
CA ALA H 78 19.01 -38.15 -14.74
C ALA H 78 19.52 -38.74 -13.43
N ARG H 79 19.29 -40.02 -13.18
CA ARG H 79 19.82 -40.59 -11.96
C ARG H 79 21.29 -40.98 -12.09
N HIS H 80 21.88 -40.80 -13.24
CA HIS H 80 23.31 -40.99 -13.36
C HIS H 80 24.05 -39.72 -12.94
N PRO H 81 25.17 -39.84 -12.21
CA PRO H 81 25.83 -38.65 -11.67
C PRO H 81 26.41 -37.73 -12.72
N LEU H 82 26.78 -38.25 -13.87
CA LEU H 82 27.30 -37.39 -14.92
C LEU H 82 26.20 -36.77 -15.76
N VAL H 83 24.94 -37.06 -15.43
CA VAL H 83 23.80 -36.48 -16.11
C VAL H 83 23.21 -35.39 -15.22
N ALA H 84 23.08 -34.20 -15.77
CA ALA H 84 22.53 -33.08 -15.01
C ALA H 84 21.03 -33.21 -14.87
N ALA H 85 20.51 -32.62 -13.81
CA ALA H 85 19.07 -32.61 -13.54
C ALA H 85 18.64 -31.17 -13.30
N TYR H 86 17.81 -30.64 -14.19
CA TYR H 86 17.44 -29.24 -14.10
C TYR H 86 16.12 -29.03 -14.82
N PRO H 87 15.31 -28.08 -14.38
CA PRO H 87 14.07 -27.76 -15.09
C PRO H 87 14.31 -26.87 -16.29
N ILE H 88 13.44 -27.03 -17.28
CA ILE H 88 13.37 -26.15 -18.42
C ILE H 88 11.93 -25.70 -18.52
N VAL H 89 11.69 -24.42 -18.24
CA VAL H 89 10.35 -23.88 -18.17
C VAL H 89 10.22 -22.78 -19.20
N HIS H 90 9.17 -22.84 -20.00
CA HIS H 90 8.81 -21.75 -20.88
C HIS H 90 7.29 -21.66 -20.93
N VAL H 91 6.80 -20.46 -21.15
CA VAL H 91 5.37 -20.16 -21.06
C VAL H 91 4.83 -20.00 -22.47
N ASP H 92 3.69 -20.62 -22.74
CA ASP H 92 2.94 -20.40 -23.96
C ASP H 92 1.70 -19.58 -23.66
N MET H 93 1.18 -18.93 -24.69
CA MET H 93 0.03 -18.02 -24.56
C MET H 93 -1.08 -18.56 -25.43
N GLU H 94 -2.18 -18.98 -24.81
CA GLU H 94 -3.23 -19.57 -25.62
C GLU H 94 -4.21 -18.53 -26.13
N ASN H 95 -4.46 -17.49 -25.35
CA ASN H 95 -5.55 -16.60 -25.74
C ASN H 95 -5.32 -15.20 -25.19
N ILE H 96 -5.82 -14.22 -25.94
CA ILE H 96 -5.83 -12.83 -25.56
C ILE H 96 -7.25 -12.45 -25.19
N ILE H 97 -7.39 -11.52 -24.26
CA ILE H 97 -8.67 -10.88 -23.97
C ILE H 97 -8.38 -9.40 -23.83
N LEU H 98 -8.89 -8.60 -24.75
CA LEU H 98 -8.80 -7.16 -24.65
C LEU H 98 -10.19 -6.60 -24.36
N SER H 99 -10.24 -5.61 -23.48
CA SER H 99 -11.48 -4.95 -23.12
C SER H 99 -11.32 -3.46 -23.35
N LYS H 100 -12.21 -2.88 -24.12
CA LYS H 100 -12.16 -1.46 -24.39
C LYS H 100 -12.74 -0.70 -23.21
N ASN H 101 -11.90 0.08 -22.53
CA ASN H 101 -12.33 0.87 -21.38
C ASN H 101 -13.01 2.13 -21.91
N GLU H 102 -14.25 1.96 -22.36
CA GLU H 102 -15.06 3.05 -22.89
C GLU H 102 -16.33 3.09 -22.07
N ASP H 103 -16.72 4.26 -21.59
CA ASP H 103 -17.93 4.35 -20.78
C ASP H 103 -19.00 5.10 -21.55
N GLN H 104 -20.12 4.43 -21.78
CA GLN H 104 -21.21 5.00 -22.56
C GLN H 104 -22.45 5.17 -21.69
N SER H 105 -23.28 6.12 -22.06
CA SER H 105 -24.48 6.41 -21.30
C SER H 105 -25.58 6.87 -22.25
N THR H 106 -26.81 6.50 -21.91
CA THR H 106 -27.99 6.92 -22.64
C THR H 106 -28.92 7.63 -21.69
N GLN H 107 -29.52 8.72 -22.17
CA GLN H 107 -30.43 9.53 -21.38
C GLN H 107 -31.75 9.69 -22.12
N ASN H 108 -32.85 9.45 -21.40
CA ASN H 108 -34.19 9.69 -21.93
C ASN H 108 -34.83 10.77 -21.08
N THR H 109 -35.53 11.70 -21.71
CA THR H 109 -36.09 12.85 -21.01
C THR H 109 -37.48 13.17 -21.56
N ASP H 110 -38.44 13.39 -20.67
CA ASP H 110 -39.77 13.85 -21.05
C ASP H 110 -40.07 15.19 -20.39
N SER H 111 -40.74 16.08 -21.11
CA SER H 111 -40.97 17.44 -20.62
C SER H 111 -42.33 17.94 -21.07
N GLN H 112 -43.18 18.32 -20.13
CA GLN H 112 -44.50 18.87 -20.42
C GLN H 112 -44.58 20.28 -19.87
N THR H 113 -44.82 21.25 -20.74
CA THR H 113 -44.77 22.67 -20.41
C THR H 113 -46.13 23.29 -20.66
N ARG H 114 -46.66 23.99 -19.65
CA ARG H 114 -47.93 24.69 -19.78
C ARG H 114 -47.67 26.19 -19.65
N THR H 115 -47.81 26.91 -20.76
CA THR H 115 -47.50 28.34 -20.79
C THR H 115 -48.80 29.12 -20.98
N ILE H 116 -49.15 29.90 -19.97
CA ILE H 116 -50.38 30.69 -19.98
C ILE H 116 -49.98 32.15 -20.10
N SER H 117 -50.42 32.81 -21.16
CA SER H 117 -49.89 34.10 -21.56
C SER H 117 -51.00 35.13 -21.65
N LYS H 118 -50.71 36.35 -21.23
CA LYS H 118 -51.63 37.48 -21.33
C LYS H 118 -51.01 38.53 -22.23
N ASN H 119 -51.86 39.36 -22.87
CA ASN H 119 -51.40 40.46 -23.69
C ASN H 119 -52.49 41.52 -23.69
N THR H 120 -52.10 42.79 -23.79
CA THR H 120 -53.08 43.86 -24.04
C THR H 120 -52.45 44.89 -24.95
N SER H 121 -53.27 45.83 -25.42
CA SER H 121 -52.85 46.77 -26.46
C SER H 121 -53.74 48.00 -26.49
N THR H 122 -53.17 49.14 -26.87
CA THR H 122 -53.90 50.28 -27.41
C THR H 122 -53.18 50.78 -28.65
N SER H 123 -53.83 51.68 -29.37
CA SER H 123 -53.33 52.23 -30.63
C SER H 123 -54.05 53.55 -30.89
N ARG H 124 -53.35 54.54 -31.45
CA ARG H 124 -53.95 55.83 -31.77
C ARG H 124 -53.47 56.33 -33.12
N THR H 125 -54.41 56.50 -34.05
CA THR H 125 -54.14 56.78 -35.45
C THR H 125 -54.60 58.19 -35.77
N HIS H 126 -53.79 58.95 -36.52
CA HIS H 126 -54.18 60.30 -36.93
C HIS H 126 -53.99 60.44 -38.42
N THR H 127 -55.09 60.62 -39.15
CA THR H 127 -55.11 60.49 -40.60
C THR H 127 -55.51 61.82 -41.24
N SER H 128 -54.67 62.30 -42.16
CA SER H 128 -54.99 63.43 -43.02
C SER H 128 -55.14 62.94 -44.46
N GLU H 129 -55.74 63.78 -45.30
CA GLU H 129 -56.19 63.40 -46.63
C GLU H 129 -56.50 64.64 -47.47
N VAL H 130 -55.99 64.71 -48.69
CA VAL H 130 -56.24 65.83 -49.60
C VAL H 130 -56.66 65.26 -50.96
N HIS H 131 -57.94 65.40 -51.29
CA HIS H 131 -58.55 64.87 -52.51
C HIS H 131 -58.58 65.91 -53.62
N GLY H 132 -58.51 65.44 -54.87
CA GLY H 132 -58.69 66.28 -56.03
C GLY H 132 -59.67 65.68 -56.99
N ASN H 133 -60.16 66.52 -57.91
CA ASN H 133 -61.18 66.12 -58.89
C ASN H 133 -61.23 67.16 -60.00
N ALA H 134 -61.43 66.68 -61.23
CA ALA H 134 -61.81 67.50 -62.38
C ALA H 134 -62.84 66.72 -63.17
N GLU H 135 -63.68 67.42 -63.93
CA GLU H 135 -64.79 66.76 -64.61
C GLU H 135 -65.17 67.53 -65.87
N VAL H 136 -65.37 66.82 -66.97
CA VAL H 136 -65.82 67.42 -68.23
C VAL H 136 -67.06 66.69 -68.70
N HIS H 137 -68.19 67.39 -68.73
CA HIS H 137 -69.47 66.84 -69.12
C HIS H 137 -69.85 67.39 -70.49
N ALA H 138 -70.47 66.55 -71.32
CA ALA H 138 -70.85 66.95 -72.67
C ALA H 138 -72.16 66.31 -73.07
N SER H 139 -73.05 67.12 -73.64
CA SER H 139 -74.39 66.63 -74.10
C SER H 139 -74.62 67.12 -75.52
N PHE H 140 -75.82 66.89 -76.05
CA PHE H 140 -76.18 67.38 -77.38
C PHE H 140 -75.85 68.85 -77.54
N PHE H 141 -76.18 69.67 -76.53
CA PHE H 141 -75.89 71.09 -76.60
C PHE H 141 -75.40 71.66 -75.28
N ASP H 142 -75.09 70.81 -74.30
CA ASP H 142 -74.69 71.26 -72.97
C ASP H 142 -73.33 70.68 -72.62
N ILE H 143 -72.37 71.55 -72.35
CA ILE H 143 -71.01 71.17 -71.98
C ILE H 143 -70.67 71.87 -70.67
N GLY H 144 -70.15 71.11 -69.71
CA GLY H 144 -69.76 71.66 -68.43
C GLY H 144 -68.39 71.16 -68.01
N GLY H 145 -67.80 71.87 -67.04
CA GLY H 145 -66.58 71.41 -66.42
C GLY H 145 -66.57 71.80 -64.95
N SER H 146 -65.89 70.98 -64.15
CA SER H 146 -65.95 71.08 -62.69
C SER H 146 -64.59 70.75 -62.08
N VAL H 147 -64.22 71.47 -61.03
CA VAL H 147 -62.95 71.27 -60.33
C VAL H 147 -63.25 71.18 -58.84
N SER H 148 -62.74 70.12 -58.18
CA SER H 148 -63.04 69.88 -56.78
C SER H 148 -61.78 69.49 -56.01
N ALA H 149 -61.79 69.79 -54.71
CA ALA H 149 -60.69 69.45 -53.81
C ALA H 149 -61.22 69.24 -52.40
N GLY H 150 -60.65 68.27 -51.70
CA GLY H 150 -61.16 67.81 -50.41
C GLY H 150 -60.13 67.70 -49.32
N PHE H 151 -60.50 68.06 -48.09
CA PHE H 151 -59.57 68.06 -46.97
C PHE H 151 -60.15 67.23 -45.81
N SER H 152 -59.66 66.00 -45.66
CA SER H 152 -60.20 65.08 -44.67
C SER H 152 -59.18 64.84 -43.55
N ASN H 153 -59.57 65.16 -42.32
CA ASN H 153 -58.83 64.74 -41.13
C ASN H 153 -59.49 63.51 -40.54
N SER H 154 -58.71 62.72 -39.81
CA SER H 154 -59.25 61.55 -39.12
C SER H 154 -58.35 61.13 -37.95
N ASN H 155 -58.94 60.40 -37.00
CA ASN H 155 -58.31 60.04 -35.74
C ASN H 155 -59.01 58.81 -35.15
N SER H 156 -58.25 57.74 -34.97
CA SER H 156 -58.71 56.44 -34.51
C SER H 156 -58.02 56.07 -33.21
N SER H 157 -58.57 55.09 -32.48
CA SER H 157 -57.94 54.57 -31.28
C SER H 157 -58.43 53.15 -30.99
N THR H 158 -57.52 52.18 -31.15
CA THR H 158 -57.82 50.75 -31.10
C THR H 158 -57.33 50.16 -29.79
N VAL H 159 -58.25 49.60 -28.99
CA VAL H 159 -57.91 49.04 -27.69
C VAL H 159 -58.19 47.54 -27.71
N ALA H 160 -57.17 46.74 -27.38
CA ALA H 160 -57.14 45.31 -27.62
C ALA H 160 -56.67 44.55 -26.39
N ILE H 161 -56.98 43.25 -26.35
CA ILE H 161 -56.54 42.37 -25.26
C ILE H 161 -56.54 40.93 -25.77
N ASP H 162 -55.61 40.12 -25.26
CA ASP H 162 -55.35 38.76 -25.69
C ASP H 162 -55.13 37.86 -24.48
N HIS H 163 -55.64 36.62 -24.55
CA HIS H 163 -55.27 35.54 -23.64
C HIS H 163 -54.72 34.39 -24.47
N SER H 164 -53.88 33.54 -23.86
CA SER H 164 -53.17 32.50 -24.60
C SER H 164 -52.85 31.29 -23.73
N LEU H 165 -52.93 30.10 -24.31
CA LEU H 165 -52.40 28.87 -23.70
C LEU H 165 -51.32 28.29 -24.61
N SER H 166 -50.51 27.38 -24.05
CA SER H 166 -49.50 26.63 -24.81
C SER H 166 -49.19 25.33 -24.08
N LEU H 167 -49.29 24.21 -24.79
CA LEU H 167 -48.99 22.90 -24.22
C LEU H 167 -47.86 22.25 -25.01
N ALA H 168 -46.67 22.19 -24.41
CA ALA H 168 -45.46 21.76 -25.09
C ALA H 168 -44.99 20.43 -24.52
N GLY H 169 -45.10 19.37 -25.31
CA GLY H 169 -44.64 18.05 -24.91
C GLY H 169 -43.39 17.66 -25.69
N GLU H 170 -42.38 17.19 -24.97
CA GLU H 170 -41.07 16.95 -25.56
C GLU H 170 -40.50 15.63 -25.08
N ARG H 171 -39.97 14.85 -26.02
CA ARG H 171 -39.26 13.61 -25.71
C ARG H 171 -37.86 13.70 -26.29
N THR H 172 -36.86 13.53 -25.42
CA THR H 172 -35.46 13.75 -25.73
C THR H 172 -34.68 12.45 -25.57
N TRP H 173 -33.98 12.06 -26.61
CA TRP H 173 -33.08 10.91 -26.57
C TRP H 173 -31.65 11.39 -26.69
N ALA H 174 -30.76 10.82 -25.88
CA ALA H 174 -29.38 11.26 -25.84
C ALA H 174 -28.45 10.07 -25.62
N GLU H 175 -27.26 10.16 -26.20
CA GLU H 175 -26.27 9.11 -26.11
C GLU H 175 -24.88 9.72 -26.05
N THR H 176 -24.02 9.16 -25.21
CA THR H 176 -22.70 9.71 -24.95
C THR H 176 -21.70 8.58 -24.82
N MET H 177 -20.52 8.74 -25.43
CA MET H 177 -19.46 7.75 -25.36
C MET H 177 -18.17 8.45 -24.93
N GLY H 178 -17.81 8.29 -23.66
CA GLY H 178 -16.57 8.81 -23.15
C GLY H 178 -15.43 7.82 -23.25
N LEU H 179 -14.22 8.38 -23.38
CA LEU H 179 -13.01 7.62 -23.62
C LEU H 179 -11.84 8.40 -23.04
N ASN H 180 -10.80 7.68 -22.61
CA ASN H 180 -9.53 8.28 -22.22
C ASN H 180 -8.46 7.62 -23.06
N THR H 181 -7.68 8.45 -23.78
CA THR H 181 -6.70 7.95 -24.75
C THR H 181 -5.55 7.21 -24.08
N ALA H 182 -5.29 7.45 -22.81
CA ALA H 182 -4.21 6.77 -22.14
C ALA H 182 -4.64 5.42 -21.58
N ASP H 183 -5.94 5.21 -21.39
CA ASP H 183 -6.46 4.00 -20.75
C ASP H 183 -7.57 3.41 -21.60
N THR H 184 -7.28 3.19 -22.87
CA THR H 184 -8.30 2.69 -23.78
C THR H 184 -8.62 1.23 -23.51
N ALA H 185 -7.60 0.40 -23.28
CA ALA H 185 -7.82 -1.04 -23.25
C ALA H 185 -7.19 -1.66 -22.02
N ARG H 186 -7.78 -2.79 -21.62
CA ARG H 186 -7.25 -3.62 -20.55
C ARG H 186 -7.01 -5.01 -21.08
N LEU H 187 -5.93 -5.63 -20.64
CA LEU H 187 -5.49 -6.90 -21.20
C LEU H 187 -5.70 -8.05 -20.22
N ASN H 188 -5.76 -9.25 -20.79
CA ASN H 188 -5.82 -10.47 -19.99
C ASN H 188 -5.27 -11.62 -20.81
N ALA H 189 -4.27 -12.30 -20.28
CA ALA H 189 -3.60 -13.40 -20.96
C ALA H 189 -4.09 -14.73 -20.42
N ASN H 190 -4.20 -15.72 -21.31
CA ASN H 190 -4.47 -17.09 -20.92
C ASN H 190 -3.25 -17.93 -21.25
N ILE H 191 -2.56 -18.40 -20.21
CA ILE H 191 -1.23 -18.97 -20.36
C ILE H 191 -1.12 -20.28 -19.60
N ARG H 192 -0.16 -21.10 -20.02
CA ARG H 192 0.19 -22.33 -19.34
C ARG H 192 1.69 -22.36 -19.07
N TYR H 193 2.06 -23.26 -18.18
CA TYR H 193 3.44 -23.48 -17.80
C TYR H 193 3.83 -24.88 -18.26
N VAL H 194 4.99 -25.00 -18.87
CA VAL H 194 5.46 -26.25 -19.45
C VAL H 194 6.82 -26.56 -18.86
N ASN H 195 7.00 -27.78 -18.38
CA ASN H 195 8.33 -28.22 -17.96
C ASN H 195 8.81 -29.27 -18.95
N THR H 196 9.81 -28.90 -19.74
CA THR H 196 10.50 -29.85 -20.59
C THR H 196 11.82 -30.30 -20.00
N GLY H 197 12.13 -29.88 -18.78
CA GLY H 197 13.39 -30.21 -18.15
C GLY H 197 13.44 -31.61 -17.57
N THR H 198 14.27 -31.77 -16.55
CA THR H 198 14.48 -33.05 -15.89
C THR H 198 14.29 -33.01 -14.40
N ALA H 199 14.57 -31.89 -13.76
CA ALA H 199 14.26 -31.76 -12.36
C ALA H 199 12.99 -30.94 -12.20
N PRO H 200 12.19 -31.20 -11.18
CA PRO H 200 11.05 -30.33 -10.90
C PRO H 200 11.50 -29.03 -10.25
N ILE H 201 10.64 -28.03 -10.36
CA ILE H 201 10.90 -26.70 -9.83
C ILE H 201 9.69 -26.29 -8.99
N TYR H 202 9.95 -25.70 -7.84
CA TYR H 202 8.89 -25.38 -6.88
C TYR H 202 8.73 -23.89 -6.69
N ASN H 203 7.48 -23.47 -6.46
CA ASN H 203 7.06 -22.08 -6.32
C ASN H 203 7.44 -21.29 -7.57
N VAL H 204 6.85 -21.69 -8.68
CA VAL H 204 7.24 -21.14 -9.97
C VAL H 204 6.63 -19.76 -10.15
N LEU H 205 7.48 -18.77 -10.41
CA LEU H 205 7.03 -17.43 -10.74
C LEU H 205 7.80 -16.95 -11.96
N PRO H 206 7.22 -17.11 -13.13
CA PRO H 206 7.89 -16.60 -14.34
C PRO H 206 7.77 -15.09 -14.44
N THR H 207 8.77 -14.49 -15.05
CA THR H 207 8.74 -13.08 -15.42
C THR H 207 8.54 -13.04 -16.93
N THR H 208 7.40 -12.49 -17.36
CA THR H 208 7.06 -12.48 -18.77
C THR H 208 6.86 -11.05 -19.27
N SER H 209 6.60 -10.95 -20.56
CA SER H 209 6.52 -9.66 -21.23
C SER H 209 5.52 -9.68 -22.39
N LEU H 210 4.56 -8.76 -22.34
CA LEU H 210 3.66 -8.47 -23.45
C LEU H 210 4.33 -7.51 -24.42
N VAL H 211 4.40 -7.90 -25.70
CA VAL H 211 5.13 -7.16 -26.73
C VAL H 211 4.24 -7.00 -27.96
N LEU H 212 4.13 -5.78 -28.47
CA LEU H 212 3.55 -5.52 -29.76
C LEU H 212 4.61 -5.42 -30.85
N GLY H 213 4.18 -5.69 -32.08
CA GLY H 213 4.94 -5.32 -33.26
C GLY H 213 6.22 -6.09 -33.40
N LYS H 214 7.28 -5.39 -33.80
CA LYS H 214 8.59 -5.99 -33.88
C LYS H 214 9.17 -6.16 -32.49
N ASN H 215 9.36 -5.06 -31.78
CA ASN H 215 9.89 -5.12 -30.43
C ASN H 215 9.27 -4.09 -29.51
N GLN H 216 8.04 -3.68 -29.78
CA GLN H 216 7.38 -2.68 -28.95
C GLN H 216 6.78 -3.40 -27.76
N THR H 217 7.47 -3.32 -26.63
CA THR H 217 7.05 -4.01 -25.43
C THR H 217 5.92 -3.24 -24.77
N LEU H 218 4.77 -3.88 -24.61
CA LEU H 218 3.71 -3.28 -23.81
C LEU H 218 4.09 -3.26 -22.35
N ALA H 219 4.40 -4.43 -21.80
CA ALA H 219 4.56 -4.49 -20.35
C ALA H 219 5.43 -5.67 -19.99
N THR H 220 6.03 -5.60 -18.82
CA THR H 220 6.79 -6.69 -18.24
C THR H 220 6.20 -7.00 -16.87
N ILE H 221 5.73 -8.23 -16.69
CA ILE H 221 4.98 -8.61 -15.50
C ILE H 221 5.64 -9.82 -14.86
N LYS H 222 5.95 -9.71 -13.58
CA LYS H 222 6.31 -10.85 -12.77
C LYS H 222 5.05 -11.55 -12.28
N ALA H 223 5.08 -12.88 -12.26
CA ALA H 223 3.92 -13.65 -11.83
C ALA H 223 3.62 -13.41 -10.36
N LYS H 224 2.36 -13.14 -10.05
CA LYS H 224 1.96 -12.82 -8.70
C LYS H 224 1.41 -14.07 -8.00
N GLU H 225 0.85 -13.87 -6.82
CA GLU H 225 0.43 -14.99 -5.99
C GLU H 225 -0.81 -15.68 -6.53
N ASN H 226 -1.59 -15.01 -7.35
CA ASN H 226 -2.62 -15.72 -8.10
C ASN H 226 -2.02 -16.62 -9.16
N GLN H 227 -0.82 -16.30 -9.61
CA GLN H 227 -0.20 -17.00 -10.71
C GLN H 227 0.89 -17.96 -10.24
N LEU H 228 0.88 -18.32 -8.96
CA LEU H 228 1.92 -19.18 -8.45
C LEU H 228 1.64 -20.63 -8.82
N SER H 229 2.69 -21.34 -9.19
CA SER H 229 2.62 -22.79 -9.40
C SER H 229 3.48 -23.45 -8.35
N GLN H 230 2.86 -24.28 -7.52
CA GLN H 230 3.57 -24.93 -6.43
C GLN H 230 4.52 -25.99 -6.96
N ILE H 231 4.04 -26.84 -7.86
CA ILE H 231 4.83 -27.93 -8.43
C ILE H 231 4.81 -27.79 -9.93
N LEU H 232 5.97 -27.91 -10.56
CA LEU H 232 6.02 -28.14 -12.00
C LEU H 232 7.00 -29.29 -12.21
N ALA H 233 6.48 -30.51 -12.18
CA ALA H 233 7.26 -31.68 -12.48
C ALA H 233 7.59 -31.70 -13.98
N PRO H 234 8.69 -32.34 -14.37
CA PRO H 234 9.02 -32.41 -15.80
C PRO H 234 8.02 -33.22 -16.60
N ASN H 235 7.92 -32.85 -17.88
CA ASN H 235 6.92 -33.34 -18.83
C ASN H 235 5.51 -33.14 -18.30
N ASN H 236 5.26 -31.95 -17.77
CA ASN H 236 3.95 -31.61 -17.26
C ASN H 236 3.63 -30.15 -17.55
N TYR H 237 2.35 -29.85 -17.37
CA TYR H 237 1.79 -28.54 -17.58
C TYR H 237 1.21 -28.02 -16.27
N TYR H 238 1.22 -26.70 -16.11
CA TYR H 238 0.47 -26.06 -15.06
C TYR H 238 -0.41 -25.01 -15.71
N PRO H 239 -1.74 -25.16 -15.64
CA PRO H 239 -2.44 -26.30 -15.06
C PRO H 239 -2.47 -27.45 -16.04
N SER H 240 -3.08 -28.56 -15.66
CA SER H 240 -3.11 -29.74 -16.50
C SER H 240 -3.87 -29.48 -17.79
N LYS H 241 -3.61 -30.35 -18.76
CA LYS H 241 -4.06 -30.12 -20.13
C LYS H 241 -5.57 -30.20 -20.26
N ASN H 242 -6.22 -30.99 -19.41
CA ASN H 242 -7.67 -31.02 -19.42
C ASN H 242 -8.28 -29.72 -18.92
N LEU H 243 -7.58 -29.03 -18.03
CA LEU H 243 -8.11 -27.80 -17.47
C LEU H 243 -7.75 -26.63 -18.37
N ALA H 244 -8.38 -25.51 -18.12
CA ALA H 244 -8.17 -24.30 -18.90
C ALA H 244 -6.97 -23.51 -18.39
N PRO H 245 -6.26 -22.79 -19.27
CA PRO H 245 -5.07 -22.05 -18.83
C PRO H 245 -5.43 -20.91 -17.90
N ILE H 246 -4.42 -20.39 -17.23
CA ILE H 246 -4.64 -19.42 -16.18
C ILE H 246 -4.66 -18.02 -16.79
N ALA H 247 -5.18 -17.07 -16.01
CA ALA H 247 -5.43 -15.71 -16.44
C ALA H 247 -4.46 -14.76 -15.74
N LEU H 248 -3.75 -13.98 -16.54
CA LEU H 248 -2.87 -12.93 -16.04
C LEU H 248 -3.44 -11.59 -16.49
N ASN H 249 -3.81 -10.75 -15.53
CA ASN H 249 -4.41 -9.47 -15.89
C ASN H 249 -4.00 -8.32 -14.98
N ALA H 250 -2.91 -8.45 -14.26
CA ALA H 250 -2.62 -7.50 -13.19
C ALA H 250 -1.20 -6.96 -13.34
N GLN H 251 -0.97 -5.78 -12.76
CA GLN H 251 0.35 -5.11 -12.85
C GLN H 251 0.92 -4.86 -11.44
N ASP H 252 0.10 -4.29 -10.54
CA ASP H 252 0.54 -3.97 -9.16
C ASP H 252 0.92 -5.27 -8.44
N ASP H 253 2.03 -5.25 -7.69
CA ASP H 253 2.51 -6.44 -6.95
C ASP H 253 1.38 -6.97 -6.06
N PHE H 254 0.34 -6.16 -5.86
CA PHE H 254 -0.82 -6.55 -5.04
C PHE H 254 -2.02 -6.82 -5.92
N SER H 255 -1.84 -7.00 -7.20
CA SER H 255 -2.95 -7.40 -8.10
C SER H 255 -4.18 -6.50 -8.04
N SER H 256 -4.01 -5.20 -7.78
CA SER H 256 -5.17 -4.29 -7.65
C SER H 256 -5.24 -3.30 -8.82
N THR H 257 -4.46 -3.55 -9.88
CA THR H 257 -4.44 -2.65 -11.04
C THR H 257 -4.27 -3.41 -12.36
N PRO H 258 -5.19 -3.24 -13.29
CA PRO H 258 -5.16 -3.99 -14.52
C PRO H 258 -4.07 -3.50 -15.47
N ILE H 259 -3.61 -4.31 -16.43
CA ILE H 259 -2.62 -3.90 -17.46
C ILE H 259 -3.37 -3.03 -18.46
N THR H 260 -2.77 -1.94 -18.88
CA THR H 260 -3.32 -0.79 -19.59
C THR H 260 -2.72 -0.67 -20.98
N MET H 261 -3.54 -0.29 -21.95
CA MET H 261 -3.11 0.00 -23.30
C MET H 261 -3.71 1.32 -23.74
N ASN H 262 -2.89 2.16 -24.37
CA ASN H 262 -3.33 3.45 -24.85
C ASN H 262 -3.97 3.33 -26.24
N TYR H 263 -4.13 4.45 -26.92
CA TYR H 263 -5.00 4.51 -28.08
C TYR H 263 -4.31 3.98 -29.33
N ASN H 264 -3.10 4.44 -29.59
CA ASN H 264 -2.42 4.10 -30.84
C ASN H 264 -2.06 2.63 -30.86
N GLN H 265 -1.63 2.10 -29.72
CA GLN H 265 -1.36 0.68 -29.60
C GLN H 265 -2.62 -0.15 -29.77
N PHE H 266 -3.76 0.38 -29.32
CA PHE H 266 -5.03 -0.31 -29.50
C PHE H 266 -5.42 -0.38 -30.96
N LEU H 267 -5.21 0.71 -31.69
CA LEU H 267 -5.48 0.72 -33.12
C LEU H 267 -4.56 -0.23 -33.86
N GLU H 268 -3.28 -0.21 -33.50
CA GLU H 268 -2.30 -1.07 -34.16
C GLU H 268 -2.55 -2.54 -33.85
N LEU H 269 -3.05 -2.83 -32.65
CA LEU H 269 -3.37 -4.21 -32.32
C LEU H 269 -4.59 -4.68 -33.09
N GLU H 270 -5.64 -3.86 -33.17
CA GLU H 270 -6.80 -4.28 -33.94
C GLU H 270 -6.55 -4.27 -35.43
N LYS H 271 -5.50 -3.62 -35.90
CA LYS H 271 -5.15 -3.75 -37.32
C LYS H 271 -4.31 -5.00 -37.56
N THR H 272 -3.22 -5.14 -36.81
CA THR H 272 -2.19 -6.12 -37.15
C THR H 272 -2.38 -7.46 -36.47
N LYS H 273 -3.05 -7.48 -35.32
CA LYS H 273 -3.30 -8.69 -34.52
C LYS H 273 -2.03 -9.41 -34.10
N GLN H 274 -0.93 -8.66 -33.96
CA GLN H 274 0.36 -9.24 -33.59
C GLN H 274 0.67 -8.86 -32.16
N LEU H 275 0.47 -9.82 -31.26
CA LEU H 275 0.72 -9.60 -29.83
C LEU H 275 1.46 -10.83 -29.33
N ARG H 276 2.74 -10.68 -29.07
CA ARG H 276 3.57 -11.80 -28.70
C ARG H 276 3.96 -11.70 -27.24
N LEU H 277 4.43 -12.84 -26.72
CA LEU H 277 4.66 -13.04 -25.30
C LEU H 277 6.05 -13.61 -25.11
N ASP H 278 6.87 -12.95 -24.30
CA ASP H 278 8.21 -13.43 -24.06
C ASP H 278 8.39 -13.88 -22.62
N THR H 279 9.21 -14.90 -22.43
CA THR H 279 9.51 -15.46 -21.12
C THR H 279 10.94 -15.05 -20.79
N ASP H 280 11.09 -14.04 -19.94
CA ASP H 280 12.40 -13.47 -19.69
C ASP H 280 13.17 -14.30 -18.68
N GLN H 281 12.60 -14.53 -17.51
CA GLN H 281 13.27 -15.36 -16.51
C GLN H 281 12.20 -15.94 -15.60
N VAL H 282 12.57 -17.03 -14.93
CA VAL H 282 11.63 -17.81 -14.16
C VAL H 282 12.18 -17.96 -12.76
N TYR H 283 11.40 -17.54 -11.77
CA TYR H 283 11.77 -17.78 -10.38
C TYR H 283 11.23 -19.13 -9.93
N GLY H 284 12.00 -19.80 -9.07
CA GLY H 284 11.61 -21.09 -8.56
C GLY H 284 12.64 -21.75 -7.67
N ASN H 285 12.18 -22.53 -6.70
CA ASN H 285 13.03 -23.04 -5.64
C ASN H 285 13.36 -24.51 -5.83
N ILE H 286 14.34 -24.97 -5.05
CA ILE H 286 14.73 -26.38 -4.97
C ILE H 286 14.24 -26.92 -3.64
N ALA H 287 13.69 -28.13 -3.67
CA ALA H 287 13.48 -28.91 -2.46
C ALA H 287 14.59 -29.95 -2.38
N THR H 288 15.22 -30.05 -1.22
CA THR H 288 16.34 -30.96 -1.00
C THR H 288 15.94 -32.08 -0.05
N TYR H 289 16.64 -33.19 -0.19
CA TYR H 289 16.42 -34.32 0.69
C TYR H 289 16.96 -34.03 2.09
N ASN H 290 16.26 -34.53 3.10
CA ASN H 290 16.73 -34.45 4.48
C ASN H 290 17.15 -35.84 4.92
N PHE H 291 18.38 -35.95 5.40
CA PHE H 291 18.85 -37.22 5.94
C PHE H 291 18.26 -37.53 7.30
N GLU H 292 17.63 -36.54 7.92
CA GLU H 292 17.04 -36.76 9.24
C GLU H 292 15.85 -37.69 9.16
N ASN H 293 14.82 -37.31 8.41
CA ASN H 293 13.58 -38.07 8.39
C ASN H 293 13.19 -38.50 6.98
N GLY H 294 14.08 -38.34 6.01
CA GLY H 294 13.75 -38.68 4.65
C GLY H 294 12.89 -37.68 3.92
N ARG H 295 12.39 -36.64 4.60
CA ARG H 295 11.44 -35.76 3.97
C ARG H 295 12.13 -34.70 3.13
N VAL H 296 11.73 -34.62 1.88
CA VAL H 296 12.31 -33.63 0.99
C VAL H 296 11.62 -32.30 1.26
N ARG H 297 12.39 -31.29 1.63
CA ARG H 297 11.87 -30.02 2.10
C ARG H 297 12.34 -28.89 1.21
N VAL H 298 11.49 -27.89 1.04
CA VAL H 298 11.82 -26.75 0.22
C VAL H 298 12.66 -25.77 1.03
N ASP H 299 13.82 -25.42 0.50
CA ASP H 299 14.53 -24.23 0.96
C ASP H 299 13.97 -23.06 0.16
N THR H 300 13.27 -22.16 0.85
CA THR H 300 12.79 -20.96 0.20
C THR H 300 13.92 -19.98 -0.12
N GLY H 301 15.06 -20.12 0.54
CA GLY H 301 16.17 -19.21 0.28
C GLY H 301 16.82 -19.47 -1.07
N SER H 302 17.15 -20.73 -1.34
CA SER H 302 17.83 -21.06 -2.58
C SER H 302 16.86 -21.10 -3.75
N ASN H 303 17.37 -20.76 -4.93
CA ASN H 303 16.61 -20.82 -6.16
C ASN H 303 17.48 -21.37 -7.27
N TRP H 304 16.83 -21.77 -8.36
CA TRP H 304 17.54 -22.28 -9.53
C TRP H 304 18.36 -21.21 -10.24
N SER H 305 18.12 -19.95 -9.93
CA SER H 305 18.93 -18.86 -10.43
C SER H 305 20.38 -19.01 -10.02
N GLU H 306 20.62 -19.59 -8.86
CA GLU H 306 21.98 -19.84 -8.42
C GLU H 306 22.64 -20.95 -9.22
N VAL H 307 21.84 -21.86 -9.76
CA VAL H 307 22.32 -23.17 -10.14
C VAL H 307 22.45 -23.32 -11.65
N LEU H 308 21.50 -22.77 -12.41
CA LEU H 308 21.49 -22.95 -13.85
C LEU H 308 22.72 -22.41 -14.59
N PRO H 309 23.30 -21.24 -14.29
CA PRO H 309 24.54 -20.87 -14.97
C PRO H 309 25.72 -21.72 -14.53
N GLN H 310 25.67 -22.29 -13.34
CA GLN H 310 26.72 -23.22 -12.93
C GLN H 310 26.67 -24.48 -13.77
N ILE H 311 25.46 -24.92 -14.13
CA ILE H 311 25.33 -26.10 -14.97
C ILE H 311 25.72 -25.78 -16.39
N GLN H 312 25.34 -24.60 -16.88
CA GLN H 312 25.59 -24.25 -18.27
C GLN H 312 27.07 -24.06 -18.57
N GLU H 313 27.84 -23.61 -17.59
CA GLU H 313 29.24 -23.33 -17.83
C GLU H 313 30.15 -24.52 -17.58
N THR H 314 29.59 -25.65 -17.21
CA THR H 314 30.40 -26.81 -16.85
C THR H 314 30.08 -28.05 -17.64
N THR H 315 29.07 -28.02 -18.51
CA THR H 315 28.59 -29.21 -19.18
C THR H 315 28.62 -29.01 -20.68
N ALA H 316 28.50 -30.13 -21.39
CA ALA H 316 28.20 -30.13 -22.81
C ALA H 316 26.72 -30.36 -23.00
N ARG H 317 26.12 -29.61 -23.91
CA ARG H 317 24.69 -29.69 -24.18
C ARG H 317 24.46 -30.45 -25.48
N ILE H 318 23.53 -31.40 -25.44
CA ILE H 318 23.18 -32.21 -26.61
C ILE H 318 21.69 -32.17 -26.78
N ILE H 319 21.25 -31.78 -27.98
CA ILE H 319 19.83 -31.75 -28.32
C ILE H 319 19.59 -32.81 -29.39
N PHE H 320 18.52 -33.57 -29.20
CA PHE H 320 18.21 -34.73 -30.03
C PHE H 320 16.72 -34.85 -30.21
N ASN H 321 16.29 -35.18 -31.42
CA ASN H 321 14.87 -35.16 -31.75
C ASN H 321 14.43 -36.45 -32.43
N GLY H 322 15.05 -37.56 -32.07
CA GLY H 322 14.60 -38.81 -32.64
C GLY H 322 13.42 -39.44 -31.95
N LYS H 323 13.06 -38.93 -30.77
CA LYS H 323 11.88 -39.39 -30.07
C LYS H 323 10.73 -38.47 -30.45
N ASP H 324 10.03 -38.87 -31.51
CA ASP H 324 8.79 -38.26 -31.99
C ASP H 324 8.98 -36.79 -32.35
N LEU H 325 10.14 -36.50 -32.95
CA LEU H 325 10.47 -35.21 -33.56
C LEU H 325 10.45 -34.07 -32.55
N ASN H 326 10.76 -34.38 -31.31
CA ASN H 326 10.67 -33.42 -30.23
C ASN H 326 12.06 -33.15 -29.70
N LEU H 327 12.40 -31.87 -29.58
CA LEU H 327 13.75 -31.46 -29.18
C LEU H 327 13.96 -31.80 -27.71
N VAL H 328 14.86 -32.75 -27.46
CA VAL H 328 15.18 -33.20 -26.11
C VAL H 328 16.60 -32.76 -25.82
N GLU H 329 16.75 -31.98 -24.74
CA GLU H 329 18.01 -31.38 -24.36
C GLU H 329 18.55 -32.08 -23.11
N ARG H 330 19.82 -32.47 -23.16
CA ARG H 330 20.49 -33.04 -22.01
C ARG H 330 21.87 -32.43 -21.87
N ARG H 331 22.23 -32.08 -20.63
CA ARG H 331 23.55 -31.54 -20.34
C ARG H 331 24.33 -32.58 -19.56
N ILE H 332 25.55 -32.84 -20.02
CA ILE H 332 26.39 -33.89 -19.49
C ILE H 332 27.70 -33.25 -19.03
N ALA H 333 28.12 -33.58 -17.82
CA ALA H 333 29.33 -32.98 -17.26
C ALA H 333 30.55 -33.42 -18.04
N ALA H 334 31.33 -32.45 -18.51
CA ALA H 334 32.54 -32.73 -19.26
C ALA H 334 33.62 -31.76 -18.84
N VAL H 335 34.87 -32.14 -19.12
CA VAL H 335 36.02 -31.50 -18.50
C VAL H 335 36.39 -30.23 -19.25
N ASN H 336 36.55 -29.14 -18.50
CA ASN H 336 37.25 -27.96 -18.99
C ASN H 336 38.71 -28.08 -18.58
N PRO H 337 39.64 -28.12 -19.54
CA PRO H 337 41.04 -28.35 -19.17
C PRO H 337 41.69 -27.18 -18.44
N SER H 338 41.22 -25.96 -18.65
CA SER H 338 41.82 -24.80 -18.03
C SER H 338 41.34 -24.57 -16.60
N ASP H 339 40.46 -25.41 -16.09
CA ASP H 339 39.91 -25.28 -14.74
C ASP H 339 40.35 -26.49 -13.94
N PRO H 340 41.15 -26.33 -12.88
CA PRO H 340 41.71 -27.48 -12.18
C PRO H 340 40.67 -28.30 -11.44
N LEU H 341 39.68 -27.65 -10.85
CA LEU H 341 38.62 -28.40 -10.18
C LEU H 341 37.75 -29.15 -11.19
N GLU H 342 37.56 -28.56 -12.37
CA GLU H 342 36.74 -29.21 -13.39
C GLU H 342 37.44 -30.42 -13.98
N THR H 343 38.76 -30.47 -13.93
CA THR H 343 39.51 -31.60 -14.44
C THR H 343 39.46 -32.82 -13.54
N THR H 344 38.86 -32.71 -12.36
CA THR H 344 38.77 -33.81 -11.42
C THR H 344 37.69 -34.83 -11.79
N LYS H 345 36.93 -34.57 -12.84
CA LYS H 345 35.89 -35.47 -13.27
C LYS H 345 36.46 -36.59 -14.13
N PRO H 346 35.80 -37.74 -14.16
CA PRO H 346 36.20 -38.78 -15.11
C PRO H 346 35.90 -38.36 -16.54
N ASP H 347 36.66 -38.94 -17.46
CA ASP H 347 36.56 -38.55 -18.87
C ASP H 347 35.28 -39.08 -19.48
N MET H 348 34.73 -38.32 -20.43
CA MET H 348 33.50 -38.68 -21.11
C MET H 348 33.73 -38.78 -22.61
N THR H 349 33.62 -39.99 -23.14
CA THR H 349 33.54 -40.13 -24.58
C THR H 349 32.14 -39.81 -25.06
N LEU H 350 32.03 -39.60 -26.37
CA LEU H 350 30.74 -39.25 -26.94
C LEU H 350 29.79 -40.43 -26.91
N LYS H 351 30.29 -41.63 -27.19
CA LYS H 351 29.43 -42.80 -27.26
C LYS H 351 28.87 -43.18 -25.90
N GLU H 352 29.71 -43.09 -24.86
CA GLU H 352 29.26 -43.31 -23.50
C GLU H 352 28.19 -42.29 -23.10
N ALA H 353 28.38 -41.05 -23.52
CA ALA H 353 27.43 -39.99 -23.23
C ALA H 353 26.09 -40.26 -23.90
N LEU H 354 26.13 -40.66 -25.16
CA LEU H 354 24.91 -40.98 -25.89
C LEU H 354 24.23 -42.22 -25.33
N LYS H 355 25.02 -43.13 -24.77
CA LYS H 355 24.45 -44.31 -24.15
C LYS H 355 23.73 -43.98 -22.87
N ILE H 356 24.35 -43.18 -22.01
CA ILE H 356 23.75 -42.94 -20.70
C ILE H 356 22.68 -41.85 -20.77
N ALA H 357 22.73 -40.98 -21.76
CA ALA H 357 21.84 -39.83 -21.78
C ALA H 357 20.55 -40.11 -22.50
N PHE H 358 20.59 -40.93 -23.54
CA PHE H 358 19.45 -41.13 -24.40
C PHE H 358 18.97 -42.57 -24.37
N GLY H 359 19.55 -43.40 -23.51
CA GLY H 359 19.17 -44.80 -23.48
C GLY H 359 19.66 -45.58 -24.67
N PHE H 360 20.75 -45.15 -25.28
CA PHE H 360 21.25 -45.87 -26.44
C PHE H 360 21.90 -47.18 -26.02
N ASN H 361 22.06 -48.07 -27.00
CA ASN H 361 22.67 -49.36 -26.74
C ASN H 361 23.45 -49.82 -27.95
N GLU H 362 24.33 -50.78 -27.73
CA GLU H 362 24.95 -51.56 -28.79
C GLU H 362 24.53 -53.01 -28.61
N PRO H 363 23.35 -53.37 -29.10
CA PRO H 363 22.87 -54.76 -28.94
C PRO H 363 23.63 -55.73 -29.81
N ASN H 364 24.28 -55.25 -30.87
CA ASN H 364 25.11 -56.08 -31.72
C ASN H 364 26.41 -55.33 -32.01
N GLY H 365 26.95 -54.66 -31.00
CA GLY H 365 28.13 -53.86 -31.19
C GLY H 365 27.92 -52.58 -31.99
N ASN H 366 26.68 -52.18 -32.19
CA ASN H 366 26.37 -51.02 -33.01
C ASN H 366 25.41 -50.11 -32.27
N LEU H 367 25.79 -48.82 -32.18
CA LEU H 367 25.07 -47.88 -31.34
C LEU H 367 23.69 -47.59 -31.93
N GLN H 368 22.67 -47.83 -31.13
CA GLN H 368 21.31 -47.75 -31.64
C GLN H 368 20.39 -47.03 -30.67
N TYR H 369 19.48 -46.26 -31.24
CA TYR H 369 18.42 -45.59 -30.50
C TYR H 369 17.24 -46.44 -30.97
N GLN H 370 16.58 -47.11 -30.03
CA GLN H 370 15.48 -48.03 -30.33
C GLN H 370 16.02 -49.03 -31.36
N GLY H 371 15.33 -49.21 -32.47
CA GLY H 371 15.77 -50.14 -33.50
C GLY H 371 16.48 -49.45 -34.65
N LYS H 372 16.70 -48.14 -34.51
CA LYS H 372 17.32 -47.32 -35.61
C LYS H 372 18.82 -47.14 -35.36
N ASP H 373 19.62 -47.29 -36.41
CA ASP H 373 21.05 -47.10 -36.34
C ASP H 373 21.39 -45.64 -36.11
N ILE H 374 22.56 -45.42 -35.50
CA ILE H 374 23.08 -44.07 -35.30
C ILE H 374 23.49 -43.43 -36.62
N THR H 375 23.81 -44.26 -37.62
CA THR H 375 24.30 -43.74 -38.88
C THR H 375 23.21 -43.05 -39.71
N GLU H 376 21.95 -43.23 -39.34
CA GLU H 376 20.86 -42.49 -39.96
C GLU H 376 20.62 -41.15 -39.29
N PHE H 377 21.47 -40.75 -38.36
CA PHE H 377 21.39 -39.45 -37.73
C PHE H 377 22.60 -38.60 -38.11
N ASP H 378 22.36 -37.31 -38.28
CA ASP H 378 23.42 -36.38 -38.64
C ASP H 378 23.72 -35.43 -37.50
N PHE H 379 24.96 -34.95 -37.50
CA PHE H 379 25.54 -34.17 -36.42
C PHE H 379 25.70 -32.72 -36.85
N ASN H 380 25.52 -31.82 -35.88
CA ASN H 380 25.64 -30.41 -36.12
C ASN H 380 26.29 -29.77 -34.91
N PHE H 381 27.16 -28.81 -35.18
CA PHE H 381 27.99 -28.21 -34.15
C PHE H 381 28.07 -26.72 -34.40
N ASP H 382 28.12 -25.95 -33.33
CA ASP H 382 28.53 -24.57 -33.49
C ASP H 382 30.03 -24.50 -33.70
N GLN H 383 30.49 -23.28 -34.03
CA GLN H 383 31.80 -23.07 -34.65
C GLN H 383 32.94 -23.49 -33.73
N GLN H 384 32.80 -23.22 -32.44
CA GLN H 384 33.82 -23.62 -31.48
C GLN H 384 33.87 -25.13 -31.33
N THR H 385 32.71 -25.76 -31.16
CA THR H 385 32.66 -27.21 -31.00
C THR H 385 33.04 -27.90 -32.31
N SER H 386 32.62 -27.34 -33.45
CA SER H 386 32.99 -27.92 -34.74
C SER H 386 34.49 -27.81 -34.97
N GLN H 387 35.09 -26.70 -34.54
CA GLN H 387 36.54 -26.56 -34.62
C GLN H 387 37.25 -27.58 -33.74
N ASN H 388 36.73 -27.82 -32.54
CA ASN H 388 37.38 -28.75 -31.64
C ASN H 388 37.23 -30.19 -32.14
N ILE H 389 36.08 -30.51 -32.73
CA ILE H 389 35.89 -31.82 -33.34
C ILE H 389 36.79 -31.99 -34.55
N LYS H 390 36.99 -30.91 -35.30
CA LYS H 390 37.92 -30.92 -36.43
C LYS H 390 39.34 -31.22 -35.96
N ASN H 391 39.73 -30.61 -34.85
CA ASN H 391 41.07 -30.83 -34.31
C ASN H 391 41.23 -32.25 -33.79
N GLN H 392 40.19 -32.78 -33.14
CA GLN H 392 40.25 -34.14 -32.62
C GLN H 392 40.29 -35.17 -33.75
N LEU H 393 39.55 -34.92 -34.84
CA LEU H 393 39.60 -35.83 -35.96
C LEU H 393 40.90 -35.71 -36.72
N ALA H 394 41.51 -34.53 -36.70
CA ALA H 394 42.83 -34.36 -37.28
C ALA H 394 43.87 -35.15 -36.49
N GLU H 395 43.73 -35.18 -35.17
CA GLU H 395 44.68 -35.92 -34.36
C GLU H 395 44.44 -37.42 -34.46
N LEU H 396 43.20 -37.85 -34.62
CA LEU H 396 42.91 -39.26 -34.71
C LEU H 396 43.10 -39.82 -36.11
N ASN H 397 43.35 -38.95 -37.09
CA ASN H 397 43.58 -39.32 -38.50
C ASN H 397 42.41 -40.10 -39.10
N ALA H 398 41.21 -39.81 -38.63
CA ALA H 398 40.00 -40.48 -39.10
C ALA H 398 39.14 -39.48 -39.86
N THR H 399 38.25 -40.03 -40.69
CA THR H 399 37.34 -39.23 -41.49
C THR H 399 35.90 -39.38 -41.06
N ASN H 400 35.39 -40.61 -40.99
CA ASN H 400 34.04 -40.83 -40.51
C ASN H 400 34.03 -40.66 -38.99
N ILE H 401 33.16 -39.77 -38.53
CA ILE H 401 32.98 -39.61 -37.09
C ILE H 401 32.27 -40.83 -36.53
N TYR H 402 31.45 -41.52 -37.34
CA TYR H 402 30.61 -42.61 -36.87
C TYR H 402 31.43 -43.82 -36.48
N THR H 403 32.67 -43.89 -36.92
CA THR H 403 33.57 -44.96 -36.56
C THR H 403 34.28 -44.71 -35.23
N VAL H 404 34.38 -43.46 -34.80
CA VAL H 404 35.28 -43.13 -33.71
C VAL H 404 34.54 -42.50 -32.54
N LEU H 405 33.27 -42.87 -32.39
CA LEU H 405 32.40 -42.28 -31.37
C LEU H 405 32.83 -42.64 -29.96
N ASP H 406 33.55 -43.74 -29.80
CA ASP H 406 34.12 -44.13 -28.52
C ASP H 406 35.42 -43.40 -28.19
N LYS H 407 35.88 -42.51 -29.08
CA LYS H 407 37.14 -41.85 -28.87
C LYS H 407 37.00 -40.33 -28.82
N ILE H 408 35.79 -39.81 -29.04
CA ILE H 408 35.59 -38.37 -29.10
C ILE H 408 35.54 -37.84 -27.67
N LYS H 409 36.58 -37.10 -27.29
CA LYS H 409 36.62 -36.51 -25.97
C LYS H 409 35.76 -35.26 -25.93
N LEU H 410 34.86 -35.20 -24.96
CA LEU H 410 33.97 -34.07 -24.83
C LEU H 410 34.53 -33.06 -23.85
N ASN H 411 34.04 -31.83 -23.93
CA ASN H 411 34.51 -30.75 -23.08
C ASN H 411 33.33 -29.92 -22.64
N ALA H 412 33.59 -28.97 -21.75
CA ALA H 412 32.55 -28.09 -21.26
C ALA H 412 32.12 -27.14 -22.36
N LYS H 413 30.87 -26.69 -22.25
CA LYS H 413 30.25 -25.67 -23.12
C LYS H 413 30.13 -26.13 -24.57
N MET H 414 30.19 -27.44 -24.83
CA MET H 414 29.94 -27.93 -26.17
C MET H 414 28.44 -27.93 -26.48
N ASN H 415 28.13 -27.94 -27.77
CA ASN H 415 26.75 -27.95 -28.24
C ASN H 415 26.65 -28.91 -29.41
N ILE H 416 25.83 -29.94 -29.27
CA ILE H 416 25.75 -31.03 -30.23
C ILE H 416 24.29 -31.23 -30.60
N LEU H 417 23.95 -30.95 -31.86
CA LEU H 417 22.62 -31.18 -32.38
C LEU H 417 22.62 -32.46 -33.20
N ILE H 418 21.75 -33.39 -32.86
CA ILE H 418 21.68 -34.66 -33.57
C ILE H 418 20.28 -34.81 -34.14
N ARG H 419 20.18 -34.82 -35.46
CA ARG H 419 18.88 -34.90 -36.11
C ARG H 419 18.78 -36.16 -36.96
N ASP H 420 17.60 -36.31 -37.57
CA ASP H 420 17.26 -37.42 -38.51
C ASP H 420 17.35 -36.88 -39.94
N LYS H 421 18.16 -37.54 -40.78
CA LYS H 421 18.42 -37.15 -42.19
C LYS H 421 17.16 -37.22 -43.07
N ARG H 422 16.28 -38.20 -42.83
CA ARG H 422 15.10 -38.45 -43.71
C ARG H 422 14.16 -37.24 -43.79
N PHE H 423 13.86 -36.59 -42.66
CA PHE H 423 12.92 -35.45 -42.65
C PHE H 423 13.66 -34.10 -42.55
N HIS H 424 13.37 -33.19 -43.49
CA HIS H 424 13.98 -31.83 -43.51
C HIS H 424 13.39 -31.00 -42.36
N TYR H 425 14.16 -30.04 -41.84
CA TYR H 425 13.68 -29.21 -40.70
C TYR H 425 13.72 -27.72 -41.06
N ASP H 426 13.11 -26.90 -40.20
CA ASP H 426 13.04 -25.42 -40.32
C ASP H 426 14.16 -24.78 -39.50
N ARG H 427 14.12 -23.44 -39.37
CA ARG H 427 15.09 -22.61 -38.61
C ARG H 427 15.06 -23.01 -37.12
N ASN H 428 13.87 -23.34 -36.60
CA ASN H 428 13.64 -23.73 -35.18
C ASN H 428 13.88 -25.24 -34.97
N ASN H 429 14.32 -25.96 -36.02
CA ASN H 429 14.61 -27.42 -35.99
C ASN H 429 13.33 -28.22 -35.69
N ILE H 430 12.19 -27.73 -36.20
CA ILE H 430 10.89 -28.44 -36.05
C ILE H 430 10.74 -29.37 -37.26
N ALA H 431 10.21 -30.59 -37.06
CA ALA H 431 10.07 -31.54 -38.18
C ALA H 431 9.14 -30.95 -39.24
N VAL H 432 9.47 -31.08 -40.54
CA VAL H 432 8.62 -30.47 -41.62
C VAL H 432 8.46 -31.25 -42.93
N GLY H 433 9.44 -31.96 -43.46
CA GLY H 433 9.13 -32.63 -44.74
C GLY H 433 10.38 -33.00 -45.52
N ALA H 434 10.51 -34.31 -45.79
CA ALA H 434 11.72 -34.92 -46.38
C ALA H 434 11.82 -34.80 -47.91
N ASP H 435 12.83 -35.50 -48.46
CA ASP H 435 13.17 -35.50 -49.90
C ASP H 435 12.17 -36.35 -50.70
N GLU H 436 12.21 -36.21 -52.03
CA GLU H 436 11.31 -36.99 -52.93
C GLU H 436 11.73 -38.47 -52.90
N SER H 437 12.91 -38.74 -52.33
CA SER H 437 13.45 -40.13 -52.21
C SER H 437 13.02 -40.73 -50.87
N VAL H 438 12.28 -39.95 -50.06
CA VAL H 438 11.80 -40.43 -48.73
C VAL H 438 10.28 -40.56 -48.76
N VAL H 439 9.57 -39.51 -49.16
CA VAL H 439 8.08 -39.53 -49.22
C VAL H 439 7.73 -40.33 -50.48
N LYS H 440 6.77 -41.25 -50.32
CA LYS H 440 6.24 -42.25 -51.31
C LYS H 440 7.20 -43.44 -51.37
N GLU H 441 8.43 -43.26 -50.91
CA GLU H 441 9.43 -44.37 -50.91
C GLU H 441 8.97 -45.45 -49.92
N ALA H 442 8.26 -45.00 -48.88
CA ALA H 442 7.76 -45.97 -47.88
C ALA H 442 6.27 -45.77 -47.58
N HIS H 443 5.59 -44.77 -48.14
CA HIS H 443 4.15 -44.70 -47.73
C HIS H 443 3.21 -45.54 -48.59
N ARG H 444 3.49 -46.84 -48.75
CA ARG H 444 2.64 -47.69 -49.63
C ARG H 444 2.09 -48.89 -48.86
N GLU H 445 0.84 -48.82 -48.43
CA GLU H 445 0.36 -49.99 -47.66
C GLU H 445 -0.63 -50.81 -48.51
N VAL H 446 -0.74 -52.11 -48.22
CA VAL H 446 -1.73 -52.97 -48.93
C VAL H 446 -2.96 -53.02 -48.03
N ILE H 447 -4.01 -52.30 -48.43
CA ILE H 447 -5.28 -52.23 -47.65
C ILE H 447 -6.45 -52.21 -48.65
N ASN H 448 -7.67 -52.41 -48.15
CA ASN H 448 -8.89 -52.46 -49.01
C ASN H 448 -9.50 -51.06 -49.18
N SER H 449 -9.83 -50.69 -50.42
CA SER H 449 -10.44 -49.36 -50.71
C SER H 449 -11.89 -49.34 -50.22
N SER H 450 -12.41 -48.15 -49.91
CA SER H 450 -13.79 -48.01 -49.39
C SER H 450 -14.30 -46.58 -49.61
N THR H 451 -15.59 -46.35 -49.32
CA THR H 451 -16.25 -45.02 -49.43
C THR H 451 -16.09 -44.23 -48.12
N GLU H 452 -16.71 -43.04 -48.04
CA GLU H 452 -16.65 -42.09 -46.89
C GLU H 452 -15.20 -41.66 -46.59
N GLY H 453 -14.28 -42.62 -46.45
CA GLY H 453 -12.88 -42.27 -46.15
C GLY H 453 -11.91 -43.40 -46.47
N LEU H 454 -10.63 -43.21 -46.13
CA LEU H 454 -9.59 -44.24 -46.40
C LEU H 454 -8.98 -44.71 -45.08
N LEU H 455 -9.32 -45.94 -44.67
CA LEU H 455 -8.78 -46.57 -43.42
C LEU H 455 -7.42 -47.20 -43.74
N LEU H 456 -6.33 -46.56 -43.29
CA LEU H 456 -4.94 -47.05 -43.52
C LEU H 456 -4.08 -46.67 -42.30
N ASN H 457 -2.91 -47.30 -42.13
CA ASN H 457 -2.07 -47.01 -40.93
C ASN H 457 -0.86 -46.15 -41.32
N ILE H 458 -0.84 -44.87 -40.93
CA ILE H 458 0.34 -44.01 -41.24
C ILE H 458 1.23 -43.87 -39.99
N ASP H 459 2.53 -44.18 -40.14
CA ASP H 459 3.50 -44.07 -39.06
C ASP H 459 3.42 -42.71 -38.38
N LYS H 460 3.35 -42.73 -37.04
CA LYS H 460 3.15 -41.56 -36.19
C LYS H 460 4.18 -40.45 -36.40
N ASP H 461 5.45 -40.81 -36.62
CA ASP H 461 6.50 -39.85 -36.95
C ASP H 461 6.20 -39.14 -38.26
N ILE H 462 6.01 -39.95 -39.31
CA ILE H 462 5.81 -39.50 -40.73
C ILE H 462 4.60 -38.56 -40.88
N ARG H 463 3.48 -38.86 -40.20
CA ARG H 463 2.23 -38.06 -40.32
C ARG H 463 2.41 -36.62 -39.79
N LYS H 464 3.32 -36.39 -38.85
CA LYS H 464 3.52 -35.03 -38.27
C LYS H 464 4.16 -34.09 -39.29
N ILE H 465 4.72 -34.62 -40.39
CA ILE H 465 5.41 -33.76 -41.40
C ILE H 465 4.45 -33.39 -42.54
N LEU H 466 3.19 -33.84 -42.49
CA LEU H 466 2.21 -33.55 -43.56
C LEU H 466 1.17 -32.53 -43.07
N SER H 467 0.90 -31.49 -43.87
CA SER H 467 -0.09 -30.46 -43.47
C SER H 467 -1.52 -30.87 -43.88
N GLY H 468 -1.67 -31.60 -45.00
CA GLY H 468 -3.00 -32.04 -45.38
C GLY H 468 -2.94 -32.92 -46.61
N TYR H 469 -4.12 -33.18 -47.18
CA TYR H 469 -4.21 -34.07 -48.37
C TYR H 469 -5.06 -33.44 -49.47
N ILE H 470 -4.84 -33.89 -50.72
CA ILE H 470 -5.60 -33.40 -51.90
C ILE H 470 -6.23 -34.63 -52.57
N VAL H 471 -7.55 -34.59 -52.82
CA VAL H 471 -8.26 -35.76 -53.40
C VAL H 471 -8.80 -35.40 -54.79
N GLU H 472 -8.24 -36.03 -55.83
CA GLU H 472 -8.70 -35.81 -57.20
C GLU H 472 -9.13 -37.13 -57.83
N ILE H 473 -9.66 -37.04 -59.04
CA ILE H 473 -10.15 -38.18 -59.81
C ILE H 473 -9.60 -38.08 -61.23
N GLU H 474 -8.96 -39.14 -61.70
CA GLU H 474 -8.32 -39.17 -63.02
C GLU H 474 -9.17 -39.95 -64.01
N ASP H 475 -9.36 -39.38 -65.20
CA ASP H 475 -10.03 -40.04 -66.31
C ASP H 475 -9.16 -41.18 -66.85
N THR H 476 -9.76 -42.14 -67.56
CA THR H 476 -8.98 -43.18 -68.28
C THR H 476 -8.00 -42.42 -69.19
N GLU H 477 -8.46 -41.41 -69.94
CA GLU H 477 -7.54 -40.66 -70.78
C GLU H 477 -6.72 -39.66 -69.98
N GLY H 478 -7.27 -39.19 -68.86
CA GLY H 478 -6.56 -38.30 -67.96
C GLY H 478 -7.16 -36.92 -67.84
N LEU H 479 -7.95 -36.71 -66.79
CA LEU H 479 -8.63 -35.40 -66.58
C LEU H 479 -8.60 -35.05 -65.08
N LYS H 480 -8.39 -33.76 -64.77
CA LYS H 480 -8.31 -33.30 -63.36
C LYS H 480 -9.63 -32.68 -62.90
N GLU H 481 -10.30 -33.36 -61.95
CA GLU H 481 -11.58 -32.90 -61.34
C GLU H 481 -11.39 -33.02 -59.83
N VAL H 482 -10.61 -32.11 -59.25
CA VAL H 482 -10.29 -32.18 -57.79
C VAL H 482 -11.62 -32.18 -57.03
N ILE H 483 -11.77 -33.10 -56.07
CA ILE H 483 -13.04 -33.25 -55.30
C ILE H 483 -13.39 -32.03 -54.43
N ASN H 484 -12.43 -31.49 -53.67
CA ASN H 484 -12.75 -30.26 -52.91
C ASN H 484 -11.46 -29.43 -52.82
N ASP H 485 -11.39 -28.33 -53.57
CA ASP H 485 -10.20 -27.45 -53.70
C ASP H 485 -10.09 -26.41 -52.58
N ARG H 486 -9.19 -25.42 -52.69
CA ARG H 486 -8.89 -24.38 -51.63
C ARG H 486 -8.02 -24.91 -50.47
N TYR H 487 -7.13 -24.07 -49.93
CA TYR H 487 -6.22 -24.49 -48.83
C TYR H 487 -6.99 -24.86 -47.55
N ASP H 488 -8.00 -24.09 -47.15
CA ASP H 488 -8.66 -24.34 -45.84
C ASP H 488 -9.33 -25.72 -45.78
N MET H 489 -10.01 -26.13 -46.85
CA MET H 489 -10.71 -27.44 -46.90
C MET H 489 -9.70 -28.56 -47.21
N LEU H 490 -8.42 -28.22 -47.26
CA LEU H 490 -7.33 -29.18 -47.58
C LEU H 490 -7.27 -30.30 -46.53
N ASN H 491 -7.35 -29.95 -45.24
CA ASN H 491 -7.25 -30.95 -44.14
C ASN H 491 -8.41 -31.94 -44.23
N ILE H 492 -8.04 -33.22 -44.44
CA ILE H 492 -8.98 -34.37 -44.66
C ILE H 492 -8.57 -35.54 -43.75
N SER H 493 -7.53 -35.35 -42.93
CA SER H 493 -7.03 -36.43 -42.02
C SER H 493 -7.75 -36.35 -40.67
N SER H 494 -7.75 -37.44 -39.89
CA SER H 494 -8.44 -37.49 -38.58
C SER H 494 -7.69 -38.40 -37.60
N LEU H 495 -8.31 -38.69 -36.45
CA LEU H 495 -7.70 -39.54 -35.40
C LEU H 495 -8.48 -40.87 -35.33
N ARG H 496 -7.82 -41.97 -34.98
CA ARG H 496 -8.51 -43.28 -34.86
C ARG H 496 -8.32 -43.83 -33.45
N GLN H 497 -9.17 -44.79 -33.06
CA GLN H 497 -9.11 -45.41 -31.71
C GLN H 497 -8.30 -46.72 -31.76
N ASP H 498 -8.09 -47.28 -32.96
CA ASP H 498 -7.30 -48.54 -33.06
C ASP H 498 -6.00 -48.37 -33.85
N GLY H 499 -5.68 -47.17 -34.33
CA GLY H 499 -4.41 -47.01 -35.05
C GLY H 499 -4.62 -46.87 -36.55
N LYS H 500 -5.84 -46.66 -37.03
CA LYS H 500 -6.00 -46.62 -38.51
C LYS H 500 -6.37 -45.22 -39.00
N THR H 501 -5.49 -44.22 -38.79
CA THR H 501 -5.65 -42.79 -39.19
C THR H 501 -6.44 -42.63 -40.50
N PHE H 502 -7.62 -42.02 -40.41
CA PHE H 502 -8.57 -41.83 -41.54
C PHE H 502 -8.20 -40.65 -42.46
N ILE H 503 -8.76 -40.68 -43.67
CA ILE H 503 -8.68 -39.66 -44.75
C ILE H 503 -10.12 -39.55 -45.27
N ASP H 504 -10.94 -38.71 -44.62
CA ASP H 504 -12.41 -38.68 -44.84
C ASP H 504 -12.83 -38.02 -46.17
N PHE H 505 -13.11 -38.83 -47.20
CA PHE H 505 -13.48 -38.30 -48.54
C PHE H 505 -14.94 -37.87 -48.58
N LYS H 506 -15.71 -38.18 -47.52
CA LYS H 506 -17.15 -37.81 -47.46
C LYS H 506 -17.28 -36.51 -46.66
N LYS H 507 -16.20 -35.72 -46.60
CA LYS H 507 -16.20 -34.46 -45.82
C LYS H 507 -16.93 -33.32 -46.55
N TYR H 508 -16.77 -33.20 -47.87
CA TYR H 508 -17.37 -32.04 -48.58
C TYR H 508 -18.55 -32.40 -49.49
N ASN H 509 -18.70 -33.66 -49.92
CA ASN H 509 -19.81 -33.99 -50.85
C ASN H 509 -21.17 -33.99 -50.11
N ASP H 510 -21.65 -32.81 -49.68
CA ASP H 510 -22.95 -32.66 -48.97
C ASP H 510 -23.04 -33.61 -47.77
N LYS H 511 -21.95 -33.73 -46.99
CA LYS H 511 -21.90 -34.68 -45.85
C LYS H 511 -22.24 -36.08 -46.37
N LEU H 512 -21.91 -36.37 -47.64
CA LEU H 512 -22.18 -37.70 -48.25
C LEU H 512 -20.96 -38.19 -49.04
N PRO H 513 -21.02 -39.36 -49.72
CA PRO H 513 -19.88 -39.99 -50.41
C PRO H 513 -19.36 -39.45 -51.77
N LEU H 514 -18.18 -39.92 -52.17
CA LEU H 514 -17.45 -39.59 -53.44
C LEU H 514 -18.31 -39.91 -54.67
N TYR H 515 -18.06 -39.21 -55.79
CA TYR H 515 -18.92 -39.39 -56.94
C TYR H 515 -18.17 -40.20 -57.98
N ILE H 516 -18.53 -41.48 -58.10
CA ILE H 516 -17.91 -42.37 -59.08
C ILE H 516 -18.82 -42.39 -60.30
N SER H 517 -18.48 -41.55 -61.29
CA SER H 517 -19.23 -41.49 -62.53
C SER H 517 -19.05 -42.76 -63.37
N ASN H 518 -17.92 -43.43 -63.18
CA ASN H 518 -17.59 -44.68 -63.90
C ASN H 518 -16.76 -45.58 -62.96
N PRO H 519 -16.92 -46.93 -63.02
CA PRO H 519 -16.16 -47.83 -62.15
C PRO H 519 -14.65 -47.71 -62.41
N ASN H 520 -14.28 -47.54 -63.69
CA ASN H 520 -12.86 -47.44 -64.13
C ASN H 520 -12.18 -46.22 -63.50
N TYR H 521 -12.91 -45.11 -63.34
CA TYR H 521 -12.40 -43.84 -62.76
C TYR H 521 -11.41 -44.07 -61.61
N LYS H 522 -10.19 -43.58 -61.80
CA LYS H 522 -9.06 -43.68 -60.85
C LYS H 522 -9.25 -42.67 -59.70
N VAL H 523 -9.06 -43.08 -58.43
CA VAL H 523 -9.28 -42.22 -57.29
C VAL H 523 -7.92 -41.94 -56.68
N ASN H 524 -7.43 -40.72 -56.88
CA ASN H 524 -6.11 -40.33 -56.41
C ASN H 524 -6.22 -39.53 -55.12
N VAL H 525 -5.37 -39.87 -54.15
CA VAL H 525 -5.22 -39.11 -52.92
C VAL H 525 -3.75 -38.76 -52.75
N TYR H 526 -3.47 -37.46 -52.59
CA TYR H 526 -2.07 -36.99 -52.43
C TYR H 526 -1.91 -36.29 -51.07
N ALA H 527 -0.67 -35.92 -50.74
CA ALA H 527 -0.35 -35.23 -49.46
C ALA H 527 0.56 -34.04 -49.71
N VAL H 528 0.58 -33.08 -48.78
CA VAL H 528 1.42 -31.84 -48.90
C VAL H 528 2.37 -31.75 -47.71
N THR H 529 3.67 -31.66 -47.99
CA THR H 529 4.69 -31.54 -46.90
C THR H 529 4.60 -30.12 -46.33
N LYS H 530 4.82 -29.97 -45.02
CA LYS H 530 4.72 -28.64 -44.36
C LYS H 530 5.58 -27.59 -45.07
N GLU H 531 6.59 -28.04 -45.84
CA GLU H 531 7.49 -27.12 -46.59
C GLU H 531 6.87 -26.79 -47.95
N ASN H 532 5.79 -27.49 -48.32
CA ASN H 532 5.11 -27.24 -49.62
C ASN H 532 3.91 -26.32 -49.38
N THR H 533 2.80 -26.86 -48.86
CA THR H 533 1.60 -26.06 -48.55
C THR H 533 1.89 -25.23 -47.30
N ILE H 534 1.51 -23.95 -47.28
CA ILE H 534 1.94 -23.07 -46.16
C ILE H 534 0.78 -22.74 -45.22
N ILE H 535 1.08 -21.92 -44.20
CA ILE H 535 0.14 -21.43 -43.16
C ILE H 535 -0.90 -20.50 -43.79
N ASN H 536 -0.55 -19.85 -44.91
CA ASN H 536 -1.45 -18.89 -45.62
C ASN H 536 -2.80 -19.55 -45.90
N PRO H 537 -3.91 -19.09 -45.28
CA PRO H 537 -5.24 -19.65 -45.52
C PRO H 537 -6.15 -18.66 -46.27
N SER H 538 -6.68 -19.10 -47.41
CA SER H 538 -7.61 -18.30 -48.27
C SER H 538 -7.16 -16.85 -48.38
N GLU H 539 -5.92 -16.61 -48.82
CA GLU H 539 -5.42 -15.22 -48.98
C GLU H 539 -6.32 -14.46 -49.95
N ASN H 540 -6.71 -15.11 -51.05
CA ASN H 540 -7.56 -14.53 -52.12
C ASN H 540 -8.82 -15.37 -52.28
N GLY H 541 -9.01 -16.34 -51.40
CA GLY H 541 -10.20 -17.20 -51.48
C GLY H 541 -10.14 -18.12 -52.68
N ASP H 542 -9.36 -17.77 -53.71
CA ASP H 542 -9.28 -18.69 -54.88
C ASP H 542 -8.43 -19.89 -54.43
N THR H 543 -7.12 -19.70 -54.27
CA THR H 543 -6.20 -20.77 -53.78
C THR H 543 -6.42 -22.12 -54.49
N SER H 544 -6.10 -22.19 -55.78
CA SER H 544 -6.24 -23.45 -56.56
C SER H 544 -5.14 -24.42 -56.10
N THR H 545 -5.58 -25.51 -55.46
CA THR H 545 -4.68 -26.52 -54.81
C THR H 545 -3.79 -27.21 -55.86
N ASN H 546 -4.09 -27.01 -57.15
CA ASN H 546 -3.29 -27.61 -58.25
C ASN H 546 -1.87 -27.02 -58.24
N GLY H 547 -1.74 -25.73 -57.93
CA GLY H 547 -0.45 -25.01 -57.96
C GLY H 547 0.39 -25.16 -56.71
N ILE H 548 0.80 -26.39 -56.36
CA ILE H 548 1.71 -26.64 -55.20
C ILE H 548 2.26 -28.07 -55.30
N LYS H 549 3.38 -28.33 -54.63
CA LYS H 549 4.08 -29.64 -54.67
C LYS H 549 3.22 -30.71 -54.00
N LYS H 550 2.74 -31.68 -54.79
CA LYS H 550 1.91 -32.78 -54.26
C LYS H 550 2.58 -34.13 -54.59
N ILE H 551 2.81 -34.96 -53.57
CA ILE H 551 3.39 -36.32 -53.82
C ILE H 551 2.22 -37.28 -54.08
N LEU H 552 2.49 -38.46 -54.64
CA LEU H 552 1.34 -39.36 -54.94
C LEU H 552 1.58 -40.75 -54.34
N ILE H 553 0.84 -40.98 -53.25
CA ILE H 553 0.91 -42.15 -52.32
C ILE H 553 -0.13 -43.20 -52.71
N PHE H 554 -1.42 -42.84 -52.64
CA PHE H 554 -2.52 -43.80 -52.93
C PHE H 554 -3.13 -43.55 -54.32
N SER H 555 -3.33 -44.63 -55.07
CA SER H 555 -3.94 -44.59 -56.42
C SER H 555 -4.54 -45.96 -56.75
N LYS H 556 -5.88 -46.08 -56.68
CA LYS H 556 -6.56 -47.34 -56.92
C LYS H 556 -7.77 -47.09 -57.82
N LYS H 557 -8.24 -48.19 -58.43
CA LYS H 557 -9.42 -48.15 -59.34
C LYS H 557 -10.71 -48.32 -58.50
N GLY H 558 -11.75 -47.57 -58.85
CA GLY H 558 -13.04 -47.62 -58.12
C GLY H 558 -13.67 -49.00 -58.19
N TYR H 559 -13.65 -49.63 -59.38
CA TYR H 559 -14.25 -50.98 -59.56
C TYR H 559 -13.50 -51.98 -58.67
N GLU H 560 -12.17 -51.86 -58.59
CA GLU H 560 -11.34 -52.75 -57.74
C GLU H 560 -11.84 -52.61 -56.29
N ILE H 561 -12.35 -51.42 -55.95
CA ILE H 561 -12.89 -51.13 -54.59
C ILE H 561 -14.06 -52.07 -54.31
N GLY H 562 -14.93 -52.28 -55.29
CA GLY H 562 -16.10 -53.16 -55.14
C GLY H 562 -17.21 -52.49 -54.34
#